data_4W91
#
_entry.id   4W91
#
_cell.length_a   89.850
_cell.length_b   121.910
_cell.length_c   133.720
_cell.angle_alpha   111.49
_cell.angle_beta   106.53
_cell.angle_gamma   89.81
#
_symmetry.space_group_name_H-M   'P 1'
#
loop_
_entity.id
_entity.type
_entity.pdbx_description
1 polymer Aminotransferase
2 non-polymer 'CHLORIDE ION'
3 water water
#
_entity_poly.entity_id   1
_entity_poly.type   'polypeptide(L)'
_entity_poly.pdbx_seq_one_letter_code
;MAHHHHHHMDQKNPLTMAYDVEAIRRDFPILSRQVHGKTLVYLDNGASAQKPQSVIDAVTHAYANEYANVHRGLHFLSNA
ATDAYEKSRETVRRFLNAGSVDEIVFTKNATEAINTVAYGYGMPFIGEGDEILLSIMEHHSNIVPWHFIRERQGAKLVFT
PVDDNGVFHIEEFEKRLSERTKLVAITHMSNTLGTVVPIKKIVELAHARGIPVLVDGSQGAVHLPVDVQDLGCDWYVFTG
H(LLP)VYGPSGIGVLYGRAQMLEKMRPFQGGGEMIEEVTEENVTYNHPPHRFEAGTPPIVQAIGLGAALEYMEKIGRHA
ILAHEADLRDYAHERLGRINSLRIFGNAPDKGAIISFALEGIHAHDVSMVIDRAGVAVRAGTHCAQPLLKRFGVTSTCRA
SFALYNTRAEVDALAEALEKARKFFG
;
_entity_poly.pdbx_strand_id   A,B,C,D,E,F,G,H,I,J
#
loop_
_chem_comp.id
_chem_comp.type
_chem_comp.name
_chem_comp.formula
CL non-polymer 'CHLORIDE ION' 'Cl -1'
#
# COMPACT_ATOMS: atom_id res chain seq x y z
N TYR A 19 -51.12 -24.69 -17.63
CA TYR A 19 -50.53 -23.49 -16.94
C TYR A 19 -51.30 -23.15 -15.67
N ASP A 20 -50.78 -23.55 -14.51
CA ASP A 20 -51.45 -23.29 -13.22
C ASP A 20 -50.99 -21.97 -12.60
N VAL A 21 -51.54 -20.86 -13.07
CA VAL A 21 -51.09 -19.53 -12.61
C VAL A 21 -51.37 -19.30 -11.11
N GLU A 22 -52.45 -19.85 -10.57
CA GLU A 22 -52.74 -19.73 -9.12
C GLU A 22 -51.63 -20.40 -8.30
N ALA A 23 -51.16 -21.56 -8.75
CA ALA A 23 -50.06 -22.27 -8.07
C ALA A 23 -48.75 -21.50 -8.18
N ILE A 24 -48.50 -20.94 -9.36
CA ILE A 24 -47.33 -20.10 -9.60
C ILE A 24 -47.30 -18.87 -8.67
N ARG A 25 -48.43 -18.17 -8.60
CA ARG A 25 -48.55 -16.97 -7.74
C ARG A 25 -48.25 -17.28 -6.27
N ARG A 26 -48.64 -18.45 -5.81
CA ARG A 26 -48.33 -18.88 -4.45
C ARG A 26 -46.82 -18.96 -4.16
N ASP A 27 -45.97 -19.05 -5.18
CA ASP A 27 -44.53 -19.03 -4.96
C ASP A 27 -43.95 -17.65 -4.67
N PHE A 28 -44.74 -16.59 -4.92
CA PHE A 28 -44.30 -15.20 -4.80
C PHE A 28 -45.00 -14.51 -3.64
N PRO A 29 -44.35 -14.46 -2.46
CA PRO A 29 -45.00 -13.97 -1.25
C PRO A 29 -45.59 -12.56 -1.37
N ILE A 30 -44.89 -11.66 -2.03
CA ILE A 30 -45.33 -10.27 -2.14
C ILE A 30 -46.71 -10.12 -2.80
N LEU A 31 -47.08 -11.01 -3.72
CA LEU A 31 -48.29 -10.85 -4.54
C LEU A 31 -49.58 -10.85 -3.73
N SER A 32 -49.50 -11.37 -2.51
CA SER A 32 -50.67 -11.46 -1.66
C SER A 32 -50.79 -10.28 -0.70
N ARG A 33 -49.81 -9.39 -0.68
CA ARG A 33 -49.87 -8.22 0.22
C ARG A 33 -50.85 -7.17 -0.29
N GLN A 34 -51.27 -6.30 0.62
CA GLN A 34 -52.16 -5.19 0.27
C GLN A 34 -51.37 -3.88 0.13
N VAL A 35 -51.98 -2.97 -0.62
CA VAL A 35 -51.39 -1.70 -0.96
C VAL A 35 -52.53 -0.66 -0.87
N HIS A 36 -52.39 0.34 0.03
CA HIS A 36 -53.46 1.29 0.36
C HIS A 36 -54.74 0.56 0.79
N GLY A 37 -54.59 -0.51 1.57
CA GLY A 37 -55.70 -1.37 1.97
C GLY A 37 -56.37 -2.11 0.82
N LYS A 38 -55.72 -2.16 -0.32
CA LYS A 38 -56.31 -2.75 -1.52
C LYS A 38 -55.40 -3.82 -2.13
N THR A 39 -55.99 -4.66 -2.95
CA THR A 39 -55.29 -5.78 -3.55
C THR A 39 -54.21 -5.30 -4.52
N LEU A 40 -53.00 -5.82 -4.35
CA LEU A 40 -51.92 -5.46 -5.25
C LEU A 40 -52.14 -6.09 -6.62
N VAL A 41 -51.88 -5.30 -7.66
CA VAL A 41 -51.94 -5.71 -9.05
C VAL A 41 -50.70 -5.11 -9.65
N TYR A 42 -49.60 -5.86 -9.60
CA TYR A 42 -48.30 -5.36 -10.00
C TYR A 42 -48.06 -5.57 -11.50
N LEU A 43 -48.12 -4.48 -12.25
CA LEU A 43 -47.90 -4.49 -13.68
C LEU A 43 -46.78 -3.53 -14.07
N ASP A 44 -45.76 -3.43 -13.23
CA ASP A 44 -44.53 -2.69 -13.57
C ASP A 44 -43.30 -3.62 -13.62
N ASN A 45 -43.52 -4.79 -14.21
CA ASN A 45 -42.47 -5.83 -14.30
C ASN A 45 -41.32 -5.45 -15.19
N GLY A 46 -41.60 -4.68 -16.23
CA GLY A 46 -40.57 -4.16 -17.12
C GLY A 46 -39.49 -3.34 -16.45
N ALA A 47 -39.84 -2.70 -15.34
CA ALA A 47 -38.89 -1.95 -14.54
C ALA A 47 -38.18 -2.86 -13.57
N SER A 48 -38.94 -3.70 -12.88
CA SER A 48 -38.34 -4.78 -12.10
C SER A 48 -39.39 -5.82 -11.73
N ALA A 49 -38.98 -7.08 -11.65
CA ALA A 49 -39.90 -8.18 -11.37
C ALA A 49 -39.83 -8.64 -9.92
N GLN A 50 -40.90 -9.28 -9.47
CA GLN A 50 -40.94 -9.86 -8.14
C GLN A 50 -40.23 -11.23 -8.11
N LYS A 51 -39.97 -11.69 -6.89
CA LYS A 51 -39.07 -12.80 -6.64
C LYS A 51 -39.84 -13.98 -6.07
N PRO A 52 -39.59 -15.18 -6.62
CA PRO A 52 -40.18 -16.38 -6.02
C PRO A 52 -39.48 -16.73 -4.72
N GLN A 53 -40.18 -17.45 -3.86
CA GLN A 53 -39.64 -17.86 -2.58
C GLN A 53 -38.27 -18.53 -2.71
N SER A 54 -38.08 -19.38 -3.73
CA SER A 54 -36.84 -20.11 -3.91
C SER A 54 -35.64 -19.19 -4.09
N VAL A 55 -35.83 -18.09 -4.79
CA VAL A 55 -34.76 -17.07 -4.91
C VAL A 55 -34.43 -16.42 -3.56
N ILE A 56 -35.46 -16.15 -2.77
CA ILE A 56 -35.26 -15.53 -1.48
C ILE A 56 -34.57 -16.51 -0.57
N ASP A 57 -35.06 -17.74 -0.59
CA ASP A 57 -34.43 -18.84 0.17
C ASP A 57 -32.97 -19.06 -0.22
N ALA A 58 -32.66 -18.98 -1.50
CA ALA A 58 -31.27 -19.20 -1.94
C ALA A 58 -30.37 -18.06 -1.43
N VAL A 59 -30.85 -16.83 -1.53
CA VAL A 59 -30.11 -15.69 -0.93
C VAL A 59 -29.91 -15.86 0.57
N THR A 60 -30.98 -16.21 1.27
CA THR A 60 -30.90 -16.38 2.72
C THR A 60 -29.93 -17.50 3.11
N HIS A 61 -30.09 -18.64 2.49
CA HIS A 61 -29.22 -19.81 2.77
C HIS A 61 -27.73 -19.51 2.52
N ALA A 62 -27.44 -18.83 1.42
CA ALA A 62 -26.06 -18.45 1.11
C ALA A 62 -25.43 -17.61 2.22
N TYR A 63 -26.10 -16.54 2.65
CA TYR A 63 -25.59 -15.68 3.72
C TYR A 63 -25.56 -16.37 5.07
N ALA A 64 -26.59 -17.16 5.35
CA ALA A 64 -26.75 -17.75 6.69
C ALA A 64 -25.85 -18.96 6.93
N ASN A 65 -25.53 -19.71 5.87
CA ASN A 65 -24.92 -21.00 6.03
C ASN A 65 -23.68 -21.31 5.15
N GLU A 66 -23.53 -20.63 4.03
CA GLU A 66 -22.50 -20.98 3.06
C GLU A 66 -21.78 -19.78 2.48
N TYR A 67 -21.32 -18.90 3.33
CA TYR A 67 -20.80 -17.61 2.89
C TYR A 67 -19.31 -17.45 3.11
N ALA A 68 -18.65 -16.93 2.09
CA ALA A 68 -17.23 -16.62 2.09
C ALA A 68 -16.93 -15.95 0.75
N ASN A 69 -15.73 -15.40 0.58
CA ASN A 69 -15.32 -14.92 -0.74
C ASN A 69 -14.95 -16.10 -1.64
N VAL A 70 -14.84 -15.82 -2.94
CA VAL A 70 -14.78 -16.90 -3.97
C VAL A 70 -13.51 -17.06 -4.76
N HIS A 71 -12.38 -16.49 -4.36
CA HIS A 71 -11.11 -16.84 -5.15
C HIS A 71 -10.77 -18.27 -4.93
N ARG A 72 -11.71 -19.19 -5.20
CA ARG A 72 -11.62 -20.58 -4.70
C ARG A 72 -10.57 -20.69 -3.59
N GLY A 73 -10.88 -20.25 -2.38
CA GLY A 73 -9.96 -20.39 -1.24
C GLY A 73 -9.82 -21.88 -0.91
N LEU A 74 -8.77 -22.24 -0.19
CA LEU A 74 -8.68 -23.61 0.24
C LEU A 74 -9.76 -23.97 1.28
N HIS A 75 -10.22 -23.03 2.10
CA HIS A 75 -11.03 -23.42 3.27
C HIS A 75 -12.47 -23.73 2.91
N PHE A 76 -13.16 -24.45 3.79
CA PHE A 76 -14.45 -25.03 3.45
C PHE A 76 -15.42 -24.03 2.85
N LEU A 77 -15.72 -22.93 3.58
CA LEU A 77 -16.73 -21.99 3.12
C LEU A 77 -16.35 -21.32 1.82
N SER A 78 -15.09 -20.97 1.64
CA SER A 78 -14.67 -20.35 0.39
C SER A 78 -14.94 -21.32 -0.77
N ASN A 79 -14.72 -22.59 -0.49
CA ASN A 79 -15.04 -23.65 -1.45
C ASN A 79 -16.50 -23.80 -1.74
N ALA A 80 -17.31 -23.86 -0.69
CA ALA A 80 -18.74 -24.03 -0.88
C ALA A 80 -19.31 -22.83 -1.66
N ALA A 81 -18.80 -21.64 -1.39
CA ALA A 81 -19.32 -20.43 -2.04
C ALA A 81 -18.85 -20.33 -3.48
N THR A 82 -17.59 -20.70 -3.72
CA THR A 82 -17.10 -20.75 -5.09
C THR A 82 -17.91 -21.76 -5.94
N ASP A 83 -18.25 -22.91 -5.36
CA ASP A 83 -19.08 -23.89 -6.04
C ASP A 83 -20.43 -23.35 -6.40
N ALA A 84 -21.09 -22.77 -5.43
CA ALA A 84 -22.43 -22.18 -5.63
C ALA A 84 -22.38 -21.07 -6.67
N TYR A 85 -21.31 -20.29 -6.63
CA TYR A 85 -21.11 -19.21 -7.57
C TYR A 85 -20.87 -19.78 -8.98
N GLU A 86 -19.85 -20.63 -9.14
CA GLU A 86 -19.61 -21.30 -10.45
C GLU A 86 -20.82 -22.07 -10.98
N LYS A 87 -21.62 -22.66 -10.08
CA LYS A 87 -22.83 -23.31 -10.51
C LYS A 87 -23.84 -22.34 -11.15
N SER A 88 -23.99 -21.12 -10.58
CA SER A 88 -24.79 -20.08 -11.21
C SER A 88 -24.33 -19.73 -12.58
N ARG A 89 -23.01 -19.66 -12.73
CA ARG A 89 -22.45 -19.31 -14.02
C ARG A 89 -22.88 -20.36 -15.05
N GLU A 90 -22.92 -21.60 -14.61
CA GLU A 90 -23.37 -22.70 -15.45
C GLU A 90 -24.87 -22.60 -15.78
N THR A 91 -25.68 -22.22 -14.80
CA THR A 91 -27.11 -22.04 -15.02
C THR A 91 -27.40 -20.98 -16.06
N VAL A 92 -26.66 -19.89 -15.99
CA VAL A 92 -26.76 -18.82 -16.97
C VAL A 92 -26.38 -19.30 -18.37
N ARG A 93 -25.25 -19.98 -18.45
CA ARG A 93 -24.78 -20.61 -19.68
C ARG A 93 -25.86 -21.47 -20.32
N ARG A 94 -26.44 -22.36 -19.54
CA ARG A 94 -27.53 -23.24 -20.01
C ARG A 94 -28.77 -22.44 -20.44
N PHE A 95 -29.10 -21.45 -19.63
CA PHE A 95 -30.26 -20.60 -19.87
C PHE A 95 -30.15 -19.84 -21.19
N LEU A 96 -28.97 -19.32 -21.50
CA LEU A 96 -28.72 -18.65 -22.78
C LEU A 96 -28.29 -19.60 -23.89
N ASN A 97 -27.97 -20.85 -23.52
CA ASN A 97 -27.44 -21.82 -24.47
C ASN A 97 -26.11 -21.37 -25.04
N ALA A 98 -25.27 -20.77 -24.20
CA ALA A 98 -23.94 -20.36 -24.64
C ALA A 98 -23.05 -21.60 -24.74
N GLY A 99 -22.05 -21.54 -25.61
CA GLY A 99 -21.15 -22.68 -25.84
C GLY A 99 -20.43 -23.13 -24.59
N SER A 100 -20.01 -22.18 -23.76
CA SER A 100 -19.10 -22.42 -22.64
C SER A 100 -19.33 -21.41 -21.49
N VAL A 101 -19.14 -21.84 -20.24
CA VAL A 101 -19.24 -20.94 -19.11
C VAL A 101 -18.25 -19.79 -19.17
N ASP A 102 -17.14 -19.98 -19.88
CA ASP A 102 -16.13 -18.93 -19.99
C ASP A 102 -16.59 -17.76 -20.85
N GLU A 103 -17.75 -17.89 -21.49
CA GLU A 103 -18.37 -16.80 -22.27
C GLU A 103 -19.38 -15.98 -21.46
N ILE A 104 -19.54 -16.34 -20.19
CA ILE A 104 -20.47 -15.64 -19.27
C ILE A 104 -19.69 -14.79 -18.31
N VAL A 105 -19.92 -13.47 -18.39
CA VAL A 105 -19.32 -12.50 -17.48
C VAL A 105 -20.42 -11.90 -16.58
N PHE A 106 -20.20 -11.96 -15.27
CA PHE A 106 -21.12 -11.38 -14.31
C PHE A 106 -20.83 -9.90 -14.12
N THR A 107 -21.89 -9.10 -14.11
CA THR A 107 -21.80 -7.64 -13.85
C THR A 107 -22.84 -7.16 -12.82
N LYS A 108 -22.79 -5.86 -12.50
CA LYS A 108 -23.75 -5.20 -11.58
C LYS A 108 -25.16 -5.23 -12.15
N ASN A 109 -25.25 -5.01 -13.46
CA ASN A 109 -26.52 -4.95 -14.15
C ASN A 109 -26.26 -4.97 -15.64
N ALA A 110 -27.32 -5.02 -16.44
CA ALA A 110 -27.15 -5.03 -17.88
C ALA A 110 -26.44 -3.77 -18.35
N THR A 111 -26.75 -2.63 -17.72
CA THR A 111 -26.13 -1.37 -18.11
C THR A 111 -24.63 -1.50 -18.09
N GLU A 112 -24.08 -2.03 -17.00
CA GLU A 112 -22.63 -2.25 -16.87
C GLU A 112 -22.11 -3.24 -17.95
N ALA A 113 -22.90 -4.27 -18.25
CA ALA A 113 -22.53 -5.22 -19.29
C ALA A 113 -22.29 -4.49 -20.61
N ILE A 114 -23.19 -3.56 -20.94
CA ILE A 114 -23.06 -2.83 -22.19
C ILE A 114 -21.85 -1.93 -22.15
N ASN A 115 -21.62 -1.21 -21.05
CA ASN A 115 -20.43 -0.40 -20.88
C ASN A 115 -19.11 -1.22 -21.02
N THR A 116 -19.12 -2.47 -20.55
CA THR A 116 -17.95 -3.31 -20.61
C THR A 116 -17.51 -3.48 -22.09
N VAL A 117 -18.48 -3.74 -22.96
CA VAL A 117 -18.26 -3.82 -24.39
C VAL A 117 -17.90 -2.47 -24.97
N ALA A 118 -18.63 -1.42 -24.59
CA ALA A 118 -18.36 -0.08 -25.10
C ALA A 118 -16.95 0.40 -24.77
N TYR A 119 -16.51 0.18 -23.55
CA TYR A 119 -15.13 0.54 -23.17
C TYR A 119 -14.08 -0.50 -23.66
N GLY A 120 -14.41 -1.78 -23.56
CA GLY A 120 -13.48 -2.88 -23.86
C GLY A 120 -13.23 -3.12 -25.33
N TYR A 121 -14.29 -3.08 -26.14
CA TYR A 121 -14.20 -3.22 -27.57
C TYR A 121 -14.31 -1.89 -28.34
N GLY A 122 -15.41 -1.18 -28.09
CA GLY A 122 -15.77 -0.04 -28.91
C GLY A 122 -14.69 1.03 -28.94
N MET A 123 -14.15 1.33 -27.78
CA MET A 123 -13.22 2.43 -27.63
C MET A 123 -11.91 2.21 -28.39
N PRO A 124 -11.28 1.04 -28.22
CA PRO A 124 -10.05 0.76 -29.01
C PRO A 124 -10.27 0.61 -30.51
N PHE A 125 -11.48 0.20 -30.92
CA PHE A 125 -11.72 -0.17 -32.32
C PHE A 125 -12.65 0.74 -33.11
N ILE A 126 -13.24 1.75 -32.48
CA ILE A 126 -14.16 2.65 -33.17
C ILE A 126 -13.74 4.12 -32.99
N GLY A 127 -13.49 4.80 -34.11
CA GLY A 127 -12.88 6.13 -34.13
C GLY A 127 -13.61 7.14 -34.99
N GLU A 128 -12.88 8.21 -35.34
CA GLU A 128 -13.45 9.35 -36.03
C GLU A 128 -14.12 8.95 -37.35
N GLY A 129 -15.41 9.21 -37.44
CA GLY A 129 -16.16 8.94 -38.66
C GLY A 129 -16.81 7.57 -38.70
N ASP A 130 -16.30 6.63 -37.90
CA ASP A 130 -16.88 5.29 -37.83
C ASP A 130 -18.31 5.35 -37.29
N GLU A 131 -19.13 4.39 -37.71
CA GLU A 131 -20.56 4.40 -37.39
C GLU A 131 -20.94 3.30 -36.42
N ILE A 132 -21.82 3.64 -35.46
CA ILE A 132 -22.44 2.66 -34.55
C ILE A 132 -23.93 2.66 -34.80
N LEU A 133 -24.46 1.49 -35.13
CA LEU A 133 -25.80 1.37 -35.67
C LEU A 133 -26.69 0.82 -34.60
N LEU A 134 -27.70 1.62 -34.26
CA LEU A 134 -28.65 1.28 -33.21
C LEU A 134 -30.04 1.29 -33.77
N SER A 135 -31.02 1.02 -32.92
CA SER A 135 -32.43 1.25 -33.28
C SER A 135 -32.95 2.47 -32.52
N ILE A 136 -34.05 3.02 -33.02
CA ILE A 136 -34.72 4.10 -32.33
C ILE A 136 -35.36 3.64 -31.02
N MET A 137 -35.56 2.33 -30.85
CA MET A 137 -36.18 1.76 -29.66
C MET A 137 -35.25 1.58 -28.46
N GLU A 138 -33.97 1.87 -28.62
CA GLU A 138 -33.01 1.60 -27.54
C GLU A 138 -33.29 2.32 -26.25
N HIS A 139 -33.25 1.54 -25.17
CA HIS A 139 -33.13 2.01 -23.81
C HIS A 139 -31.82 2.78 -23.68
N HIS A 140 -31.82 3.79 -22.81
CA HIS A 140 -30.69 4.72 -22.65
C HIS A 140 -29.35 4.03 -22.41
N SER A 141 -29.38 2.99 -21.60
CA SER A 141 -28.23 2.14 -21.35
C SER A 141 -27.61 1.50 -22.63
N ASN A 142 -28.40 1.30 -23.69
CA ASN A 142 -27.86 0.90 -24.99
C ASN A 142 -27.72 2.06 -25.95
N ILE A 143 -27.49 3.24 -25.41
CA ILE A 143 -27.25 4.46 -26.20
C ILE A 143 -26.07 5.25 -25.63
N VAL A 144 -26.16 5.60 -24.36
CA VAL A 144 -25.16 6.47 -23.73
C VAL A 144 -23.70 5.93 -23.85
N PRO A 145 -23.48 4.61 -23.62
CA PRO A 145 -22.10 4.13 -23.73
C PRO A 145 -21.53 4.34 -25.13
N TRP A 146 -22.36 4.17 -26.15
CA TRP A 146 -21.96 4.43 -27.52
C TRP A 146 -21.78 5.93 -27.74
N HIS A 147 -22.65 6.75 -27.17
CA HIS A 147 -22.49 8.20 -27.24
C HIS A 147 -21.12 8.67 -26.72
N PHE A 148 -20.60 7.99 -25.70
CA PHE A 148 -19.25 8.29 -25.20
C PHE A 148 -18.22 8.24 -26.31
N ILE A 149 -18.36 7.29 -27.22
CA ILE A 149 -17.41 7.13 -28.30
C ILE A 149 -17.64 8.24 -29.32
N ARG A 150 -18.89 8.61 -29.55
CA ARG A 150 -19.18 9.80 -30.38
C ARG A 150 -18.53 11.03 -29.79
N GLU A 151 -18.79 11.23 -28.50
CA GLU A 151 -18.39 12.46 -27.80
C GLU A 151 -16.88 12.54 -27.60
N ARG A 152 -16.26 11.41 -27.28
CA ARG A 152 -14.82 11.40 -26.96
C ARG A 152 -13.91 11.10 -28.15
N GLN A 153 -14.42 10.38 -29.16
CA GLN A 153 -13.58 9.90 -30.28
C GLN A 153 -14.12 10.19 -31.67
N GLY A 154 -15.31 10.80 -31.75
CA GLY A 154 -15.82 11.27 -33.03
C GLY A 154 -16.54 10.23 -33.86
N ALA A 155 -17.03 9.18 -33.22
CA ALA A 155 -17.89 8.21 -33.90
C ALA A 155 -19.26 8.85 -34.15
N LYS A 156 -19.99 8.31 -35.14
CA LYS A 156 -21.34 8.74 -35.42
C LYS A 156 -22.31 7.64 -34.99
N LEU A 157 -23.42 8.02 -34.38
CA LEU A 157 -24.52 7.12 -34.09
C LEU A 157 -25.58 7.20 -35.17
N VAL A 158 -26.08 6.05 -35.58
CA VAL A 158 -27.10 5.97 -36.60
C VAL A 158 -28.25 5.18 -36.00
N PHE A 159 -29.47 5.59 -36.29
CA PHE A 159 -30.63 5.00 -35.65
C PHE A 159 -31.56 4.36 -36.67
N THR A 160 -31.74 3.05 -36.56
CA THR A 160 -32.69 2.36 -37.41
C THR A 160 -34.10 2.70 -36.94
N PRO A 161 -34.96 3.13 -37.86
CA PRO A 161 -36.31 3.47 -37.48
C PRO A 161 -37.24 2.27 -37.35
N VAL A 162 -38.47 2.58 -36.95
CA VAL A 162 -39.54 1.61 -36.81
C VAL A 162 -40.80 2.33 -37.30
N ASP A 163 -41.82 1.59 -37.73
CA ASP A 163 -43.01 2.23 -38.28
C ASP A 163 -44.03 2.59 -37.18
N ASP A 164 -45.08 3.30 -37.56
CA ASP A 164 -46.09 3.81 -36.61
C ASP A 164 -46.77 2.70 -35.81
N ASN A 165 -46.90 1.52 -36.42
CA ASN A 165 -47.45 0.34 -35.73
C ASN A 165 -46.42 -0.30 -34.81
N GLY A 166 -45.18 0.19 -34.81
CA GLY A 166 -44.11 -0.37 -33.98
C GLY A 166 -43.34 -1.51 -34.63
N VAL A 167 -43.64 -1.77 -35.89
CA VAL A 167 -43.04 -2.91 -36.62
C VAL A 167 -41.66 -2.54 -37.18
N PHE A 168 -40.71 -3.42 -36.92
CA PHE A 168 -39.32 -3.25 -37.36
C PHE A 168 -39.17 -3.89 -38.74
N HIS A 169 -38.52 -3.17 -39.65
CA HIS A 169 -38.39 -3.60 -41.03
C HIS A 169 -36.91 -3.82 -41.32
N ILE A 170 -36.54 -5.07 -41.58
CA ILE A 170 -35.15 -5.44 -41.84
C ILE A 170 -34.55 -4.62 -42.98
N GLU A 171 -35.33 -4.35 -44.02
CA GLU A 171 -34.82 -3.60 -45.17
C GLU A 171 -34.30 -2.23 -44.74
N GLU A 172 -34.89 -1.70 -43.67
CA GLU A 172 -34.51 -0.40 -43.14
C GLU A 172 -33.20 -0.44 -42.35
N PHE A 173 -32.96 -1.53 -41.64
CA PHE A 173 -31.68 -1.80 -41.03
C PHE A 173 -30.59 -1.95 -42.09
N GLU A 174 -30.89 -2.72 -43.13
CA GLU A 174 -29.89 -3.07 -44.14
C GLU A 174 -29.41 -1.84 -44.90
N LYS A 175 -30.32 -0.90 -45.16
CA LYS A 175 -30.00 0.34 -45.88
C LYS A 175 -28.96 1.18 -45.13
N ARG A 176 -28.93 1.05 -43.81
CA ARG A 176 -28.09 1.89 -42.96
C ARG A 176 -26.75 1.24 -42.60
N LEU A 177 -26.55 -0.01 -43.00
CA LEU A 177 -25.23 -0.67 -42.96
C LEU A 177 -24.32 -0.13 -44.03
N SER A 178 -23.07 0.14 -43.68
CA SER A 178 -22.12 0.67 -44.65
C SER A 178 -20.70 0.19 -44.31
N GLU A 179 -19.76 0.47 -45.19
CA GLU A 179 -18.35 0.22 -44.89
C GLU A 179 -17.87 0.95 -43.59
N ARG A 180 -18.54 2.02 -43.15
CA ARG A 180 -18.11 2.76 -41.95
C ARG A 180 -18.69 2.19 -40.67
N THR A 181 -19.70 1.33 -40.79
CA THR A 181 -20.31 0.69 -39.62
C THR A 181 -19.31 -0.27 -38.96
N LYS A 182 -19.01 -0.01 -37.69
CA LYS A 182 -18.06 -0.82 -36.94
C LYS A 182 -18.70 -1.66 -35.85
N LEU A 183 -19.94 -1.38 -35.52
CA LEU A 183 -20.66 -2.12 -34.51
C LEU A 183 -22.15 -1.85 -34.61
N VAL A 184 -22.92 -2.90 -34.32
CA VAL A 184 -24.34 -2.84 -34.25
C VAL A 184 -24.67 -3.15 -32.81
N ALA A 185 -25.49 -2.30 -32.20
CA ALA A 185 -25.97 -2.51 -30.84
C ALA A 185 -27.47 -2.29 -30.89
N ILE A 186 -28.24 -3.31 -30.57
CA ILE A 186 -29.64 -3.27 -30.85
C ILE A 186 -30.38 -4.11 -29.84
N THR A 187 -31.61 -3.68 -29.53
CA THR A 187 -32.43 -4.41 -28.57
C THR A 187 -33.02 -5.69 -29.17
N HIS A 188 -33.22 -6.68 -28.30
CA HIS A 188 -33.95 -7.89 -28.64
C HIS A 188 -35.46 -7.62 -28.57
N MET A 189 -35.89 -6.98 -27.50
CA MET A 189 -37.29 -6.62 -27.30
C MET A 189 -37.40 -5.21 -26.72
N SER A 190 -38.18 -4.36 -27.37
CA SER A 190 -38.36 -2.98 -26.93
C SER A 190 -39.06 -2.96 -25.59
N ASN A 191 -38.49 -2.21 -24.67
CA ASN A 191 -39.06 -2.06 -23.34
C ASN A 191 -40.31 -1.15 -23.31
N THR A 192 -40.71 -0.61 -24.46
CA THR A 192 -41.88 0.27 -24.58
C THR A 192 -42.96 -0.29 -25.51
N LEU A 193 -42.53 -0.62 -26.73
CA LEU A 193 -43.43 -1.16 -27.76
C LEU A 193 -43.65 -2.65 -27.62
N GLY A 194 -42.70 -3.31 -26.98
CA GLY A 194 -42.70 -4.78 -26.88
C GLY A 194 -42.26 -5.44 -28.16
N THR A 195 -41.90 -4.64 -29.16
CA THR A 195 -41.52 -5.12 -30.46
C THR A 195 -40.33 -6.09 -30.38
N VAL A 196 -40.46 -7.25 -31.00
CA VAL A 196 -39.37 -8.22 -31.06
C VAL A 196 -38.56 -7.95 -32.32
N VAL A 197 -37.25 -7.80 -32.16
CA VAL A 197 -36.37 -7.49 -33.27
C VAL A 197 -35.86 -8.80 -33.87
N PRO A 198 -35.80 -8.91 -35.22
CA PRO A 198 -35.41 -10.16 -35.83
C PRO A 198 -33.89 -10.28 -35.79
N ILE A 199 -33.37 -10.71 -34.66
CA ILE A 199 -31.95 -10.61 -34.42
C ILE A 199 -31.11 -11.57 -35.17
N LYS A 200 -31.56 -12.81 -35.35
CA LYS A 200 -30.80 -13.76 -36.20
C LYS A 200 -30.51 -13.15 -37.58
N LYS A 201 -31.55 -12.62 -38.22
CA LYS A 201 -31.41 -12.04 -39.54
C LYS A 201 -30.43 -10.85 -39.52
N ILE A 202 -30.47 -10.05 -38.46
CA ILE A 202 -29.59 -8.89 -38.30
C ILE A 202 -28.13 -9.28 -38.21
N VAL A 203 -27.87 -10.31 -37.39
CA VAL A 203 -26.52 -10.87 -37.26
C VAL A 203 -26.01 -11.42 -38.57
N GLU A 204 -26.86 -12.14 -39.29
CA GLU A 204 -26.47 -12.68 -40.61
C GLU A 204 -25.95 -11.55 -41.51
N LEU A 205 -26.73 -10.48 -41.60
CA LEU A 205 -26.37 -9.34 -42.43
C LEU A 205 -25.11 -8.64 -41.95
N ALA A 206 -24.96 -8.52 -40.64
CA ALA A 206 -23.82 -7.82 -40.08
C ALA A 206 -22.55 -8.61 -40.26
N HIS A 207 -22.59 -9.88 -39.86
CA HIS A 207 -21.44 -10.76 -39.98
C HIS A 207 -20.96 -10.93 -41.42
N ALA A 208 -21.88 -10.90 -42.38
CA ALA A 208 -21.48 -10.95 -43.79
C ALA A 208 -20.55 -9.79 -44.15
N ARG A 209 -20.59 -8.70 -43.37
CA ARG A 209 -19.70 -7.55 -43.59
CA ARG A 209 -19.71 -7.56 -43.59
C ARG A 209 -18.58 -7.46 -42.55
N GLY A 210 -18.48 -8.45 -41.68
CA GLY A 210 -17.46 -8.46 -40.64
C GLY A 210 -17.77 -7.59 -39.43
N ILE A 211 -19.03 -7.18 -39.28
CA ILE A 211 -19.41 -6.25 -38.22
C ILE A 211 -20.02 -6.99 -37.01
N PRO A 212 -19.44 -6.80 -35.82
CA PRO A 212 -20.01 -7.42 -34.63
C PRO A 212 -21.32 -6.80 -34.13
N VAL A 213 -22.12 -7.62 -33.47
CA VAL A 213 -23.43 -7.24 -33.00
C VAL A 213 -23.57 -7.45 -31.50
N LEU A 214 -23.98 -6.40 -30.79
CA LEU A 214 -24.37 -6.54 -29.40
C LEU A 214 -25.88 -6.54 -29.31
N VAL A 215 -26.43 -7.41 -28.49
CA VAL A 215 -27.87 -7.47 -28.30
C VAL A 215 -28.27 -7.17 -26.87
N ASP A 216 -29.15 -6.17 -26.71
CA ASP A 216 -29.69 -5.78 -25.39
C ASP A 216 -30.89 -6.65 -25.12
N GLY A 217 -30.71 -7.64 -24.28
CA GLY A 217 -31.74 -8.62 -24.02
C GLY A 217 -32.35 -8.49 -22.65
N SER A 218 -32.22 -7.29 -22.08
CA SER A 218 -32.76 -7.02 -20.75
C SER A 218 -34.25 -7.34 -20.65
N GLN A 219 -35.00 -7.13 -21.73
CA GLN A 219 -36.41 -7.59 -21.80
C GLN A 219 -36.56 -8.93 -22.51
N GLY A 220 -35.81 -9.12 -23.60
CA GLY A 220 -35.83 -10.35 -24.37
C GLY A 220 -35.70 -11.61 -23.53
N ALA A 221 -34.76 -11.58 -22.62
CA ALA A 221 -34.51 -12.73 -21.74
C ALA A 221 -35.64 -13.05 -20.80
N VAL A 222 -36.48 -12.07 -20.50
CA VAL A 222 -37.57 -12.27 -19.59
C VAL A 222 -38.70 -12.95 -20.33
N HIS A 223 -38.84 -12.63 -21.62
CA HIS A 223 -40.07 -12.87 -22.37
C HIS A 223 -39.95 -13.74 -23.58
N LEU A 224 -38.73 -14.12 -23.96
CA LEU A 224 -38.48 -14.97 -25.11
C LEU A 224 -37.49 -16.11 -24.79
N PRO A 225 -37.68 -17.27 -25.43
CA PRO A 225 -36.61 -18.28 -25.47
C PRO A 225 -35.40 -17.67 -26.14
N VAL A 226 -34.25 -17.81 -25.50
CA VAL A 226 -33.03 -17.23 -26.02
C VAL A 226 -31.97 -18.31 -26.27
N ASP A 227 -31.47 -18.37 -27.49
CA ASP A 227 -30.37 -19.30 -27.85
C ASP A 227 -29.28 -18.50 -28.57
N VAL A 228 -28.27 -18.07 -27.81
CA VAL A 228 -27.27 -17.14 -28.34
C VAL A 228 -26.39 -17.71 -29.43
N GLN A 229 -26.37 -19.03 -29.57
CA GLN A 229 -25.64 -19.66 -30.68
C GLN A 229 -26.47 -19.70 -31.95
N ASP A 230 -27.77 -19.93 -31.80
CA ASP A 230 -28.69 -19.83 -32.92
C ASP A 230 -28.86 -18.37 -33.37
N LEU A 231 -28.80 -17.43 -32.45
CA LEU A 231 -28.76 -16.02 -32.82
C LEU A 231 -27.44 -15.68 -33.48
N GLY A 232 -26.36 -16.24 -32.97
CA GLY A 232 -25.02 -15.95 -33.48
C GLY A 232 -24.41 -14.62 -33.01
N CYS A 233 -25.09 -13.91 -32.11
CA CYS A 233 -24.69 -12.55 -31.77
C CYS A 233 -23.36 -12.55 -31.04
N ASP A 234 -22.59 -11.49 -31.20
CA ASP A 234 -21.26 -11.43 -30.59
C ASP A 234 -21.35 -11.20 -29.12
N TRP A 235 -22.34 -10.42 -28.72
CA TRP A 235 -22.63 -10.22 -27.29
C TRP A 235 -24.12 -10.20 -27.04
N TYR A 236 -24.52 -10.63 -25.86
CA TYR A 236 -25.89 -10.61 -25.44
C TYR A 236 -25.90 -10.24 -23.97
N VAL A 237 -26.68 -9.23 -23.58
CA VAL A 237 -26.72 -8.78 -22.18
C VAL A 237 -28.13 -8.91 -21.61
N PHE A 238 -28.21 -9.20 -20.32
CA PHE A 238 -29.47 -9.17 -19.65
C PHE A 238 -29.29 -8.77 -18.18
N THR A 239 -30.39 -8.53 -17.48
CA THR A 239 -30.29 -8.03 -16.11
C THR A 239 -31.06 -8.94 -15.15
N GLY A 240 -30.46 -9.21 -13.99
CA GLY A 240 -31.04 -10.17 -13.05
C GLY A 240 -32.39 -9.82 -12.44
N HIS A 241 -32.56 -8.55 -12.06
CA HIS A 241 -33.78 -8.12 -11.35
C HIS A 241 -35.05 -8.21 -12.20
N1 LLP A 242 -32.03 -2.29 -21.68
C2 LLP A 242 -33.37 -2.54 -21.68
C2' LLP A 242 -34.07 -2.84 -22.97
C3 LLP A 242 -34.14 -2.49 -20.39
O3 LLP A 242 -35.48 -2.77 -20.36
C4 LLP A 242 -33.40 -2.19 -19.16
C4' LLP A 242 -34.07 -2.19 -17.83
C5 LLP A 242 -31.95 -1.91 -19.29
C6 LLP A 242 -31.34 -1.97 -20.56
C5' LLP A 242 -31.12 -1.58 -18.07
OP4 LLP A 242 -31.11 -2.66 -17.14
P LLP A 242 -30.51 -2.33 -15.71
OP1 LLP A 242 -30.66 -3.53 -14.84
OP2 LLP A 242 -29.11 -1.92 -16.06
OP3 LLP A 242 -31.33 -1.21 -15.21
N LLP A 242 -34.90 -8.17 -13.52
CA LLP A 242 -36.04 -8.39 -14.44
CB LLP A 242 -35.74 -7.68 -15.75
CG LLP A 242 -35.64 -6.18 -15.49
CD LLP A 242 -35.60 -5.41 -16.79
CE LLP A 242 -35.29 -3.95 -16.50
NZ LLP A 242 -35.12 -3.18 -17.71
C LLP A 242 -36.38 -9.84 -14.69
O LLP A 242 -37.51 -10.17 -15.03
N VAL A 243 -35.41 -10.72 -14.50
CA VAL A 243 -35.65 -12.18 -14.64
C VAL A 243 -35.93 -12.81 -13.30
N TYR A 244 -36.73 -12.14 -12.50
CA TYR A 244 -37.23 -12.67 -11.23
C TYR A 244 -36.13 -12.89 -10.22
N GLY A 245 -35.00 -12.23 -10.42
CA GLY A 245 -33.83 -12.47 -9.62
C GLY A 245 -33.36 -11.27 -8.82
N PRO A 246 -32.27 -11.44 -8.07
CA PRO A 246 -31.72 -10.41 -7.23
C PRO A 246 -31.39 -9.15 -7.97
N SER A 247 -31.46 -8.04 -7.23
CA SER A 247 -30.86 -6.80 -7.66
C SER A 247 -29.36 -7.01 -7.55
N GLY A 248 -28.62 -6.15 -8.22
CA GLY A 248 -27.16 -6.17 -8.11
C GLY A 248 -26.47 -7.18 -8.98
N ILE A 249 -27.19 -7.74 -9.95
CA ILE A 249 -26.54 -8.76 -10.82
C ILE A 249 -26.96 -8.64 -12.27
N GLY A 250 -25.95 -8.54 -13.11
CA GLY A 250 -26.14 -8.55 -14.55
C GLY A 250 -25.33 -9.63 -15.24
N VAL A 251 -25.58 -9.81 -16.53
CA VAL A 251 -24.86 -10.77 -17.32
C VAL A 251 -24.42 -10.21 -18.66
N LEU A 252 -23.14 -10.38 -18.96
CA LEU A 252 -22.62 -10.19 -20.30
C LEU A 252 -22.19 -11.56 -20.93
N TYR A 253 -22.89 -11.98 -21.98
CA TYR A 253 -22.43 -13.07 -22.79
C TYR A 253 -21.64 -12.49 -23.93
N GLY A 254 -20.49 -13.08 -24.20
CA GLY A 254 -19.69 -12.76 -25.40
C GLY A 254 -19.04 -14.00 -25.96
N ARG A 255 -19.13 -14.16 -27.28
CA ARG A 255 -18.36 -15.16 -27.99
C ARG A 255 -16.91 -15.06 -27.56
N ALA A 256 -16.31 -16.19 -27.25
CA ALA A 256 -14.95 -16.25 -26.68
C ALA A 256 -13.90 -15.40 -27.43
N GLN A 257 -14.00 -15.43 -28.74
CA GLN A 257 -13.04 -14.73 -29.59
CA GLN A 257 -13.06 -14.75 -29.61
C GLN A 257 -13.23 -13.23 -29.50
N MET A 258 -14.46 -12.81 -29.27
CA MET A 258 -14.77 -11.40 -29.12
C MET A 258 -14.41 -10.88 -27.74
N LEU A 259 -14.63 -11.70 -26.72
CA LEU A 259 -14.23 -11.34 -25.36
C LEU A 259 -12.72 -11.19 -25.29
N GLU A 260 -12.04 -12.08 -25.99
CA GLU A 260 -10.61 -12.14 -25.99
C GLU A 260 -10.00 -10.90 -26.60
N LYS A 261 -10.58 -10.43 -27.69
CA LYS A 261 -10.09 -9.17 -28.29
C LYS A 261 -10.31 -7.93 -27.48
N MET A 262 -11.16 -7.96 -26.46
CA MET A 262 -11.43 -6.78 -25.67
C MET A 262 -10.37 -6.56 -24.62
N ARG A 263 -9.94 -5.30 -24.49
CA ARG A 263 -9.09 -4.92 -23.37
C ARG A 263 -9.91 -4.84 -22.09
N PRO A 264 -9.23 -4.81 -20.94
CA PRO A 264 -9.97 -4.66 -19.68
C PRO A 264 -10.80 -3.39 -19.56
N PHE A 265 -11.95 -3.52 -18.90
CA PHE A 265 -12.79 -2.37 -18.54
C PHE A 265 -12.42 -1.91 -17.13
N GLN A 266 -12.96 -2.56 -16.10
CA GLN A 266 -12.53 -2.26 -14.76
C GLN A 266 -11.28 -3.01 -14.33
N GLY A 267 -10.41 -2.33 -13.60
CA GLY A 267 -9.14 -2.88 -13.19
C GLY A 267 -9.06 -3.20 -11.72
N GLY A 268 -8.40 -4.29 -11.36
CA GLY A 268 -8.15 -4.59 -9.96
C GLY A 268 -7.88 -6.04 -9.63
N GLY A 269 -8.12 -6.39 -8.39
CA GLY A 269 -8.02 -7.79 -7.98
C GLY A 269 -8.81 -8.74 -8.86
N GLU A 270 -8.27 -9.95 -9.05
CA GLU A 270 -8.97 -11.07 -9.70
C GLU A 270 -9.09 -11.01 -11.22
N MET A 271 -8.59 -9.95 -11.84
CA MET A 271 -8.59 -9.84 -13.29
C MET A 271 -7.16 -9.66 -13.81
N ILE A 272 -6.19 -9.76 -12.92
CA ILE A 272 -4.79 -9.73 -13.29
C ILE A 272 -4.17 -11.13 -13.35
N GLU A 273 -3.03 -11.22 -14.00
CA GLU A 273 -2.18 -12.41 -13.94
C GLU A 273 -0.99 -12.06 -13.06
N GLU A 274 -0.21 -11.06 -13.47
CA GLU A 274 0.88 -10.53 -12.66
C GLU A 274 0.74 -9.01 -12.43
N VAL A 275 0.98 -8.57 -11.19
CA VAL A 275 1.12 -7.17 -10.88
C VAL A 275 2.51 -6.92 -10.27
N THR A 276 3.26 -6.04 -10.92
CA THR A 276 4.50 -5.51 -10.36
C THR A 276 4.43 -3.99 -10.34
N GLU A 277 5.37 -3.36 -9.65
CA GLU A 277 5.40 -1.89 -9.60
C GLU A 277 5.48 -1.30 -11.01
N GLU A 278 6.17 -2.01 -11.90
CA GLU A 278 6.49 -1.53 -13.23
C GLU A 278 5.44 -1.86 -14.29
N ASN A 279 4.66 -2.92 -14.09
CA ASN A 279 3.67 -3.31 -15.08
C ASN A 279 2.57 -4.22 -14.53
N VAL A 280 1.52 -4.37 -15.31
CA VAL A 280 0.43 -5.28 -14.99
C VAL A 280 0.08 -6.12 -16.23
N THR A 281 -0.18 -7.41 -16.02
CA THR A 281 -0.69 -8.26 -17.10
C THR A 281 -2.04 -8.79 -16.66
N TYR A 282 -2.85 -9.16 -17.65
CA TYR A 282 -4.24 -9.47 -17.41
C TYR A 282 -4.64 -10.89 -17.64
N ASN A 283 -5.57 -11.34 -16.82
CA ASN A 283 -6.28 -12.63 -17.02
C ASN A 283 -6.93 -12.72 -18.37
N HIS A 284 -7.44 -13.90 -18.67
CA HIS A 284 -8.28 -14.08 -19.84
C HIS A 284 -9.73 -14.05 -19.43
N PRO A 285 -10.66 -13.95 -20.40
CA PRO A 285 -12.08 -13.92 -20.05
C PRO A 285 -12.51 -15.21 -19.45
N PRO A 286 -13.55 -15.25 -18.65
CA PRO A 286 -14.37 -14.10 -18.25
C PRO A 286 -13.78 -13.23 -17.12
N HIS A 287 -12.77 -13.73 -16.44
CA HIS A 287 -12.21 -13.12 -15.25
C HIS A 287 -11.54 -11.83 -15.57
N ARG A 288 -11.03 -11.71 -16.80
CA ARG A 288 -10.47 -10.43 -17.23
C ARG A 288 -11.42 -9.25 -16.92
N PHE A 289 -12.73 -9.51 -16.96
CA PHE A 289 -13.74 -8.49 -16.92
C PHE A 289 -14.50 -8.43 -15.58
N GLU A 290 -14.05 -9.17 -14.57
CA GLU A 290 -14.70 -9.20 -13.27
C GLU A 290 -13.68 -8.76 -12.25
N ALA A 291 -13.55 -7.44 -12.07
CA ALA A 291 -12.63 -6.82 -11.13
C ALA A 291 -13.22 -6.80 -9.73
N GLY A 292 -12.39 -7.08 -8.74
CA GLY A 292 -12.82 -7.23 -7.37
C GLY A 292 -13.89 -8.26 -7.05
N THR A 293 -14.28 -8.32 -5.78
CA THR A 293 -15.31 -9.24 -5.32
C THR A 293 -16.58 -9.05 -6.13
N PRO A 294 -17.10 -10.13 -6.75
CA PRO A 294 -18.27 -9.97 -7.59
C PRO A 294 -19.52 -10.09 -6.76
N PRO A 295 -20.70 -9.92 -7.37
CA PRO A 295 -21.94 -10.03 -6.60
C PRO A 295 -22.29 -11.49 -6.36
N ILE A 296 -21.59 -12.06 -5.39
CA ILE A 296 -21.59 -13.48 -5.13
C ILE A 296 -22.97 -14.05 -4.92
N VAL A 297 -23.62 -13.58 -3.86
CA VAL A 297 -24.91 -14.11 -3.44
C VAL A 297 -26.02 -13.71 -4.41
N GLN A 298 -25.82 -12.61 -5.12
CA GLN A 298 -26.75 -12.18 -6.16
C GLN A 298 -26.66 -13.13 -7.39
N ALA A 299 -25.45 -13.53 -7.76
CA ALA A 299 -25.27 -14.56 -8.81
C ALA A 299 -25.97 -15.85 -8.42
N ILE A 300 -25.70 -16.33 -7.22
CA ILE A 300 -26.39 -17.53 -6.72
C ILE A 300 -27.90 -17.38 -6.77
N GLY A 301 -28.43 -16.25 -6.27
CA GLY A 301 -29.85 -16.00 -6.35
C GLY A 301 -30.39 -15.96 -7.77
N LEU A 302 -29.62 -15.39 -8.69
CA LEU A 302 -30.01 -15.36 -10.10
C LEU A 302 -30.17 -16.79 -10.66
N GLY A 303 -29.19 -17.64 -10.39
CA GLY A 303 -29.29 -19.09 -10.68
C GLY A 303 -30.60 -19.72 -10.30
N ALA A 304 -31.00 -19.49 -9.05
CA ALA A 304 -32.30 -19.97 -8.57
C ALA A 304 -33.46 -19.39 -9.36
N ALA A 305 -33.33 -18.13 -9.78
CA ALA A 305 -34.39 -17.48 -10.53
C ALA A 305 -34.53 -18.06 -11.91
N LEU A 306 -33.43 -18.25 -12.60
CA LEU A 306 -33.45 -18.92 -13.92
C LEU A 306 -33.92 -20.37 -13.86
N GLU A 307 -33.62 -21.06 -12.77
CA GLU A 307 -34.16 -22.43 -12.58
C GLU A 307 -35.67 -22.38 -12.41
N TYR A 308 -36.16 -21.35 -11.70
CA TYR A 308 -37.59 -21.16 -11.51
C TYR A 308 -38.29 -21.05 -12.86
N MET A 309 -37.73 -20.24 -13.75
CA MET A 309 -38.25 -20.09 -15.11
C MET A 309 -38.23 -21.39 -15.89
N GLU A 310 -37.14 -22.15 -15.76
CA GLU A 310 -37.08 -23.47 -16.41
C GLU A 310 -38.15 -24.40 -15.86
N LYS A 311 -38.36 -24.39 -14.55
CA LYS A 311 -39.34 -25.28 -13.92
C LYS A 311 -40.74 -25.04 -14.52
N ILE A 312 -41.13 -23.78 -14.72
CA ILE A 312 -42.44 -23.48 -15.32
C ILE A 312 -42.46 -23.83 -16.79
N GLY A 313 -41.36 -23.57 -17.48
CA GLY A 313 -41.22 -23.93 -18.91
C GLY A 313 -41.31 -22.66 -19.74
N ARG A 314 -40.25 -22.37 -20.47
CA ARG A 314 -40.13 -21.08 -21.15
C ARG A 314 -41.16 -20.85 -22.22
N HIS A 315 -41.60 -21.93 -22.82
CA HIS A 315 -42.59 -21.86 -23.87
C HIS A 315 -43.98 -21.79 -23.28
N ALA A 316 -44.16 -22.37 -22.10
CA ALA A 316 -45.43 -22.25 -21.40
C ALA A 316 -45.62 -20.80 -20.99
N ILE A 317 -44.54 -20.17 -20.53
CA ILE A 317 -44.54 -18.75 -20.19
C ILE A 317 -44.90 -17.90 -21.40
N LEU A 318 -44.24 -18.17 -22.53
CA LEU A 318 -44.48 -17.43 -23.76
C LEU A 318 -45.94 -17.51 -24.16
N ALA A 319 -46.54 -18.69 -24.05
CA ALA A 319 -47.94 -18.88 -24.42
C ALA A 319 -48.84 -18.07 -23.50
N HIS A 320 -48.53 -18.10 -22.21
CA HIS A 320 -49.33 -17.42 -21.20
C HIS A 320 -49.25 -15.90 -21.35
N GLU A 321 -48.05 -15.40 -21.55
CA GLU A 321 -47.87 -13.96 -21.75
C GLU A 321 -48.48 -13.48 -23.05
N ALA A 322 -48.50 -14.35 -24.06
CA ALA A 322 -49.12 -14.03 -25.34
C ALA A 322 -50.63 -13.89 -25.17
N ASP A 323 -51.22 -14.78 -24.39
CA ASP A 323 -52.63 -14.69 -24.05
C ASP A 323 -52.94 -13.36 -23.29
N LEU A 324 -52.10 -13.01 -22.32
CA LEU A 324 -52.27 -11.74 -21.59
C LEU A 324 -52.15 -10.52 -22.50
N ARG A 325 -51.18 -10.58 -23.42
CA ARG A 325 -50.99 -9.50 -24.40
C ARG A 325 -52.24 -9.29 -25.24
N ASP A 326 -52.71 -10.37 -25.85
CA ASP A 326 -53.87 -10.32 -26.75
C ASP A 326 -55.13 -9.86 -26.01
N TYR A 327 -55.33 -10.41 -24.82
CA TYR A 327 -56.49 -10.06 -24.01
C TYR A 327 -56.43 -8.58 -23.56
N ALA A 328 -55.24 -8.11 -23.21
CA ALA A 328 -55.04 -6.70 -22.86
C ALA A 328 -55.33 -5.77 -24.04
N HIS A 329 -54.87 -6.13 -25.23
CA HIS A 329 -55.16 -5.33 -26.43
C HIS A 329 -56.64 -5.29 -26.75
N GLU A 330 -57.34 -6.39 -26.49
CA GLU A 330 -58.80 -6.45 -26.70
C GLU A 330 -59.49 -5.53 -25.71
N ARG A 331 -59.20 -5.72 -24.42
CA ARG A 331 -59.87 -5.00 -23.36
C ARG A 331 -59.59 -3.51 -23.39
N LEU A 332 -58.32 -3.12 -23.40
CA LEU A 332 -57.96 -1.71 -23.52
C LEU A 332 -58.42 -1.08 -24.84
N GLY A 333 -58.45 -1.88 -25.90
CA GLY A 333 -58.94 -1.42 -27.19
C GLY A 333 -60.38 -0.93 -27.13
N ARG A 334 -61.16 -1.49 -26.20
CA ARG A 334 -62.56 -1.09 -25.97
C ARG A 334 -62.69 0.24 -25.22
N ILE A 335 -61.59 0.80 -24.72
CA ILE A 335 -61.65 2.06 -23.98
C ILE A 335 -61.52 3.25 -24.91
N ASN A 336 -62.51 4.12 -24.86
CA ASN A 336 -62.73 5.12 -25.89
C ASN A 336 -61.47 5.84 -26.37
N SER A 337 -60.87 6.61 -25.47
CA SER A 337 -59.84 7.56 -25.85
C SER A 337 -58.41 6.99 -25.80
N LEU A 338 -58.28 5.68 -25.67
CA LEU A 338 -57.00 5.08 -25.35
C LEU A 338 -56.19 4.69 -26.61
N ARG A 339 -54.91 5.05 -26.61
CA ARG A 339 -54.00 4.70 -27.68
C ARG A 339 -52.89 3.80 -27.17
N ILE A 340 -52.60 2.71 -27.89
CA ILE A 340 -51.48 1.85 -27.54
C ILE A 340 -50.34 2.18 -28.48
N PHE A 341 -49.14 2.33 -27.92
CA PHE A 341 -47.94 2.56 -28.70
C PHE A 341 -47.20 1.23 -28.91
N GLY A 342 -47.29 0.71 -30.12
CA GLY A 342 -46.65 -0.56 -30.48
C GLY A 342 -47.67 -1.69 -30.60
N ASN A 343 -47.94 -2.12 -31.82
CA ASN A 343 -48.93 -3.18 -32.10
C ASN A 343 -48.35 -4.30 -32.99
N ALA A 344 -47.05 -4.55 -32.92
CA ALA A 344 -46.46 -5.64 -33.66
C ALA A 344 -47.10 -6.98 -33.29
N PRO A 345 -47.39 -7.83 -34.30
CA PRO A 345 -48.08 -9.12 -34.06
C PRO A 345 -47.37 -10.08 -33.08
N ASP A 346 -46.05 -10.04 -33.04
CA ASP A 346 -45.30 -10.98 -32.19
C ASP A 346 -44.72 -10.30 -30.94
N LYS A 347 -45.28 -9.16 -30.59
CA LYS A 347 -44.73 -8.37 -29.48
C LYS A 347 -44.83 -9.06 -28.12
N GLY A 348 -43.92 -8.69 -27.24
CA GLY A 348 -43.98 -9.11 -25.85
C GLY A 348 -45.10 -8.39 -25.12
N ALA A 349 -45.39 -8.85 -23.91
CA ALA A 349 -46.56 -8.40 -23.16
C ALA A 349 -46.23 -7.12 -22.39
N ILE A 350 -45.86 -6.10 -23.15
CA ILE A 350 -45.50 -4.81 -22.65
C ILE A 350 -46.41 -3.86 -23.39
N ILE A 351 -47.24 -3.14 -22.64
CA ILE A 351 -48.26 -2.28 -23.22
C ILE A 351 -48.11 -0.85 -22.74
N SER A 352 -47.61 -0.01 -23.63
CA SER A 352 -47.47 1.41 -23.41
C SER A 352 -48.66 2.10 -24.04
N PHE A 353 -49.22 3.05 -23.32
CA PHE A 353 -50.49 3.67 -23.71
C PHE A 353 -50.67 5.06 -23.12
N ALA A 354 -51.63 5.78 -23.69
CA ALA A 354 -52.00 7.12 -23.25
C ALA A 354 -53.50 7.30 -23.40
N LEU A 355 -54.09 8.08 -22.52
CA LEU A 355 -55.49 8.51 -22.61
C LEU A 355 -55.55 9.95 -23.11
N GLU A 356 -56.33 10.19 -24.16
CA GLU A 356 -56.31 11.50 -24.80
C GLU A 356 -56.70 12.54 -23.76
N GLY A 357 -55.89 13.59 -23.65
CA GLY A 357 -56.18 14.74 -22.81
C GLY A 357 -55.86 14.57 -21.34
N ILE A 358 -55.19 13.48 -20.98
CA ILE A 358 -54.84 13.22 -19.58
C ILE A 358 -53.34 12.90 -19.50
N HIS A 359 -52.67 13.48 -18.52
CA HIS A 359 -51.26 13.25 -18.29
C HIS A 359 -51.05 11.85 -17.74
N ALA A 360 -49.96 11.21 -18.16
CA ALA A 360 -49.66 9.85 -17.72
C ALA A 360 -49.49 9.76 -16.21
N HIS A 361 -48.82 10.76 -15.63
CA HIS A 361 -48.60 10.78 -14.19
C HIS A 361 -49.94 10.84 -13.43
N ASP A 362 -50.93 11.53 -13.98
CA ASP A 362 -52.25 11.54 -13.40
C ASP A 362 -52.87 10.15 -13.40
N VAL A 363 -52.82 9.48 -14.55
CA VAL A 363 -53.43 8.17 -14.72
C VAL A 363 -52.80 7.20 -13.74
N SER A 364 -51.48 7.26 -13.70
CA SER A 364 -50.69 6.36 -12.88
C SER A 364 -50.90 6.55 -11.38
N MET A 365 -50.88 7.80 -10.93
CA MET A 365 -51.05 8.08 -9.50
C MET A 365 -52.37 7.51 -9.05
N VAL A 366 -53.35 7.70 -9.91
CA VAL A 366 -54.73 7.48 -9.57
C VAL A 366 -55.04 5.97 -9.49
N ILE A 367 -54.63 5.20 -10.49
CA ILE A 367 -54.89 3.78 -10.46
C ILE A 367 -54.03 3.06 -9.40
N ASP A 368 -52.91 3.67 -9.00
CA ASP A 368 -52.14 3.17 -7.84
C ASP A 368 -53.02 3.14 -6.59
N ARG A 369 -53.93 4.09 -6.49
CA ARG A 369 -54.86 4.17 -5.35
C ARG A 369 -55.89 3.06 -5.36
N ALA A 370 -56.15 2.54 -6.56
CA ALA A 370 -57.01 1.37 -6.72
C ALA A 370 -56.23 0.09 -6.51
N GLY A 371 -54.91 0.19 -6.39
CA GLY A 371 -54.04 -0.98 -6.19
C GLY A 371 -53.20 -1.36 -7.41
N VAL A 372 -53.42 -0.68 -8.54
CA VAL A 372 -52.76 -1.03 -9.80
C VAL A 372 -51.46 -0.27 -9.99
N ALA A 373 -50.38 -1.05 -10.16
CA ALA A 373 -49.04 -0.52 -10.33
C ALA A 373 -48.64 -0.53 -11.79
N VAL A 374 -48.60 0.67 -12.39
CA VAL A 374 -48.04 0.86 -13.72
C VAL A 374 -46.94 1.90 -13.58
N ARG A 375 -46.20 2.18 -14.64
CA ARG A 375 -45.24 3.27 -14.60
C ARG A 375 -45.50 4.31 -15.68
N ALA A 376 -45.35 5.56 -15.33
CA ALA A 376 -45.47 6.67 -16.28
C ALA A 376 -44.12 7.32 -16.41
N GLY A 377 -43.85 7.94 -17.54
CA GLY A 377 -42.61 8.67 -17.73
C GLY A 377 -41.92 8.28 -19.04
N THR A 378 -40.60 8.46 -19.08
CA THR A 378 -39.81 8.23 -20.29
C THR A 378 -39.49 6.77 -20.55
N HIS A 379 -39.52 5.94 -19.51
CA HIS A 379 -39.08 4.54 -19.59
C HIS A 379 -37.64 4.43 -20.10
N CYS A 380 -36.82 5.44 -19.79
CA CYS A 380 -35.43 5.47 -20.25
C CYS A 380 -35.35 5.25 -21.78
N ALA A 381 -36.30 5.83 -22.53
CA ALA A 381 -36.33 5.73 -23.99
C ALA A 381 -36.88 7.00 -24.66
N GLN A 382 -36.28 8.16 -24.35
CA GLN A 382 -36.76 9.47 -24.82
C GLN A 382 -36.77 9.64 -26.33
N PRO A 383 -35.70 9.23 -27.01
CA PRO A 383 -35.73 9.40 -28.45
C PRO A 383 -36.89 8.66 -29.12
N LEU A 384 -37.25 7.50 -28.58
CA LEU A 384 -38.38 6.74 -29.08
C LEU A 384 -39.67 7.51 -28.89
N LEU A 385 -39.88 8.03 -27.68
CA LEU A 385 -41.06 8.86 -27.40
C LEU A 385 -41.13 10.13 -28.24
N LYS A 386 -39.99 10.80 -28.45
CA LYS A 386 -39.95 12.00 -29.30
C LYS A 386 -40.37 11.66 -30.72
N ARG A 387 -39.87 10.54 -31.23
CA ARG A 387 -40.24 10.03 -32.56
C ARG A 387 -41.72 9.68 -32.63
N PHE A 388 -42.32 9.25 -31.52
CA PHE A 388 -43.75 8.95 -31.49
C PHE A 388 -44.61 10.16 -31.09
N GLY A 389 -43.99 11.30 -30.85
CA GLY A 389 -44.72 12.56 -30.63
C GLY A 389 -45.23 12.81 -29.21
N VAL A 390 -44.57 12.22 -28.22
CA VAL A 390 -44.97 12.38 -26.82
C VAL A 390 -43.76 12.56 -25.94
N THR A 391 -43.99 13.03 -24.73
CA THR A 391 -42.94 13.07 -23.69
C THR A 391 -43.05 11.96 -22.66
N SER A 392 -44.26 11.48 -22.44
CA SER A 392 -44.58 10.57 -21.36
C SER A 392 -45.60 9.52 -21.86
N THR A 393 -45.50 8.27 -21.39
CA THR A 393 -46.61 7.31 -21.52
C THR A 393 -46.77 6.50 -20.24
N CYS A 394 -47.89 5.81 -20.13
CA CYS A 394 -48.06 4.78 -19.12
C CYS A 394 -47.64 3.46 -19.69
N ARG A 395 -47.12 2.60 -18.83
CA ARG A 395 -46.68 1.28 -19.28
C ARG A 395 -47.16 0.25 -18.28
N ALA A 396 -47.96 -0.68 -18.78
CA ALA A 396 -48.32 -1.87 -18.04
C ALA A 396 -47.50 -2.99 -18.67
N SER A 397 -46.66 -3.63 -17.87
CA SER A 397 -45.81 -4.69 -18.36
C SER A 397 -46.09 -5.96 -17.58
N PHE A 398 -46.38 -7.05 -18.30
CA PHE A 398 -46.88 -8.30 -17.70
C PHE A 398 -45.78 -9.31 -17.47
N ALA A 399 -46.00 -10.19 -16.50
CA ALA A 399 -45.04 -11.24 -16.14
C ALA A 399 -45.72 -12.59 -16.01
N LEU A 400 -44.93 -13.63 -15.73
CA LEU A 400 -45.44 -15.01 -15.70
C LEU A 400 -46.46 -15.27 -14.60
N TYR A 401 -46.47 -14.43 -13.57
CA TYR A 401 -47.44 -14.59 -12.45
C TYR A 401 -48.71 -13.75 -12.60
N ASN A 402 -48.78 -12.91 -13.63
CA ASN A 402 -49.96 -12.08 -13.83
C ASN A 402 -51.12 -12.87 -14.45
N THR A 403 -52.33 -12.34 -14.31
CA THR A 403 -53.54 -13.03 -14.74
C THR A 403 -54.44 -12.18 -15.60
N ARG A 404 -55.40 -12.83 -16.23
CA ARG A 404 -56.44 -12.14 -16.98
C ARG A 404 -57.26 -11.24 -16.09
N ALA A 405 -57.49 -11.64 -14.85
CA ALA A 405 -58.28 -10.84 -13.93
C ALA A 405 -57.56 -9.52 -13.64
N GLU A 406 -56.23 -9.55 -13.66
CA GLU A 406 -55.43 -8.36 -13.47
C GLU A 406 -55.52 -7.43 -14.67
N VAL A 407 -55.65 -8.01 -15.85
CA VAL A 407 -55.88 -7.21 -17.06
C VAL A 407 -57.22 -6.51 -16.93
N ASP A 408 -58.22 -7.21 -16.44
CA ASP A 408 -59.53 -6.64 -16.20
C ASP A 408 -59.48 -5.50 -15.16
N ALA A 409 -58.73 -5.71 -14.09
CA ALA A 409 -58.55 -4.71 -13.07
C ALA A 409 -57.88 -3.47 -13.66
N LEU A 410 -56.88 -3.69 -14.49
CA LEU A 410 -56.22 -2.57 -15.17
C LEU A 410 -57.24 -1.82 -16.00
N ALA A 411 -58.04 -2.55 -16.77
CA ALA A 411 -58.98 -1.96 -17.72
C ALA A 411 -60.08 -1.22 -17.00
N GLU A 412 -60.60 -1.81 -15.92
CA GLU A 412 -61.62 -1.18 -15.08
C GLU A 412 -61.08 0.14 -14.47
N ALA A 413 -59.88 0.07 -13.92
CA ALA A 413 -59.23 1.23 -13.33
C ALA A 413 -58.98 2.34 -14.34
N LEU A 414 -58.58 1.98 -15.56
CA LEU A 414 -58.31 2.97 -16.61
C LEU A 414 -59.58 3.65 -17.10
N GLU A 415 -60.66 2.88 -17.22
CA GLU A 415 -61.96 3.44 -17.58
C GLU A 415 -62.38 4.44 -16.48
N LYS A 416 -62.20 4.05 -15.23
CA LYS A 416 -62.54 4.90 -14.07
C LYS A 416 -61.72 6.19 -14.05
N ALA A 417 -60.43 6.05 -14.36
CA ALA A 417 -59.54 7.19 -14.45
C ALA A 417 -59.95 8.15 -15.55
N ARG A 418 -60.40 7.62 -16.67
CA ARG A 418 -60.85 8.45 -17.78
C ARG A 418 -62.08 9.30 -17.41
N LYS A 419 -63.02 8.69 -16.69
CA LYS A 419 -64.24 9.39 -16.24
C LYS A 419 -63.89 10.44 -15.18
N PHE A 420 -62.96 10.09 -14.29
CA PHE A 420 -62.51 10.99 -13.25
C PHE A 420 -61.94 12.29 -13.80
N PHE A 421 -60.99 12.20 -14.72
CA PHE A 421 -60.34 13.40 -15.27
C PHE A 421 -61.08 14.04 -16.45
N GLY A 422 -62.12 13.37 -16.95
CA GLY A 422 -62.80 13.82 -18.15
C GLY A 422 -63.93 14.71 -17.74
N ALA B 18 -17.43 -4.90 29.35
CA ALA B 18 -18.80 -4.59 28.83
C ALA B 18 -19.05 -5.12 27.43
N TYR B 19 -18.01 -5.67 26.78
CA TYR B 19 -18.08 -6.19 25.38
C TYR B 19 -18.54 -7.62 25.46
N ASP B 20 -19.82 -7.86 25.16
CA ASP B 20 -20.39 -9.20 25.30
C ASP B 20 -20.26 -9.98 23.97
N VAL B 21 -19.08 -10.53 23.73
CA VAL B 21 -18.82 -11.21 22.45
C VAL B 21 -19.68 -12.46 22.22
N GLU B 22 -20.01 -13.19 23.29
CA GLU B 22 -20.90 -14.34 23.18
C GLU B 22 -22.30 -13.91 22.69
N ALA B 23 -22.80 -12.78 23.19
CA ALA B 23 -24.09 -12.23 22.74
C ALA B 23 -24.04 -11.79 21.29
N ILE B 24 -22.94 -11.14 20.93
CA ILE B 24 -22.70 -10.67 19.58
C ILE B 24 -22.70 -11.85 18.60
N ARG B 25 -21.96 -12.92 18.94
CA ARG B 25 -21.87 -14.11 18.11
C ARG B 25 -23.23 -14.72 17.83
N ARG B 26 -24.11 -14.70 18.82
CA ARG B 26 -25.48 -15.20 18.63
C ARG B 26 -26.28 -14.44 17.56
N ASP B 27 -25.86 -13.24 17.20
CA ASP B 27 -26.50 -12.55 16.07
C ASP B 27 -26.12 -13.06 14.68
N PHE B 28 -25.06 -13.87 14.60
CA PHE B 28 -24.49 -14.36 13.31
C PHE B 28 -24.70 -15.87 13.16
N PRO B 29 -25.77 -16.28 12.46
CA PRO B 29 -26.18 -17.68 12.46
C PRO B 29 -25.08 -18.63 11.99
N ILE B 30 -24.31 -18.22 10.99
CA ILE B 30 -23.29 -19.09 10.42
C ILE B 30 -22.22 -19.54 11.42
N LEU B 31 -21.94 -18.71 12.43
CA LEU B 31 -20.83 -18.97 13.35
C LEU B 31 -20.99 -20.23 14.19
N SER B 32 -22.21 -20.72 14.29
CA SER B 32 -22.49 -21.92 15.04
C SER B 32 -22.44 -23.20 14.20
N ARG B 33 -22.28 -23.09 12.89
CA ARG B 33 -22.28 -24.27 12.01
C ARG B 33 -20.96 -25.04 12.11
N GLN B 34 -21.02 -26.30 11.71
CA GLN B 34 -19.84 -27.14 11.67
C GLN B 34 -19.26 -27.23 10.27
N VAL B 35 -17.97 -27.55 10.23
CA VAL B 35 -17.19 -27.62 9.00
C VAL B 35 -16.27 -28.84 9.12
N HIS B 36 -16.40 -29.80 8.20
CA HIS B 36 -15.73 -31.13 8.30
C HIS B 36 -15.99 -31.78 9.65
N GLY B 37 -17.25 -31.69 10.11
CA GLY B 37 -17.63 -32.20 11.44
C GLY B 37 -16.98 -31.48 12.61
N LYS B 38 -16.39 -30.33 12.34
CA LYS B 38 -15.62 -29.62 13.35
C LYS B 38 -16.11 -28.19 13.52
N THR B 39 -15.77 -27.60 14.65
CA THR B 39 -16.20 -26.24 14.96
C THR B 39 -15.59 -25.24 13.99
N LEU B 40 -16.43 -24.38 13.43
CA LEU B 40 -15.95 -23.32 12.55
C LEU B 40 -15.20 -22.26 13.35
N VAL B 41 -14.08 -21.82 12.80
CA VAL B 41 -13.28 -20.76 13.34
C VAL B 41 -12.90 -19.93 12.12
N TYR B 42 -13.76 -18.95 11.81
CA TYR B 42 -13.62 -18.17 10.60
C TYR B 42 -12.71 -16.96 10.81
N LEU B 43 -11.52 -17.03 10.24
CA LEU B 43 -10.53 -15.97 10.33
C LEU B 43 -10.10 -15.49 8.96
N ASP B 44 -11.02 -15.47 8.01
CA ASP B 44 -10.78 -14.90 6.68
C ASP B 44 -11.70 -13.70 6.42
N ASN B 45 -11.84 -12.87 7.44
CA ASN B 45 -12.75 -11.71 7.38
C ASN B 45 -12.27 -10.61 6.43
N GLY B 46 -10.96 -10.45 6.32
CA GLY B 46 -10.35 -9.52 5.38
C GLY B 46 -10.72 -9.75 3.93
N ALA B 47 -11.07 -10.99 3.59
CA ALA B 47 -11.56 -11.31 2.26
C ALA B 47 -13.07 -11.04 2.20
N SER B 48 -13.79 -11.53 3.18
CA SER B 48 -15.20 -11.19 3.32
C SER B 48 -15.71 -11.56 4.70
N ALA B 49 -16.64 -10.77 5.23
CA ALA B 49 -17.17 -10.96 6.58
C ALA B 49 -18.53 -11.62 6.60
N GLN B 50 -18.86 -12.24 7.73
CA GLN B 50 -20.15 -12.85 7.90
C GLN B 50 -21.19 -11.78 8.30
N LYS B 51 -22.45 -12.18 8.19
CA LYS B 51 -23.57 -11.30 8.22
C LYS B 51 -24.42 -11.53 9.47
N PRO B 52 -24.81 -10.44 10.16
CA PRO B 52 -25.71 -10.58 11.28
C PRO B 52 -27.12 -10.83 10.79
N GLN B 53 -27.92 -11.47 11.63
CA GLN B 53 -29.28 -11.79 11.28
C GLN B 53 -30.06 -10.57 10.75
N SER B 54 -29.84 -9.40 11.33
CA SER B 54 -30.56 -8.19 10.93
C SER B 54 -30.32 -7.82 9.47
N VAL B 55 -29.10 -7.99 8.99
CA VAL B 55 -28.80 -7.80 7.58
C VAL B 55 -29.55 -8.80 6.70
N ILE B 56 -29.64 -10.05 7.14
CA ILE B 56 -30.30 -11.10 6.36
C ILE B 56 -31.78 -10.85 6.35
N ASP B 57 -32.32 -10.50 7.52
CA ASP B 57 -33.72 -10.09 7.65
C ASP B 57 -34.06 -8.88 6.79
N ALA B 58 -33.17 -7.90 6.72
CA ALA B 58 -33.44 -6.71 5.91
C ALA B 58 -33.48 -7.05 4.42
N VAL B 59 -32.52 -7.88 3.98
CA VAL B 59 -32.55 -8.37 2.60
C VAL B 59 -33.85 -9.15 2.29
N THR B 60 -34.18 -10.10 3.16
CA THR B 60 -35.37 -10.91 2.98
C THR B 60 -36.62 -10.07 2.92
N HIS B 61 -36.78 -9.20 3.92
CA HIS B 61 -37.95 -8.36 3.97
C HIS B 61 -38.11 -7.47 2.72
N ALA B 62 -37.04 -6.86 2.28
CA ALA B 62 -37.07 -6.05 1.06
C ALA B 62 -37.61 -6.84 -0.15
N TYR B 63 -37.05 -8.03 -0.41
CA TYR B 63 -37.53 -8.84 -1.55
C TYR B 63 -38.94 -9.39 -1.35
N ALA B 64 -39.25 -9.80 -0.14
CA ALA B 64 -40.52 -10.46 0.15
C ALA B 64 -41.72 -9.51 0.25
N ASN B 65 -41.47 -8.26 0.67
CA ASN B 65 -42.55 -7.38 1.04
C ASN B 65 -42.53 -5.94 0.48
N GLU B 66 -41.36 -5.44 0.10
CA GLU B 66 -41.21 -4.04 -0.27
C GLU B 66 -40.32 -3.85 -1.49
N TYR B 67 -40.57 -4.61 -2.53
CA TYR B 67 -39.69 -4.65 -3.70
C TYR B 67 -40.27 -4.01 -4.96
N ALA B 68 -39.44 -3.20 -5.60
CA ALA B 68 -39.75 -2.52 -6.86
C ALA B 68 -38.49 -1.79 -7.28
N ASN B 69 -38.47 -1.24 -8.49
CA ASN B 69 -37.35 -0.37 -8.87
C ASN B 69 -37.48 0.99 -8.21
N VAL B 70 -36.42 1.79 -8.26
CA VAL B 70 -36.31 3.01 -7.45
C VAL B 70 -36.27 4.37 -8.16
N HIS B 71 -36.60 4.46 -9.44
CA HIS B 71 -36.69 5.81 -10.04
C HIS B 71 -37.82 6.57 -9.39
N ARG B 72 -37.84 6.65 -8.06
CA ARG B 72 -39.03 7.10 -7.31
C ARG B 72 -40.25 7.04 -8.23
N GLY B 73 -40.77 5.83 -8.48
CA GLY B 73 -42.01 5.67 -9.25
C GLY B 73 -43.18 6.24 -8.44
N LEU B 74 -44.29 6.53 -9.10
CA LEU B 74 -45.44 7.01 -8.36
C LEU B 74 -46.04 5.88 -7.49
N HIS B 75 -45.92 4.62 -7.90
CA HIS B 75 -46.73 3.56 -7.26
C HIS B 75 -46.15 3.11 -5.92
N PHE B 76 -46.99 2.48 -5.09
CA PHE B 76 -46.64 2.25 -3.69
C PHE B 76 -45.28 1.60 -3.53
N LEU B 77 -45.07 0.43 -4.13
CA LEU B 77 -43.82 -0.31 -3.91
C LEU B 77 -42.59 0.43 -4.41
N SER B 78 -42.69 1.13 -5.52
CA SER B 78 -41.57 1.91 -6.02
C SER B 78 -41.19 3.00 -5.02
N ASN B 79 -42.22 3.57 -4.40
CA ASN B 79 -42.05 4.50 -3.31
C ASN B 79 -41.41 3.94 -2.06
N ALA B 80 -41.94 2.81 -1.60
CA ALA B 80 -41.39 2.19 -0.41
C ALA B 80 -39.92 1.78 -0.63
N ALA B 81 -39.60 1.29 -1.82
CA ALA B 81 -38.23 0.85 -2.12
C ALA B 81 -37.29 2.04 -2.28
N THR B 82 -37.75 3.09 -2.94
CA THR B 82 -36.94 4.28 -3.05
C THR B 82 -36.62 4.85 -1.65
N ASP B 83 -37.59 4.85 -0.75
CA ASP B 83 -37.37 5.31 0.62
C ASP B 83 -36.31 4.51 1.33
N ALA B 84 -36.46 3.20 1.25
CA ALA B 84 -35.51 2.29 1.91
C ALA B 84 -34.13 2.49 1.35
N TYR B 85 -34.08 2.72 0.04
CA TYR B 85 -32.82 2.91 -0.65
C TYR B 85 -32.19 4.24 -0.25
N GLU B 86 -32.91 5.32 -0.44
CA GLU B 86 -32.46 6.67 0.06
C GLU B 86 -32.12 6.71 1.57
N LYS B 87 -32.84 5.96 2.38
CA LYS B 87 -32.43 5.79 3.78
C LYS B 87 -31.04 5.16 3.99
N SER B 88 -30.70 4.11 3.21
CA SER B 88 -29.33 3.52 3.23
C SER B 88 -28.28 4.51 2.87
N ARG B 89 -28.60 5.34 1.89
CA ARG B 89 -27.65 6.34 1.47
C ARG B 89 -27.35 7.28 2.65
N GLU B 90 -28.39 7.61 3.44
CA GLU B 90 -28.25 8.45 4.64
C GLU B 90 -27.46 7.75 5.75
N THR B 91 -27.69 6.45 5.94
CA THR B 91 -26.90 5.67 6.90
C THR B 91 -25.39 5.67 6.57
N VAL B 92 -25.07 5.51 5.29
CA VAL B 92 -23.68 5.56 4.83
C VAL B 92 -23.05 6.93 5.10
N ARG B 93 -23.78 7.97 4.72
CA ARG B 93 -23.40 9.35 4.98
C ARG B 93 -23.07 9.60 6.46
N ARG B 94 -23.97 9.20 7.35
CA ARG B 94 -23.73 9.30 8.81
C ARG B 94 -22.52 8.46 9.25
N PHE B 95 -22.44 7.22 8.72
CA PHE B 95 -21.36 6.31 9.10
C PHE B 95 -20.00 6.90 8.76
N LEU B 96 -19.88 7.50 7.59
CA LEU B 96 -18.63 8.14 7.16
C LEU B 96 -18.49 9.57 7.66
N ASN B 97 -19.58 10.12 8.18
CA ASN B 97 -19.65 11.51 8.57
C ASN B 97 -19.40 12.43 7.39
N ALA B 98 -19.95 12.06 6.23
CA ALA B 98 -19.87 12.92 5.06
C ALA B 98 -20.80 14.13 5.26
N GLY B 99 -20.48 15.24 4.61
CA GLY B 99 -21.25 16.46 4.68
C GLY B 99 -22.72 16.29 4.26
N SER B 100 -22.93 15.54 3.19
CA SER B 100 -24.20 15.44 2.49
C SER B 100 -24.40 14.05 1.83
N VAL B 101 -25.63 13.57 1.76
CA VAL B 101 -25.93 12.34 1.04
C VAL B 101 -25.54 12.39 -0.43
N ASP B 102 -25.51 13.59 -1.02
CA ASP B 102 -25.17 13.73 -2.44
C ASP B 102 -23.68 13.46 -2.74
N GLU B 103 -22.89 13.26 -1.68
CA GLU B 103 -21.49 12.92 -1.79
C GLU B 103 -21.25 11.37 -1.72
N ILE B 104 -22.34 10.60 -1.61
CA ILE B 104 -22.30 9.16 -1.51
C ILE B 104 -22.79 8.57 -2.80
N VAL B 105 -21.90 7.87 -3.49
CA VAL B 105 -22.22 7.11 -4.71
C VAL B 105 -22.17 5.61 -4.39
N PHE B 106 -23.25 4.92 -4.73
CA PHE B 106 -23.31 3.47 -4.61
C PHE B 106 -22.71 2.77 -5.86
N THR B 107 -21.88 1.77 -5.61
CA THR B 107 -21.25 0.94 -6.68
C THR B 107 -21.37 -0.55 -6.40
N LYS B 108 -20.89 -1.36 -7.35
CA LYS B 108 -20.84 -2.83 -7.21
C LYS B 108 -19.96 -3.25 -6.04
N ASN B 109 -18.82 -2.57 -5.90
CA ASN B 109 -17.83 -2.89 -4.91
C ASN B 109 -16.82 -1.76 -4.82
N ALA B 110 -15.87 -1.88 -3.91
CA ALA B 110 -14.86 -0.84 -3.77
C ALA B 110 -14.05 -0.72 -5.02
N THR B 111 -13.75 -1.85 -5.68
CA THR B 111 -12.95 -1.83 -6.89
C THR B 111 -13.56 -0.92 -7.92
N GLU B 112 -14.85 -1.10 -8.18
CA GLU B 112 -15.56 -0.22 -9.11
C GLU B 112 -15.54 1.27 -8.64
N ALA B 113 -15.65 1.52 -7.34
CA ALA B 113 -15.55 2.89 -6.80
C ALA B 113 -14.24 3.55 -7.21
N ILE B 114 -13.14 2.79 -7.09
CA ILE B 114 -11.82 3.31 -7.47
C ILE B 114 -11.76 3.56 -8.98
N ASN B 115 -12.26 2.62 -9.78
CA ASN B 115 -12.31 2.82 -11.24
C ASN B 115 -13.13 4.08 -11.65
N THR B 116 -14.20 4.37 -10.89
CA THR B 116 -15.07 5.53 -11.17
C THR B 116 -14.26 6.83 -11.13
N VAL B 117 -13.43 6.95 -10.09
CA VAL B 117 -12.45 8.02 -10.00
C VAL B 117 -11.37 7.96 -11.07
N ALA B 118 -10.80 6.77 -11.30
CA ALA B 118 -9.71 6.64 -12.25
C ALA B 118 -10.17 7.03 -13.64
N TYR B 119 -11.37 6.61 -14.03
CA TYR B 119 -11.89 6.96 -15.35
C TYR B 119 -12.49 8.37 -15.40
N GLY B 120 -13.19 8.76 -14.32
CA GLY B 120 -13.92 10.01 -14.24
C GLY B 120 -13.04 11.23 -14.04
N TYR B 121 -12.06 11.12 -13.16
CA TYR B 121 -11.10 12.19 -12.86
C TYR B 121 -9.73 11.98 -13.50
N GLY B 122 -9.14 10.83 -13.22
CA GLY B 122 -7.74 10.56 -13.55
C GLY B 122 -7.43 10.66 -15.04
N MET B 123 -8.31 10.08 -15.83
CA MET B 123 -8.11 10.01 -17.26
C MET B 123 -8.15 11.37 -17.98
N PRO B 124 -9.19 12.20 -17.72
CA PRO B 124 -9.16 13.56 -18.28
C PRO B 124 -8.06 14.48 -17.77
N PHE B 125 -7.59 14.27 -16.55
CA PHE B 125 -6.70 15.22 -15.88
C PHE B 125 -5.26 14.76 -15.63
N ILE B 126 -4.92 13.52 -15.98
CA ILE B 126 -3.58 13.03 -15.76
C ILE B 126 -3.02 12.47 -17.07
N GLY B 127 -1.89 13.03 -17.51
CA GLY B 127 -1.29 12.72 -18.81
C GLY B 127 0.18 12.39 -18.78
N GLU B 128 0.83 12.51 -19.96
CA GLU B 128 2.20 12.03 -20.16
C GLU B 128 3.17 12.68 -19.19
N GLY B 129 3.85 11.85 -18.39
CA GLY B 129 4.83 12.34 -17.44
C GLY B 129 4.28 12.67 -16.06
N ASP B 130 2.97 12.93 -15.97
CA ASP B 130 2.34 13.19 -14.68
C ASP B 130 2.47 11.98 -13.76
N GLU B 131 2.51 12.23 -12.46
CA GLU B 131 2.76 11.19 -11.47
C GLU B 131 1.52 10.88 -10.64
N ILE B 132 1.33 9.59 -10.37
CA ILE B 132 0.30 9.13 -9.44
C ILE B 132 1.01 8.45 -8.29
N LEU B 133 0.77 8.92 -7.07
CA LEU B 133 1.53 8.51 -5.91
C LEU B 133 0.73 7.56 -5.07
N LEU B 134 1.26 6.34 -4.93
CA LEU B 134 0.63 5.27 -4.19
C LEU B 134 1.52 4.82 -3.07
N SER B 135 1.08 3.81 -2.32
CA SER B 135 1.95 3.12 -1.38
C SER B 135 2.26 1.75 -1.91
N ILE B 136 3.32 1.16 -1.38
CA ILE B 136 3.68 -0.20 -1.72
C ILE B 136 2.67 -1.20 -1.18
N MET B 137 1.84 -0.78 -0.21
CA MET B 137 0.85 -1.67 0.41
C MET B 137 -0.45 -1.84 -0.39
N GLU B 138 -0.61 -1.12 -1.48
CA GLU B 138 -1.90 -1.10 -2.15
C GLU B 138 -2.35 -2.46 -2.63
N HIS B 139 -3.61 -2.76 -2.34
CA HIS B 139 -4.38 -3.80 -2.98
C HIS B 139 -4.44 -3.50 -4.48
N HIS B 140 -4.47 -4.56 -5.29
CA HIS B 140 -4.48 -4.44 -6.76
C HIS B 140 -5.52 -3.48 -7.30
N SER B 141 -6.71 -3.50 -6.71
CA SER B 141 -7.79 -2.59 -7.06
C SER B 141 -7.45 -1.08 -6.89
N ASN B 142 -6.52 -0.76 -6.00
CA ASN B 142 -5.97 0.58 -5.92
C ASN B 142 -4.61 0.71 -6.62
N ILE B 143 -4.40 -0.10 -7.65
CA ILE B 143 -3.19 -0.03 -8.50
C ILE B 143 -3.56 -0.07 -9.98
N VAL B 144 -4.30 -1.09 -10.37
CA VAL B 144 -4.58 -1.36 -11.77
C VAL B 144 -5.29 -0.21 -12.46
N PRO B 145 -6.30 0.40 -11.81
CA PRO B 145 -6.97 1.54 -12.47
C PRO B 145 -6.01 2.69 -12.80
N TRP B 146 -5.07 2.93 -11.91
CA TRP B 146 -4.04 3.92 -12.14
C TRP B 146 -3.03 3.46 -13.21
N HIS B 147 -2.68 2.18 -13.21
CA HIS B 147 -1.87 1.62 -14.27
C HIS B 147 -2.45 1.86 -15.65
N PHE B 148 -3.77 1.82 -15.76
CA PHE B 148 -4.41 2.10 -17.06
C PHE B 148 -3.98 3.46 -17.61
N ILE B 149 -3.84 4.43 -16.72
CA ILE B 149 -3.45 5.76 -17.14
C ILE B 149 -1.97 5.75 -17.55
N ARG B 150 -1.15 5.01 -16.82
CA ARG B 150 0.25 4.80 -17.21
C ARG B 150 0.32 4.18 -18.60
N GLU B 151 -0.41 3.10 -18.76
CA GLU B 151 -0.37 2.29 -19.96
C GLU B 151 -0.99 3.01 -21.15
N ARG B 152 -2.09 3.70 -20.94
CA ARG B 152 -2.82 4.31 -22.05
C ARG B 152 -2.43 5.77 -22.33
N GLN B 153 -1.94 6.48 -21.31
CA GLN B 153 -1.68 7.94 -21.42
C GLN B 153 -0.30 8.40 -20.98
N GLY B 154 0.52 7.48 -20.50
CA GLY B 154 1.90 7.77 -20.20
C GLY B 154 2.16 8.41 -18.84
N ALA B 155 1.25 8.23 -17.90
CA ALA B 155 1.49 8.64 -16.52
C ALA B 155 2.53 7.72 -15.88
N LYS B 156 3.18 8.20 -14.83
CA LYS B 156 4.11 7.36 -14.05
C LYS B 156 3.49 7.08 -12.68
N LEU B 157 3.63 5.84 -12.23
CA LEU B 157 3.27 5.43 -10.88
C LEU B 157 4.49 5.49 -9.98
N VAL B 158 4.28 6.02 -8.78
CA VAL B 158 5.34 6.12 -7.79
C VAL B 158 4.82 5.46 -6.53
N PHE B 159 5.68 4.74 -5.83
CA PHE B 159 5.26 3.91 -4.70
C PHE B 159 5.97 4.33 -3.44
N THR B 160 5.20 4.82 -2.47
CA THR B 160 5.74 5.13 -1.18
C THR B 160 6.07 3.84 -0.46
N PRO B 161 7.28 3.73 0.06
CA PRO B 161 7.64 2.54 0.78
C PRO B 161 7.16 2.48 2.22
N VAL B 162 7.45 1.37 2.85
CA VAL B 162 7.18 1.11 4.24
C VAL B 162 8.40 0.36 4.78
N ASP B 163 8.65 0.41 6.08
CA ASP B 163 9.83 -0.25 6.63
C ASP B 163 9.57 -1.73 6.93
N ASP B 164 10.64 -2.44 7.31
CA ASP B 164 10.57 -3.90 7.54
C ASP B 164 9.59 -4.31 8.62
N ASN B 165 9.39 -3.45 9.61
CA ASN B 165 8.39 -3.69 10.64
C ASN B 165 6.98 -3.38 10.15
N GLY B 166 6.82 -2.86 8.94
CA GLY B 166 5.51 -2.49 8.39
C GLY B 166 5.06 -1.05 8.71
N VAL B 167 5.96 -0.27 9.31
CA VAL B 167 5.63 1.07 9.73
C VAL B 167 5.77 2.05 8.55
N PHE B 168 4.74 2.88 8.38
CA PHE B 168 4.69 3.92 7.36
C PHE B 168 5.28 5.23 7.91
N HIS B 169 6.12 5.88 7.14
CA HIS B 169 6.86 7.05 7.56
C HIS B 169 6.47 8.21 6.67
N ILE B 170 5.81 9.23 7.26
CA ILE B 170 5.29 10.37 6.51
C ILE B 170 6.41 11.05 5.72
N GLU B 171 7.59 11.14 6.31
CA GLU B 171 8.71 11.82 5.67
C GLU B 171 9.02 11.17 4.33
N GLU B 172 8.72 9.89 4.20
CA GLU B 172 8.96 9.13 2.97
C GLU B 172 7.91 9.40 1.90
N PHE B 173 6.67 9.60 2.33
CA PHE B 173 5.63 10.09 1.43
C PHE B 173 5.95 11.49 0.91
N GLU B 174 6.37 12.37 1.82
CA GLU B 174 6.59 13.77 1.48
C GLU B 174 7.69 13.97 0.48
N LYS B 175 8.75 13.16 0.57
CA LYS B 175 9.86 13.25 -0.39
C LYS B 175 9.45 12.95 -1.81
N ARG B 176 8.39 12.15 -1.97
CA ARG B 176 7.98 11.66 -3.28
C ARG B 176 6.89 12.50 -3.93
N LEU B 177 6.40 13.49 -3.19
CA LEU B 177 5.53 14.52 -3.76
C LEU B 177 6.37 15.44 -4.63
N SER B 178 5.83 15.83 -5.79
CA SER B 178 6.54 16.76 -6.67
C SER B 178 5.55 17.57 -7.49
N GLU B 179 6.08 18.53 -8.25
CA GLU B 179 5.28 19.34 -9.18
C GLU B 179 4.53 18.48 -10.21
N ARG B 180 5.01 17.27 -10.47
CA ARG B 180 4.36 16.38 -11.44
C ARG B 180 3.25 15.49 -10.85
N THR B 181 3.19 15.39 -9.52
CA THR B 181 2.16 14.61 -8.84
C THR B 181 0.79 15.23 -9.09
N LYS B 182 -0.10 14.47 -9.69
CA LYS B 182 -1.47 14.91 -9.97
C LYS B 182 -2.53 14.24 -9.12
N LEU B 183 -2.19 13.17 -8.44
CA LEU B 183 -3.12 12.44 -7.61
C LEU B 183 -2.38 11.51 -6.67
N VAL B 184 -2.94 11.36 -5.48
CA VAL B 184 -2.48 10.45 -4.48
C VAL B 184 -3.61 9.49 -4.27
N ALA B 185 -3.27 8.19 -4.32
CA ALA B 185 -4.24 7.14 -4.06
C ALA B 185 -3.57 6.25 -3.09
N ILE B 186 -4.14 6.10 -1.91
CA ILE B 186 -3.45 5.39 -0.88
C ILE B 186 -4.39 4.68 0.04
N THR B 187 -3.97 3.56 0.61
CA THR B 187 -4.82 2.79 1.53
C THR B 187 -4.92 3.45 2.92
N HIS B 188 -6.06 3.26 3.56
CA HIS B 188 -6.25 3.64 4.94
C HIS B 188 -5.62 2.58 5.85
N MET B 189 -5.93 1.32 5.58
CA MET B 189 -5.36 0.21 6.33
C MET B 189 -4.93 -0.91 5.33
N SER B 190 -3.69 -1.36 5.45
CA SER B 190 -3.16 -2.43 4.63
C SER B 190 -3.90 -3.72 4.91
N ASN B 191 -4.37 -4.35 3.84
CA ASN B 191 -5.06 -5.64 3.96
C ASN B 191 -4.14 -6.82 4.27
N THR B 192 -2.83 -6.56 4.40
CA THR B 192 -1.82 -7.60 4.69
C THR B 192 -1.08 -7.37 5.99
N LEU B 193 -0.52 -6.18 6.12
CA LEU B 193 0.23 -5.78 7.31
C LEU B 193 -0.68 -5.33 8.43
N GLY B 194 -1.87 -4.88 8.06
CA GLY B 194 -2.77 -4.19 9.01
C GLY B 194 -2.33 -2.77 9.35
N THR B 195 -1.26 -2.30 8.73
CA THR B 195 -0.72 -0.97 9.00
C THR B 195 -1.76 0.12 8.76
N VAL B 196 -1.91 1.01 9.73
CA VAL B 196 -2.79 2.17 9.57
C VAL B 196 -1.97 3.30 8.99
N VAL B 197 -2.46 3.89 7.90
CA VAL B 197 -1.78 5.01 7.25
C VAL B 197 -2.27 6.34 7.86
N PRO B 198 -1.35 7.29 8.12
CA PRO B 198 -1.79 8.58 8.76
C PRO B 198 -2.40 9.54 7.73
N ILE B 199 -3.65 9.28 7.41
CA ILE B 199 -4.27 9.89 6.25
C ILE B 199 -4.55 11.37 6.37
N LYS B 200 -4.99 11.83 7.55
CA LYS B 200 -5.17 13.27 7.75
C LYS B 200 -3.90 14.01 7.38
N LYS B 201 -2.76 13.55 7.90
CA LYS B 201 -1.49 14.23 7.65
C LYS B 201 -1.16 14.23 6.16
N ILE B 202 -1.49 13.13 5.48
CA ILE B 202 -1.20 12.97 4.05
C ILE B 202 -2.01 13.94 3.22
N VAL B 203 -3.28 14.04 3.54
CA VAL B 203 -4.16 15.03 2.88
C VAL B 203 -3.70 16.47 3.11
N GLU B 204 -3.31 16.79 4.33
CA GLU B 204 -2.78 18.10 4.62
C GLU B 204 -1.65 18.44 3.65
N LEU B 205 -0.67 17.54 3.55
CA LEU B 205 0.48 17.74 2.68
C LEU B 205 0.09 17.83 1.21
N ALA B 206 -0.84 16.99 0.80
CA ALA B 206 -1.24 16.96 -0.60
C ALA B 206 -1.99 18.21 -0.98
N HIS B 207 -3.01 18.54 -0.19
CA HIS B 207 -3.83 19.72 -0.45
C HIS B 207 -3.02 21.01 -0.45
N ALA B 208 -1.98 21.09 0.38
CA ALA B 208 -1.09 22.25 0.36
C ALA B 208 -0.45 22.46 -1.01
N ARG B 209 -0.41 21.42 -1.83
CA ARG B 209 0.12 21.52 -3.20
C ARG B 209 -0.97 21.47 -4.26
N GLY B 210 -2.22 21.44 -3.86
CA GLY B 210 -3.34 21.35 -4.80
C GLY B 210 -3.61 19.96 -5.36
N ILE B 211 -3.09 18.93 -4.70
CA ILE B 211 -3.21 17.56 -5.20
C ILE B 211 -4.33 16.79 -4.48
N PRO B 212 -5.29 16.23 -5.23
CA PRO B 212 -6.33 15.46 -4.59
C PRO B 212 -5.89 14.08 -4.12
N VAL B 213 -6.59 13.57 -3.11
CA VAL B 213 -6.25 12.29 -2.49
C VAL B 213 -7.44 11.35 -2.52
N LEU B 214 -7.23 10.13 -3.03
CA LEU B 214 -8.21 9.06 -2.89
C LEU B 214 -7.76 8.13 -1.80
N VAL B 215 -8.68 7.70 -0.95
CA VAL B 215 -8.34 6.77 0.12
C VAL B 215 -9.08 5.45 -0.05
N ASP B 216 -8.32 4.35 -0.06
CA ASP B 216 -8.89 3.00 -0.14
C ASP B 216 -9.18 2.55 1.27
N GLY B 217 -10.45 2.56 1.64
CA GLY B 217 -10.86 2.28 3.02
C GLY B 217 -11.57 0.96 3.14
N SER B 218 -11.35 0.08 2.16
CA SER B 218 -11.99 -1.23 2.15
C SER B 218 -11.71 -2.05 3.40
N GLN B 219 -10.54 -1.90 4.00
CA GLN B 219 -10.28 -2.42 5.35
C GLN B 219 -10.50 -1.38 6.47
N GLY B 220 -10.05 -0.14 6.23
CA GLY B 220 -10.19 0.95 7.20
C GLY B 220 -11.60 1.14 7.81
N ALA B 221 -12.60 1.09 6.94
CA ALA B 221 -13.97 1.20 7.33
C ALA B 221 -14.43 0.06 8.22
N VAL B 222 -13.79 -1.09 8.15
CA VAL B 222 -14.21 -2.25 8.93
C VAL B 222 -13.66 -2.14 10.33
N HIS B 223 -12.48 -1.51 10.43
CA HIS B 223 -11.64 -1.62 11.63
C HIS B 223 -11.28 -0.34 12.33
N LEU B 224 -11.64 0.79 11.73
CA LEU B 224 -11.38 2.10 12.31
C LEU B 224 -12.60 3.02 12.28
N PRO B 225 -12.70 3.92 13.29
CA PRO B 225 -13.64 5.03 13.17
C PRO B 225 -13.24 5.89 11.98
N VAL B 226 -14.20 6.24 11.14
CA VAL B 226 -13.90 7.01 9.95
C VAL B 226 -14.70 8.30 9.92
N ASP B 227 -14.01 9.42 9.80
CA ASP B 227 -14.66 10.72 9.63
C ASP B 227 -14.03 11.40 8.42
N VAL B 228 -14.69 11.33 7.28
CA VAL B 228 -14.11 11.82 6.02
C VAL B 228 -13.96 13.35 5.93
N GLN B 229 -14.64 14.09 6.80
CA GLN B 229 -14.43 15.53 6.87
C GLN B 229 -13.22 15.88 7.72
N ASP B 230 -13.01 15.12 8.79
CA ASP B 230 -11.81 15.29 9.59
C ASP B 230 -10.57 14.79 8.85
N LEU B 231 -10.73 13.74 8.05
CA LEU B 231 -9.67 13.31 7.13
C LEU B 231 -9.44 14.32 6.01
N GLY B 232 -10.52 14.90 5.50
CA GLY B 232 -10.43 15.91 4.44
C GLY B 232 -10.19 15.31 3.06
N CYS B 233 -10.21 14.00 2.95
CA CYS B 233 -9.83 13.36 1.69
C CYS B 233 -10.82 13.69 0.59
N ASP B 234 -10.35 13.79 -0.63
CA ASP B 234 -11.22 14.07 -1.77
C ASP B 234 -12.14 12.92 -2.12
N TRP B 235 -11.64 11.68 -1.99
CA TRP B 235 -12.49 10.50 -2.12
C TRP B 235 -12.14 9.44 -1.09
N TYR B 236 -13.13 8.64 -0.72
CA TYR B 236 -12.94 7.54 0.20
C TYR B 236 -13.82 6.42 -0.30
N VAL B 237 -13.26 5.22 -0.45
CA VAL B 237 -14.04 4.07 -0.92
C VAL B 237 -14.07 2.98 0.13
N PHE B 238 -15.14 2.22 0.16
CA PHE B 238 -15.17 1.00 0.94
C PHE B 238 -16.09 -0.04 0.31
N THR B 239 -16.11 -1.24 0.87
CA THR B 239 -16.86 -2.33 0.20
C THR B 239 -17.81 -2.98 1.20
N GLY B 240 -19.03 -3.28 0.76
CA GLY B 240 -20.09 -3.72 1.66
C GLY B 240 -19.85 -5.05 2.33
N HIS B 241 -19.34 -6.01 1.57
CA HIS B 241 -19.23 -7.38 2.06
C HIS B 241 -18.24 -7.52 3.20
N1 LLP B 242 -8.77 -2.56 -1.36
C2 LLP B 242 -8.47 -3.18 -0.21
C2' LLP B 242 -7.46 -2.58 0.72
C3 LLP B 242 -9.17 -4.44 0.15
O3 LLP B 242 -8.89 -5.12 1.29
C4 LLP B 242 -10.19 -4.94 -0.77
C4' LLP B 242 -10.91 -6.25 -0.53
C5 LLP B 242 -10.43 -4.12 -1.99
C6 LLP B 242 -9.68 -2.98 -2.24
C5' LLP B 242 -11.40 -4.61 -3.04
OP4 LLP B 242 -12.71 -4.72 -2.53
P LLP B 242 -13.78 -5.46 -3.43
OP1 LLP B 242 -15.06 -5.56 -2.69
OP2 LLP B 242 -13.75 -4.64 -4.68
OP3 LLP B 242 -13.21 -6.83 -3.65
N LLP B 242 -17.27 -6.63 3.26
CA LLP B 242 -16.33 -6.60 4.38
CB LLP B 242 -15.05 -5.90 3.93
CG LLP B 242 -14.40 -6.75 2.82
CD LLP B 242 -13.01 -6.23 2.49
CE LLP B 242 -12.48 -6.97 1.27
NZ LLP B 242 -11.18 -6.48 0.85
C LLP B 242 -16.87 -5.92 5.64
O LLP B 242 -16.40 -6.20 6.75
N VAL B 243 -17.85 -5.02 5.48
CA VAL B 243 -18.49 -4.36 6.65
C VAL B 243 -19.75 -5.10 7.04
N TYR B 244 -19.66 -6.43 7.04
CA TYR B 244 -20.74 -7.28 7.55
C TYR B 244 -22.00 -7.16 6.74
N GLY B 245 -21.85 -6.69 5.50
CA GLY B 245 -22.99 -6.44 4.65
C GLY B 245 -23.07 -7.29 3.40
N PRO B 246 -24.09 -7.05 2.57
CA PRO B 246 -24.32 -7.78 1.37
C PRO B 246 -23.13 -7.75 0.42
N SER B 247 -23.01 -8.81 -0.38
CA SER B 247 -22.19 -8.76 -1.57
C SER B 247 -22.89 -7.87 -2.57
N GLY B 248 -22.16 -7.45 -3.59
CA GLY B 248 -22.76 -6.65 -4.66
C GLY B 248 -22.96 -5.17 -4.32
N ILE B 249 -22.32 -4.67 -3.26
CA ILE B 249 -22.45 -3.27 -2.95
C ILE B 249 -21.15 -2.64 -2.53
N GLY B 250 -20.83 -1.54 -3.18
CA GLY B 250 -19.73 -0.69 -2.78
C GLY B 250 -20.14 0.77 -2.55
N VAL B 251 -19.20 1.54 -2.03
CA VAL B 251 -19.41 2.96 -1.81
C VAL B 251 -18.25 3.79 -2.29
N LEU B 252 -18.56 4.82 -3.07
CA LEU B 252 -17.64 5.92 -3.32
C LEU B 252 -18.12 7.22 -2.62
N TYR B 253 -17.34 7.70 -1.66
CA TYR B 253 -17.54 9.05 -1.15
C TYR B 253 -16.62 9.98 -1.91
N GLY B 254 -17.16 11.11 -2.35
CA GLY B 254 -16.37 12.17 -2.94
C GLY B 254 -16.91 13.56 -2.52
N ARG B 255 -16.00 14.46 -2.15
CA ARG B 255 -16.32 15.84 -1.93
C ARG B 255 -17.06 16.33 -3.15
N ALA B 256 -18.16 17.04 -2.90
CA ALA B 256 -19.06 17.46 -3.96
C ALA B 256 -18.35 18.10 -5.15
N GLN B 257 -17.39 18.95 -4.84
CA GLN B 257 -16.71 19.77 -5.84
C GLN B 257 -15.86 18.85 -6.70
N MET B 258 -15.37 17.76 -6.12
CA MET B 258 -14.54 16.82 -6.84
C MET B 258 -15.37 15.86 -7.66
N LEU B 259 -16.53 15.45 -7.14
CA LEU B 259 -17.45 14.62 -7.91
C LEU B 259 -17.93 15.40 -9.13
N GLU B 260 -18.13 16.70 -8.95
CA GLU B 260 -18.70 17.56 -9.95
C GLU B 260 -17.74 17.72 -11.11
N LYS B 261 -16.47 17.85 -10.79
CA LYS B 261 -15.40 17.88 -11.76
C LYS B 261 -15.25 16.60 -12.65
N MET B 262 -15.74 15.48 -12.19
CA MET B 262 -15.56 14.22 -12.88
C MET B 262 -16.58 14.03 -14.00
N ARG B 263 -16.10 13.61 -15.16
CA ARG B 263 -16.99 13.18 -16.24
C ARG B 263 -17.60 11.82 -15.90
N PRO B 264 -18.68 11.45 -16.60
CA PRO B 264 -19.29 10.16 -16.36
C PRO B 264 -18.33 8.96 -16.61
N PHE B 265 -18.48 7.93 -15.78
CA PHE B 265 -17.80 6.64 -15.96
C PHE B 265 -18.70 5.71 -16.77
N GLN B 266 -19.63 5.03 -16.12
CA GLN B 266 -20.62 4.25 -16.86
C GLN B 266 -21.81 5.08 -17.33
N GLY B 267 -22.27 4.78 -18.53
CA GLY B 267 -23.33 5.52 -19.20
C GLY B 267 -24.62 4.73 -19.29
N GLY B 268 -25.74 5.41 -19.14
CA GLY B 268 -27.02 4.78 -19.36
C GLY B 268 -28.20 5.43 -18.66
N GLY B 269 -29.24 4.64 -18.46
CA GLY B 269 -30.39 5.09 -17.69
C GLY B 269 -30.00 5.69 -16.35
N GLU B 270 -30.75 6.71 -15.91
CA GLU B 270 -30.70 7.28 -14.54
C GLU B 270 -29.50 8.18 -14.24
N MET B 271 -28.60 8.36 -15.20
CA MET B 271 -27.47 9.27 -15.03
C MET B 271 -27.51 10.37 -16.08
N ILE B 272 -28.56 10.38 -16.88
CA ILE B 272 -28.75 11.41 -17.88
C ILE B 272 -29.75 12.48 -17.42
N GLU B 273 -29.73 13.62 -18.09
CA GLU B 273 -30.76 14.63 -17.96
C GLU B 273 -31.62 14.54 -19.19
N GLU B 274 -31.00 14.76 -20.35
CA GLU B 274 -31.68 14.61 -21.65
C GLU B 274 -30.88 13.66 -22.59
N VAL B 275 -31.61 12.78 -23.28
CA VAL B 275 -31.06 11.98 -24.36
C VAL B 275 -31.83 12.26 -25.65
N THR B 276 -31.12 12.75 -26.66
CA THR B 276 -31.65 12.84 -28.02
C THR B 276 -30.75 12.04 -28.96
N GLU B 277 -31.20 11.84 -30.19
CA GLU B 277 -30.40 11.18 -31.20
C GLU B 277 -29.05 11.87 -31.39
N GLU B 278 -29.06 13.19 -31.25
CA GLU B 278 -27.90 14.02 -31.56
C GLU B 278 -26.93 14.22 -30.39
N ASN B 279 -27.43 14.12 -29.16
CA ASN B 279 -26.60 14.41 -28.00
C ASN B 279 -27.16 13.86 -26.69
N VAL B 280 -26.33 13.83 -25.66
CA VAL B 280 -26.71 13.41 -24.32
C VAL B 280 -26.18 14.41 -23.31
N THR B 281 -27.01 14.77 -22.33
CA THR B 281 -26.57 15.61 -21.23
C THR B 281 -26.72 14.81 -19.98
N TYR B 282 -25.90 15.12 -18.99
CA TYR B 282 -25.76 14.28 -17.81
C TYR B 282 -26.27 14.91 -16.53
N ASN B 283 -26.80 14.05 -15.68
CA ASN B 283 -27.16 14.39 -14.29
C ASN B 283 -25.98 14.93 -13.53
N HIS B 284 -26.26 15.45 -12.35
CA HIS B 284 -25.20 15.85 -11.43
C HIS B 284 -24.96 14.68 -10.46
N PRO B 285 -23.82 14.69 -9.76
CA PRO B 285 -23.61 13.68 -8.74
C PRO B 285 -24.68 13.69 -7.66
N PRO B 286 -24.96 12.56 -7.01
CA PRO B 286 -24.26 11.27 -7.18
C PRO B 286 -24.79 10.46 -8.37
N HIS B 287 -25.94 10.84 -8.89
CA HIS B 287 -26.64 10.07 -9.90
C HIS B 287 -25.89 10.01 -11.20
N ARG B 288 -25.08 11.04 -11.45
CA ARG B 288 -24.24 11.04 -12.63
C ARG B 288 -23.45 9.74 -12.75
N PHE B 289 -23.14 9.14 -11.60
CA PHE B 289 -22.25 8.01 -11.52
C PHE B 289 -22.91 6.66 -11.24
N GLU B 290 -24.23 6.59 -11.28
CA GLU B 290 -24.98 5.39 -10.98
C GLU B 290 -25.84 5.09 -12.16
N ALA B 291 -25.23 4.40 -13.13
CA ALA B 291 -25.90 4.06 -14.37
C ALA B 291 -26.74 2.80 -14.19
N GLY B 292 -27.93 2.78 -14.77
CA GLY B 292 -28.86 1.66 -14.63
C GLY B 292 -29.34 1.35 -13.22
N THR B 293 -30.19 0.34 -13.10
CA THR B 293 -30.68 -0.11 -11.83
C THR B 293 -29.53 -0.41 -10.90
N PRO B 294 -29.51 0.18 -9.71
CA PRO B 294 -28.40 -0.03 -8.81
C PRO B 294 -28.65 -1.24 -7.96
N PRO B 295 -27.71 -1.57 -7.08
CA PRO B 295 -27.92 -2.72 -6.23
C PRO B 295 -28.81 -2.37 -5.02
N ILE B 296 -30.11 -2.34 -5.32
CA ILE B 296 -31.12 -1.79 -4.45
C ILE B 296 -31.10 -2.46 -3.09
N VAL B 297 -31.38 -3.75 -3.10
CA VAL B 297 -31.56 -4.51 -1.87
C VAL B 297 -30.26 -4.67 -1.14
N GLN B 298 -29.17 -4.60 -1.86
CA GLN B 298 -27.83 -4.70 -1.29
C GLN B 298 -27.49 -3.41 -0.54
N ALA B 299 -27.86 -2.28 -1.12
CA ALA B 299 -27.75 -0.97 -0.42
C ALA B 299 -28.56 -0.97 0.90
N ILE B 300 -29.80 -1.39 0.82
CA ILE B 300 -30.64 -1.54 2.01
C ILE B 300 -29.96 -2.46 3.03
N GLY B 301 -29.48 -3.65 2.60
CA GLY B 301 -28.81 -4.56 3.51
C GLY B 301 -27.56 -3.97 4.10
N LEU B 302 -26.84 -3.18 3.32
CA LEU B 302 -25.65 -2.49 3.82
C LEU B 302 -26.00 -1.53 4.99
N GLY B 303 -27.04 -0.73 4.79
CA GLY B 303 -27.59 0.11 5.84
C GLY B 303 -27.78 -0.60 7.15
N ALA B 304 -28.43 -1.77 7.10
CA ALA B 304 -28.63 -2.60 8.28
C ALA B 304 -27.30 -3.05 8.89
N ALA B 305 -26.31 -3.29 8.04
CA ALA B 305 -25.02 -3.72 8.53
C ALA B 305 -24.28 -2.63 9.25
N LEU B 306 -24.27 -1.45 8.67
CA LEU B 306 -23.66 -0.29 9.34
C LEU B 306 -24.37 0.09 10.63
N GLU B 307 -25.68 -0.11 10.69
CA GLU B 307 -26.42 0.13 11.94
C GLU B 307 -25.99 -0.88 12.98
N TYR B 308 -25.73 -2.13 12.53
CA TYR B 308 -25.28 -3.16 13.44
C TYR B 308 -24.01 -2.71 14.12
N MET B 309 -23.07 -2.22 13.31
CA MET B 309 -21.78 -1.76 13.82
C MET B 309 -21.95 -0.59 14.79
N GLU B 310 -22.86 0.33 14.48
CA GLU B 310 -23.17 1.43 15.42
C GLU B 310 -23.74 0.89 16.72
N LYS B 311 -24.61 -0.09 16.66
CA LYS B 311 -25.23 -0.65 17.85
C LYS B 311 -24.17 -1.19 18.81
N ILE B 312 -23.16 -1.90 18.29
CA ILE B 312 -22.11 -2.44 19.16
C ILE B 312 -21.23 -1.31 19.66
N GLY B 313 -20.95 -0.34 18.79
CA GLY B 313 -20.14 0.81 19.15
C GLY B 313 -18.78 0.67 18.53
N ARG B 314 -18.44 1.62 17.68
CA ARG B 314 -17.24 1.55 16.87
C ARG B 314 -15.93 1.54 17.66
N HIS B 315 -15.96 2.20 18.80
CA HIS B 315 -14.81 2.26 19.67
C HIS B 315 -14.72 1.03 20.55
N ALA B 316 -15.86 0.42 20.87
CA ALA B 316 -15.86 -0.83 21.59
C ALA B 316 -15.23 -1.93 20.67
N ILE B 317 -15.59 -1.90 19.39
CA ILE B 317 -15.05 -2.81 18.43
C ILE B 317 -13.54 -2.65 18.35
N LEU B 318 -13.09 -1.40 18.23
CA LEU B 318 -11.66 -1.10 18.12
C LEU B 318 -10.89 -1.61 19.32
N ALA B 319 -11.45 -1.47 20.51
CA ALA B 319 -10.81 -2.00 21.71
C ALA B 319 -10.72 -3.53 21.69
N HIS B 320 -11.80 -4.18 21.26
CA HIS B 320 -11.89 -5.63 21.23
C HIS B 320 -10.94 -6.24 20.18
N GLU B 321 -10.91 -5.65 18.99
CA GLU B 321 -10.01 -6.10 17.96
C GLU B 321 -8.55 -5.84 18.30
N ALA B 322 -8.31 -4.78 19.08
CA ALA B 322 -6.96 -4.50 19.55
C ALA B 322 -6.48 -5.57 20.52
N ASP B 323 -7.35 -6.00 21.42
CA ASP B 323 -7.05 -7.10 22.32
C ASP B 323 -6.75 -8.40 21.53
N LEU B 324 -7.55 -8.71 20.52
CA LEU B 324 -7.31 -9.90 19.67
C LEU B 324 -5.97 -9.82 18.92
N ARG B 325 -5.66 -8.63 18.41
CA ARG B 325 -4.39 -8.41 17.73
C ARG B 325 -3.22 -8.70 18.64
N ASP B 326 -3.23 -8.08 19.82
CA ASP B 326 -2.11 -8.18 20.77
C ASP B 326 -1.94 -9.61 21.28
N TYR B 327 -3.07 -10.24 21.59
CA TYR B 327 -3.07 -11.63 22.05
C TYR B 327 -2.56 -12.60 20.95
N ALA B 328 -2.97 -12.35 19.71
CA ALA B 328 -2.50 -13.16 18.57
C ALA B 328 -1.00 -13.02 18.36
N HIS B 329 -0.49 -11.80 18.47
CA HIS B 329 0.95 -11.57 18.35
C HIS B 329 1.73 -12.26 19.45
N GLU B 330 1.16 -12.30 20.66
CA GLU B 330 1.81 -12.99 21.78
C GLU B 330 1.83 -14.50 21.52
N ARG B 331 0.66 -15.06 21.23
CA ARG B 331 0.52 -16.50 21.03
C ARG B 331 1.31 -17.03 19.85
N LEU B 332 1.10 -16.45 18.66
CA LEU B 332 1.86 -16.87 17.47
C LEU B 332 3.36 -16.59 17.61
N GLY B 333 3.70 -15.53 18.34
CA GLY B 333 5.09 -15.20 18.60
C GLY B 333 5.82 -16.31 19.30
N ARG B 334 5.08 -17.10 20.09
CA ARG B 334 5.66 -18.26 20.80
C ARG B 334 5.90 -19.49 19.91
N ILE B 335 5.46 -19.43 18.65
CA ILE B 335 5.66 -20.55 17.73
C ILE B 335 7.00 -20.43 17.00
N ASN B 336 7.80 -21.46 17.18
CA ASN B 336 9.21 -21.44 16.81
C ASN B 336 9.55 -20.75 15.48
N SER B 337 9.12 -21.36 14.38
CA SER B 337 9.57 -20.94 13.07
C SER B 337 8.69 -19.87 12.40
N LEU B 338 7.80 -19.22 13.15
CA LEU B 338 6.77 -18.37 12.56
C LEU B 338 7.23 -16.93 12.43
N ARG B 339 6.99 -16.34 11.26
CA ARG B 339 7.28 -14.93 11.00
C ARG B 339 5.96 -14.15 10.74
N ILE B 340 5.78 -13.01 11.41
CA ILE B 340 4.60 -12.13 11.13
C ILE B 340 5.06 -10.98 10.26
N PHE B 341 4.32 -10.72 9.20
CA PHE B 341 4.60 -9.60 8.30
C PHE B 341 3.76 -8.39 8.68
N GLY B 342 4.40 -7.41 9.30
CA GLY B 342 3.72 -6.18 9.75
C GLY B 342 3.50 -6.16 11.25
N ASN B 343 4.25 -5.33 11.95
CA ASN B 343 4.13 -5.21 13.41
C ASN B 343 3.94 -3.76 13.91
N ALA B 344 3.31 -2.92 13.09
CA ALA B 344 3.06 -1.54 13.49
C ALA B 344 2.21 -1.50 14.79
N PRO B 345 2.57 -0.61 15.73
CA PRO B 345 1.90 -0.54 17.05
C PRO B 345 0.37 -0.27 17.02
N ASP B 346 -0.11 0.48 16.03
CA ASP B 346 -1.52 0.78 15.93
C ASP B 346 -2.25 -0.04 14.86
N LYS B 347 -1.68 -1.17 14.47
CA LYS B 347 -2.21 -1.92 13.32
C LYS B 347 -3.59 -2.50 13.61
N GLY B 348 -4.34 -2.70 12.54
CA GLY B 348 -5.56 -3.49 12.60
C GLY B 348 -5.29 -4.99 12.80
N ALA B 349 -6.35 -5.72 13.11
CA ALA B 349 -6.24 -7.10 13.55
C ALA B 349 -6.19 -8.03 12.35
N ILE B 350 -5.17 -7.81 11.52
CA ILE B 350 -4.92 -8.55 10.33
C ILE B 350 -3.52 -9.05 10.51
N ILE B 351 -3.37 -10.38 10.51
CA ILE B 351 -2.09 -11.01 10.78
C ILE B 351 -1.70 -11.93 9.61
N SER B 352 -0.74 -11.45 8.85
CA SER B 352 -0.12 -12.20 7.79
C SER B 352 1.15 -12.84 8.31
N PHE B 353 1.35 -14.11 7.97
CA PHE B 353 2.45 -14.90 8.53
C PHE B 353 2.87 -16.07 7.65
N ALA B 354 4.03 -16.61 7.95
CA ALA B 354 4.62 -17.76 7.24
C ALA B 354 5.33 -18.63 8.23
N LEU B 355 5.32 -19.92 7.98
CA LEU B 355 6.14 -20.87 8.71
C LEU B 355 7.35 -21.24 7.87
N GLU B 356 8.54 -21.16 8.46
CA GLU B 356 9.77 -21.42 7.70
C GLU B 356 9.71 -22.81 7.11
N GLY B 357 9.95 -22.89 5.80
CA GLY B 357 10.10 -24.16 5.10
C GLY B 357 8.80 -24.84 4.71
N ILE B 358 7.67 -24.16 4.90
CA ILE B 358 6.37 -24.72 4.59
C ILE B 358 5.60 -23.75 3.71
N HIS B 359 4.99 -24.28 2.64
CA HIS B 359 4.16 -23.46 1.75
C HIS B 359 2.89 -23.04 2.43
N ALA B 360 2.46 -21.82 2.14
CA ALA B 360 1.25 -21.29 2.76
C ALA B 360 0.01 -22.14 2.42
N HIS B 361 -0.08 -22.60 1.18
CA HIS B 361 -1.21 -23.42 0.73
C HIS B 361 -1.28 -24.71 1.54
N ASP B 362 -0.13 -25.27 1.88
CA ASP B 362 -0.10 -26.45 2.76
C ASP B 362 -0.66 -26.15 4.15
N VAL B 363 -0.17 -25.09 4.76
CA VAL B 363 -0.61 -24.69 6.11
C VAL B 363 -2.12 -24.49 6.10
N SER B 364 -2.59 -23.76 5.11
CA SER B 364 -3.98 -23.36 5.01
C SER B 364 -4.91 -24.55 4.79
N MET B 365 -4.54 -25.44 3.86
CA MET B 365 -5.41 -26.59 3.55
C MET B 365 -5.56 -27.44 4.79
N VAL B 366 -4.48 -27.53 5.54
CA VAL B 366 -4.39 -28.44 6.66
C VAL B 366 -5.18 -27.96 7.88
N ILE B 367 -5.02 -26.68 8.25
CA ILE B 367 -5.76 -26.17 9.40
C ILE B 367 -7.25 -26.01 9.06
N ASP B 368 -7.59 -25.92 7.78
CA ASP B 368 -9.02 -25.95 7.37
C ASP B 368 -9.67 -27.26 7.83
N ARG B 369 -8.90 -28.35 7.82
CA ARG B 369 -9.37 -29.65 8.28
C ARG B 369 -9.63 -29.70 9.77
N ALA B 370 -8.95 -28.83 10.50
CA ALA B 370 -9.16 -28.66 11.92
C ALA B 370 -10.32 -27.72 12.20
N GLY B 371 -10.82 -27.05 11.15
CA GLY B 371 -11.95 -26.10 11.26
C GLY B 371 -11.56 -24.65 11.10
N VAL B 372 -10.26 -24.36 11.00
CA VAL B 372 -9.74 -23.00 10.95
C VAL B 372 -9.63 -22.48 9.50
N ALA B 373 -10.33 -21.37 9.27
CA ALA B 373 -10.37 -20.71 7.99
C ALA B 373 -9.42 -19.53 7.95
N VAL B 374 -8.33 -19.69 7.21
CA VAL B 374 -7.42 -18.60 6.89
C VAL B 374 -7.29 -18.58 5.37
N ARG B 375 -6.58 -17.60 4.82
CA ARG B 375 -6.34 -17.55 3.40
C ARG B 375 -4.85 -17.53 3.11
N ALA B 376 -4.46 -18.26 2.08
CA ALA B 376 -3.09 -18.24 1.59
C ALA B 376 -3.07 -17.67 0.18
N GLY B 377 -1.96 -17.05 -0.21
CA GLY B 377 -1.81 -16.54 -1.56
C GLY B 377 -1.25 -15.14 -1.60
N THR B 378 -1.57 -14.41 -2.68
CA THR B 378 -1.11 -13.03 -2.86
C THR B 378 -1.88 -11.97 -2.08
N HIS B 379 -3.11 -12.27 -1.68
CA HIS B 379 -4.00 -11.28 -1.06
C HIS B 379 -4.16 -10.05 -1.95
N CYS B 380 -4.10 -10.24 -3.26
CA CYS B 380 -4.23 -9.15 -4.20
C CYS B 380 -3.26 -8.01 -3.87
N ALA B 381 -2.05 -8.37 -3.42
CA ALA B 381 -1.01 -7.38 -3.07
C ALA B 381 0.40 -7.88 -3.37
N GLN B 382 0.64 -8.25 -4.62
CA GLN B 382 1.92 -8.86 -5.03
C GLN B 382 3.13 -7.96 -4.83
N PRO B 383 3.00 -6.66 -5.17
CA PRO B 383 4.21 -5.85 -5.09
C PRO B 383 4.68 -5.75 -3.65
N LEU B 384 3.74 -5.80 -2.74
CA LEU B 384 4.04 -5.73 -1.32
C LEU B 384 4.73 -6.97 -0.87
N LEU B 385 4.20 -8.12 -1.25
CA LEU B 385 4.90 -9.42 -1.01
C LEU B 385 6.28 -9.48 -1.60
N LYS B 386 6.43 -8.97 -2.82
CA LYS B 386 7.75 -9.03 -3.48
C LYS B 386 8.75 -8.19 -2.68
N ARG B 387 8.30 -7.03 -2.26
CA ARG B 387 9.11 -6.12 -1.41
C ARG B 387 9.40 -6.70 -0.03
N PHE B 388 8.52 -7.56 0.48
CA PHE B 388 8.83 -8.36 1.67
C PHE B 388 9.54 -9.75 1.42
N GLY B 389 9.84 -10.08 0.17
CA GLY B 389 10.67 -11.24 -0.14
C GLY B 389 9.94 -12.57 -0.17
N VAL B 390 8.65 -12.54 -0.49
CA VAL B 390 7.84 -13.75 -0.59
C VAL B 390 6.87 -13.68 -1.74
N THR B 391 6.34 -14.84 -2.13
CA THR B 391 5.28 -14.88 -3.14
C THR B 391 3.90 -15.12 -2.53
N SER B 392 3.86 -15.76 -1.36
CA SER B 392 2.63 -16.23 -0.73
C SER B 392 2.75 -16.01 0.78
N THR B 393 1.64 -15.67 1.44
CA THR B 393 1.56 -15.79 2.92
C THR B 393 0.20 -16.32 3.35
N CYS B 394 0.11 -16.75 4.60
CA CYS B 394 -1.17 -17.00 5.23
C CYS B 394 -1.64 -15.70 5.90
N ARG B 395 -2.97 -15.53 5.94
CA ARG B 395 -3.53 -14.37 6.56
C ARG B 395 -4.70 -14.78 7.43
N ALA B 396 -4.57 -14.49 8.72
CA ALA B 396 -5.67 -14.63 9.66
C ALA B 396 -6.14 -13.22 9.94
N SER B 397 -7.38 -12.93 9.61
CA SER B 397 -7.91 -11.59 9.74
C SER B 397 -9.12 -11.65 10.67
N PHE B 398 -9.09 -10.84 11.73
CA PHE B 398 -10.10 -10.91 12.80
C PHE B 398 -11.23 -9.91 12.64
N ALA B 399 -12.38 -10.24 13.21
CA ALA B 399 -13.57 -9.39 13.14
C ALA B 399 -14.19 -9.19 14.52
N LEU B 400 -15.26 -8.40 14.58
CA LEU B 400 -15.90 -8.07 15.84
C LEU B 400 -16.48 -9.27 16.58
N TYR B 401 -16.78 -10.35 15.88
CA TYR B 401 -17.37 -11.54 16.51
C TYR B 401 -16.34 -12.59 16.92
N ASN B 402 -15.06 -12.40 16.58
CA ASN B 402 -14.03 -13.37 16.91
C ASN B 402 -13.62 -13.27 18.37
N THR B 403 -12.99 -14.33 18.88
CA THR B 403 -12.66 -14.42 20.30
C THR B 403 -11.22 -14.80 20.54
N ARG B 404 -10.79 -14.65 21.79
CA ARG B 404 -9.48 -15.14 22.21
C ARG B 404 -9.33 -16.64 22.06
N ALA B 405 -10.40 -17.40 22.28
CA ALA B 405 -10.37 -18.83 22.17
C ALA B 405 -10.09 -19.24 20.71
N GLU B 406 -10.56 -18.44 19.76
CA GLU B 406 -10.29 -18.67 18.36
C GLU B 406 -8.83 -18.38 18.00
N VAL B 407 -8.24 -17.40 18.67
CA VAL B 407 -6.80 -17.17 18.53
C VAL B 407 -6.02 -18.39 18.99
N ASP B 408 -6.46 -18.96 20.11
CA ASP B 408 -5.83 -20.18 20.65
C ASP B 408 -5.97 -21.34 19.70
N ALA B 409 -7.15 -21.48 19.12
CA ALA B 409 -7.40 -22.53 18.14
C ALA B 409 -6.48 -22.35 16.92
N LEU B 410 -6.34 -21.12 16.45
CA LEU B 410 -5.42 -20.82 15.37
C LEU B 410 -4.01 -21.25 15.75
N ALA B 411 -3.58 -20.85 16.94
CA ALA B 411 -2.22 -21.11 17.39
C ALA B 411 -1.94 -22.60 17.56
N GLU B 412 -2.89 -23.32 18.15
CA GLU B 412 -2.81 -24.76 18.34
C GLU B 412 -2.71 -25.47 16.98
N ALA B 413 -3.57 -25.08 16.06
CA ALA B 413 -3.58 -25.63 14.72
C ALA B 413 -2.27 -25.37 13.96
N LEU B 414 -1.70 -24.18 14.13
CA LEU B 414 -0.46 -23.82 13.45
C LEU B 414 0.73 -24.59 13.99
N GLU B 415 0.76 -24.78 15.29
CA GLU B 415 1.81 -25.59 15.93
C GLU B 415 1.73 -27.03 15.40
N LYS B 416 0.52 -27.55 15.32
CA LYS B 416 0.27 -28.91 14.80
C LYS B 416 0.70 -29.04 13.33
N ALA B 417 0.38 -28.02 12.53
CA ALA B 417 0.78 -27.97 11.13
C ALA B 417 2.28 -27.95 10.96
N ARG B 418 2.97 -27.22 11.84
CA ARG B 418 4.43 -27.19 11.80
C ARG B 418 5.06 -28.58 12.05
N LYS B 419 4.51 -29.33 13.01
CA LYS B 419 5.02 -30.64 13.37
C LYS B 419 4.70 -31.63 12.24
N PHE B 420 3.51 -31.48 11.66
CA PHE B 420 3.09 -32.33 10.55
C PHE B 420 4.04 -32.27 9.35
N PHE B 421 4.34 -31.07 8.88
CA PHE B 421 5.21 -30.89 7.70
C PHE B 421 6.71 -30.87 8.01
N GLY B 422 7.08 -30.90 9.28
CA GLY B 422 8.48 -30.81 9.69
C GLY B 422 9.16 -32.16 9.73
N TYR C 19 74.88 11.69 7.60
CA TYR C 19 74.29 10.40 7.05
C TYR C 19 74.93 9.19 7.71
N ASP C 20 74.27 8.61 8.71
CA ASP C 20 74.80 7.43 9.40
C ASP C 20 74.34 6.10 8.74
N VAL C 21 75.00 5.71 7.66
CA VAL C 21 74.60 4.51 6.91
C VAL C 21 74.71 3.21 7.70
N GLU C 22 75.70 3.11 8.60
CA GLU C 22 75.83 1.94 9.47
C GLU C 22 74.62 1.81 10.41
N ALA C 23 74.14 2.92 10.94
CA ALA C 23 72.93 2.93 11.78
C ALA C 23 71.68 2.58 10.99
N ILE C 24 71.59 3.13 9.78
CA ILE C 24 70.49 2.81 8.84
C ILE C 24 70.44 1.31 8.52
N ARG C 25 71.60 0.74 8.18
CA ARG C 25 71.69 -0.69 7.84
C ARG C 25 71.21 -1.59 8.98
N ARG C 26 71.49 -1.19 10.21
CA ARG C 26 70.99 -1.93 11.39
C ARG C 26 69.46 -2.01 11.48
N ASP C 27 68.74 -1.12 10.80
CA ASP C 27 67.27 -1.24 10.73
C ASP C 27 66.74 -2.34 9.79
N PHE C 28 67.61 -2.88 8.93
CA PHE C 28 67.24 -3.85 7.89
C PHE C 28 67.84 -5.23 8.20
N PRO C 29 67.06 -6.11 8.84
CA PRO C 29 67.61 -7.38 9.33
C PRO C 29 68.30 -8.23 8.26
N ILE C 30 67.73 -8.27 7.06
CA ILE C 30 68.26 -9.13 6.01
C ILE C 30 69.71 -8.80 5.61
N LEU C 31 70.10 -7.53 5.75
CA LEU C 31 71.42 -7.08 5.26
C LEU C 31 72.60 -7.73 5.94
N SER C 32 72.37 -8.30 7.12
CA SER C 32 73.43 -8.96 7.87
C SER C 32 73.54 -10.47 7.59
N ARG C 33 72.62 -11.03 6.81
CA ARG C 33 72.64 -12.47 6.53
C ARG C 33 73.72 -12.83 5.52
N GLN C 34 74.08 -14.11 5.50
CA GLN C 34 75.05 -14.62 4.55
C GLN C 34 74.37 -15.32 3.39
N VAL C 35 75.12 -15.41 2.29
CA VAL C 35 74.63 -15.97 1.01
C VAL C 35 75.82 -16.77 0.39
N HIS C 36 75.62 -18.08 0.19
CA HIS C 36 76.71 -19.02 -0.18
C HIS C 36 77.87 -18.92 0.78
N GLY C 37 77.59 -18.82 2.07
CA GLY C 37 78.61 -18.62 3.11
C GLY C 37 79.37 -17.30 3.00
N LYS C 38 78.85 -16.37 2.22
CA LYS C 38 79.52 -15.11 1.97
C LYS C 38 78.64 -13.91 2.31
N THR C 39 79.28 -12.77 2.48
CA THR C 39 78.57 -11.54 2.87
C THR C 39 77.64 -11.06 1.76
N LEU C 40 76.38 -10.80 2.12
CA LEU C 40 75.42 -10.29 1.15
C LEU C 40 75.77 -8.85 0.74
N VAL C 41 75.69 -8.60 -0.55
CA VAL C 41 75.86 -7.28 -1.13
C VAL C 41 74.72 -7.16 -2.11
N TYR C 42 73.59 -6.64 -1.64
CA TYR C 42 72.36 -6.59 -2.44
C TYR C 42 72.27 -5.31 -3.26
N LEU C 43 72.47 -5.45 -4.57
CA LEU C 43 72.42 -4.35 -5.50
C LEU C 43 71.40 -4.58 -6.59
N ASP C 44 70.30 -5.24 -6.24
CA ASP C 44 69.17 -5.43 -7.17
C ASP C 44 67.90 -4.73 -6.62
N ASN C 45 68.10 -3.52 -6.10
CA ASN C 45 67.02 -2.75 -5.48
C ASN C 45 66.00 -2.27 -6.50
N GLY C 46 66.45 -2.00 -7.72
CA GLY C 46 65.56 -1.59 -8.79
C GLY C 46 64.46 -2.59 -9.10
N ALA C 47 64.72 -3.85 -8.80
CA ALA C 47 63.74 -4.92 -8.99
C ALA C 47 62.87 -5.04 -7.76
N SER C 48 63.50 -5.01 -6.59
CA SER C 48 62.74 -4.86 -5.34
C SER C 48 63.68 -4.56 -4.18
N ALA C 49 63.20 -3.78 -3.22
CA ALA C 49 64.02 -3.30 -2.12
C ALA C 49 63.76 -4.07 -0.85
N GLN C 50 64.73 -4.03 0.05
CA GLN C 50 64.58 -4.67 1.34
C GLN C 50 63.81 -3.77 2.31
N LYS C 51 63.39 -4.38 3.41
CA LYS C 51 62.40 -3.80 4.29
C LYS C 51 63.01 -3.50 5.65
N PRO C 52 62.74 -2.29 6.19
CA PRO C 52 63.21 -1.98 7.53
C PRO C 52 62.36 -2.70 8.55
N GLN C 53 62.91 -2.91 9.74
CA GLN C 53 62.20 -3.59 10.81
C GLN C 53 60.82 -2.98 11.09
N SER C 54 60.70 -1.64 11.05
CA SER C 54 59.44 -0.97 11.32
C SER C 54 58.30 -1.37 10.37
N VAL C 55 58.63 -1.56 9.10
CA VAL C 55 57.67 -2.13 8.12
C VAL C 55 57.23 -3.54 8.47
N ILE C 56 58.18 -4.36 8.92
CA ILE C 56 57.88 -5.74 9.25
C ILE C 56 57.05 -5.78 10.51
N ASP C 57 57.46 -4.98 11.48
CA ASP C 57 56.68 -4.81 12.72
C ASP C 57 55.26 -4.31 12.45
N ALA C 58 55.09 -3.36 11.53
CA ALA C 58 53.74 -2.83 11.25
C ALA C 58 52.85 -3.91 10.62
N VAL C 59 53.42 -4.68 9.70
CA VAL C 59 52.71 -5.81 9.12
C VAL C 59 52.32 -6.82 10.21
N THR C 60 53.29 -7.21 11.03
CA THR C 60 53.04 -8.18 12.08
C THR C 60 51.95 -7.68 13.06
N HIS C 61 52.10 -6.46 13.55
CA HIS C 61 51.15 -5.90 14.49
C HIS C 61 49.71 -5.85 13.92
N ALA C 62 49.57 -5.43 12.67
CA ALA C 62 48.27 -5.39 12.02
C ALA C 62 47.58 -6.77 12.03
N TYR C 63 48.28 -7.81 11.57
CA TYR C 63 47.71 -9.17 11.58
C TYR C 63 47.49 -9.76 12.97
N ALA C 64 48.43 -9.50 13.87
CA ALA C 64 48.39 -10.09 15.21
C ALA C 64 47.40 -9.45 16.15
N ASN C 65 47.11 -8.15 15.97
CA ASN C 65 46.40 -7.40 16.97
C ASN C 65 45.26 -6.49 16.50
N GLU C 66 45.29 -6.06 15.25
CA GLU C 66 44.34 -5.06 14.76
C GLU C 66 43.79 -5.39 13.40
N TYR C 67 43.32 -6.62 13.23
CA TYR C 67 42.93 -7.11 11.92
C TYR C 67 41.44 -7.35 11.76
N ALA C 68 40.95 -6.89 10.62
CA ALA C 68 39.56 -7.05 10.20
C ALA C 68 39.46 -6.48 8.78
N ASN C 69 38.32 -6.67 8.12
CA ASN C 69 38.08 -5.95 6.86
C ASN C 69 37.73 -4.46 7.12
N VAL C 70 37.77 -3.65 6.06
CA VAL C 70 37.76 -2.20 6.18
C VAL C 70 36.56 -1.46 5.58
N HIS C 71 35.46 -2.11 5.25
CA HIS C 71 34.25 -1.30 4.90
C HIS C 71 33.78 -0.53 6.08
N ARG C 72 34.69 0.25 6.71
CA ARG C 72 34.41 0.84 8.08
C ARG C 72 33.24 0.13 8.75
N GLY C 73 33.47 -1.10 9.23
CA GLY C 73 32.43 -1.86 9.94
C GLY C 73 32.13 -1.15 11.24
N LEU C 74 30.99 -1.43 11.84
CA LEU C 74 30.72 -0.82 13.11
C LEU C 74 31.66 -1.39 14.20
N HIS C 75 32.12 -2.63 14.10
CA HIS C 75 32.74 -3.31 15.25
C HIS C 75 34.19 -2.88 15.45
N PHE C 76 34.72 -3.09 16.66
CA PHE C 76 36.00 -2.49 17.05
C PHE C 76 37.11 -2.73 16.04
N LEU C 77 37.39 -3.99 15.72
CA LEU C 77 38.53 -4.29 14.84
C LEU C 77 38.34 -3.72 13.45
N SER C 78 37.14 -3.75 12.91
CA SER C 78 36.90 -3.20 11.58
C SER C 78 37.21 -1.72 11.56
N ASN C 79 36.87 -1.09 12.68
CA ASN C 79 37.22 0.30 12.91
C ASN C 79 38.68 0.60 13.04
N ALA C 80 39.37 -0.19 13.85
CA ALA C 80 40.79 0.00 14.04
C ALA C 80 41.53 -0.21 12.70
N ALA C 81 41.10 -1.19 11.93
CA ALA C 81 41.78 -1.50 10.65
C ALA C 81 41.47 -0.44 9.60
N THR C 82 40.23 0.03 9.58
CA THR C 82 39.88 1.09 8.64
C THR C 82 40.71 2.34 8.95
N ASP C 83 40.90 2.65 10.23
CA ASP C 83 41.72 3.80 10.61
C ASP C 83 43.14 3.67 10.14
N ALA C 84 43.73 2.53 10.43
CA ALA C 84 45.10 2.27 10.05
C ALA C 84 45.24 2.36 8.52
N TYR C 85 44.22 1.86 7.83
CA TYR C 85 44.21 1.86 6.38
C TYR C 85 44.08 3.27 5.85
N GLU C 86 43.03 3.99 6.26
CA GLU C 86 42.89 5.42 5.93
C GLU C 86 44.12 6.26 6.32
N LYS C 87 44.76 5.94 7.42
CA LYS C 87 45.98 6.63 7.76
C LYS C 87 47.12 6.45 6.74
N SER C 88 47.30 5.22 6.22
CA SER C 88 48.24 4.99 5.13
C SER C 88 47.94 5.82 3.93
N ARG C 89 46.66 5.94 3.62
CA ARG C 89 46.27 6.69 2.46
C ARG C 89 46.77 8.12 2.64
N GLU C 90 46.67 8.61 3.86
CA GLU C 90 47.11 9.97 4.20
C GLU C 90 48.63 10.09 4.08
N THR C 91 49.36 9.08 4.54
CA THR C 91 50.81 9.10 4.46
C THR C 91 51.27 9.21 3.01
N VAL C 92 50.61 8.45 2.13
CA VAL C 92 50.91 8.47 0.71
C VAL C 92 50.65 9.86 0.14
N ARG C 93 49.48 10.40 0.47
CA ARG C 93 49.10 11.78 0.09
C ARG C 93 50.15 12.81 0.48
N ARG C 94 50.59 12.79 1.74
CA ARG C 94 51.69 13.65 2.20
C ARG C 94 53.01 13.39 1.47
N PHE C 95 53.32 12.10 1.26
CA PHE C 95 54.59 11.69 0.61
C PHE C 95 54.67 12.23 -0.80
N LEU C 96 53.55 12.18 -1.53
CA LEU C 96 53.47 12.72 -2.88
C LEU C 96 53.13 14.19 -2.95
N ASN C 97 52.68 14.73 -1.81
CA ASN C 97 52.17 16.08 -1.75
C ASN C 97 50.95 16.27 -2.63
N ALA C 98 50.09 15.27 -2.65
CA ALA C 98 48.83 15.38 -3.40
C ALA C 98 47.87 16.29 -2.65
N GLY C 99 46.97 16.93 -3.38
CA GLY C 99 46.01 17.88 -2.79
C GLY C 99 45.12 17.29 -1.71
N SER C 100 44.66 16.06 -1.94
CA SER C 100 43.64 15.39 -1.16
C SER C 100 43.83 13.85 -1.14
N VAL C 101 43.48 13.21 -0.04
CA VAL C 101 43.53 11.72 0.02
C VAL C 101 42.63 11.04 -1.01
N ASP C 102 41.59 11.73 -1.47
CA ASP C 102 40.68 11.17 -2.46
C ASP C 102 41.32 11.04 -3.84
N GLU C 103 42.53 11.56 -4.01
CA GLU C 103 43.28 11.47 -5.25
C GLU C 103 44.26 10.26 -5.24
N ILE C 104 44.25 9.51 -4.14
CA ILE C 104 45.13 8.39 -3.94
C ILE C 104 44.30 7.12 -4.06
N VAL C 105 44.62 6.30 -5.07
CA VAL C 105 44.01 4.99 -5.29
C VAL C 105 45.04 3.91 -5.01
N PHE C 106 44.69 2.96 -4.16
CA PHE C 106 45.53 1.80 -3.86
C PHE C 106 45.31 0.69 -4.89
N THR C 107 46.40 0.11 -5.35
CA THR C 107 46.40 -1.02 -6.31
C THR C 107 47.34 -2.16 -5.88
N LYS C 108 47.33 -3.25 -6.66
CA LYS C 108 48.24 -4.38 -6.47
C LYS C 108 49.70 -3.97 -6.63
N ASN C 109 49.93 -3.10 -7.61
CA ASN C 109 51.28 -2.68 -7.96
C ASN C 109 51.19 -1.53 -8.94
N ALA C 110 52.33 -0.97 -9.31
CA ALA C 110 52.34 0.11 -10.28
C ALA C 110 51.77 -0.31 -11.58
N THR C 111 52.05 -1.55 -12.00
CA THR C 111 51.56 -2.03 -13.29
C THR C 111 50.06 -1.90 -13.34
N GLU C 112 49.37 -2.39 -12.33
CA GLU C 112 47.90 -2.27 -12.25
C GLU C 112 47.43 -0.80 -12.22
N ALA C 113 48.18 0.07 -11.56
CA ALA C 113 47.89 1.50 -11.58
C ALA C 113 47.82 2.03 -13.01
N ILE C 114 48.81 1.65 -13.82
CA ILE C 114 48.89 2.12 -15.20
C ILE C 114 47.74 1.56 -16.01
N ASN C 115 47.44 0.28 -15.84
CA ASN C 115 46.28 -0.33 -16.48
C ASN C 115 44.94 0.35 -16.13
N THR C 116 44.83 0.81 -14.88
CA THR C 116 43.59 1.46 -14.42
C THR C 116 43.31 2.70 -15.28
N VAL C 117 44.34 3.50 -15.50
CA VAL C 117 44.27 4.63 -16.42
C VAL C 117 44.06 4.19 -17.87
N ALA C 118 44.81 3.17 -18.32
CA ALA C 118 44.69 2.73 -19.71
C ALA C 118 43.29 2.23 -20.03
N TYR C 119 42.71 1.45 -19.14
CA TYR C 119 41.34 0.98 -19.33
C TYR C 119 40.26 2.05 -19.00
N GLY C 120 40.52 2.83 -17.93
CA GLY C 120 39.54 3.79 -17.41
C GLY C 120 39.43 5.08 -18.21
N TYR C 121 40.57 5.62 -18.64
CA TYR C 121 40.64 6.83 -19.45
C TYR C 121 40.93 6.55 -20.92
N GLY C 122 42.02 5.83 -21.17
CA GLY C 122 42.57 5.70 -22.52
C GLY C 122 41.57 5.08 -23.48
N MET C 123 40.92 4.03 -23.01
CA MET C 123 40.07 3.20 -23.88
C MET C 123 38.84 3.98 -24.35
N PRO C 124 38.12 4.64 -23.44
CA PRO C 124 36.98 5.47 -23.88
C PRO C 124 37.35 6.72 -24.69
N PHE C 125 38.55 7.26 -24.48
CA PHE C 125 38.91 8.56 -25.07
C PHE C 125 39.99 8.53 -26.15
N ILE C 126 40.57 7.37 -26.45
CA ILE C 126 41.61 7.29 -27.48
C ILE C 126 41.25 6.21 -28.52
N GLY C 127 41.18 6.65 -29.79
CA GLY C 127 40.68 5.80 -30.89
C GLY C 127 41.56 5.79 -32.13
N GLU C 128 40.96 5.39 -33.25
CA GLU C 128 41.71 5.11 -34.50
C GLU C 128 42.49 6.33 -34.95
N GLY C 129 43.80 6.18 -35.04
CA GLY C 129 44.66 7.25 -35.52
C GLY C 129 45.22 8.13 -34.42
N ASP C 130 44.55 8.17 -33.27
CA ASP C 130 45.02 8.99 -32.15
C ASP C 130 46.38 8.47 -31.68
N GLU C 131 47.17 9.38 -31.12
CA GLU C 131 48.55 9.08 -30.75
C GLU C 131 48.74 9.05 -29.24
N ILE C 132 49.53 8.08 -28.77
CA ILE C 132 49.96 8.03 -27.38
C ILE C 132 51.47 8.18 -27.38
N LEU C 133 51.96 9.16 -26.66
CA LEU C 133 53.35 9.55 -26.72
C LEU C 133 54.08 9.05 -25.49
N LEU C 134 55.09 8.22 -25.74
CA LEU C 134 55.88 7.59 -24.70
C LEU C 134 57.34 7.96 -24.89
N SER C 135 58.20 7.44 -24.01
CA SER C 135 59.65 7.53 -24.25
C SER C 135 60.16 6.14 -24.63
N ILE C 136 61.34 6.12 -25.22
CA ILE C 136 61.99 4.87 -25.54
C ILE C 136 62.46 4.15 -24.26
N MET C 137 62.53 4.87 -23.14
CA MET C 137 62.99 4.30 -21.86
C MET C 137 61.92 3.55 -21.07
N GLU C 138 60.69 3.56 -21.54
CA GLU C 138 59.60 2.95 -20.76
C GLU C 138 59.82 1.45 -20.44
N HIS C 139 59.58 1.14 -19.17
CA HIS C 139 59.35 -0.19 -18.67
C HIS C 139 58.10 -0.73 -19.35
N HIS C 140 58.06 -2.05 -19.56
CA HIS C 140 56.97 -2.71 -20.28
C HIS C 140 55.58 -2.40 -19.76
N SER C 141 55.45 -2.33 -18.46
CA SER C 141 54.21 -1.90 -17.78
C SER C 141 53.69 -0.50 -18.17
N ASN C 142 54.57 0.40 -18.60
CA ASN C 142 54.17 1.65 -19.21
C ASN C 142 54.24 1.62 -20.73
N ILE C 143 54.05 0.44 -21.32
CA ILE C 143 53.96 0.27 -22.77
C ILE C 143 52.76 -0.59 -23.13
N VAL C 144 52.71 -1.80 -22.56
CA VAL C 144 51.73 -2.82 -22.96
C VAL C 144 50.27 -2.32 -22.81
N PRO C 145 49.94 -1.66 -21.70
CA PRO C 145 48.55 -1.18 -21.58
C PRO C 145 48.16 -0.23 -22.72
N TRP C 146 49.09 0.60 -23.14
CA TRP C 146 48.86 1.50 -24.26
C TRP C 146 48.80 0.71 -25.57
N HIS C 147 49.66 -0.31 -25.70
CA HIS C 147 49.60 -1.19 -26.87
C HIS C 147 48.23 -1.82 -27.05
N PHE C 148 47.56 -2.13 -25.95
CA PHE C 148 46.19 -2.65 -26.03
C PHE C 148 45.27 -1.73 -26.82
N ILE C 149 45.44 -0.43 -26.64
CA ILE C 149 44.60 0.54 -27.35
C ILE C 149 45.02 0.58 -28.82
N ARG C 150 46.30 0.49 -29.10
CA ARG C 150 46.77 0.31 -30.49
C ARG C 150 46.14 -0.92 -31.14
N GLU C 151 46.29 -2.03 -30.44
CA GLU C 151 45.89 -3.35 -30.95
C GLU C 151 44.37 -3.50 -31.05
N ARG C 152 43.64 -2.98 -30.07
CA ARG C 152 42.18 -3.17 -30.04
C ARG C 152 41.39 -2.01 -30.68
N GLN C 153 41.96 -0.80 -30.71
CA GLN C 153 41.22 0.39 -31.19
C GLN C 153 41.94 1.25 -32.23
N GLY C 154 43.16 0.87 -32.60
CA GLY C 154 43.83 1.50 -33.73
C GLY C 154 44.56 2.77 -33.38
N ALA C 155 44.90 2.96 -32.12
CA ALA C 155 45.77 4.07 -31.73
C ALA C 155 47.19 3.81 -32.23
N LYS C 156 47.98 4.86 -32.35
CA LYS C 156 49.40 4.74 -32.67
C LYS C 156 50.23 5.11 -31.44
N LEU C 157 51.28 4.33 -31.21
CA LEU C 157 52.29 4.66 -30.20
C LEU C 157 53.45 5.40 -30.83
N VAL C 158 53.92 6.44 -30.15
CA VAL C 158 55.05 7.22 -30.61
C VAL C 158 56.05 7.25 -29.48
N PHE C 159 57.33 7.17 -29.82
CA PHE C 159 58.38 7.01 -28.82
C PHE C 159 59.37 8.15 -28.88
N THR C 160 59.45 8.90 -27.79
CA THR C 160 60.46 9.95 -27.69
C THR C 160 61.82 9.36 -27.46
N PRO C 161 62.82 9.79 -28.22
CA PRO C 161 64.11 9.14 -28.10
C PRO C 161 64.94 9.74 -27.00
N VAL C 162 66.13 9.18 -26.83
CA VAL C 162 67.16 9.66 -25.94
C VAL C 162 68.47 9.52 -26.66
N ASP C 163 69.47 10.27 -26.25
CA ASP C 163 70.77 10.21 -26.92
C ASP C 163 71.67 9.12 -26.34
N ASP C 164 72.81 8.88 -27.01
CA ASP C 164 73.71 7.76 -26.66
C ASP C 164 74.21 7.83 -25.23
N ASN C 165 74.33 9.06 -24.71
CA ASN C 165 74.72 9.25 -23.31
C ASN C 165 73.60 8.98 -22.37
N GLY C 166 72.40 8.73 -22.89
CA GLY C 166 71.21 8.56 -22.06
C GLY C 166 70.47 9.85 -21.70
N VAL C 167 70.87 10.96 -22.30
CA VAL C 167 70.30 12.26 -21.98
C VAL C 167 69.01 12.50 -22.77
N PHE C 168 67.97 12.97 -22.05
CA PHE C 168 66.66 13.26 -22.63
C PHE C 168 66.65 14.70 -23.05
N HIS C 169 66.14 14.97 -24.25
CA HIS C 169 66.12 16.30 -24.83
C HIS C 169 64.68 16.74 -25.02
N ILE C 170 64.26 17.78 -24.29
CA ILE C 170 62.87 18.25 -24.32
C ILE C 170 62.44 18.63 -25.74
N GLU C 171 63.35 19.23 -26.50
CA GLU C 171 63.04 19.64 -27.87
C GLU C 171 62.59 18.43 -28.72
N GLU C 172 63.06 17.24 -28.35
CA GLU C 172 62.70 16.01 -29.04
C GLU C 172 61.31 15.49 -28.67
N PHE C 173 60.93 15.68 -27.41
CA PHE C 173 59.56 15.44 -26.97
C PHE C 173 58.59 16.38 -27.68
N GLU C 174 58.95 17.66 -27.72
CA GLU C 174 58.06 18.69 -28.23
C GLU C 174 57.74 18.50 -29.71
N LYS C 175 58.73 18.05 -30.49
CA LYS C 175 58.52 17.83 -31.92
C LYS C 175 57.47 16.77 -32.19
N ARG C 176 57.32 15.84 -31.26
CA ARG C 176 56.48 14.66 -31.46
C ARG C 176 55.06 14.84 -30.92
N LEU C 177 54.83 15.97 -30.27
CA LEU C 177 53.48 16.38 -29.91
C LEU C 177 52.75 16.83 -31.15
N SER C 178 51.48 16.45 -31.29
CA SER C 178 50.68 16.87 -32.45
C SER C 178 49.19 16.92 -32.11
N GLU C 179 48.40 17.38 -33.07
CA GLU C 179 46.95 17.46 -32.92
C GLU C 179 46.34 16.10 -32.63
N ARG C 180 47.04 15.03 -32.99
CA ARG C 180 46.53 13.66 -32.78
C ARG C 180 46.92 13.06 -31.43
N THR C 181 47.88 13.69 -30.74
CA THR C 181 48.28 13.22 -29.42
C THR C 181 47.13 13.38 -28.39
N LYS C 182 46.71 12.28 -27.80
CA LYS C 182 45.65 12.26 -26.81
C LYS C 182 46.12 11.96 -25.39
N LEU C 183 47.33 11.50 -25.23
CA LEU C 183 47.87 11.17 -23.93
C LEU C 183 49.38 11.02 -24.02
N VAL C 184 50.04 11.46 -22.96
CA VAL C 184 51.44 11.27 -22.76
C VAL C 184 51.58 10.35 -21.58
N ALA C 185 52.40 9.31 -21.75
CA ALA C 185 52.72 8.42 -20.65
C ALA C 185 54.21 8.29 -20.65
N ILE C 186 54.86 8.69 -19.58
CA ILE C 186 56.30 8.75 -19.61
C ILE C 186 56.89 8.49 -18.25
N THR C 187 58.09 7.93 -18.23
CA THR C 187 58.76 7.62 -16.96
C THR C 187 59.35 8.87 -16.29
N HIS C 188 59.41 8.82 -14.98
CA HIS C 188 60.06 9.85 -14.18
C HIS C 188 61.56 9.59 -14.16
N MET C 189 61.89 8.33 -13.87
CA MET C 189 63.27 7.89 -13.89
C MET C 189 63.38 6.53 -14.59
N SER C 190 64.29 6.44 -15.54
CA SER C 190 64.52 5.20 -16.25
C SER C 190 65.07 4.15 -15.32
N ASN C 191 64.43 2.98 -15.35
CA ASN C 191 64.89 1.85 -14.57
C ASN C 191 66.18 1.16 -15.09
N THR C 192 66.73 1.66 -16.20
CA THR C 192 67.97 1.13 -16.79
C THR C 192 69.10 2.16 -16.82
N LEU C 193 68.80 3.31 -17.42
CA LEU C 193 69.78 4.39 -17.57
C LEU C 193 69.89 5.25 -16.31
N GLY C 194 68.82 5.25 -15.52
CA GLY C 194 68.74 6.11 -14.36
C GLY C 194 68.43 7.55 -14.73
N THR C 195 68.23 7.80 -16.02
CA THR C 195 67.95 9.12 -16.53
C THR C 195 66.70 9.73 -15.87
N VAL C 196 66.82 10.96 -15.38
CA VAL C 196 65.67 11.69 -14.81
C VAL C 196 65.03 12.50 -15.92
N VAL C 197 63.72 12.33 -16.09
CA VAL C 197 62.99 13.02 -17.16
C VAL C 197 62.49 14.36 -16.60
N PRO C 198 62.61 15.46 -17.38
CA PRO C 198 62.14 16.75 -16.88
C PRO C 198 60.62 16.83 -16.97
N ILE C 199 59.97 16.26 -15.99
CA ILE C 199 58.53 16.11 -16.05
C ILE C 199 57.70 17.37 -15.93
N LYS C 200 58.07 18.31 -15.04
CA LYS C 200 57.33 19.57 -14.95
C LYS C 200 57.26 20.23 -16.33
N LYS C 201 58.40 20.34 -17.00
CA LYS C 201 58.44 20.99 -18.32
C LYS C 201 57.57 20.22 -19.34
N ILE C 202 57.54 18.90 -19.24
CA ILE C 202 56.73 18.06 -20.13
C ILE C 202 55.24 18.30 -19.95
N VAL C 203 54.82 18.36 -18.69
CA VAL C 203 53.41 18.66 -18.36
C VAL C 203 53.02 20.05 -18.83
N GLU C 204 53.88 21.04 -18.62
CA GLU C 204 53.61 22.37 -19.12
C GLU C 204 53.28 22.34 -20.60
N LEU C 205 54.15 21.70 -21.39
CA LEU C 205 53.95 21.62 -22.83
C LEU C 205 52.70 20.85 -23.21
N ALA C 206 52.44 19.75 -22.50
CA ALA C 206 51.27 18.93 -22.80
C ALA C 206 49.98 19.68 -22.48
N HIS C 207 49.89 20.19 -21.26
CA HIS C 207 48.69 20.89 -20.81
C HIS C 207 48.37 22.13 -21.63
N ALA C 208 49.38 22.81 -22.15
CA ALA C 208 49.15 23.90 -23.09
C ALA C 208 48.37 23.46 -24.33
N ARG C 209 48.41 22.16 -24.67
CA ARG C 209 47.64 21.61 -25.79
C ARG C 209 46.39 20.84 -25.34
N GLY C 210 46.10 20.83 -24.04
CA GLY C 210 44.97 20.06 -23.50
C GLY C 210 45.22 18.54 -23.37
N ILE C 211 46.47 18.11 -23.40
CA ILE C 211 46.81 16.68 -23.35
C ILE C 211 47.22 16.21 -21.96
N PRO C 212 46.56 15.19 -21.41
CA PRO C 212 46.92 14.72 -20.08
C PRO C 212 48.20 13.89 -20.08
N VAL C 213 48.85 13.87 -18.92
CA VAL C 213 50.12 13.19 -18.76
C VAL C 213 50.07 12.19 -17.61
N LEU C 214 50.48 10.95 -17.89
CA LEU C 214 50.72 9.95 -16.84
C LEU C 214 52.21 9.81 -16.63
N VAL C 215 52.60 9.74 -15.36
CA VAL C 215 54.01 9.59 -15.03
C VAL C 215 54.24 8.30 -14.29
N ASP C 216 55.17 7.51 -14.81
CA ASP C 216 55.59 6.22 -14.20
C ASP C 216 56.70 6.53 -13.22
N GLY C 217 56.36 6.54 -11.95
CA GLY C 217 57.30 6.95 -10.92
C GLY C 217 57.77 5.81 -10.07
N SER C 218 57.67 4.59 -10.63
CA SER C 218 58.05 3.39 -9.92
C SER C 218 59.51 3.45 -9.45
N GLN C 219 60.39 4.12 -10.20
CA GLN C 219 61.75 4.40 -9.72
C GLN C 219 61.91 5.79 -9.17
N GLY C 220 61.27 6.76 -9.82
CA GLY C 220 61.28 8.17 -9.34
C GLY C 220 60.98 8.35 -7.87
N ALA C 221 59.93 7.69 -7.41
CA ALA C 221 59.49 7.79 -6.02
C ALA C 221 60.51 7.23 -5.03
N VAL C 222 61.37 6.32 -5.49
CA VAL C 222 62.36 5.71 -4.60
C VAL C 222 63.53 6.65 -4.43
N HIS C 223 63.81 7.40 -5.49
CA HIS C 223 65.12 8.08 -5.66
C HIS C 223 65.07 9.60 -5.79
N LEU C 224 63.89 10.15 -5.93
CA LEU C 224 63.70 11.61 -6.05
C LEU C 224 62.63 12.16 -5.09
N PRO C 225 62.82 13.38 -4.61
CA PRO C 225 61.70 14.12 -4.00
C PRO C 225 60.59 14.30 -5.02
N VAL C 226 59.36 13.99 -4.62
CA VAL C 226 58.24 14.04 -5.54
C VAL C 226 57.16 14.96 -4.99
N ASP C 227 56.75 15.93 -5.80
CA ASP C 227 55.65 16.84 -5.48
C ASP C 227 54.70 16.93 -6.67
N VAL C 228 53.62 16.15 -6.62
CA VAL C 228 52.76 15.96 -7.80
C VAL C 228 51.95 17.20 -8.18
N GLN C 229 51.87 18.17 -7.29
CA GLN C 229 51.21 19.43 -7.60
C GLN C 229 52.17 20.38 -8.28
N ASP C 230 53.43 20.37 -7.86
CA ASP C 230 54.46 21.12 -8.54
C ASP C 230 54.76 20.52 -9.91
N LEU C 231 54.69 19.19 -10.03
CA LEU C 231 54.79 18.55 -11.33
C LEU C 231 53.57 18.85 -12.18
N GLY C 232 52.40 18.85 -11.58
CA GLY C 232 51.15 19.13 -12.29
C GLY C 232 50.61 17.95 -13.07
N CYS C 233 51.22 16.77 -12.94
CA CYS C 233 50.88 15.65 -13.79
C CYS C 233 49.49 15.15 -13.48
N ASP C 234 48.78 14.64 -14.49
CA ASP C 234 47.42 14.18 -14.32
C ASP C 234 47.36 12.91 -13.52
N TRP C 235 48.35 12.05 -13.73
CA TRP C 235 48.49 10.85 -12.92
C TRP C 235 49.96 10.59 -12.60
N TYR C 236 50.19 9.97 -11.46
CA TYR C 236 51.52 9.56 -11.05
C TYR C 236 51.38 8.20 -10.40
N VAL C 237 52.18 7.21 -10.81
CA VAL C 237 52.08 5.89 -10.23
C VAL C 237 53.41 5.54 -9.56
N PHE C 238 53.34 4.72 -8.51
CA PHE C 238 54.54 4.09 -8.00
C PHE C 238 54.23 2.74 -7.35
N THR C 239 55.26 2.02 -6.92
CA THR C 239 55.02 0.63 -6.45
C THR C 239 55.64 0.45 -5.07
N GLY C 240 54.93 -0.22 -4.19
CA GLY C 240 55.32 -0.31 -2.77
C GLY C 240 56.60 -1.05 -2.49
N HIS C 241 56.81 -2.17 -3.19
CA HIS C 241 57.95 -3.03 -2.88
C HIS C 241 59.29 -2.37 -3.19
N1 LLP C 242 57.76 1.03 -14.17
C2 LLP C 242 59.04 1.14 -13.81
C2' LLP C 242 59.85 2.28 -14.34
C3 LLP C 242 59.66 0.11 -12.94
O3 LLP C 242 60.97 0.20 -12.56
C4 LLP C 242 58.82 -1.00 -12.46
C4' LLP C 242 59.36 -2.06 -11.55
C5 LLP C 242 57.43 -1.02 -12.93
C6 LLP C 242 56.98 0.01 -13.76
C5' LLP C 242 56.50 -2.10 -12.50
OP4 LLP C 242 56.30 -2.10 -11.08
P LLP C 242 55.57 -3.38 -10.48
OP1 LLP C 242 55.55 -3.28 -9.00
OP2 LLP C 242 54.25 -3.34 -11.20
OP3 LLP C 242 56.41 -4.57 -10.92
N LLP C 242 59.31 -1.38 -4.09
CA LLP C 242 60.53 -0.64 -4.42
CB LLP C 242 60.43 -0.09 -5.83
CG LLP C 242 60.37 -1.26 -6.81
CD LLP C 242 60.52 -0.78 -8.24
CE LLP C 242 60.29 -1.94 -9.19
NZ LLP C 242 60.32 -1.53 -10.60
C LLP C 242 60.79 0.49 -3.43
O LLP C 242 61.95 0.90 -3.28
N VAL C 243 59.75 1.00 -2.78
CA VAL C 243 59.93 2.04 -1.73
C VAL C 243 60.04 1.44 -0.34
N TYR C 244 60.79 0.35 -0.25
CA TYR C 244 61.08 -0.29 1.03
C TYR C 244 59.85 -0.83 1.72
N GLY C 245 58.81 -1.07 0.96
CA GLY C 245 57.55 -1.51 1.51
C GLY C 245 57.07 -2.88 1.09
N PRO C 246 55.89 -3.29 1.57
CA PRO C 246 55.33 -4.59 1.28
C PRO C 246 55.17 -4.86 -0.22
N SER C 247 55.24 -6.15 -0.57
CA SER C 247 54.78 -6.61 -1.86
C SER C 247 53.25 -6.54 -1.82
N GLY C 248 52.64 -6.57 -2.98
CA GLY C 248 51.19 -6.55 -3.08
C GLY C 248 50.56 -5.19 -2.93
N ILE C 249 51.32 -4.10 -3.07
CA ILE C 249 50.72 -2.77 -2.96
C ILE C 249 51.27 -1.78 -3.96
N GLY C 250 50.37 -1.16 -4.69
CA GLY C 250 50.72 -0.06 -5.58
C GLY C 250 49.92 1.20 -5.31
N VAL C 251 50.31 2.28 -5.96
CA VAL C 251 49.59 3.53 -5.83
C VAL C 251 49.34 4.17 -7.18
N LEU C 252 48.09 4.61 -7.37
CA LEU C 252 47.73 5.54 -8.44
C LEU C 252 47.30 6.88 -7.89
N TYR C 253 48.08 7.92 -8.19
CA TYR C 253 47.63 9.29 -7.91
C TYR C 253 47.02 9.82 -9.18
N GLY C 254 45.85 10.42 -9.05
CA GLY C 254 45.22 11.12 -10.15
C GLY C 254 44.54 12.41 -9.66
N ARG C 255 44.74 13.49 -10.39
CA ARG C 255 44.00 14.72 -10.18
C ARG C 255 42.53 14.36 -10.16
N ALA C 256 41.83 14.87 -9.16
CA ALA C 256 40.41 14.55 -8.94
C ALA C 256 39.53 14.60 -10.20
N GLN C 257 39.74 15.64 -11.01
CA GLN C 257 38.92 15.89 -12.20
C GLN C 257 39.20 14.82 -13.23
N MET C 258 40.43 14.32 -13.26
CA MET C 258 40.82 13.28 -14.19
C MET C 258 40.35 11.90 -13.73
N LEU C 259 40.42 11.64 -12.43
CA LEU C 259 39.88 10.39 -11.89
C LEU C 259 38.39 10.29 -12.14
N GLU C 260 37.74 11.44 -12.01
CA GLU C 260 36.29 11.54 -12.13
C GLU C 260 35.83 11.21 -13.54
N LYS C 261 36.55 11.72 -14.53
CA LYS C 261 36.22 11.38 -15.91
C LYS C 261 36.43 9.91 -16.29
N MET C 262 37.15 9.13 -15.50
CA MET C 262 37.46 7.74 -15.85
C MET C 262 36.33 6.79 -15.47
N ARG C 263 35.96 5.91 -16.40
CA ARG C 263 35.01 4.84 -16.11
C ARG C 263 35.68 3.74 -15.27
N PRO C 264 34.90 2.84 -14.68
CA PRO C 264 35.48 1.86 -13.80
C PRO C 264 36.40 0.91 -14.59
N PHE C 265 37.46 0.47 -13.93
CA PHE C 265 38.33 -0.57 -14.44
C PHE C 265 37.81 -1.90 -13.91
N GLN C 266 38.19 -2.27 -12.70
CA GLN C 266 37.67 -3.50 -12.11
C GLN C 266 36.33 -3.28 -11.43
N GLY C 267 35.45 -4.26 -11.58
CA GLY C 267 34.11 -4.18 -11.05
C GLY C 267 33.86 -5.10 -9.88
N GLY C 268 33.08 -4.62 -8.90
CA GLY C 268 32.67 -5.47 -7.80
C GLY C 268 32.29 -4.76 -6.52
N GLY C 269 32.38 -5.48 -5.42
CA GLY C 269 32.16 -4.91 -4.11
C GLY C 269 32.96 -3.63 -3.88
N GLU C 270 32.35 -2.69 -3.13
CA GLU C 270 33.04 -1.50 -2.62
C GLU C 270 33.32 -0.39 -3.64
N MET C 271 32.95 -0.58 -4.91
CA MET C 271 33.11 0.45 -5.92
C MET C 271 31.77 0.78 -6.55
N ILE C 272 30.71 0.17 -6.02
CA ILE C 272 29.36 0.48 -6.45
C ILE C 272 28.64 1.45 -5.49
N GLU C 273 27.56 2.04 -5.97
CA GLU C 273 26.63 2.81 -5.12
C GLU C 273 25.37 2.00 -4.93
N GLU C 274 24.71 1.66 -6.04
CA GLU C 274 23.61 0.71 -6.05
C GLU C 274 23.83 -0.46 -7.06
N VAL C 275 23.49 -1.68 -6.63
CA VAL C 275 23.42 -2.85 -7.50
C VAL C 275 22.01 -3.44 -7.45
N THR C 276 21.35 -3.46 -8.61
CA THR C 276 20.11 -4.19 -8.77
C THR C 276 20.29 -5.23 -9.90
N GLU C 277 19.34 -6.13 -10.02
CA GLU C 277 19.35 -7.09 -11.11
C GLU C 277 19.45 -6.42 -12.48
N GLU C 278 18.83 -5.25 -12.59
CA GLU C 278 18.69 -4.57 -13.87
C GLU C 278 19.85 -3.61 -14.19
N ASN C 279 20.52 -3.09 -13.17
CA ASN C 279 21.54 -2.05 -13.40
C ASN C 279 22.49 -1.87 -12.22
N VAL C 280 23.62 -1.20 -12.49
CA VAL C 280 24.62 -0.90 -11.49
C VAL C 280 25.02 0.55 -11.61
N THR C 281 25.17 1.23 -10.48
CA THR C 281 25.72 2.58 -10.46
C THR C 281 26.99 2.54 -9.64
N TYR C 282 27.89 3.47 -9.92
CA TYR C 282 29.24 3.43 -9.38
C TYR C 282 29.56 4.55 -8.39
N ASN C 283 30.38 4.19 -7.40
CA ASN C 283 31.04 5.15 -6.48
C ASN C 283 31.84 6.20 -7.21
N HIS C 284 32.28 7.19 -6.47
CA HIS C 284 33.18 8.19 -7.01
C HIS C 284 34.57 7.82 -6.59
N PRO C 285 35.59 8.41 -7.21
CA PRO C 285 36.98 8.09 -6.81
C PRO C 285 37.23 8.48 -5.36
N PRO C 286 38.18 7.83 -4.68
CA PRO C 286 39.06 6.79 -5.21
C PRO C 286 38.42 5.41 -5.20
N HIS C 287 37.30 5.28 -4.51
CA HIS C 287 36.68 3.98 -4.28
C HIS C 287 36.13 3.37 -5.57
N ARG C 288 35.75 4.22 -6.50
CA ARG C 288 35.32 3.74 -7.80
C ARG C 288 36.33 2.73 -8.39
N PHE C 289 37.60 2.88 -8.05
CA PHE C 289 38.70 2.13 -8.67
C PHE C 289 39.31 1.07 -7.75
N GLU C 290 38.70 0.81 -6.60
CA GLU C 290 39.21 -0.17 -5.64
C GLU C 290 38.13 -1.21 -5.44
N ALA C 291 38.09 -2.18 -6.34
CA ALA C 291 37.11 -3.25 -6.31
C ALA C 291 37.54 -4.32 -5.33
N GLY C 292 36.59 -4.83 -4.55
CA GLY C 292 36.85 -5.84 -3.53
C GLY C 292 37.76 -5.42 -2.38
N THR C 293 38.01 -6.37 -1.48
CA THR C 293 38.93 -6.15 -0.38
C THR C 293 40.31 -5.74 -0.92
N PRO C 294 40.84 -4.62 -0.45
CA PRO C 294 42.10 -4.13 -0.96
C PRO C 294 43.24 -4.75 -0.18
N PRO C 295 44.48 -4.37 -0.51
CA PRO C 295 45.59 -4.93 0.21
C PRO C 295 45.85 -4.20 1.50
N ILE C 296 45.01 -4.54 2.47
CA ILE C 296 44.86 -3.79 3.70
C ILE C 296 46.18 -3.62 4.40
N VAL C 297 46.75 -4.74 4.82
CA VAL C 297 47.93 -4.76 5.68
C VAL C 297 49.17 -4.34 4.89
N GLN C 298 49.14 -4.54 3.58
CA GLN C 298 50.19 -4.06 2.69
C GLN C 298 50.17 -2.48 2.62
N ALA C 299 48.99 -1.91 2.52
CA ALA C 299 48.83 -0.43 2.59
C ALA C 299 49.39 0.11 3.91
N ILE C 300 48.97 -0.49 5.01
CA ILE C 300 49.51 -0.12 6.31
C ILE C 300 51.03 -0.22 6.33
N GLY C 301 51.58 -1.36 5.88
CA GLY C 301 53.02 -1.51 5.82
C GLY C 301 53.72 -0.51 4.93
N LEU C 302 53.10 -0.16 3.80
CA LEU C 302 53.60 0.90 2.93
C LEU C 302 53.74 2.25 3.65
N GLY C 303 52.69 2.64 4.37
CA GLY C 303 52.72 3.80 5.27
C GLY C 303 53.92 3.88 6.18
N ALA C 304 54.19 2.78 6.87
CA ALA C 304 55.41 2.66 7.68
C ALA C 304 56.70 2.85 6.85
N ALA C 305 56.69 2.34 5.62
CA ALA C 305 57.89 2.41 4.77
C ALA C 305 58.14 3.84 4.33
N LEU C 306 57.09 4.53 3.91
CA LEU C 306 57.20 5.97 3.55
C LEU C 306 57.59 6.84 4.73
N GLU C 307 57.14 6.47 5.93
CA GLU C 307 57.57 7.20 7.14
C GLU C 307 59.06 6.97 7.40
N TYR C 308 59.52 5.75 7.14
CA TYR C 308 60.93 5.43 7.29
C TYR C 308 61.78 6.36 6.41
N MET C 309 61.38 6.52 5.16
CA MET C 309 62.07 7.40 4.24
C MET C 309 62.05 8.85 4.70
N GLU C 310 60.91 9.30 5.24
CA GLU C 310 60.83 10.64 5.81
C GLU C 310 61.76 10.80 7.02
N LYS C 311 61.85 9.78 7.87
CA LYS C 311 62.72 9.84 9.04
C LYS C 311 64.18 10.08 8.65
N ILE C 312 64.67 9.37 7.61
CA ILE C 312 66.06 9.56 7.15
C ILE C 312 66.22 10.91 6.46
N GLY C 313 65.21 11.30 5.70
CA GLY C 313 65.21 12.60 5.03
C GLY C 313 65.47 12.37 3.55
N ARG C 314 64.53 12.78 2.72
CA ARG C 314 64.55 12.50 1.31
C ARG C 314 65.69 13.13 0.56
N HIS C 315 66.13 14.28 1.04
CA HIS C 315 67.25 14.96 0.45
C HIS C 315 68.57 14.43 0.95
N ALA C 316 68.60 13.88 2.16
CA ALA C 316 69.79 13.23 2.66
C ALA C 316 70.02 11.94 1.85
N ILE C 317 68.93 11.22 1.54
CA ILE C 317 68.99 10.07 0.71
C ILE C 317 69.55 10.42 -0.67
N LEU C 318 69.00 11.46 -1.28
CA LEU C 318 69.41 11.89 -2.60
C LEU C 318 70.89 12.21 -2.64
N ALA C 319 71.39 12.86 -1.61
CA ALA C 319 72.81 13.18 -1.53
C ALA C 319 73.66 11.91 -1.44
N HIS C 320 73.21 10.96 -0.63
CA HIS C 320 73.94 9.71 -0.41
C HIS C 320 73.96 8.82 -1.65
N GLU C 321 72.81 8.68 -2.31
CA GLU C 321 72.75 7.92 -3.53
C GLU C 321 73.53 8.58 -4.66
N ALA C 322 73.60 9.91 -4.64
CA ALA C 322 74.40 10.64 -5.63
C ALA C 322 75.90 10.33 -5.45
N ASP C 323 76.34 10.29 -4.20
CA ASP C 323 77.71 9.90 -3.89
C ASP C 323 78.01 8.45 -4.38
N LEU C 324 77.08 7.53 -4.13
CA LEU C 324 77.23 6.13 -4.59
C LEU C 324 77.28 6.03 -6.12
N ARG C 325 76.43 6.81 -6.78
CA ARG C 325 76.41 6.86 -8.24
C ARG C 325 77.75 7.30 -8.80
N ASP C 326 78.23 8.45 -8.32
CA ASP C 326 79.48 9.02 -8.81
C ASP C 326 80.67 8.08 -8.55
N TYR C 327 80.71 7.52 -7.34
CA TYR C 327 81.79 6.64 -6.95
C TYR C 327 81.78 5.35 -7.77
N ALA C 328 80.58 4.83 -8.05
CA ALA C 328 80.43 3.68 -8.90
C ALA C 328 80.88 3.94 -10.32
N HIS C 329 80.53 5.09 -10.87
CA HIS C 329 80.99 5.46 -12.21
C HIS C 329 82.50 5.57 -12.29
N GLU C 330 83.10 6.09 -11.22
CA GLU C 330 84.55 6.22 -11.15
C GLU C 330 85.20 4.83 -11.13
N ARG C 331 84.76 4.00 -10.19
CA ARG C 331 85.35 2.68 -9.98
C ARG C 331 85.18 1.77 -11.18
N LEU C 332 83.94 1.60 -11.63
CA LEU C 332 83.67 0.76 -12.79
C LEU C 332 84.28 1.32 -14.05
N GLY C 333 84.37 2.64 -14.14
CA GLY C 333 85.03 3.29 -15.26
C GLY C 333 86.46 2.86 -15.45
N ARG C 334 87.11 2.47 -14.35
CA ARG C 334 88.50 1.96 -14.42
C ARG C 334 88.64 0.54 -14.92
N ILE C 335 87.53 -0.16 -15.11
CA ILE C 335 87.59 -1.57 -15.56
C ILE C 335 87.62 -1.61 -17.07
N ASN C 336 88.67 -2.28 -17.59
CA ASN C 336 89.07 -2.22 -18.99
C ASN C 336 87.90 -2.25 -19.98
N SER C 337 87.22 -3.37 -20.03
CA SER C 337 86.28 -3.63 -21.10
C SER C 337 84.83 -3.22 -20.80
N LEU C 338 84.62 -2.43 -19.74
CA LEU C 338 83.29 -2.23 -19.22
C LEU C 338 82.61 -1.00 -19.81
N ARG C 339 81.37 -1.16 -20.24
CA ARG C 339 80.58 -0.05 -20.74
C ARG C 339 79.37 0.23 -19.84
N ILE C 340 79.12 1.49 -19.51
CA ILE C 340 77.92 1.86 -18.78
C ILE C 340 76.91 2.44 -19.74
N PHE C 341 75.67 1.98 -19.62
CA PHE C 341 74.57 2.47 -20.45
C PHE C 341 73.81 3.52 -19.66
N GLY C 342 74.01 4.78 -20.04
CA GLY C 342 73.31 5.92 -19.38
C GLY C 342 74.25 6.70 -18.49
N ASN C 343 74.64 7.89 -18.91
CA ASN C 343 75.57 8.75 -18.16
C ASN C 343 75.04 10.17 -17.94
N ALA C 344 73.73 10.33 -17.86
CA ALA C 344 73.16 11.66 -17.61
C ALA C 344 73.70 12.21 -16.29
N PRO C 345 74.05 13.51 -16.26
CA PRO C 345 74.60 14.14 -15.04
C PRO C 345 73.71 14.06 -13.78
N ASP C 346 72.40 14.09 -13.93
CA ASP C 346 71.52 14.08 -12.76
C ASP C 346 70.85 12.70 -12.54
N LYS C 347 71.43 11.66 -13.08
CA LYS C 347 70.81 10.35 -13.05
C LYS C 347 70.71 9.79 -11.63
N GLY C 348 69.73 8.92 -11.46
CA GLY C 348 69.62 8.08 -10.27
C GLY C 348 70.69 7.00 -10.21
N ALA C 349 70.83 6.37 -9.06
CA ALA C 349 71.91 5.46 -8.78
C ALA C 349 71.57 4.05 -9.28
N ILE C 350 71.37 3.99 -10.59
CA ILE C 350 71.04 2.77 -11.29
C ILE C 350 72.08 2.69 -12.36
N ILE C 351 72.85 1.61 -12.34
CA ILE C 351 73.97 1.44 -13.25
C ILE C 351 73.84 0.13 -14.02
N SER C 352 73.50 0.29 -15.30
CA SER C 352 73.44 -0.76 -16.24
C SER C 352 74.73 -0.80 -17.02
N PHE C 353 75.25 -2.00 -17.20
CA PHE C 353 76.59 -2.19 -17.80
C PHE C 353 76.76 -3.54 -18.47
N ALA C 354 77.82 -3.64 -19.28
CA ALA C 354 78.20 -4.86 -19.97
C ALA C 354 79.71 -4.96 -20.01
N LEU C 355 80.22 -6.20 -19.97
CA LEU C 355 81.62 -6.46 -20.21
C LEU C 355 81.81 -7.05 -21.63
N GLU C 356 82.73 -6.48 -22.39
CA GLU C 356 82.87 -6.83 -23.78
C GLU C 356 83.18 -8.31 -23.86
N GLY C 357 82.41 -9.02 -24.67
CA GLY C 357 82.67 -10.44 -24.98
C GLY C 357 82.16 -11.44 -23.97
N ILE C 358 81.42 -10.99 -22.98
CA ILE C 358 80.91 -11.85 -21.93
C ILE C 358 79.41 -11.62 -21.78
N HIS C 359 78.66 -12.71 -21.66
CA HIS C 359 77.23 -12.63 -21.49
C HIS C 359 76.88 -12.13 -20.11
N ALA C 360 75.82 -11.34 -20.03
CA ALA C 360 75.41 -10.75 -18.75
C ALA C 360 75.07 -11.83 -17.73
N HIS C 361 74.42 -12.90 -18.20
CA HIS C 361 74.02 -14.00 -17.30
C HIS C 361 75.24 -14.68 -16.70
N ASP C 362 76.32 -14.75 -17.45
CA ASP C 362 77.58 -15.28 -16.93
C ASP C 362 78.13 -14.41 -15.82
N VAL C 363 78.17 -13.08 -16.07
CA VAL C 363 78.72 -12.12 -15.10
C VAL C 363 77.93 -12.21 -13.82
N SER C 364 76.63 -12.22 -13.98
CA SER C 364 75.69 -12.20 -12.87
C SER C 364 75.73 -13.46 -12.01
N MET C 365 75.72 -14.63 -12.66
CA MET C 365 75.73 -15.90 -11.94
C MET C 365 77.00 -15.97 -11.10
N VAL C 366 78.07 -15.47 -11.68
CA VAL C 366 79.38 -15.62 -11.09
C VAL C 366 79.62 -14.75 -9.90
N ILE C 367 79.28 -13.46 -10.03
CA ILE C 367 79.45 -12.54 -8.89
C ILE C 367 78.43 -12.82 -7.76
N ASP C 368 77.32 -13.47 -8.09
CA ASP C 368 76.40 -13.99 -7.04
C ASP C 368 77.12 -14.95 -6.10
N ARG C 369 78.06 -15.73 -6.66
CA ARG C 369 78.87 -16.68 -5.89
C ARG C 369 79.85 -16.00 -4.94
N ALA C 370 80.21 -14.77 -5.29
CA ALA C 370 81.01 -13.93 -4.41
C ALA C 370 80.14 -13.19 -3.39
N GLY C 371 78.82 -13.27 -3.54
CA GLY C 371 77.87 -12.61 -2.62
C GLY C 371 77.16 -11.40 -3.21
N VAL C 372 77.55 -11.00 -4.42
CA VAL C 372 77.01 -9.79 -5.05
C VAL C 372 75.77 -10.09 -5.89
N ALA C 373 74.69 -9.41 -5.52
CA ALA C 373 73.41 -9.54 -6.19
C ALA C 373 73.17 -8.41 -7.16
N VAL C 374 73.21 -8.75 -8.43
CA VAL C 374 72.86 -7.86 -9.49
C VAL C 374 71.85 -8.56 -10.37
N ARG C 375 71.28 -7.89 -11.37
CA ARG C 375 70.36 -8.58 -12.28
C ARG C 375 70.81 -8.46 -13.72
N ALA C 376 70.68 -9.55 -14.46
CA ALA C 376 70.97 -9.56 -15.90
C ALA C 376 69.69 -9.81 -16.67
N GLY C 377 69.60 -9.32 -17.90
CA GLY C 377 68.43 -9.58 -18.73
C GLY C 377 67.88 -8.31 -19.37
N THR C 378 66.57 -8.31 -19.66
CA THR C 378 65.93 -7.18 -20.36
C THR C 378 65.54 -6.04 -19.45
N HIS C 379 65.40 -6.29 -18.15
CA HIS C 379 64.90 -5.29 -17.18
C HIS C 379 63.53 -4.77 -17.57
N CYS C 380 62.75 -5.63 -18.24
CA CYS C 380 61.42 -5.23 -18.72
C CYS C 380 61.51 -3.93 -19.54
N ALA C 381 62.57 -3.78 -20.34
CA ALA C 381 62.75 -2.61 -21.22
C ALA C 381 63.48 -2.98 -22.56
N GLN C 382 62.90 -3.90 -23.32
CA GLN C 382 63.51 -4.41 -24.56
C GLN C 382 63.71 -3.35 -25.63
N PRO C 383 62.71 -2.50 -25.86
CA PRO C 383 62.90 -1.54 -26.95
C PRO C 383 64.08 -0.63 -26.69
N LEU C 384 64.29 -0.32 -25.42
CA LEU C 384 65.40 0.50 -25.03
C LEU C 384 66.71 -0.21 -25.36
N LEU C 385 66.82 -1.47 -24.95
CA LEU C 385 68.03 -2.28 -25.23
C LEU C 385 68.30 -2.48 -26.73
N LYS C 386 67.25 -2.70 -27.49
CA LYS C 386 67.36 -2.78 -28.91
C LYS C 386 67.90 -1.50 -29.52
N ARG C 387 67.37 -0.36 -29.10
CA ARG C 387 67.86 0.95 -29.50
C ARG C 387 69.30 1.18 -29.08
N PHE C 388 69.74 0.60 -27.97
CA PHE C 388 71.14 0.68 -27.55
C PHE C 388 72.05 -0.44 -28.13
N GLY C 389 71.49 -1.33 -28.95
CA GLY C 389 72.27 -2.32 -29.64
C GLY C 389 72.65 -3.56 -28.84
N VAL C 390 71.84 -3.91 -27.85
CA VAL C 390 72.08 -5.12 -27.04
C VAL C 390 70.78 -5.87 -26.77
N THR C 391 70.93 -7.14 -26.35
CA THR C 391 69.80 -7.98 -25.96
C THR C 391 69.70 -8.14 -24.41
N SER C 392 70.85 -8.04 -23.74
CA SER C 392 70.88 -8.06 -22.25
C SER C 392 71.93 -7.11 -21.65
N THR C 393 71.69 -6.69 -20.40
CA THR C 393 72.72 -6.01 -19.60
C THR C 393 72.67 -6.44 -18.15
N CYS C 394 73.73 -6.15 -17.41
CA CYS C 394 73.72 -6.28 -15.97
C CYS C 394 73.25 -4.94 -15.41
N ARG C 395 72.59 -5.00 -14.26
CA ARG C 395 72.14 -3.80 -13.59
C ARG C 395 72.45 -3.90 -12.11
N ALA C 396 73.26 -2.96 -11.64
CA ALA C 396 73.48 -2.78 -10.24
C ALA C 396 72.70 -1.52 -9.85
N SER C 397 71.74 -1.66 -8.96
CA SER C 397 70.86 -0.54 -8.58
C SER C 397 70.97 -0.33 -7.09
N PHE C 398 71.31 0.90 -6.71
CA PHE C 398 71.64 1.22 -5.33
C PHE C 398 70.46 1.77 -4.54
N ALA C 399 70.52 1.60 -3.22
CA ALA C 399 69.46 2.07 -2.31
C ALA C 399 70.04 2.85 -1.13
N LEU C 400 69.16 3.33 -0.26
CA LEU C 400 69.58 4.17 0.86
C LEU C 400 70.46 3.47 1.87
N TYR C 401 70.43 2.13 1.91
CA TYR C 401 71.25 1.37 2.86
C TYR C 401 72.57 0.89 2.28
N ASN C 402 72.82 1.11 0.99
CA ASN C 402 74.06 0.63 0.37
C ASN C 402 75.23 1.55 0.69
N THR C 403 76.44 1.03 0.52
CA THR C 403 77.65 1.75 0.91
C THR C 403 78.69 1.82 -0.18
N ARG C 404 79.67 2.68 0.04
CA ARG C 404 80.85 2.72 -0.85
C ARG C 404 81.60 1.39 -0.89
N ALA C 405 81.66 0.69 0.25
CA ALA C 405 82.40 -0.54 0.33
C ALA C 405 81.72 -1.59 -0.56
N GLU C 406 80.40 -1.49 -0.69
CA GLU C 406 79.66 -2.37 -1.57
C GLU C 406 79.93 -2.07 -3.05
N VAL C 407 80.15 -0.80 -3.37
CA VAL C 407 80.56 -0.42 -4.71
C VAL C 407 81.92 -1.05 -5.01
N ASP C 408 82.81 -1.02 -4.03
CA ASP C 408 84.12 -1.66 -4.17
C ASP C 408 84.02 -3.16 -4.37
N ALA C 409 83.13 -3.79 -3.60
CA ALA C 409 82.90 -5.22 -3.72
C ALA C 409 82.37 -5.55 -5.11
N LEU C 410 81.45 -4.73 -5.61
CA LEU C 410 80.95 -4.91 -6.97
C LEU C 410 82.09 -4.82 -7.96
N ALA C 411 82.91 -3.78 -7.81
CA ALA C 411 84.00 -3.54 -8.74
C ALA C 411 85.06 -4.66 -8.73
N GLU C 412 85.42 -5.11 -7.53
CA GLU C 412 86.36 -6.20 -7.37
C GLU C 412 85.83 -7.46 -8.02
N ALA C 413 84.58 -7.78 -7.74
CA ALA C 413 83.92 -8.95 -8.30
C ALA C 413 83.83 -8.89 -9.83
N LEU C 414 83.54 -7.72 -10.38
CA LEU C 414 83.48 -7.55 -11.84
C LEU C 414 84.84 -7.70 -12.53
N GLU C 415 85.89 -7.17 -11.91
CA GLU C 415 87.25 -7.34 -12.41
C GLU C 415 87.60 -8.84 -12.43
N LYS C 416 87.25 -9.53 -11.35
CA LYS C 416 87.51 -10.96 -11.22
C LYS C 416 86.76 -11.77 -12.26
N ALA C 417 85.51 -11.40 -12.50
CA ALA C 417 84.69 -12.03 -13.53
C ALA C 417 85.25 -11.83 -14.92
N ARG C 418 85.80 -10.66 -15.19
CA ARG C 418 86.42 -10.38 -16.47
C ARG C 418 87.65 -11.29 -16.75
N LYS C 419 88.46 -11.49 -15.71
CA LYS C 419 89.67 -12.33 -15.82
C LYS C 419 89.24 -13.80 -15.97
N PHE C 420 88.22 -14.20 -15.24
CA PHE C 420 87.72 -15.57 -15.30
C PHE C 420 87.26 -15.98 -16.70
N PHE C 421 86.41 -15.17 -17.33
CA PHE C 421 85.88 -15.49 -18.65
C PHE C 421 86.75 -15.04 -19.80
N GLY C 422 87.80 -14.25 -19.52
CA GLY C 422 88.65 -13.73 -20.58
C GLY C 422 89.60 -14.83 -20.87
N TYR D 19 38.64 -33.09 17.82
CA TYR D 19 38.74 -31.62 17.47
C TYR D 19 39.09 -30.75 18.68
N ASP D 20 40.36 -30.38 18.83
CA ASP D 20 40.83 -29.63 20.00
C ASP D 20 40.77 -28.12 19.70
N VAL D 21 39.58 -27.55 19.81
CA VAL D 21 39.40 -26.13 19.47
C VAL D 21 40.22 -25.19 20.38
N GLU D 22 40.40 -25.56 21.65
CA GLU D 22 41.18 -24.72 22.57
C GLU D 22 42.65 -24.65 22.10
N ALA D 23 43.18 -25.78 21.64
CA ALA D 23 44.53 -25.81 21.09
C ALA D 23 44.65 -25.01 19.80
N ILE D 24 43.65 -25.16 18.94
CA ILE D 24 43.59 -24.40 17.68
C ILE D 24 43.58 -22.89 17.94
N ARG D 25 42.73 -22.44 18.87
CA ARG D 25 42.64 -21.02 19.23
C ARG D 25 43.98 -20.44 19.70
N ARG D 26 44.75 -21.23 20.44
CA ARG D 26 46.08 -20.80 20.86
C ARG D 26 47.04 -20.50 19.68
N ASP D 27 46.75 -20.99 18.48
CA ASP D 27 47.55 -20.60 17.31
C ASP D 27 47.26 -19.21 16.75
N PHE D 28 46.16 -18.58 17.18
CA PHE D 28 45.70 -17.30 16.67
C PHE D 28 45.83 -16.20 17.75
N PRO D 29 46.93 -15.42 17.72
CA PRO D 29 47.23 -14.49 18.80
C PRO D 29 46.10 -13.49 19.10
N ILE D 30 45.46 -12.99 18.05
CA ILE D 30 44.45 -11.97 18.20
C ILE D 30 43.26 -12.41 19.06
N LEU D 31 42.94 -13.69 19.05
CA LEU D 31 41.72 -14.19 19.72
C LEU D 31 41.71 -13.99 21.22
N SER D 32 42.88 -13.77 21.80
CA SER D 32 43.00 -13.56 23.24
C SER D 32 42.95 -12.07 23.64
N ARG D 33 42.93 -11.16 22.67
CA ARG D 33 42.92 -9.74 23.00
C ARG D 33 41.55 -9.28 23.49
N GLN D 34 41.54 -8.15 24.18
CA GLN D 34 40.31 -7.55 24.64
C GLN D 34 39.84 -6.42 23.71
N VAL D 35 38.55 -6.13 23.77
CA VAL D 35 37.88 -5.14 22.93
C VAL D 35 36.87 -4.40 23.83
N HIS D 36 37.03 -3.08 23.98
CA HIS D 36 36.26 -2.28 24.96
C HIS D 36 36.35 -2.88 26.36
N GLY D 37 37.55 -3.32 26.74
CA GLY D 37 37.78 -4.01 28.01
C GLY D 37 37.09 -5.36 28.14
N LYS D 38 36.60 -5.90 27.04
CA LYS D 38 35.79 -7.09 27.08
C LYS D 38 36.34 -8.16 26.16
N THR D 39 35.94 -9.40 26.39
CA THR D 39 36.45 -10.52 25.65
C THR D 39 36.02 -10.43 24.20
N LEU D 40 36.97 -10.58 23.27
CA LEU D 40 36.64 -10.60 21.87
C LEU D 40 35.89 -11.88 21.51
N VAL D 41 34.86 -11.73 20.70
CA VAL D 41 34.08 -12.81 20.15
C VAL D 41 33.91 -12.43 18.69
N TYR D 42 34.84 -12.89 17.84
CA TYR D 42 34.89 -12.46 16.46
C TYR D 42 34.06 -13.40 15.59
N LEU D 43 32.93 -12.90 15.13
CA LEU D 43 32.03 -13.63 14.26
C LEU D 43 31.76 -12.90 12.95
N ASP D 44 32.76 -12.19 12.45
CA ASP D 44 32.70 -11.53 11.15
C ASP D 44 33.74 -12.15 10.17
N ASN D 45 33.85 -13.47 10.20
CA ASN D 45 34.86 -14.21 9.42
C ASN D 45 34.56 -14.17 7.94
N GLY D 46 33.27 -14.13 7.60
CA GLY D 46 32.83 -14.03 6.21
C GLY D 46 33.33 -12.79 5.49
N ALA D 47 33.60 -11.72 6.24
CA ALA D 47 34.21 -10.52 5.69
C ALA D 47 35.73 -10.67 5.64
N SER D 48 36.33 -11.15 6.71
CA SER D 48 37.73 -11.51 6.71
C SER D 48 38.09 -12.31 7.94
N ALA D 49 39.03 -13.26 7.79
CA ALA D 49 39.38 -14.20 8.86
C ALA D 49 40.69 -13.85 9.52
N GLN D 50 40.85 -14.31 10.74
CA GLN D 50 42.07 -14.06 11.48
C GLN D 50 43.14 -15.08 11.06
N LYS D 51 44.37 -14.78 11.46
CA LYS D 51 45.54 -15.41 10.95
C LYS D 51 46.22 -16.21 12.04
N PRO D 52 46.60 -17.46 11.72
CA PRO D 52 47.39 -18.24 12.66
C PRO D 52 48.81 -17.71 12.73
N GLN D 53 49.47 -17.97 13.83
CA GLN D 53 50.86 -17.56 14.01
C GLN D 53 51.78 -18.00 12.83
N SER D 54 51.60 -19.22 12.30
CA SER D 54 52.43 -19.71 11.22
C SER D 54 52.35 -18.84 9.98
N VAL D 55 51.17 -18.31 9.67
CA VAL D 55 51.03 -17.34 8.55
C VAL D 55 51.79 -16.06 8.80
N ILE D 56 51.76 -15.61 10.04
CA ILE D 56 52.42 -14.35 10.40
C ILE D 56 53.90 -14.56 10.36
N ASP D 57 54.34 -15.67 10.94
CA ASP D 57 55.75 -16.08 10.89
C ASP D 57 56.25 -16.23 9.46
N ALA D 58 55.46 -16.80 8.57
CA ALA D 58 55.89 -16.97 7.19
C ALA D 58 56.07 -15.62 6.51
N VAL D 59 55.13 -14.71 6.71
CA VAL D 59 55.25 -13.35 6.19
C VAL D 59 56.50 -12.68 6.74
N THR D 60 56.68 -12.73 8.05
CA THR D 60 57.84 -12.10 8.68
C THR D 60 59.16 -12.68 8.15
N HIS D 61 59.26 -14.01 8.15
CA HIS D 61 60.48 -14.68 7.69
C HIS D 61 60.83 -14.31 6.24
N ALA D 62 59.83 -14.30 5.36
CA ALA D 62 60.06 -13.93 3.98
C ALA D 62 60.68 -12.52 3.86
N TYR D 63 60.07 -11.52 4.50
CA TYR D 63 60.62 -10.14 4.45
C TYR D 63 61.96 -10.00 5.17
N ALA D 64 62.13 -10.69 6.29
CA ALA D 64 63.32 -10.53 7.13
C ALA D 64 64.54 -11.28 6.62
N ASN D 65 64.33 -12.39 5.92
CA ASN D 65 65.43 -13.30 5.62
C ASN D 65 65.53 -13.82 4.18
N GLU D 66 64.45 -13.82 3.43
CA GLU D 66 64.44 -14.43 2.11
C GLU D 66 63.71 -13.61 1.06
N TYR D 67 64.05 -12.34 0.97
CA TYR D 67 63.29 -11.40 0.15
C TYR D 67 64.05 -10.89 -1.07
N ALA D 68 63.34 -10.90 -2.20
CA ALA D 68 63.83 -10.40 -3.48
C ALA D 68 62.67 -10.50 -4.45
N ASN D 69 62.81 -9.94 -5.65
CA ASN D 69 61.80 -10.17 -6.69
C ASN D 69 61.96 -11.58 -7.29
N VAL D 70 60.95 -12.02 -8.04
CA VAL D 70 60.84 -13.42 -8.43
C VAL D 70 60.96 -13.78 -9.93
N HIS D 71 61.44 -12.90 -10.78
CA HIS D 71 61.67 -13.36 -12.20
C HIS D 71 62.73 -14.37 -12.23
N ARG D 72 62.61 -15.43 -11.41
CA ARG D 72 63.76 -16.34 -11.10
C ARG D 72 65.07 -15.68 -11.49
N GLY D 73 65.56 -14.73 -10.68
CA GLY D 73 66.87 -14.07 -10.93
C GLY D 73 67.96 -15.07 -10.67
N LEU D 74 69.14 -14.81 -11.18
CA LEU D 74 70.21 -15.71 -10.94
C LEU D 74 70.65 -15.68 -9.47
N HIS D 75 70.51 -14.55 -8.79
CA HIS D 75 71.18 -14.39 -7.49
C HIS D 75 70.44 -15.11 -6.37
N PHE D 76 71.12 -15.34 -5.26
CA PHE D 76 70.61 -16.21 -4.20
C PHE D 76 69.20 -15.86 -3.77
N LEU D 77 68.99 -14.62 -3.30
CA LEU D 77 67.69 -14.25 -2.75
C LEU D 77 66.58 -14.35 -3.79
N SER D 78 66.86 -13.98 -5.05
CA SER D 78 65.81 -14.01 -6.08
C SER D 78 65.39 -15.45 -6.28
N ASN D 79 66.38 -16.34 -6.17
CA ASN D 79 66.13 -17.76 -6.20
C ASN D 79 65.33 -18.28 -5.04
N ALA D 80 65.72 -17.90 -3.83
CA ALA D 80 65.04 -18.38 -2.65
C ALA D 80 63.57 -17.90 -2.65
N ALA D 81 63.35 -16.67 -3.11
CA ALA D 81 62.01 -16.11 -3.13
C ALA D 81 61.17 -16.73 -4.24
N THR D 82 61.78 -16.96 -5.41
CA THR D 82 61.06 -17.62 -6.49
C THR D 82 60.64 -19.03 -6.07
N ASP D 83 61.51 -19.74 -5.34
CA ASP D 83 61.15 -21.06 -4.82
C ASP D 83 59.98 -21.03 -3.87
N ALA D 84 60.04 -20.13 -2.91
CA ALA D 84 58.97 -19.97 -1.92
C ALA D 84 57.67 -19.60 -2.60
N TYR D 85 57.78 -18.76 -3.62
CA TYR D 85 56.62 -18.32 -4.37
C TYR D 85 56.04 -19.48 -5.16
N GLU D 86 56.86 -20.10 -6.01
CA GLU D 86 56.42 -21.28 -6.75
C GLU D 86 55.89 -22.40 -5.84
N LYS D 87 56.47 -22.56 -4.66
CA LYS D 87 55.95 -23.53 -3.73
C LYS D 87 54.49 -23.21 -3.28
N SER D 88 54.18 -21.92 -3.00
CA SER D 88 52.78 -21.42 -2.68
C SER D 88 51.83 -21.75 -3.82
N ARG D 89 52.31 -21.64 -5.05
CA ARG D 89 51.49 -21.97 -6.20
C ARG D 89 51.12 -23.44 -6.16
N GLU D 90 52.09 -24.27 -5.79
CA GLU D 90 51.88 -25.74 -5.67
C GLU D 90 50.92 -26.09 -4.54
N THR D 91 51.04 -25.39 -3.41
CA THR D 91 50.12 -25.57 -2.28
C THR D 91 48.68 -25.29 -2.66
N VAL D 92 48.48 -24.22 -3.42
CA VAL D 92 47.16 -23.86 -3.93
C VAL D 92 46.61 -24.92 -4.85
N ARG D 93 47.44 -25.34 -5.81
CA ARG D 93 47.13 -26.42 -6.72
C ARG D 93 46.66 -27.67 -5.97
N ARG D 94 47.44 -28.11 -5.00
CA ARG D 94 47.05 -29.25 -4.17
C ARG D 94 45.74 -29.01 -3.42
N PHE D 95 45.62 -27.81 -2.85
CA PHE D 95 44.45 -27.44 -2.02
C PHE D 95 43.17 -27.49 -2.84
N LEU D 96 43.22 -27.00 -4.08
CA LEU D 96 42.08 -27.09 -5.01
C LEU D 96 41.99 -28.42 -5.78
N ASN D 97 43.07 -29.21 -5.73
CA ASN D 97 43.17 -30.41 -6.51
C ASN D 97 43.13 -30.10 -8.01
N ALA D 98 43.79 -29.02 -8.40
CA ALA D 98 43.87 -28.70 -9.82
C ALA D 98 44.87 -29.67 -10.50
N GLY D 99 44.69 -29.89 -11.80
CA GLY D 99 45.55 -30.77 -12.56
C GLY D 99 47.01 -30.38 -12.53
N SER D 100 47.28 -29.09 -12.61
CA SER D 100 48.61 -28.54 -12.84
C SER D 100 48.76 -27.13 -12.16
N VAL D 101 49.97 -26.80 -11.71
CA VAL D 101 50.24 -25.44 -11.21
C VAL D 101 50.02 -24.36 -12.26
N ASP D 102 50.14 -24.69 -13.53
CA ASP D 102 49.96 -23.72 -14.61
C ASP D 102 48.51 -23.31 -14.78
N GLU D 103 47.60 -23.95 -14.05
CA GLU D 103 46.20 -23.57 -14.03
C GLU D 103 45.86 -22.61 -12.85
N ILE D 104 46.88 -22.23 -12.06
CA ILE D 104 46.71 -21.36 -10.91
C ILE D 104 47.29 -20.00 -11.24
N VAL D 105 46.42 -18.99 -11.26
CA VAL D 105 46.81 -17.59 -11.45
C VAL D 105 46.65 -16.84 -10.14
N PHE D 106 47.69 -16.15 -9.71
CA PHE D 106 47.64 -15.30 -8.50
C PHE D 106 47.13 -13.88 -8.84
N THR D 107 46.22 -13.39 -8.03
CA THR D 107 45.63 -12.05 -8.18
C THR D 107 45.60 -11.27 -6.83
N LYS D 108 45.15 -10.02 -6.90
CA LYS D 108 45.01 -9.12 -5.70
C LYS D 108 43.98 -9.71 -4.75
N ASN D 109 42.92 -10.27 -5.33
CA ASN D 109 41.80 -10.78 -4.55
C ASN D 109 40.87 -11.56 -5.47
N ALA D 110 39.83 -12.16 -4.90
CA ALA D 110 38.86 -12.89 -5.71
C ALA D 110 38.17 -11.99 -6.70
N THR D 111 37.89 -10.77 -6.31
CA THR D 111 37.22 -9.84 -7.21
C THR D 111 38.02 -9.72 -8.51
N GLU D 112 39.31 -9.46 -8.39
CA GLU D 112 40.18 -9.31 -9.56
C GLU D 112 40.23 -10.62 -10.41
N ALA D 113 40.20 -11.75 -9.74
CA ALA D 113 40.13 -13.02 -10.41
C ALA D 113 38.92 -13.07 -11.33
N ILE D 114 37.78 -12.68 -10.81
CA ILE D 114 36.55 -12.68 -11.62
C ILE D 114 36.67 -11.72 -12.79
N ASN D 115 37.18 -10.51 -12.54
CA ASN D 115 37.39 -9.53 -13.63
C ASN D 115 38.31 -10.06 -14.72
N THR D 116 39.32 -10.85 -14.34
CA THR D 116 40.29 -11.40 -15.29
C THR D 116 39.54 -12.26 -16.34
N VAL D 117 38.65 -13.11 -15.86
CA VAL D 117 37.76 -13.86 -16.72
C VAL D 117 36.78 -12.97 -17.49
N ALA D 118 36.16 -12.01 -16.80
CA ALA D 118 35.18 -11.13 -17.45
C ALA D 118 35.79 -10.33 -18.59
N TYR D 119 36.97 -9.76 -18.37
CA TYR D 119 37.66 -9.04 -19.42
C TYR D 119 38.38 -9.99 -20.45
N GLY D 120 38.96 -11.09 -19.95
CA GLY D 120 39.78 -11.99 -20.77
C GLY D 120 39.01 -12.94 -21.66
N TYR D 121 37.91 -13.48 -21.12
CA TYR D 121 37.01 -14.37 -21.87
C TYR D 121 35.71 -13.69 -22.28
N GLY D 122 35.00 -13.14 -21.31
CA GLY D 122 33.63 -12.70 -21.52
C GLY D 122 33.49 -11.63 -22.58
N MET D 123 34.40 -10.69 -22.55
CA MET D 123 34.34 -9.54 -23.42
C MET D 123 34.53 -9.90 -24.89
N PRO D 124 35.58 -10.67 -25.21
CA PRO D 124 35.73 -11.09 -26.62
C PRO D 124 34.63 -12.04 -27.12
N PHE D 125 34.01 -12.80 -26.21
CA PHE D 125 33.15 -13.93 -26.63
C PHE D 125 31.67 -13.76 -26.29
N ILE D 126 31.30 -12.68 -25.62
CA ILE D 126 29.89 -12.45 -25.26
C ILE D 126 29.44 -11.09 -25.76
N GLY D 127 28.40 -11.09 -26.60
CA GLY D 127 27.93 -9.89 -27.29
C GLY D 127 26.44 -9.63 -27.18
N GLU D 128 25.94 -8.81 -28.10
CA GLU D 128 24.57 -8.32 -28.02
C GLU D 128 23.55 -9.45 -28.01
N GLY D 129 22.73 -9.47 -26.96
CA GLY D 129 21.67 -10.47 -26.84
C GLY D 129 22.09 -11.73 -26.12
N ASP D 130 23.40 -12.02 -26.09
CA ASP D 130 23.90 -13.19 -25.39
C ASP D 130 23.59 -13.08 -23.90
N GLU D 131 23.44 -14.23 -23.25
CA GLU D 131 23.02 -14.31 -21.88
C GLU D 131 24.13 -14.78 -20.95
N ILE D 132 24.23 -14.17 -19.79
CA ILE D 132 25.11 -14.61 -18.73
C ILE D 132 24.24 -15.00 -17.55
N LEU D 133 24.40 -16.23 -17.11
CA LEU D 133 23.49 -16.81 -16.14
C LEU D 133 24.15 -16.84 -14.78
N LEU D 134 23.51 -16.16 -13.84
CA LEU D 134 23.99 -16.05 -12.47
C LEU D 134 22.94 -16.60 -11.52
N SER D 135 23.24 -16.53 -10.23
CA SER D 135 22.23 -16.76 -9.20
C SER D 135 21.87 -15.44 -8.54
N ILE D 136 20.73 -15.43 -7.89
CA ILE D 136 20.30 -14.27 -7.10
C ILE D 136 21.17 -14.07 -5.86
N MET D 137 21.91 -15.09 -5.44
CA MET D 137 22.78 -15.04 -4.28
C MET D 137 24.15 -14.37 -4.50
N GLU D 138 24.45 -13.97 -5.73
CA GLU D 138 25.80 -13.50 -6.02
C GLU D 138 26.21 -12.28 -5.26
N HIS D 139 27.41 -12.35 -4.71
CA HIS D 139 28.16 -11.22 -4.23
C HIS D 139 28.40 -10.27 -5.41
N HIS D 140 28.47 -8.97 -5.12
CA HIS D 140 28.62 -7.93 -6.15
C HIS D 140 29.78 -8.14 -7.11
N SER D 141 30.91 -8.60 -6.58
CA SER D 141 32.06 -8.99 -7.37
C SER D 141 31.81 -10.09 -8.45
N ASN D 142 30.81 -10.95 -8.23
CA ASN D 142 30.35 -11.86 -9.24
C ASN D 142 29.09 -11.38 -9.93
N ILE D 143 28.94 -10.07 -10.04
CA ILE D 143 27.86 -9.45 -10.78
C ILE D 143 28.40 -8.32 -11.66
N VAL D 144 29.09 -7.36 -11.04
CA VAL D 144 29.48 -6.13 -11.70
C VAL D 144 30.33 -6.36 -12.94
N PRO D 145 31.32 -7.27 -12.86
CA PRO D 145 32.12 -7.56 -14.07
C PRO D 145 31.26 -8.02 -15.26
N TRP D 146 30.27 -8.85 -14.98
CA TRP D 146 29.33 -9.28 -16.01
C TRP D 146 28.44 -8.15 -16.48
N HIS D 147 27.99 -7.29 -15.55
CA HIS D 147 27.25 -6.10 -15.90
C HIS D 147 27.98 -5.19 -16.90
N PHE D 148 29.31 -5.13 -16.78
CA PHE D 148 30.13 -4.40 -17.77
C PHE D 148 29.84 -4.84 -19.18
N ILE D 149 29.66 -6.15 -19.36
CA ILE D 149 29.42 -6.69 -20.69
C ILE D 149 27.99 -6.31 -21.11
N ARG D 150 27.04 -6.33 -20.17
CA ARG D 150 25.68 -5.87 -20.46
C ARG D 150 25.72 -4.43 -20.88
N GLU D 151 26.38 -3.62 -20.07
CA GLU D 151 26.42 -2.19 -20.27
C GLU D 151 27.20 -1.79 -21.51
N ARG D 152 28.33 -2.44 -21.78
CA ARG D 152 29.21 -2.00 -22.86
C ARG D 152 28.97 -2.74 -24.18
N GLN D 153 28.43 -3.97 -24.12
CA GLN D 153 28.26 -4.79 -25.30
C GLN D 153 26.85 -5.36 -25.54
N GLY D 154 25.93 -5.10 -24.63
CA GLY D 154 24.54 -5.48 -24.83
C GLY D 154 24.20 -6.93 -24.46
N ALA D 155 25.01 -7.57 -23.62
CA ALA D 155 24.65 -8.86 -23.05
C ALA D 155 23.49 -8.71 -22.07
N LYS D 156 22.78 -9.80 -21.82
CA LYS D 156 21.73 -9.84 -20.81
C LYS D 156 22.18 -10.68 -19.63
N LEU D 157 21.88 -10.21 -18.42
CA LEU D 157 22.07 -10.99 -17.19
C LEU D 157 20.77 -11.66 -16.79
N VAL D 158 20.87 -12.92 -16.39
CA VAL D 158 19.72 -13.71 -15.97
C VAL D 158 20.07 -14.27 -14.62
N PHE D 159 19.08 -14.34 -13.75
CA PHE D 159 19.32 -14.65 -12.34
C PHE D 159 18.53 -15.85 -11.93
N THR D 160 19.23 -16.91 -11.57
CA THR D 160 18.58 -18.09 -11.05
C THR D 160 18.09 -17.80 -9.64
N PRO D 161 16.81 -18.09 -9.37
CA PRO D 161 16.27 -17.82 -8.04
C PRO D 161 16.59 -18.90 -7.02
N VAL D 162 16.16 -18.65 -5.80
CA VAL D 162 16.29 -19.55 -4.68
C VAL D 162 14.97 -19.42 -3.92
N ASP D 163 14.59 -20.42 -3.14
CA ASP D 163 13.32 -20.39 -2.43
C ASP D 163 13.44 -19.69 -1.08
N ASP D 164 12.30 -19.46 -0.43
CA ASP D 164 12.24 -18.69 0.82
C ASP D 164 13.09 -19.29 1.94
N ASN D 165 13.24 -20.62 1.95
CA ASN D 165 14.12 -21.29 2.91
C ASN D 165 15.59 -21.18 2.53
N GLY D 166 15.89 -20.60 1.36
CA GLY D 166 17.28 -20.44 0.89
C GLY D 166 17.78 -21.62 0.06
N VAL D 167 16.90 -22.56 -0.25
CA VAL D 167 17.26 -23.75 -0.94
C VAL D 167 17.32 -23.52 -2.47
N PHE D 168 18.41 -23.98 -3.09
CA PHE D 168 18.64 -23.83 -4.51
C PHE D 168 18.08 -25.08 -5.19
N HIS D 169 17.36 -24.87 -6.28
CA HIS D 169 16.69 -25.94 -7.02
C HIS D 169 17.27 -26.03 -8.42
N ILE D 170 17.94 -27.16 -8.71
CA ILE D 170 18.60 -27.35 -10.01
C ILE D 170 17.63 -27.18 -11.18
N GLU D 171 16.40 -27.65 -11.00
CA GLU D 171 15.39 -27.57 -12.07
C GLU D 171 15.17 -26.09 -12.47
N GLU D 172 15.41 -25.19 -11.55
CA GLU D 172 15.25 -23.76 -11.80
C GLU D 172 16.42 -23.15 -12.57
N PHE D 173 17.61 -23.64 -12.29
CA PHE D 173 18.78 -23.31 -13.11
C PHE D 173 18.61 -23.81 -14.54
N GLU D 174 18.16 -25.05 -14.68
CA GLU D 174 18.05 -25.71 -15.97
C GLU D 174 17.06 -25.04 -16.91
N LYS D 175 15.95 -24.53 -16.36
CA LYS D 175 14.91 -23.82 -17.14
C LYS D 175 15.45 -22.53 -17.77
N ARG D 176 16.47 -21.93 -17.17
CA ARG D 176 17.01 -20.64 -17.61
C ARG D 176 18.21 -20.74 -18.53
N LEU D 177 18.69 -21.95 -18.73
CA LEU D 177 19.68 -22.22 -19.78
C LEU D 177 19.02 -22.14 -21.13
N SER D 178 19.68 -21.52 -22.10
CA SER D 178 19.15 -21.43 -23.45
C SER D 178 20.27 -21.38 -24.49
N GLU D 179 19.89 -21.41 -25.77
CA GLU D 179 20.83 -21.26 -26.88
C GLU D 179 21.61 -19.93 -26.80
N ARG D 180 21.08 -18.94 -26.10
CA ARG D 180 21.77 -17.64 -25.97
C ARG D 180 22.74 -17.56 -24.79
N THR D 181 22.66 -18.51 -23.86
CA THR D 181 23.57 -18.55 -22.71
C THR D 181 25.00 -18.82 -23.16
N LYS D 182 25.90 -17.88 -22.88
CA LYS D 182 27.32 -18.01 -23.23
C LYS D 182 28.25 -18.24 -22.04
N LEU D 183 27.76 -18.02 -20.84
CA LEU D 183 28.56 -18.23 -19.65
C LEU D 183 27.65 -18.34 -18.44
N VAL D 184 28.07 -19.19 -17.52
CA VAL D 184 27.45 -19.31 -16.21
C VAL D 184 28.48 -18.84 -15.21
N ALA D 185 28.05 -17.95 -14.31
CA ALA D 185 28.91 -17.49 -13.22
C ALA D 185 28.08 -17.60 -11.97
N ILE D 186 28.52 -18.42 -11.03
CA ILE D 186 27.67 -18.75 -9.93
C ILE D 186 28.48 -19.04 -8.70
N THR D 187 27.91 -18.74 -7.53
CA THR D 187 28.60 -18.96 -6.26
C THR D 187 28.59 -20.43 -5.86
N HIS D 188 29.65 -20.82 -5.15
CA HIS D 188 29.75 -22.13 -4.53
C HIS D 188 28.96 -22.12 -3.22
N MET D 189 29.20 -21.10 -2.41
CA MET D 189 28.49 -20.92 -1.16
C MET D 189 28.09 -19.46 -1.00
N SER D 190 26.81 -19.25 -0.76
CA SER D 190 26.29 -17.89 -0.53
C SER D 190 26.94 -17.28 0.72
N ASN D 191 27.50 -16.11 0.55
CA ASN D 191 28.04 -15.37 1.66
C ASN D 191 26.96 -14.79 2.66
N THR D 192 25.68 -15.03 2.40
CA THR D 192 24.57 -14.52 3.28
C THR D 192 23.71 -15.64 3.85
N LEU D 193 23.22 -16.50 2.97
CA LEU D 193 22.39 -17.63 3.35
C LEU D 193 23.21 -18.82 3.84
N GLY D 194 24.46 -18.89 3.37
CA GLY D 194 25.29 -20.04 3.58
C GLY D 194 24.90 -21.21 2.70
N THR D 195 23.94 -21.00 1.81
CA THR D 195 23.49 -22.05 0.91
C THR D 195 24.63 -22.60 0.04
N VAL D 196 24.76 -23.92 0.01
CA VAL D 196 25.73 -24.58 -0.86
C VAL D 196 25.04 -24.81 -2.19
N VAL D 197 25.68 -24.36 -3.27
CA VAL D 197 25.17 -24.61 -4.62
C VAL D 197 25.69 -25.98 -5.20
N PRO D 198 24.83 -26.78 -5.86
CA PRO D 198 25.28 -28.10 -6.37
C PRO D 198 26.05 -27.93 -7.65
N ILE D 199 27.31 -27.58 -7.51
CA ILE D 199 28.08 -27.11 -8.65
C ILE D 199 28.43 -28.19 -9.66
N LYS D 200 28.78 -29.39 -9.19
CA LYS D 200 29.05 -30.48 -10.12
C LYS D 200 27.87 -30.65 -11.08
N LYS D 201 26.65 -30.72 -10.54
CA LYS D 201 25.48 -30.94 -11.38
C LYS D 201 25.30 -29.77 -12.37
N ILE D 202 25.63 -28.55 -11.93
CA ILE D 202 25.49 -27.36 -12.76
C ILE D 202 26.43 -27.36 -13.93
N VAL D 203 27.68 -27.71 -13.65
CA VAL D 203 28.68 -27.91 -14.71
C VAL D 203 28.29 -29.01 -15.71
N GLU D 204 27.83 -30.15 -15.21
CA GLU D 204 27.35 -31.22 -16.10
C GLU D 204 26.33 -30.68 -17.12
N LEU D 205 25.33 -29.94 -16.62
CA LEU D 205 24.28 -29.37 -17.48
C LEU D 205 24.82 -28.34 -18.45
N ALA D 206 25.73 -27.50 -17.96
CA ALA D 206 26.27 -26.42 -18.78
C ALA D 206 27.16 -26.98 -19.88
N HIS D 207 28.10 -27.83 -19.48
CA HIS D 207 29.01 -28.43 -20.44
C HIS D 207 28.30 -29.23 -21.51
N ALA D 208 27.17 -29.86 -21.16
CA ALA D 208 26.39 -30.62 -22.17
C ALA D 208 25.92 -29.70 -23.29
N ARG D 209 25.87 -28.38 -23.03
CA ARG D 209 25.52 -27.40 -24.05
CA ARG D 209 25.52 -27.40 -24.05
C ARG D 209 26.71 -26.60 -24.58
N GLY D 210 27.92 -26.93 -24.12
CA GLY D 210 29.12 -26.20 -24.53
C GLY D 210 29.33 -24.87 -23.82
N ILE D 211 28.63 -24.66 -22.68
CA ILE D 211 28.73 -23.41 -21.96
C ILE D 211 29.72 -23.50 -20.78
N PRO D 212 30.72 -22.61 -20.74
CA PRO D 212 31.64 -22.60 -19.61
C PRO D 212 31.04 -22.01 -18.29
N VAL D 213 31.61 -22.45 -17.17
CA VAL D 213 31.12 -22.12 -15.85
C VAL D 213 32.24 -21.53 -15.01
N LEU D 214 32.00 -20.36 -14.45
CA LEU D 214 32.88 -19.79 -13.42
C LEU D 214 32.24 -20.00 -12.08
N VAL D 215 33.04 -20.38 -11.10
CA VAL D 215 32.53 -20.57 -9.74
C VAL D 215 33.19 -19.61 -8.79
N ASP D 216 32.36 -18.85 -8.07
CA ASP D 216 32.84 -17.95 -7.01
C ASP D 216 32.94 -18.76 -5.74
N GLY D 217 34.17 -19.09 -5.36
CA GLY D 217 34.41 -19.93 -4.19
C GLY D 217 35.03 -19.20 -3.03
N SER D 218 34.86 -17.88 -3.03
CA SER D 218 35.38 -17.02 -1.95
C SER D 218 34.92 -17.47 -0.57
N GLN D 219 33.70 -18.01 -0.44
CA GLN D 219 33.28 -18.65 0.79
C GLN D 219 33.41 -20.16 0.76
N GLY D 220 33.08 -20.76 -0.37
CA GLY D 220 33.22 -22.22 -0.56
C GLY D 220 34.54 -22.76 -0.09
N ALA D 221 35.62 -22.11 -0.50
CA ALA D 221 36.96 -22.58 -0.18
C ALA D 221 37.28 -22.55 1.30
N VAL D 222 36.57 -21.68 2.05
CA VAL D 222 36.82 -21.55 3.46
C VAL D 222 36.12 -22.66 4.21
N HIS D 223 34.98 -23.10 3.68
CA HIS D 223 34.04 -23.94 4.41
C HIS D 223 33.70 -25.30 3.84
N LEU D 224 34.22 -25.63 2.64
CA LEU D 224 33.99 -26.90 1.97
C LEU D 224 35.27 -27.51 1.41
N PRO D 225 35.35 -28.86 1.41
CA PRO D 225 36.36 -29.53 0.59
C PRO D 225 36.13 -29.17 -0.86
N VAL D 226 37.18 -28.77 -1.55
CA VAL D 226 37.04 -28.33 -2.92
C VAL D 226 37.94 -29.18 -3.83
N ASP D 227 37.34 -29.76 -4.85
CA ASP D 227 38.08 -30.55 -5.84
C ASP D 227 37.62 -30.08 -7.22
N VAL D 228 38.39 -29.16 -7.80
CA VAL D 228 37.99 -28.51 -9.06
C VAL D 228 37.96 -29.45 -10.29
N GLN D 229 38.60 -30.62 -10.22
CA GLN D 229 38.47 -31.58 -11.29
C GLN D 229 37.22 -32.41 -11.16
N ASP D 230 36.86 -32.75 -9.91
CA ASP D 230 35.59 -33.42 -9.66
C ASP D 230 34.42 -32.50 -9.95
N LEU D 231 34.59 -31.21 -9.66
CA LEU D 231 33.57 -30.21 -10.02
C LEU D 231 33.53 -30.03 -11.53
N GLY D 232 34.69 -30.03 -12.16
CA GLY D 232 34.78 -29.86 -13.61
C GLY D 232 34.66 -28.42 -14.08
N CYS D 233 34.59 -27.49 -13.16
CA CYS D 233 34.30 -26.12 -13.54
C CYS D 233 35.41 -25.55 -14.38
N ASP D 234 35.08 -24.63 -15.29
CA ASP D 234 36.06 -23.98 -16.12
C ASP D 234 36.94 -23.01 -15.36
N TRP D 235 36.36 -22.28 -14.41
CA TRP D 235 37.14 -21.44 -13.51
C TRP D 235 36.60 -21.49 -12.09
N TYR D 236 37.49 -21.29 -11.12
CA TYR D 236 37.15 -21.29 -9.72
C TYR D 236 37.99 -20.20 -9.08
N VAL D 237 37.35 -19.30 -8.33
CA VAL D 237 38.09 -18.21 -7.70
C VAL D 237 37.93 -18.26 -6.19
N PHE D 238 38.93 -17.82 -5.46
CA PHE D 238 38.80 -17.64 -4.02
C PHE D 238 39.76 -16.57 -3.54
N THR D 239 39.63 -16.19 -2.27
CA THR D 239 40.36 -15.00 -1.79
C THR D 239 41.15 -15.37 -0.55
N GLY D 240 42.39 -14.89 -0.47
CA GLY D 240 43.30 -15.29 0.58
C GLY D 240 42.88 -14.91 2.00
N HIS D 241 42.39 -13.68 2.18
CA HIS D 241 42.12 -13.15 3.51
C HIS D 241 41.01 -13.90 4.23
N1 LLP D 242 32.48 -13.45 -3.63
C2 LLP D 242 32.01 -13.88 -2.43
C2' LLP D 242 30.94 -14.94 -2.40
C3 LLP D 242 32.54 -13.32 -1.15
O3 LLP D 242 32.11 -13.75 0.05
C4 LLP D 242 33.61 -12.30 -1.25
C4' LLP D 242 34.23 -11.67 -0.05
C5 LLP D 242 34.02 -11.89 -2.63
C6 LLP D 242 33.42 -12.50 -3.75
C5' LLP D 242 35.07 -10.83 -2.81
OP4 LLP D 242 36.33 -11.23 -2.26
P LLP D 242 37.44 -10.08 -2.15
OP1 LLP D 242 38.63 -10.64 -1.44
OP2 LLP D 242 37.60 -9.68 -3.57
OP3 LLP D 242 36.79 -9.00 -1.32
N LLP D 242 40.13 -14.56 3.49
CA LLP D 242 39.08 -15.38 4.07
CB LLP D 242 37.91 -15.42 3.10
CG LLP D 242 37.33 -14.01 2.93
CD LLP D 242 36.02 -14.06 2.16
CE LLP D 242 35.56 -12.63 1.87
NZ LLP D 242 34.36 -12.61 1.05
C LLP D 242 39.52 -16.76 4.43
O LLP D 242 38.93 -17.40 5.29
N VAL D 243 40.58 -17.26 3.77
CA VAL D 243 41.14 -18.58 4.10
C VAL D 243 42.30 -18.45 5.07
N TYR D 244 42.11 -17.60 6.07
CA TYR D 244 43.07 -17.44 7.16
C TYR D 244 44.42 -16.92 6.70
N GLY D 245 44.43 -16.28 5.55
CA GLY D 245 45.67 -15.84 4.94
C GLY D 245 45.80 -14.36 4.75
N PRO D 246 46.93 -13.94 4.18
CA PRO D 246 47.22 -12.54 3.97
C PRO D 246 46.16 -11.80 3.18
N SER D 247 46.07 -10.51 3.45
CA SER D 247 45.38 -9.61 2.55
C SER D 247 46.25 -9.46 1.32
N GLY D 248 45.66 -8.98 0.24
CA GLY D 248 46.41 -8.68 -0.96
C GLY D 248 46.68 -9.89 -1.85
N ILE D 249 45.96 -10.99 -1.62
CA ILE D 249 46.16 -12.17 -2.45
C ILE D 249 44.89 -12.90 -2.81
N GLY D 250 44.70 -13.09 -4.10
CA GLY D 250 43.62 -13.89 -4.61
C GLY D 250 44.08 -15.00 -5.55
N VAL D 251 43.15 -15.87 -5.91
CA VAL D 251 43.45 -16.98 -6.78
C VAL D 251 42.40 -17.13 -7.85
N LEU D 252 42.87 -17.26 -9.09
CA LEU D 252 42.06 -17.73 -10.21
C LEU D 252 42.54 -19.11 -10.69
N TYR D 253 41.70 -20.11 -10.53
CA TYR D 253 41.93 -21.37 -11.17
C TYR D 253 41.17 -21.36 -12.48
N GLY D 254 41.84 -21.78 -13.56
CA GLY D 254 41.20 -22.02 -14.84
C GLY D 254 41.77 -23.27 -15.54
N ARG D 255 40.89 -24.10 -16.09
CA ARG D 255 41.27 -25.21 -16.95
C ARG D 255 42.18 -24.65 -18.03
N ALA D 256 43.30 -25.29 -18.23
CA ALA D 256 44.34 -24.80 -19.14
C ALA D 256 43.82 -24.32 -20.49
N GLN D 257 42.89 -25.07 -21.05
CA GLN D 257 42.37 -24.79 -22.37
C GLN D 257 41.54 -23.52 -22.35
N MET D 258 40.92 -23.24 -21.22
CA MET D 258 40.08 -22.04 -21.04
C MET D 258 40.92 -20.82 -20.74
N LEU D 259 41.98 -20.99 -19.95
CA LEU D 259 42.94 -19.91 -19.77
C LEU D 259 43.59 -19.51 -21.08
N GLU D 260 43.90 -20.51 -21.90
CA GLU D 260 44.62 -20.32 -23.15
C GLU D 260 43.79 -19.52 -24.14
N LYS D 261 42.50 -19.80 -24.17
CA LYS D 261 41.51 -19.03 -24.95
C LYS D 261 41.40 -17.57 -24.59
N MET D 262 41.78 -17.20 -23.38
CA MET D 262 41.56 -15.83 -22.91
C MET D 262 42.68 -14.90 -23.36
N ARG D 263 42.30 -13.72 -23.85
CA ARG D 263 43.26 -12.65 -24.11
C ARG D 263 43.75 -12.02 -22.78
N PRO D 264 44.85 -11.26 -22.84
CA PRO D 264 45.34 -10.64 -21.62
C PRO D 264 44.36 -9.64 -20.99
N PHE D 265 44.35 -9.61 -19.66
CA PHE D 265 43.58 -8.62 -18.88
C PHE D 265 44.52 -7.45 -18.60
N GLN D 266 45.35 -7.55 -17.58
CA GLN D 266 46.35 -6.54 -17.34
C GLN D 266 47.61 -6.72 -18.13
N GLY D 267 48.16 -5.60 -18.62
CA GLY D 267 49.34 -5.62 -19.46
C GLY D 267 50.59 -5.08 -18.79
N GLY D 268 51.73 -5.69 -19.08
CA GLY D 268 53.01 -5.17 -18.60
C GLY D 268 54.14 -6.15 -18.49
N GLY D 269 55.10 -5.84 -17.65
CA GLY D 269 56.19 -6.74 -17.33
C GLY D 269 55.72 -8.14 -16.98
N GLU D 270 56.49 -9.16 -17.41
CA GLU D 270 56.33 -10.56 -16.97
C GLU D 270 55.16 -11.34 -17.59
N MET D 271 54.35 -10.68 -18.42
CA MET D 271 53.27 -11.36 -19.14
C MET D 271 53.48 -11.26 -20.64
N ILE D 272 54.62 -10.72 -21.05
CA ILE D 272 54.96 -10.63 -22.45
C ILE D 272 55.97 -11.72 -22.84
N GLU D 273 56.09 -11.94 -24.14
CA GLU D 273 57.16 -12.75 -24.72
C GLU D 273 58.17 -11.80 -25.37
N GLU D 274 57.70 -11.05 -26.37
CA GLU D 274 58.48 -9.97 -26.99
C GLU D 274 57.76 -8.63 -26.97
N VAL D 275 58.50 -7.57 -26.65
CA VAL D 275 58.00 -6.18 -26.77
C VAL D 275 58.92 -5.40 -27.71
N THR D 276 58.34 -4.91 -28.78
CA THR D 276 59.01 -3.97 -29.67
C THR D 276 58.18 -2.68 -29.75
N GLU D 277 58.76 -1.64 -30.33
CA GLU D 277 58.03 -0.41 -30.58
C GLU D 277 56.75 -0.67 -31.37
N GLU D 278 56.80 -1.65 -32.29
CA GLU D 278 55.73 -1.88 -33.25
C GLU D 278 54.67 -2.84 -32.77
N ASN D 279 55.03 -3.74 -31.86
CA ASN D 279 54.11 -4.80 -31.44
C ASN D 279 54.50 -5.45 -30.13
N VAL D 280 53.55 -6.18 -29.54
CA VAL D 280 53.77 -6.96 -28.35
C VAL D 280 53.20 -8.37 -28.54
N THR D 281 53.94 -9.37 -28.08
CA THR D 281 53.42 -10.73 -28.04
C THR D 281 53.38 -11.17 -26.59
N TYR D 282 52.49 -12.10 -26.29
CA TYR D 282 52.18 -12.45 -24.92
C TYR D 282 52.63 -13.85 -24.51
N ASN D 283 53.02 -13.96 -23.25
CA ASN D 283 53.23 -15.24 -22.57
C ASN D 283 52.02 -16.15 -22.66
N HIS D 284 52.22 -17.40 -22.27
CA HIS D 284 51.09 -18.30 -22.05
C HIS D 284 50.67 -18.27 -20.56
N PRO D 285 49.49 -18.81 -20.24
CA PRO D 285 49.10 -18.89 -18.83
C PRO D 285 50.03 -19.77 -18.02
N PRO D 286 50.15 -19.56 -16.72
CA PRO D 286 49.42 -18.51 -15.95
C PRO D 286 50.01 -17.10 -16.04
N HIS D 287 51.23 -16.99 -16.52
CA HIS D 287 51.99 -15.76 -16.52
C HIS D 287 51.40 -14.72 -17.45
N ARG D 288 50.69 -15.16 -18.46
CA ARG D 288 49.94 -14.23 -19.31
C ARG D 288 49.06 -13.25 -18.48
N PHE D 289 48.59 -13.71 -17.31
CA PHE D 289 47.62 -13.00 -16.53
C PHE D 289 48.19 -12.37 -15.26
N GLU D 290 49.50 -12.37 -15.07
CA GLU D 290 50.15 -11.85 -13.89
C GLU D 290 51.12 -10.79 -14.36
N ALA D 291 50.57 -9.59 -14.55
CA ALA D 291 51.34 -8.43 -14.96
C ALA D 291 52.06 -7.83 -13.78
N GLY D 292 53.30 -7.40 -14.00
CA GLY D 292 54.14 -6.82 -12.96
C GLY D 292 54.46 -7.71 -11.77
N THR D 293 55.21 -7.16 -10.82
CA THR D 293 55.54 -7.85 -9.58
C THR D 293 54.26 -8.29 -8.86
N PRO D 294 54.16 -9.57 -8.53
CA PRO D 294 52.93 -10.09 -7.95
C PRO D 294 52.99 -9.96 -6.45
N PRO D 295 51.96 -10.40 -5.74
CA PRO D 295 51.98 -10.27 -4.32
C PRO D 295 52.77 -11.40 -3.69
N ILE D 296 54.08 -11.25 -3.78
CA ILE D 296 55.04 -12.31 -3.49
C ILE D 296 54.83 -12.90 -2.12
N VAL D 297 55.01 -12.06 -1.12
CA VAL D 297 55.03 -12.49 0.29
C VAL D 297 53.63 -12.84 0.75
N GLN D 298 52.62 -12.27 0.10
CA GLN D 298 51.22 -12.62 0.36
C GLN D 298 50.88 -14.04 -0.17
N ALA D 299 51.42 -14.38 -1.35
CA ALA D 299 51.32 -15.76 -1.89
C ALA D 299 51.95 -16.76 -0.93
N ILE D 300 53.16 -16.45 -0.51
CA ILE D 300 53.85 -17.28 0.46
C ILE D 300 53.02 -17.45 1.71
N GLY D 301 52.53 -16.35 2.28
CA GLY D 301 51.70 -16.42 3.45
C GLY D 301 50.43 -17.21 3.24
N LEU D 302 49.84 -17.09 2.06
CA LEU D 302 48.66 -17.89 1.73
C LEU D 302 48.94 -19.41 1.77
N GLY D 303 50.05 -19.84 1.14
CA GLY D 303 50.56 -21.18 1.28
C GLY D 303 50.58 -21.71 2.68
N ALA D 304 51.17 -20.94 3.61
CA ALA D 304 51.16 -21.30 5.04
C ALA D 304 49.76 -21.43 5.60
N ALA D 305 48.85 -20.58 5.12
CA ALA D 305 47.47 -20.61 5.61
C ALA D 305 46.73 -21.86 5.16
N LEU D 306 46.89 -22.22 3.88
CA LEU D 306 46.30 -23.46 3.36
C LEU D 306 46.88 -24.68 4.01
N GLU D 307 48.14 -24.61 4.39
CA GLU D 307 48.77 -25.73 5.09
C GLU D 307 48.17 -25.87 6.47
N TYR D 308 47.91 -24.74 7.09
CA TYR D 308 47.29 -24.72 8.41
C TYR D 308 45.95 -25.45 8.37
N MET D 309 45.13 -25.12 7.37
CA MET D 309 43.86 -25.80 7.17
C MET D 309 44.03 -27.34 6.92
N GLU D 310 45.04 -27.73 6.13
CA GLU D 310 45.34 -29.15 5.94
C GLU D 310 45.77 -29.84 7.24
N LYS D 311 46.56 -29.15 8.06
CA LYS D 311 47.01 -29.70 9.34
C LYS D 311 45.83 -30.05 10.25
N ILE D 312 44.84 -29.17 10.31
CA ILE D 312 43.65 -29.46 11.15
C ILE D 312 42.81 -30.56 10.51
N GLY D 313 42.69 -30.53 9.18
CA GLY D 313 41.91 -31.52 8.45
C GLY D 313 40.59 -30.91 7.99
N ARG D 314 40.40 -30.86 6.68
CA ARG D 314 39.29 -30.14 6.08
C ARG D 314 37.93 -30.70 6.41
N HIS D 315 37.89 -31.98 6.66
CA HIS D 315 36.66 -32.64 7.05
C HIS D 315 36.40 -32.54 8.52
N ALA D 316 37.46 -32.42 9.31
CA ALA D 316 37.30 -32.14 10.73
C ALA D 316 36.72 -30.72 10.90
N ILE D 317 37.21 -29.78 10.10
CA ILE D 317 36.68 -28.43 10.10
C ILE D 317 35.19 -28.41 9.73
N LEU D 318 34.86 -29.13 8.65
CA LEU D 318 33.48 -29.20 8.19
C LEU D 318 32.56 -29.74 9.28
N ALA D 319 33.00 -30.78 9.98
CA ALA D 319 32.20 -31.33 11.07
C ALA D 319 32.02 -30.33 12.20
N HIS D 320 33.07 -29.61 12.54
CA HIS D 320 33.06 -28.63 13.63
C HIS D 320 32.17 -27.42 13.31
N GLU D 321 32.30 -26.90 12.10
CA GLU D 321 31.47 -25.80 11.66
C GLU D 321 30.02 -26.20 11.50
N ALA D 322 29.77 -27.47 11.18
CA ALA D 322 28.41 -27.98 11.09
C ALA D 322 27.76 -28.02 12.46
N ASP D 323 28.52 -28.45 13.46
CA ASP D 323 28.04 -28.40 14.85
C ASP D 323 27.73 -26.95 15.29
N LEU D 324 28.61 -26.01 14.97
CA LEU D 324 28.37 -24.60 15.29
C LEU D 324 27.13 -24.05 14.61
N ARG D 325 26.95 -24.39 13.35
CA ARG D 325 25.78 -24.00 12.60
C ARG D 325 24.50 -24.47 13.29
N ASP D 326 24.43 -25.76 13.57
CA ASP D 326 23.23 -26.41 14.12
C ASP D 326 22.92 -25.88 15.49
N TYR D 327 23.97 -25.73 16.30
CA TYR D 327 23.82 -25.17 17.64
C TYR D 327 23.36 -23.71 17.60
N ALA D 328 23.88 -22.92 16.67
CA ALA D 328 23.47 -21.53 16.50
C ALA D 328 22.01 -21.42 16.07
N HIS D 329 21.59 -22.29 15.16
CA HIS D 329 20.18 -22.31 14.73
C HIS D 329 19.25 -22.68 15.88
N GLU D 330 19.70 -23.59 16.73
CA GLU D 330 18.93 -23.99 17.91
C GLU D 330 18.82 -22.81 18.89
N ARG D 331 19.95 -22.24 19.26
CA ARG D 331 20.00 -21.16 20.25
C ARG D 331 19.29 -19.90 19.80
N LEU D 332 19.65 -19.38 18.63
CA LEU D 332 18.99 -18.20 18.08
C LEU D 332 17.50 -18.46 17.77
N GLY D 333 17.18 -19.70 17.41
CA GLY D 333 15.79 -20.09 17.17
C GLY D 333 14.93 -19.90 18.38
N ARG D 334 15.53 -19.99 19.56
CA ARG D 334 14.79 -19.73 20.82
C ARG D 334 14.53 -18.24 21.12
N ILE D 335 15.08 -17.33 20.33
CA ILE D 335 14.90 -15.91 20.56
C ILE D 335 13.65 -15.43 19.84
N ASN D 336 12.76 -14.85 20.62
CA ASN D 336 11.39 -14.56 20.21
C ASN D 336 11.25 -14.02 18.79
N SER D 337 11.74 -12.80 18.58
CA SER D 337 11.45 -12.06 17.35
C SER D 337 12.44 -12.30 16.21
N LEU D 338 13.30 -13.30 16.33
CA LEU D 338 14.45 -13.40 15.46
C LEU D 338 14.14 -14.23 14.21
N ARG D 339 14.50 -13.69 13.05
CA ARG D 339 14.38 -14.40 11.76
C ARG D 339 15.77 -14.73 11.19
N ILE D 340 15.98 -15.96 10.76
CA ILE D 340 17.21 -16.32 10.06
C ILE D 340 16.90 -16.36 8.58
N PHE D 341 17.78 -15.76 7.78
CA PHE D 341 17.68 -15.81 6.31
C PHE D 341 18.57 -16.90 5.78
N GLY D 342 17.95 -18.00 5.35
CA GLY D 342 18.67 -19.14 4.79
C GLY D 342 18.73 -20.28 5.76
N ASN D 343 17.99 -21.34 5.47
CA ASN D 343 17.95 -22.53 6.31
C ASN D 343 18.18 -23.86 5.58
N ALA D 344 18.97 -23.81 4.51
CA ALA D 344 19.27 -25.03 3.75
C ALA D 344 19.95 -26.05 4.65
N PRO D 345 19.54 -27.33 4.57
CA PRO D 345 20.12 -28.41 5.41
C PRO D 345 21.66 -28.58 5.37
N ASP D 346 22.28 -28.32 4.24
CA ASP D 346 23.73 -28.50 4.11
C ASP D 346 24.51 -27.17 4.13
N LYS D 347 23.90 -26.13 4.67
CA LYS D 347 24.48 -24.79 4.57
C LYS D 347 25.78 -24.68 5.35
N GLY D 348 26.62 -23.75 4.92
CA GLY D 348 27.78 -23.33 5.70
C GLY D 348 27.38 -22.52 6.94
N ALA D 349 28.35 -22.31 7.83
CA ALA D 349 28.10 -21.73 9.14
C ALA D 349 28.08 -20.19 9.09
N ILE D 350 27.16 -19.68 8.27
CA ILE D 350 27.00 -18.28 8.01
C ILE D 350 25.57 -18.06 8.32
N ILE D 351 25.32 -17.18 9.31
CA ILE D 351 23.98 -16.95 9.80
C ILE D 351 23.63 -15.48 9.71
N SER D 352 22.79 -15.17 8.74
CA SER D 352 22.23 -13.85 8.55
C SER D 352 20.88 -13.82 9.21
N PHE D 353 20.62 -12.74 9.93
CA PHE D 353 19.41 -12.63 10.74
C PHE D 353 18.97 -11.20 11.01
N ALA D 354 17.74 -11.05 11.47
CA ALA D 354 17.15 -9.77 11.81
C ALA D 354 16.25 -9.95 13.03
N LEU D 355 16.21 -8.92 13.86
CA LEU D 355 15.23 -8.86 14.99
C LEU D 355 14.10 -7.95 14.60
N GLU D 356 12.88 -8.42 14.78
CA GLU D 356 11.71 -7.69 14.30
C GLU D 356 11.71 -6.33 14.95
N GLY D 357 11.59 -5.30 14.12
CA GLY D 357 11.41 -3.93 14.58
C GLY D 357 12.69 -3.21 15.00
N ILE D 358 13.84 -3.82 14.74
CA ILE D 358 15.13 -3.23 15.14
C ILE D 358 16.07 -3.22 13.95
N HIS D 359 16.76 -2.10 13.75
CA HIS D 359 17.71 -1.96 12.66
C HIS D 359 18.94 -2.74 12.93
N ALA D 360 19.50 -3.33 11.88
CA ALA D 360 20.67 -4.18 12.00
C ALA D 360 21.87 -3.42 12.55
N HIS D 361 22.03 -2.16 12.13
CA HIS D 361 23.11 -1.31 12.64
C HIS D 361 22.99 -1.10 14.13
N ASP D 362 21.76 -1.00 14.63
CA ASP D 362 21.56 -0.87 16.06
C ASP D 362 22.03 -2.12 16.79
N VAL D 363 21.57 -3.26 16.33
CA VAL D 363 21.90 -4.55 16.95
C VAL D 363 23.41 -4.76 16.96
N SER D 364 24.03 -4.47 15.83
CA SER D 364 25.45 -4.61 15.66
C SER D 364 26.31 -3.68 16.53
N MET D 365 25.97 -2.40 16.55
CA MET D 365 26.73 -1.38 17.36
C MET D 365 26.69 -1.76 18.83
N VAL D 366 25.55 -2.28 19.23
CA VAL D 366 25.29 -2.59 20.61
C VAL D 366 26.03 -3.84 21.11
N ILE D 367 25.92 -4.94 20.38
CA ILE D 367 26.59 -6.16 20.79
C ILE D 367 28.12 -6.07 20.62
N ASP D 368 28.59 -5.15 19.75
CA ASP D 368 30.04 -4.81 19.70
C ASP D 368 30.55 -4.30 21.05
N ARG D 369 29.69 -3.58 21.77
CA ARG D 369 30.01 -3.10 23.11
C ARG D 369 30.15 -4.20 24.13
N ALA D 370 29.46 -5.32 23.88
CA ALA D 370 29.57 -6.52 24.70
C ALA D 370 30.76 -7.36 24.29
N GLY D 371 31.39 -7.02 23.17
CA GLY D 371 32.57 -7.72 22.66
C GLY D 371 32.32 -8.53 21.40
N VAL D 372 31.06 -8.60 20.97
CA VAL D 372 30.66 -9.47 19.86
C VAL D 372 30.72 -8.71 18.55
N ALA D 373 31.52 -9.26 17.63
CA ALA D 373 31.72 -8.70 16.32
C ALA D 373 30.88 -9.43 15.28
N VAL D 374 29.84 -8.76 14.82
CA VAL D 374 29.05 -9.21 13.69
C VAL D 374 29.06 -8.07 12.69
N ARG D 375 28.51 -8.30 11.49
CA ARG D 375 28.41 -7.22 10.51
C ARG D 375 26.98 -6.97 10.11
N ALA D 376 26.64 -5.69 9.98
CA ALA D 376 25.34 -5.30 9.48
C ALA D 376 25.51 -4.60 8.17
N GLY D 377 24.51 -4.68 7.31
CA GLY D 377 24.53 -3.97 6.02
C GLY D 377 24.12 -4.85 4.87
N THR D 378 24.57 -4.51 3.68
CA THR D 378 24.23 -5.24 2.45
C THR D 378 24.99 -6.54 2.24
N HIS D 379 26.14 -6.68 2.88
CA HIS D 379 27.06 -7.82 2.63
C HIS D 379 27.44 -7.94 1.15
N CYS D 380 27.50 -6.81 0.46
CA CYS D 380 27.77 -6.80 -0.96
C CYS D 380 26.84 -7.80 -1.72
N ALA D 381 25.57 -7.87 -1.32
CA ALA D 381 24.57 -8.74 -1.97
C ALA D 381 23.16 -8.14 -1.95
N GLN D 382 23.03 -6.93 -2.50
CA GLN D 382 21.77 -6.18 -2.48
C GLN D 382 20.61 -6.90 -3.19
N PRO D 383 20.87 -7.47 -4.37
CA PRO D 383 19.72 -8.03 -5.08
C PRO D 383 19.10 -9.18 -4.30
N LEU D 384 19.96 -9.89 -3.57
CA LEU D 384 19.53 -10.98 -2.73
C LEU D 384 18.68 -10.49 -1.58
N LEU D 385 19.16 -9.46 -0.90
CA LEU D 385 18.35 -8.80 0.17
C LEU D 385 17.02 -8.25 -0.33
N LYS D 386 17.03 -7.62 -1.49
CA LYS D 386 15.80 -7.07 -2.04
C LYS D 386 14.79 -8.19 -2.27
N ARG D 387 15.26 -9.28 -2.85
CA ARG D 387 14.45 -10.47 -3.09
C ARG D 387 13.96 -11.11 -1.79
N PHE D 388 14.72 -10.98 -0.72
CA PHE D 388 14.27 -11.40 0.61
C PHE D 388 13.51 -10.29 1.43
N GLY D 389 13.31 -9.11 0.85
CA GLY D 389 12.40 -8.11 1.42
C GLY D 389 13.03 -7.25 2.49
N VAL D 390 14.35 -7.08 2.43
CA VAL D 390 15.07 -6.23 3.38
C VAL D 390 16.16 -5.42 2.69
N THR D 391 16.65 -4.40 3.39
CA THR D 391 17.79 -3.61 2.88
C THR D 391 19.06 -3.94 3.65
N SER D 392 18.91 -4.39 4.89
CA SER D 392 20.04 -4.65 5.79
C SER D 392 19.80 -5.96 6.58
N THR D 393 20.85 -6.71 6.88
CA THR D 393 20.77 -7.78 7.92
C THR D 393 22.03 -7.82 8.75
N CYS D 394 21.96 -8.50 9.89
CA CYS D 394 23.15 -8.83 10.63
C CYS D 394 23.66 -10.17 10.13
N ARG D 395 24.98 -10.35 10.20
CA ARG D 395 25.57 -11.61 9.81
C ARG D 395 26.58 -12.01 10.84
N ALA D 396 26.37 -13.18 11.43
CA ALA D 396 27.36 -13.85 12.25
C ALA D 396 27.90 -14.98 11.38
N SER D 397 29.19 -14.95 11.12
CA SER D 397 29.81 -15.95 10.27
C SER D 397 30.93 -16.64 11.05
N PHE D 398 30.86 -17.97 11.10
CA PHE D 398 31.72 -18.76 11.97
C PHE D 398 32.95 -19.34 11.24
N ALA D 399 34.01 -19.58 11.99
CA ALA D 399 35.27 -20.10 11.47
C ALA D 399 35.77 -21.28 12.31
N LEU D 400 36.89 -21.86 11.87
CA LEU D 400 37.41 -23.07 12.51
C LEU D 400 37.84 -22.87 13.94
N TYR D 401 38.13 -21.63 14.33
CA TYR D 401 38.56 -21.35 15.71
C TYR D 401 37.41 -20.93 16.65
N ASN D 402 36.20 -20.79 16.14
CA ASN D 402 35.05 -20.37 16.97
C ASN D 402 34.51 -21.53 17.78
N THR D 403 33.76 -21.21 18.83
CA THR D 403 33.29 -22.21 19.78
C THR D 403 31.81 -22.11 20.05
N ARG D 404 31.28 -23.14 20.68
CA ARG D 404 29.92 -23.13 21.16
C ARG D 404 29.67 -22.03 22.18
N ALA D 405 30.66 -21.72 23.01
CA ALA D 405 30.53 -20.71 24.03
C ALA D 405 30.37 -19.33 23.37
N GLU D 406 31.00 -19.15 22.21
CA GLU D 406 30.82 -17.93 21.45
C GLU D 406 29.42 -17.82 20.82
N VAL D 407 28.84 -18.95 20.45
CA VAL D 407 27.45 -18.98 19.99
C VAL D 407 26.54 -18.55 21.13
N ASP D 408 26.82 -19.04 22.33
CA ASP D 408 26.07 -18.63 23.51
C ASP D 408 26.20 -17.13 23.82
N ALA D 409 27.42 -16.60 23.69
CA ALA D 409 27.68 -15.19 23.87
C ALA D 409 26.91 -14.36 22.85
N LEU D 410 26.90 -14.82 21.61
CA LEU D 410 26.11 -14.16 20.58
C LEU D 410 24.65 -14.15 20.97
N ALA D 411 24.14 -15.32 21.37
CA ALA D 411 22.74 -15.48 21.70
C ALA D 411 22.32 -14.61 22.92
N GLU D 412 23.16 -14.62 23.96
CA GLU D 412 22.92 -13.80 25.16
C GLU D 412 22.89 -12.33 24.78
N ALA D 413 23.87 -11.91 23.98
CA ALA D 413 23.95 -10.53 23.56
C ALA D 413 22.75 -10.09 22.74
N LEU D 414 22.25 -10.98 21.88
CA LEU D 414 21.12 -10.67 21.01
C LEU D 414 19.83 -10.57 21.78
N GLU D 415 19.66 -11.44 22.77
CA GLU D 415 18.50 -11.38 23.67
C GLU D 415 18.53 -10.05 24.42
N LYS D 416 19.71 -9.66 24.90
CA LYS D 416 19.90 -8.41 25.62
C LYS D 416 19.60 -7.20 24.73
N ALA D 417 20.06 -7.26 23.49
CA ALA D 417 19.78 -6.22 22.52
C ALA D 417 18.29 -6.06 22.23
N ARG D 418 17.58 -7.18 22.18
CA ARG D 418 16.15 -7.16 21.93
C ARG D 418 15.36 -6.46 23.05
N LYS D 419 15.76 -6.71 24.29
CA LYS D 419 15.13 -6.11 25.44
C LYS D 419 15.47 -4.63 25.48
N PHE D 420 16.71 -4.30 25.15
CA PHE D 420 17.16 -2.91 25.14
C PHE D 420 16.33 -2.02 24.21
N PHE D 421 16.18 -2.45 22.94
CA PHE D 421 15.45 -1.66 21.95
C PHE D 421 13.93 -1.86 21.95
N GLY D 422 13.44 -2.82 22.75
CA GLY D 422 12.03 -3.20 22.72
C GLY D 422 11.23 -2.42 23.71
N TYR E 19 -11.29 37.46 -1.05
CA TYR E 19 -12.53 37.97 -0.33
C TYR E 19 -13.06 39.24 -0.98
N ASP E 20 -14.09 39.11 -1.82
CA ASP E 20 -14.66 40.26 -2.52
C ASP E 20 -15.80 40.91 -1.72
N VAL E 21 -15.46 41.72 -0.72
CA VAL E 21 -16.46 42.31 0.16
C VAL E 21 -17.43 43.26 -0.57
N GLU E 22 -16.95 43.96 -1.60
CA GLU E 22 -17.83 44.83 -2.40
C GLU E 22 -18.92 44.00 -3.12
N ALA E 23 -18.54 42.85 -3.64
CA ALA E 23 -19.51 41.94 -4.27
C ALA E 23 -20.50 41.36 -3.26
N ILE E 24 -19.98 40.98 -2.10
CA ILE E 24 -20.81 40.48 -1.00
C ILE E 24 -21.86 41.53 -0.56
N ARG E 25 -21.43 42.77 -0.35
CA ARG E 25 -22.32 43.88 0.05
C ARG E 25 -23.47 44.10 -0.94
N ARG E 26 -23.20 43.93 -2.24
CA ARG E 26 -24.25 44.00 -3.27
C ARG E 26 -25.36 42.95 -3.11
N ASP E 27 -25.11 41.86 -2.38
CA ASP E 27 -26.19 40.92 -2.08
C ASP E 27 -27.16 41.38 -0.99
N PHE E 28 -26.81 42.43 -0.24
CA PHE E 28 -27.61 42.93 0.91
C PHE E 28 -28.21 44.31 0.60
N PRO E 29 -29.48 44.35 0.17
CA PRO E 29 -30.08 45.60 -0.33
C PRO E 29 -30.01 46.75 0.66
N ILE E 30 -30.25 46.45 1.94
CA ILE E 30 -30.35 47.48 2.95
C ILE E 30 -29.06 48.28 3.12
N LEU E 31 -27.91 47.67 2.84
CA LEU E 31 -26.60 48.32 3.08
C LEU E 31 -26.34 49.56 2.27
N SER E 32 -27.08 49.73 1.18
CA SER E 32 -26.95 50.92 0.33
C SER E 32 -27.90 52.05 0.69
N ARG E 33 -28.81 51.82 1.64
CA ARG E 33 -29.78 52.87 2.01
C ARG E 33 -29.14 53.98 2.86
N GLN E 34 -29.80 55.12 2.91
CA GLN E 34 -29.37 56.24 3.73
C GLN E 34 -30.16 56.33 5.02
N VAL E 35 -29.54 56.97 6.00
CA VAL E 35 -30.06 57.09 7.37
C VAL E 35 -29.73 58.51 7.85
N HIS E 36 -30.77 59.29 8.18
CA HIS E 36 -30.63 60.75 8.46
C HIS E 36 -29.88 61.45 7.32
N GLY E 37 -30.19 61.09 6.08
CA GLY E 37 -29.51 61.62 4.89
C GLY E 37 -28.05 61.24 4.80
N LYS E 38 -27.64 60.29 5.63
CA LYS E 38 -26.23 59.92 5.74
C LYS E 38 -26.04 58.44 5.41
N THR E 39 -24.82 58.08 5.06
CA THR E 39 -24.51 56.70 4.69
C THR E 39 -24.65 55.78 5.89
N LEU E 40 -25.37 54.68 5.71
CA LEU E 40 -25.51 53.68 6.76
C LEU E 40 -24.17 52.94 6.97
N VAL E 41 -23.82 52.75 8.24
CA VAL E 41 -22.71 51.99 8.68
C VAL E 41 -23.24 51.16 9.82
N TYR E 42 -23.75 49.98 9.51
CA TYR E 42 -24.41 49.12 10.48
C TYR E 42 -23.41 48.20 11.20
N LEU E 43 -23.16 48.52 12.47
CA LEU E 43 -22.28 47.77 13.33
C LEU E 43 -22.99 47.30 14.60
N ASP E 44 -24.27 46.95 14.46
CA ASP E 44 -25.03 46.34 15.57
C ASP E 44 -25.48 44.90 15.18
N ASN E 45 -24.57 44.17 14.56
CA ASN E 45 -24.88 42.83 14.06
C ASN E 45 -25.07 41.82 15.19
N GLY E 46 -24.38 42.03 16.31
CA GLY E 46 -24.53 41.18 17.48
C GLY E 46 -25.94 41.14 18.04
N ALA E 47 -26.70 42.20 17.81
CA ALA E 47 -28.11 42.25 18.19
C ALA E 47 -28.98 41.64 17.12
N SER E 48 -28.75 42.01 15.87
CA SER E 48 -29.35 41.29 14.74
C SER E 48 -28.66 41.66 13.43
N ALA E 49 -28.60 40.71 12.51
CA ALA E 49 -27.88 40.90 11.25
C ALA E 49 -28.80 41.18 10.08
N GLN E 50 -28.26 41.82 9.05
CA GLN E 50 -29.00 42.07 7.84
C GLN E 50 -29.01 40.80 6.92
N LYS E 51 -29.91 40.85 5.94
CA LYS E 51 -30.33 39.70 5.20
C LYS E 51 -29.91 39.84 3.75
N PRO E 52 -29.31 38.78 3.19
CA PRO E 52 -29.01 38.79 1.77
C PRO E 52 -30.26 38.62 0.94
N GLN E 53 -30.21 39.09 -0.29
CA GLN E 53 -31.36 39.01 -1.19
C GLN E 53 -31.93 37.59 -1.31
N SER E 54 -31.06 36.57 -1.35
CA SER E 54 -31.52 35.19 -1.45
C SER E 54 -32.44 34.78 -0.31
N VAL E 55 -32.16 35.24 0.91
CA VAL E 55 -33.03 34.96 2.06
C VAL E 55 -34.39 35.63 1.92
N ILE E 56 -34.38 36.85 1.41
CA ILE E 56 -35.62 37.60 1.20
C ILE E 56 -36.41 36.94 0.07
N ASP E 57 -35.71 36.57 -1.01
CA ASP E 57 -36.32 35.85 -2.13
C ASP E 57 -36.89 34.50 -1.71
N ALA E 58 -36.19 33.78 -0.84
CA ALA E 58 -36.72 32.50 -0.36
C ALA E 58 -38.00 32.70 0.46
N VAL E 59 -38.00 33.67 1.35
CA VAL E 59 -39.23 33.99 2.13
C VAL E 59 -40.37 34.37 1.19
N THR E 60 -40.10 35.26 0.25
CA THR E 60 -41.12 35.71 -0.69
C THR E 60 -41.67 34.55 -1.51
N HIS E 61 -40.77 33.76 -2.10
CA HIS E 61 -41.19 32.66 -2.93
C HIS E 61 -42.05 31.64 -2.17
N ALA E 62 -41.64 31.32 -0.95
CA ALA E 62 -42.42 30.40 -0.11
C ALA E 62 -43.87 30.88 0.10
N TYR E 63 -44.04 32.13 0.52
CA TYR E 63 -45.40 32.66 0.69
C TYR E 63 -46.15 32.78 -0.64
N ALA E 64 -45.47 33.21 -1.69
CA ALA E 64 -46.14 33.58 -2.95
C ALA E 64 -46.52 32.39 -3.78
N ASN E 65 -45.78 31.30 -3.65
CA ASN E 65 -45.89 30.21 -4.59
C ASN E 65 -45.96 28.80 -4.03
N GLU E 66 -45.43 28.56 -2.85
CA GLU E 66 -45.33 27.18 -2.34
C GLU E 66 -45.70 27.13 -0.83
N TYR E 67 -46.86 27.71 -0.50
CA TYR E 67 -47.29 27.84 0.91
C TYR E 67 -48.45 26.94 1.32
N ALA E 68 -48.29 26.31 2.48
CA ALA E 68 -49.30 25.46 3.12
C ALA E 68 -48.76 25.09 4.50
N ASN E 69 -49.55 24.45 5.34
CA ASN E 69 -48.99 23.84 6.55
C ASN E 69 -48.22 22.53 6.22
N VAL E 70 -47.46 22.03 7.20
CA VAL E 70 -46.47 20.98 6.96
C VAL E 70 -46.66 19.63 7.64
N HIS E 71 -47.82 19.32 8.17
CA HIS E 71 -48.03 17.94 8.65
C HIS E 71 -47.98 16.98 7.48
N ARG E 72 -46.91 17.03 6.67
CA ARG E 72 -46.91 16.39 5.34
C ARG E 72 -48.32 16.02 4.91
N GLY E 73 -49.11 17.00 4.46
CA GLY E 73 -50.47 16.74 3.97
C GLY E 73 -50.35 15.97 2.65
N LEU E 74 -51.42 15.31 2.23
CA LEU E 74 -51.39 14.66 0.98
C LEU E 74 -51.32 15.68 -0.19
N HIS E 75 -51.88 16.87 -0.05
CA HIS E 75 -52.10 17.74 -1.23
C HIS E 75 -50.83 18.48 -1.65
N PHE E 76 -50.82 18.98 -2.88
CA PHE E 76 -49.58 19.45 -3.49
C PHE E 76 -48.82 20.44 -2.63
N LEU E 77 -49.47 21.54 -2.25
CA LEU E 77 -48.78 22.59 -1.52
C LEU E 77 -48.28 22.14 -0.17
N SER E 78 -49.04 21.30 0.51
CA SER E 78 -48.60 20.81 1.83
C SER E 78 -47.34 19.98 1.68
N ASN E 79 -47.30 19.25 0.58
CA ASN E 79 -46.11 18.52 0.19
C ASN E 79 -44.91 19.39 -0.13
N ALA E 80 -45.14 20.39 -0.97
CA ALA E 80 -44.04 21.25 -1.39
C ALA E 80 -43.47 21.98 -0.16
N ALA E 81 -44.34 22.39 0.74
CA ALA E 81 -43.90 23.14 1.92
C ALA E 81 -43.21 22.24 2.93
N THR E 82 -43.72 21.03 3.10
CA THR E 82 -43.07 20.08 3.97
C THR E 82 -41.64 19.77 3.44
N ASP E 83 -41.49 19.59 2.13
CA ASP E 83 -40.16 19.36 1.52
C ASP E 83 -39.19 20.48 1.78
N ALA E 84 -39.67 21.71 1.55
CA ALA E 84 -38.85 22.91 1.78
C ALA E 84 -38.46 23.02 3.23
N TYR E 85 -39.38 22.64 4.09
CA TYR E 85 -39.17 22.74 5.53
C TYR E 85 -38.18 21.70 5.96
N GLU E 86 -38.47 20.44 5.67
CA GLU E 86 -37.49 19.34 5.91
C GLU E 86 -36.11 19.57 5.29
N LYS E 87 -36.06 20.19 4.12
CA LYS E 87 -34.76 20.55 3.54
C LYS E 87 -33.96 21.52 4.39
N SER E 88 -34.63 22.54 4.97
CA SER E 88 -33.96 23.44 5.93
C SER E 88 -33.40 22.72 7.10
N ARG E 89 -34.15 21.75 7.58
CA ARG E 89 -33.71 21.01 8.72
C ARG E 89 -32.37 20.32 8.38
N GLU E 90 -32.27 19.80 7.15
CA GLU E 90 -31.06 19.19 6.64
C GLU E 90 -29.91 20.19 6.50
N THR E 91 -30.21 21.40 6.04
CA THR E 91 -29.19 22.45 5.92
C THR E 91 -28.57 22.75 7.27
N VAL E 92 -29.42 22.85 8.28
CA VAL E 92 -28.98 23.15 9.64
C VAL E 92 -28.09 22.04 10.15
N ARG E 93 -28.57 20.82 10.00
CA ARG E 93 -27.80 19.63 10.33
C ARG E 93 -26.39 19.67 9.71
N ARG E 94 -26.31 19.93 8.41
CA ARG E 94 -25.01 20.03 7.70
C ARG E 94 -24.15 21.17 8.23
N PHE E 95 -24.80 22.30 8.44
CA PHE E 95 -24.14 23.50 8.94
C PHE E 95 -23.49 23.27 10.30
N LEU E 96 -24.18 22.57 11.20
CA LEU E 96 -23.64 22.24 12.52
C LEU E 96 -22.85 20.97 12.54
N ASN E 97 -22.94 20.21 11.46
CA ASN E 97 -22.32 18.90 11.37
C ASN E 97 -22.87 17.94 12.40
N ALA E 98 -24.18 18.00 12.60
CA ALA E 98 -24.84 17.09 13.53
C ALA E 98 -24.96 15.71 12.87
N GLY E 99 -25.02 14.67 13.68
CA GLY E 99 -25.08 13.28 13.18
C GLY E 99 -26.29 13.00 12.31
N SER E 100 -27.42 13.56 12.70
CA SER E 100 -28.72 13.27 12.12
C SER E 100 -29.69 14.49 12.17
N VAL E 101 -30.57 14.61 11.18
CA VAL E 101 -31.61 15.65 11.22
C VAL E 101 -32.53 15.57 12.43
N ASP E 102 -32.68 14.38 12.98
CA ASP E 102 -33.55 14.17 14.13
C ASP E 102 -32.98 14.79 15.41
N GLU E 103 -31.75 15.28 15.35
CA GLU E 103 -31.12 15.98 16.45
C GLU E 103 -31.32 17.53 16.37
N ILE E 104 -32.03 17.99 15.34
CA ILE E 104 -32.28 19.39 15.11
C ILE E 104 -33.73 19.71 15.43
N VAL E 105 -33.91 20.56 16.46
CA VAL E 105 -35.24 21.06 16.86
C VAL E 105 -35.34 22.55 16.51
N PHE E 106 -36.39 22.91 15.78
CA PHE E 106 -36.68 24.30 15.45
C PHE E 106 -37.45 24.97 16.57
N THR E 107 -37.05 26.20 16.93
CA THR E 107 -37.69 27.01 17.93
C THR E 107 -37.90 28.45 17.45
N LYS E 108 -38.56 29.26 18.29
CA LYS E 108 -38.79 30.71 18.03
C LYS E 108 -37.47 31.48 17.96
N ASN E 109 -36.56 31.12 18.83
CA ASN E 109 -35.28 31.79 18.94
C ASN E 109 -34.36 30.95 19.83
N ALA E 110 -33.12 31.39 19.99
CA ALA E 110 -32.19 30.69 20.83
C ALA E 110 -32.67 30.66 22.27
N THR E 111 -33.25 31.75 22.72
CA THR E 111 -33.75 31.82 24.08
C THR E 111 -34.70 30.66 24.37
N GLU E 112 -35.68 30.45 23.50
CA GLU E 112 -36.61 29.33 23.65
C GLU E 112 -35.88 27.97 23.60
N ALA E 113 -34.86 27.85 22.75
CA ALA E 113 -34.06 26.63 22.71
C ALA E 113 -33.48 26.31 24.08
N ILE E 114 -32.91 27.30 24.74
CA ILE E 114 -32.33 27.09 26.06
C ILE E 114 -33.43 26.71 27.06
N ASN E 115 -34.57 27.43 27.05
CA ASN E 115 -35.68 27.07 27.92
C ASN E 115 -36.16 25.62 27.72
N THR E 116 -36.12 25.13 26.49
CA THR E 116 -36.58 23.79 26.19
C THR E 116 -35.75 22.79 27.01
N VAL E 117 -34.44 22.98 27.02
CA VAL E 117 -33.54 22.18 27.83
C VAL E 117 -33.75 22.41 29.31
N ALA E 118 -33.89 23.68 29.72
CA ALA E 118 -34.08 24.00 31.12
C ALA E 118 -35.34 23.37 31.68
N TYR E 119 -36.43 23.43 30.94
CA TYR E 119 -37.69 22.80 31.39
C TYR E 119 -37.70 21.28 31.15
N GLY E 120 -37.17 20.84 29.99
CA GLY E 120 -37.24 19.44 29.56
C GLY E 120 -36.27 18.52 30.27
N TYR E 121 -35.03 18.97 30.49
CA TYR E 121 -34.00 18.23 31.21
C TYR E 121 -33.78 18.73 32.64
N GLY E 122 -33.50 20.02 32.76
CA GLY E 122 -33.03 20.59 34.02
C GLY E 122 -33.98 20.39 35.16
N MET E 123 -35.23 20.62 34.88
CA MET E 123 -36.28 20.63 35.91
C MET E 123 -36.49 19.25 36.52
N PRO E 124 -36.67 18.20 35.67
CA PRO E 124 -36.79 16.85 36.23
C PRO E 124 -35.52 16.30 36.91
N PHE E 125 -34.35 16.77 36.50
CA PHE E 125 -33.09 16.16 36.93
C PHE E 125 -32.19 17.00 37.81
N ILE E 126 -32.57 18.24 38.11
CA ILE E 126 -31.77 19.11 38.96
C ILE E 126 -32.61 19.67 40.12
N GLY E 127 -32.16 19.40 41.36
CA GLY E 127 -32.92 19.68 42.57
C GLY E 127 -32.15 20.40 43.66
N GLU E 128 -32.67 20.34 44.88
CA GLU E 128 -32.16 21.13 46.01
C GLU E 128 -30.68 20.86 46.25
N GLY E 129 -29.87 21.90 46.15
CA GLY E 129 -28.44 21.80 46.43
C GLY E 129 -27.60 21.48 45.21
N ASP E 130 -28.20 20.90 44.18
CA ASP E 130 -27.49 20.61 42.94
C ASP E 130 -26.99 21.90 42.28
N GLU E 131 -25.89 21.80 41.55
CA GLU E 131 -25.21 22.97 40.99
C GLU E 131 -25.33 23.04 39.48
N ILE E 132 -25.56 24.25 38.97
CA ILE E 132 -25.54 24.53 37.55
C ILE E 132 -24.39 25.48 37.30
N LEU E 133 -23.47 25.07 36.44
CA LEU E 133 -22.22 25.79 36.26
C LEU E 133 -22.26 26.61 34.97
N LEU E 134 -22.12 27.91 35.13
CA LEU E 134 -22.17 28.85 34.03
C LEU E 134 -20.87 29.62 33.95
N SER E 135 -20.78 30.54 33.00
CA SER E 135 -19.72 31.55 33.00
C SER E 135 -20.29 32.91 33.40
N ILE E 136 -19.41 33.80 33.80
CA ILE E 136 -19.80 35.16 34.09
C ILE E 136 -20.21 35.92 32.83
N MET E 137 -19.83 35.40 31.65
CA MET E 137 -20.11 36.05 30.37
C MET E 137 -21.51 35.78 29.81
N GLU E 138 -22.29 34.93 30.46
CA GLU E 138 -23.55 34.51 29.89
C GLU E 138 -24.52 35.65 29.63
N HIS E 139 -25.09 35.64 28.43
CA HIS E 139 -26.26 36.38 28.06
C HIS E 139 -27.40 35.92 28.97
N HIS E 140 -28.33 36.83 29.25
CA HIS E 140 -29.44 36.58 30.19
C HIS E 140 -30.25 35.35 29.86
N SER E 141 -30.49 35.13 28.58
CA SER E 141 -31.13 33.90 28.09
C SER E 141 -30.44 32.58 28.46
N ASN E 142 -29.14 32.62 28.71
CA ASN E 142 -28.43 31.45 29.28
C ASN E 142 -28.17 31.61 30.77
N ILE E 143 -29.05 32.36 31.45
CA ILE E 143 -29.00 32.51 32.91
C ILE E 143 -30.38 32.29 33.52
N VAL E 144 -31.36 33.04 33.03
CA VAL E 144 -32.70 33.08 33.64
C VAL E 144 -33.38 31.72 33.69
N PRO E 145 -33.30 30.92 32.58
CA PRO E 145 -33.92 29.60 32.66
C PRO E 145 -33.34 28.73 33.78
N TRP E 146 -32.04 28.83 33.99
CA TRP E 146 -31.40 28.11 35.08
C TRP E 146 -31.78 28.69 36.42
N HIS E 147 -31.89 30.02 36.50
CA HIS E 147 -32.39 30.69 37.72
C HIS E 147 -33.77 30.17 38.15
N PHE E 148 -34.62 29.84 37.18
CA PHE E 148 -35.91 29.23 37.50
C PHE E 148 -35.76 28.00 38.36
N ILE E 149 -34.74 27.18 38.07
CA ILE E 149 -34.52 25.96 38.83
C ILE E 149 -33.98 26.31 40.22
N ARG E 150 -33.12 27.31 40.31
CA ARG E 150 -32.71 27.84 41.61
C ARG E 150 -33.92 28.30 42.41
N GLU E 151 -34.72 29.14 41.78
CA GLU E 151 -35.85 29.81 42.45
C GLU E 151 -36.96 28.84 42.80
N ARG E 152 -37.26 27.90 41.89
CA ARG E 152 -38.40 26.99 42.09
C ARG E 152 -38.04 25.66 42.76
N GLN E 153 -36.78 25.21 42.64
CA GLN E 153 -36.36 23.89 43.14
C GLN E 153 -35.11 23.87 44.02
N GLY E 154 -34.49 25.03 44.23
CA GLY E 154 -33.38 25.14 45.18
C GLY E 154 -32.02 24.76 44.64
N ALA E 155 -31.86 24.79 43.33
CA ALA E 155 -30.53 24.57 42.72
C ALA E 155 -29.66 25.80 43.00
N LYS E 156 -28.35 25.63 42.94
CA LYS E 156 -27.40 26.73 43.06
C LYS E 156 -26.76 27.00 41.71
N LEU E 157 -26.63 28.28 41.36
CA LEU E 157 -25.87 28.71 40.19
C LEU E 157 -24.45 29.05 40.58
N VAL E 158 -23.49 28.60 39.77
CA VAL E 158 -22.07 28.87 40.00
C VAL E 158 -21.51 29.49 38.73
N PHE E 159 -20.64 30.48 38.86
CA PHE E 159 -20.23 31.31 37.75
C PHE E 159 -18.75 31.26 37.58
N THR E 160 -18.31 30.70 36.45
CA THR E 160 -16.91 30.65 36.13
C THR E 160 -16.46 32.04 35.75
N PRO E 161 -15.39 32.52 36.36
CA PRO E 161 -14.91 33.84 36.04
C PRO E 161 -14.09 33.92 34.76
N VAL E 162 -13.69 35.14 34.44
CA VAL E 162 -12.81 35.46 33.34
C VAL E 162 -11.87 36.55 33.85
N ASP E 163 -10.70 36.70 33.26
CA ASP E 163 -9.73 37.70 33.74
C ASP E 163 -9.97 39.07 33.11
N ASP E 164 -9.25 40.07 33.61
CA ASP E 164 -9.48 41.48 33.24
C ASP E 164 -9.29 41.73 31.74
N ASN E 165 -8.43 40.94 31.10
CA ASN E 165 -8.25 41.01 29.66
C ASN E 165 -9.37 40.30 28.90
N GLY E 166 -10.29 39.65 29.61
CA GLY E 166 -11.38 38.89 28.98
C GLY E 166 -11.03 37.44 28.65
N VAL E 167 -9.87 36.98 29.09
CA VAL E 167 -9.40 35.63 28.76
C VAL E 167 -10.00 34.60 29.73
N PHE E 168 -10.50 33.52 29.16
CA PHE E 168 -11.10 32.42 29.92
C PHE E 168 -10.01 31.41 30.22
N HIS E 169 -9.98 30.93 31.47
CA HIS E 169 -8.96 30.01 31.95
C HIS E 169 -9.60 28.70 32.35
N ILE E 170 -9.28 27.63 31.63
CA ILE E 170 -9.87 26.33 31.86
C ILE E 170 -9.69 25.88 33.31
N GLU E 171 -8.53 26.17 33.88
CA GLU E 171 -8.23 25.76 35.26
C GLU E 171 -9.28 26.30 36.23
N GLU E 172 -9.84 27.45 35.88
CA GLU E 172 -10.85 28.10 36.70
C GLU E 172 -12.23 27.47 36.58
N PHE E 173 -12.57 27.00 35.38
CA PHE E 173 -13.74 26.14 35.18
C PHE E 173 -13.61 24.84 35.96
N GLU E 174 -12.45 24.21 35.88
CA GLU E 174 -12.25 22.87 36.44
C GLU E 174 -12.36 22.87 37.96
N LYS E 175 -11.86 23.94 38.60
CA LYS E 175 -11.91 24.09 40.07
C LYS E 175 -13.37 24.15 40.58
N ARG E 176 -14.30 24.59 39.74
CA ARG E 176 -15.70 24.78 40.13
C ARG E 176 -16.62 23.60 39.80
N LEU E 177 -16.09 22.59 39.11
CA LEU E 177 -16.78 21.33 38.93
C LEU E 177 -16.77 20.58 40.25
N SER E 178 -17.89 19.95 40.59
CA SER E 178 -17.95 19.15 41.82
C SER E 178 -18.95 18.02 41.67
N GLU E 179 -19.02 17.17 42.70
CA GLU E 179 -20.01 16.10 42.76
C GLU E 179 -21.45 16.60 42.67
N ARG E 180 -21.67 17.87 43.04
CA ARG E 180 -23.03 18.45 43.00
C ARG E 180 -23.40 19.07 41.65
N THR E 181 -22.42 19.27 40.77
CA THR E 181 -22.68 19.81 39.45
C THR E 181 -23.50 18.83 38.61
N LYS E 182 -24.68 19.27 38.18
CA LYS E 182 -25.56 18.46 37.35
C LYS E 182 -25.67 18.91 35.90
N LEU E 183 -25.22 20.12 35.62
CA LEU E 183 -25.28 20.64 34.26
C LEU E 183 -24.32 21.81 34.13
N VAL E 184 -23.74 21.92 32.94
CA VAL E 184 -22.92 23.04 32.55
C VAL E 184 -23.65 23.70 31.42
N ALA E 185 -23.82 25.02 31.52
CA ALA E 185 -24.41 25.80 30.44
C ALA E 185 -23.48 26.94 30.24
N ILE E 186 -22.93 27.09 29.05
CA ILE E 186 -21.87 28.04 28.85
C ILE E 186 -21.85 28.55 27.44
N THR E 187 -21.42 29.78 27.26
CA THR E 187 -21.39 30.40 25.93
C THR E 187 -20.19 29.93 25.10
N HIS E 188 -20.40 29.89 23.80
CA HIS E 188 -19.35 29.58 22.84
C HIS E 188 -18.52 30.84 22.61
N MET E 189 -19.21 31.93 22.36
CA MET E 189 -18.57 33.23 22.18
C MET E 189 -19.37 34.31 22.95
N SER E 190 -18.67 35.08 23.76
CA SER E 190 -19.27 36.15 24.53
C SER E 190 -19.79 37.22 23.60
N ASN E 191 -21.04 37.62 23.81
CA ASN E 191 -21.65 38.67 23.02
C ASN E 191 -21.14 40.07 23.35
N THR E 192 -20.23 40.18 24.33
CA THR E 192 -19.70 41.47 24.81
C THR E 192 -18.19 41.60 24.64
N LEU E 193 -17.48 40.62 25.17
CA LEU E 193 -16.03 40.55 25.06
C LEU E 193 -15.57 39.97 23.74
N GLY E 194 -16.42 39.17 23.12
CA GLY E 194 -16.03 38.39 21.92
C GLY E 194 -15.17 37.19 22.25
N THR E 195 -14.93 36.95 23.54
CA THR E 195 -14.10 35.85 23.99
C THR E 195 -14.62 34.50 23.50
N VAL E 196 -13.75 33.70 22.90
CA VAL E 196 -14.09 32.35 22.48
C VAL E 196 -13.80 31.41 23.63
N VAL E 197 -14.80 30.61 24.02
CA VAL E 197 -14.64 29.66 25.11
C VAL E 197 -14.12 28.31 24.55
N PRO E 198 -13.13 27.67 25.22
CA PRO E 198 -12.61 26.40 24.72
C PRO E 198 -13.56 25.25 25.03
N ILE E 199 -14.57 25.12 24.20
CA ILE E 199 -15.68 24.25 24.52
C ILE E 199 -15.38 22.76 24.43
N LYS E 200 -14.61 22.34 23.43
CA LYS E 200 -14.22 20.93 23.38
C LYS E 200 -13.59 20.51 24.71
N LYS E 201 -12.63 21.28 25.19
CA LYS E 201 -11.93 20.95 26.42
C LYS E 201 -12.92 20.90 27.61
N ILE E 202 -13.88 21.80 27.64
CA ILE E 202 -14.89 21.86 28.70
C ILE E 202 -15.79 20.63 28.72
N VAL E 203 -16.24 20.22 27.54
CA VAL E 203 -17.01 18.98 27.39
C VAL E 203 -16.23 17.76 27.84
N GLU E 204 -14.97 17.67 27.43
CA GLU E 204 -14.10 16.56 27.87
C GLU E 204 -14.12 16.43 29.38
N LEU E 205 -13.86 17.54 30.07
CA LEU E 205 -13.84 17.56 31.53
C LEU E 205 -15.19 17.22 32.15
N ALA E 206 -16.26 17.75 31.56
CA ALA E 206 -17.59 17.53 32.09
C ALA E 206 -18.01 16.08 31.92
N HIS E 207 -17.90 15.60 30.69
CA HIS E 207 -18.28 14.22 30.39
C HIS E 207 -17.49 13.17 31.17
N ALA E 208 -16.23 13.45 31.48
CA ALA E 208 -15.48 12.58 32.36
C ALA E 208 -16.14 12.41 33.74
N ARG E 209 -17.00 13.35 34.14
CA ARG E 209 -17.77 13.23 35.39
C ARG E 209 -19.24 12.88 35.18
N GLY E 210 -19.63 12.62 33.95
CA GLY E 210 -21.03 12.31 33.62
C GLY E 210 -21.94 13.52 33.54
N ILE E 211 -21.38 14.72 33.43
CA ILE E 211 -22.18 15.95 33.45
C ILE E 211 -22.44 16.49 32.06
N PRO E 212 -23.71 16.71 31.69
CA PRO E 212 -24.01 17.23 30.36
C PRO E 212 -23.74 18.72 30.21
N VAL E 213 -23.48 19.13 28.98
CA VAL E 213 -23.10 20.49 28.66
C VAL E 213 -24.01 21.07 27.60
N LEU E 214 -24.59 22.25 27.91
CA LEU E 214 -25.30 23.04 26.91
C LEU E 214 -24.40 24.16 26.47
N VAL E 215 -24.40 24.43 25.17
CA VAL E 215 -23.60 25.52 24.64
C VAL E 215 -24.47 26.56 23.98
N ASP E 216 -24.30 27.80 24.41
CA ASP E 216 -24.99 28.93 23.81
C ASP E 216 -24.14 29.40 22.65
N GLY E 217 -24.58 29.09 21.44
CA GLY E 217 -23.82 29.46 20.26
C GLY E 217 -24.45 30.54 19.44
N SER E 218 -25.31 31.35 20.06
CA SER E 218 -25.99 32.42 19.38
C SER E 218 -25.02 33.35 18.67
N GLN E 219 -23.83 33.57 19.24
CA GLN E 219 -22.77 34.32 18.55
C GLN E 219 -21.77 33.40 17.88
N GLY E 220 -21.42 32.30 18.54
CA GLY E 220 -20.49 31.34 18.02
C GLY E 220 -20.80 30.93 16.59
N ALA E 221 -22.06 30.62 16.34
CA ALA E 221 -22.49 30.12 15.02
C ALA E 221 -22.34 31.19 13.94
N VAL E 222 -22.36 32.47 14.33
CA VAL E 222 -22.25 33.55 13.36
C VAL E 222 -20.77 33.71 12.94
N HIS E 223 -19.87 33.43 13.86
CA HIS E 223 -18.47 33.89 13.78
C HIS E 223 -17.41 32.82 13.82
N LEU E 224 -17.81 31.57 14.08
CA LEU E 224 -16.90 30.44 14.13
C LEU E 224 -17.41 29.24 13.33
N PRO E 225 -16.48 28.48 12.75
CA PRO E 225 -16.86 27.17 12.28
C PRO E 225 -17.36 26.36 13.47
N VAL E 226 -18.49 25.68 13.29
CA VAL E 226 -19.04 24.86 14.35
C VAL E 226 -19.19 23.39 13.90
N ASP E 227 -18.64 22.47 14.69
CA ASP E 227 -18.82 21.06 14.48
C ASP E 227 -19.23 20.45 15.82
N VAL E 228 -20.52 20.22 15.99
CA VAL E 228 -21.05 19.76 17.27
C VAL E 228 -20.67 18.33 17.67
N GLN E 229 -20.19 17.54 16.72
CA GLN E 229 -19.68 16.19 17.04
C GLN E 229 -18.24 16.25 17.50
N ASP E 230 -17.45 17.14 16.90
CA ASP E 230 -16.10 17.39 17.37
C ASP E 230 -16.09 18.12 18.71
N LEU E 231 -17.07 19.00 18.93
CA LEU E 231 -17.24 19.61 20.25
C LEU E 231 -17.72 18.55 21.25
N GLY E 232 -18.61 17.66 20.82
CA GLY E 232 -19.18 16.66 21.70
C GLY E 232 -20.29 17.14 22.63
N CYS E 233 -20.70 18.40 22.51
CA CYS E 233 -21.61 18.98 23.48
C CYS E 233 -22.93 18.29 23.43
N ASP E 234 -23.61 18.19 24.57
CA ASP E 234 -24.92 17.55 24.62
C ASP E 234 -26.00 18.38 23.95
N TRP E 235 -25.91 19.70 24.06
CA TRP E 235 -26.79 20.59 23.31
C TRP E 235 -26.04 21.81 22.80
N TYR E 236 -26.50 22.34 21.69
CA TYR E 236 -25.95 23.57 21.10
C TYR E 236 -27.12 24.37 20.56
N VAL E 237 -27.19 25.65 20.93
CA VAL E 237 -28.30 26.50 20.47
C VAL E 237 -27.78 27.65 19.66
N PHE E 238 -28.56 28.12 18.70
CA PHE E 238 -28.25 29.35 17.99
C PHE E 238 -29.50 30.00 17.46
N THR E 239 -29.37 31.21 16.92
CA THR E 239 -30.57 32.00 16.61
C THR E 239 -30.48 32.45 15.15
N GLY E 240 -31.60 32.38 14.46
CA GLY E 240 -31.62 32.65 13.03
C GLY E 240 -31.30 34.06 12.60
N HIS E 241 -31.84 35.04 13.33
CA HIS E 241 -31.72 36.44 12.93
C HIS E 241 -30.29 36.96 12.99
N1 LLP E 242 -27.20 34.20 23.82
C2 LLP E 242 -26.29 35.01 23.27
C2' LLP E 242 -24.83 34.78 23.58
C3 LLP E 242 -26.72 36.06 22.35
O3 LLP E 242 -25.83 36.90 21.76
C4 LLP E 242 -28.15 36.17 22.06
C4' LLP E 242 -28.70 37.24 21.15
C5 LLP E 242 -29.06 35.25 22.74
C6 LLP E 242 -28.54 34.29 23.60
C5' LLP E 242 -30.56 35.33 22.54
OP4 LLP E 242 -30.92 35.11 21.19
P LLP E 242 -32.42 35.46 20.81
OP1 LLP E 242 -32.60 35.29 19.34
OP2 LLP E 242 -33.19 34.54 21.71
OP3 LLP E 242 -32.60 36.88 21.18
N LLP E 242 -29.45 36.37 13.85
CA LLP E 242 -28.03 36.71 13.88
CB LLP E 242 -27.49 36.32 15.24
CG LLP E 242 -28.19 37.15 16.29
CD LLP E 242 -27.54 37.02 17.65
CE LLP E 242 -28.35 37.72 18.70
NZ LLP E 242 -27.80 37.50 20.02
C LLP E 242 -27.21 36.03 12.79
O LLP E 242 -26.14 36.54 12.42
N VAL E 243 -27.69 34.92 12.26
CA VAL E 243 -26.98 34.23 11.14
C VAL E 243 -27.55 34.64 9.80
N TYR E 244 -27.85 35.94 9.67
CA TYR E 244 -28.28 36.53 8.40
C TYR E 244 -29.61 36.01 7.95
N GLY E 245 -30.35 35.44 8.88
CA GLY E 245 -31.61 34.82 8.54
C GLY E 245 -32.85 35.48 9.13
N PRO E 246 -34.02 34.91 8.85
CA PRO E 246 -35.29 35.45 9.35
C PRO E 246 -35.36 35.59 10.85
N SER E 247 -36.17 36.58 11.29
CA SER E 247 -36.61 36.62 12.65
C SER E 247 -37.57 35.46 12.84
N GLY E 248 -37.81 35.10 14.09
CA GLY E 248 -38.81 34.09 14.40
C GLY E 248 -38.32 32.67 14.27
N ILE E 249 -37.01 32.46 14.20
CA ILE E 249 -36.50 31.13 14.09
C ILE E 249 -35.27 30.92 14.94
N GLY E 250 -35.34 29.88 15.76
CA GLY E 250 -34.17 29.39 16.47
C GLY E 250 -33.86 27.91 16.22
N VAL E 251 -32.75 27.47 16.76
CA VAL E 251 -32.36 26.09 16.67
C VAL E 251 -31.85 25.54 17.98
N LEU E 252 -32.38 24.38 18.35
CA LEU E 252 -31.81 23.53 19.38
C LEU E 252 -31.22 22.22 18.76
N TYR E 253 -29.92 22.08 18.84
CA TYR E 253 -29.29 20.78 18.58
C TYR E 253 -29.13 20.05 19.89
N GLY E 254 -29.50 18.77 19.90
CA GLY E 254 -29.27 17.89 21.04
C GLY E 254 -28.90 16.49 20.57
N ARG E 255 -27.87 15.92 21.16
CA ARG E 255 -27.55 14.54 20.98
C ARG E 255 -28.80 13.72 21.23
N ALA E 256 -29.07 12.78 20.32
CA ALA E 256 -30.32 12.00 20.32
C ALA E 256 -30.70 11.42 21.69
N GLN E 257 -29.69 10.90 22.38
CA GLN E 257 -29.87 10.24 23.65
C GLN E 257 -30.30 11.26 24.72
N MET E 258 -29.83 12.50 24.58
CA MET E 258 -30.14 13.53 25.54
C MET E 258 -31.51 14.16 25.25
N LEU E 259 -31.87 14.31 23.98
CA LEU E 259 -33.19 14.75 23.60
C LEU E 259 -34.23 13.76 24.06
N GLU E 260 -33.88 12.49 23.97
CA GLU E 260 -34.77 11.39 24.29
C GLU E 260 -35.09 11.37 25.78
N LYS E 261 -34.10 11.62 26.60
CA LYS E 261 -34.26 11.72 28.05
C LYS E 261 -35.15 12.90 28.53
N MET E 262 -35.34 13.91 27.68
CA MET E 262 -36.08 15.09 28.08
C MET E 262 -37.58 14.91 27.94
N ARG E 263 -38.32 15.30 28.96
CA ARG E 263 -39.77 15.37 28.85
C ARG E 263 -40.20 16.55 27.97
N PRO E 264 -41.46 16.56 27.53
CA PRO E 264 -41.93 17.67 26.72
C PRO E 264 -41.86 19.03 27.44
N PHE E 265 -41.56 20.07 26.66
CA PHE E 265 -41.62 21.45 27.14
C PHE E 265 -43.01 21.98 26.77
N GLN E 266 -43.20 22.46 25.56
CA GLN E 266 -44.51 22.89 25.13
C GLN E 266 -45.37 21.74 24.62
N GLY E 267 -46.65 21.80 24.97
CA GLY E 267 -47.59 20.76 24.64
C GLY E 267 -48.58 21.17 23.59
N GLY E 268 -48.94 20.24 22.72
CA GLY E 268 -50.02 20.47 21.77
C GLY E 268 -50.01 19.62 20.55
N GLY E 269 -50.65 20.12 19.51
CA GLY E 269 -50.59 19.48 18.20
C GLY E 269 -49.18 19.15 17.76
N GLU E 270 -49.03 18.03 17.04
CA GLU E 270 -47.78 17.66 16.36
C GLU E 270 -46.63 17.12 17.22
N MET E 271 -46.80 17.06 18.53
CA MET E 271 -45.81 16.50 19.43
C MET E 271 -46.40 15.37 20.22
N ILE E 272 -47.62 15.00 19.90
CA ILE E 272 -48.26 13.83 20.52
C ILE E 272 -48.18 12.59 19.59
N GLU E 273 -48.40 11.43 20.19
CA GLU E 273 -48.66 10.21 19.45
C GLU E 273 -50.15 9.93 19.53
N GLU E 274 -50.67 9.74 20.75
CA GLU E 274 -52.09 9.58 20.98
C GLU E 274 -52.59 10.62 22.02
N VAL E 275 -53.77 11.18 21.75
CA VAL E 275 -54.52 11.98 22.71
C VAL E 275 -55.91 11.38 22.93
N THR E 276 -56.17 10.98 24.15
CA THR E 276 -57.51 10.61 24.58
C THR E 276 -57.94 11.50 25.77
N GLU E 277 -59.21 11.43 26.12
CA GLU E 277 -59.71 12.17 27.26
C GLU E 277 -58.93 11.82 28.53
N GLU E 278 -58.50 10.55 28.62
CA GLU E 278 -57.90 9.98 29.84
C GLU E 278 -56.37 10.20 29.89
N ASN E 279 -55.71 10.32 28.75
CA ASN E 279 -54.24 10.41 28.75
C ASN E 279 -53.67 10.96 27.44
N VAL E 280 -52.40 11.34 27.48
CA VAL E 280 -51.65 11.78 26.30
C VAL E 280 -50.31 11.03 26.24
N THR E 281 -49.93 10.58 25.06
CA THR E 281 -48.60 10.00 24.85
C THR E 281 -47.89 10.87 23.84
N TYR E 282 -46.57 10.89 23.92
CA TYR E 282 -45.77 11.86 23.19
C TYR E 282 -44.92 11.25 22.08
N ASN E 283 -44.77 12.03 21.02
CA ASN E 283 -43.79 11.76 19.94
C ASN E 283 -42.39 11.62 20.47
N HIS E 284 -41.49 11.19 19.62
CA HIS E 284 -40.08 11.20 19.93
C HIS E 284 -39.47 12.46 19.34
N PRO E 285 -38.25 12.80 19.76
CA PRO E 285 -37.59 13.96 19.17
C PRO E 285 -37.36 13.81 17.70
N PRO E 286 -37.28 14.88 16.93
CA PRO E 286 -37.34 16.25 17.37
C PRO E 286 -38.77 16.79 17.57
N HIS E 287 -39.74 16.05 17.05
CA HIS E 287 -41.13 16.49 17.02
C HIS E 287 -41.72 16.61 18.41
N ARG E 288 -41.21 15.81 19.33
CA ARG E 288 -41.65 15.91 20.72
C ARG E 288 -41.60 17.36 21.23
N PHE E 289 -40.68 18.16 20.68
CA PHE E 289 -40.37 19.47 21.16
C PHE E 289 -40.83 20.59 20.24
N GLU E 290 -41.62 20.29 19.22
CA GLU E 290 -42.12 21.28 18.29
C GLU E 290 -43.64 21.23 18.33
N ALA E 291 -44.22 21.97 19.28
CA ALA E 291 -45.66 22.00 19.47
C ALA E 291 -46.30 23.00 18.53
N GLY E 292 -47.44 22.64 17.96
CA GLY E 292 -48.14 23.48 17.00
C GLY E 292 -47.38 23.79 15.71
N THR E 293 -48.04 24.55 14.84
CA THR E 293 -47.42 24.99 13.59
C THR E 293 -46.09 25.67 13.88
N PRO E 294 -45.00 25.22 13.25
CA PRO E 294 -43.69 25.82 13.50
C PRO E 294 -43.46 26.99 12.59
N PRO E 295 -42.32 27.66 12.72
CA PRO E 295 -42.08 28.84 11.91
C PRO E 295 -41.57 28.39 10.53
N ILE E 296 -42.53 27.98 9.72
CA ILE E 296 -42.31 27.30 8.49
C ILE E 296 -41.42 28.08 7.57
N VAL E 297 -41.89 29.24 7.15
CA VAL E 297 -41.23 30.06 6.17
C VAL E 297 -39.95 30.67 6.72
N GLN E 298 -39.87 30.78 8.03
CA GLN E 298 -38.67 31.29 8.70
C GLN E 298 -37.55 30.20 8.66
N ALA E 299 -37.94 28.94 8.87
CA ALA E 299 -37.03 27.82 8.75
C ALA E 299 -36.47 27.78 7.34
N ILE E 300 -37.35 27.86 6.36
CA ILE E 300 -36.93 27.88 4.95
C ILE E 300 -35.97 29.03 4.71
N GLY E 301 -36.33 30.23 5.17
CA GLY E 301 -35.43 31.38 5.02
C GLY E 301 -34.08 31.20 5.70
N LEU E 302 -34.08 30.55 6.86
CA LEU E 302 -32.83 30.24 7.59
C LEU E 302 -31.91 29.37 6.75
N GLY E 303 -32.49 28.31 6.18
CA GLY E 303 -31.77 27.44 5.22
C GLY E 303 -31.04 28.23 4.17
N ALA E 304 -31.74 29.18 3.55
CA ALA E 304 -31.13 30.04 2.54
C ALA E 304 -30.00 30.88 3.13
N ALA E 305 -30.17 31.33 4.36
CA ALA E 305 -29.14 32.12 5.00
C ALA E 305 -27.87 31.31 5.28
N LEU E 306 -28.03 30.10 5.81
CA LEU E 306 -26.88 29.23 6.07
C LEU E 306 -26.18 28.79 4.77
N GLU E 307 -26.94 28.64 3.69
CA GLU E 307 -26.33 28.39 2.37
C GLU E 307 -25.52 29.58 1.91
N TYR E 308 -26.01 30.79 2.19
CA TYR E 308 -25.28 31.99 1.83
C TYR E 308 -23.92 31.97 2.48
N MET E 309 -23.89 31.65 3.77
CA MET E 309 -22.64 31.60 4.53
C MET E 309 -21.70 30.56 3.97
N GLU E 310 -22.24 29.40 3.59
CA GLU E 310 -21.44 28.35 2.94
C GLU E 310 -20.88 28.82 1.60
N LYS E 311 -21.69 29.53 0.81
CA LYS E 311 -21.23 30.04 -0.49
C LYS E 311 -20.01 30.96 -0.34
N ILE E 312 -20.02 31.86 0.66
CA ILE E 312 -18.83 32.71 0.89
C ILE E 312 -17.66 31.91 1.45
N GLY E 313 -17.94 30.96 2.33
CA GLY E 313 -16.91 30.10 2.90
C GLY E 313 -16.67 30.55 4.33
N ARG E 314 -16.90 29.63 5.26
CA ARG E 314 -16.86 29.94 6.70
C ARG E 314 -15.49 30.35 7.22
N HIS E 315 -14.47 29.82 6.60
CA HIS E 315 -13.12 30.16 6.96
C HIS E 315 -12.66 31.45 6.29
N ALA E 316 -13.23 31.78 5.14
CA ALA E 316 -12.94 33.04 4.49
C ALA E 316 -13.58 34.16 5.37
N ILE E 317 -14.77 33.92 5.87
CA ILE E 317 -15.45 34.84 6.78
C ILE E 317 -14.61 35.07 8.04
N LEU E 318 -14.16 33.97 8.65
CA LEU E 318 -13.33 34.05 9.85
C LEU E 318 -12.08 34.88 9.62
N ALA E 319 -11.41 34.67 8.48
CA ALA E 319 -10.23 35.47 8.16
C ALA E 319 -10.59 36.96 8.05
N HIS E 320 -11.69 37.26 7.39
CA HIS E 320 -12.09 38.65 7.11
C HIS E 320 -12.52 39.37 8.40
N GLU E 321 -13.30 38.69 9.22
CA GLU E 321 -13.68 39.24 10.51
C GLU E 321 -12.51 39.40 11.47
N ALA E 322 -11.51 38.53 11.34
CA ALA E 322 -10.29 38.65 12.14
C ALA E 322 -9.52 39.88 11.74
N ASP E 323 -9.43 40.14 10.45
CA ASP E 323 -8.81 41.39 9.96
C ASP E 323 -9.57 42.65 10.48
N LEU E 324 -10.89 42.63 10.43
CA LEU E 324 -11.70 43.77 10.98
C LEU E 324 -11.51 43.97 12.47
N ARG E 325 -11.45 42.86 13.21
CA ARG E 325 -11.18 42.90 14.64
C ARG E 325 -9.87 43.58 14.94
N ASP E 326 -8.79 43.08 14.32
CA ASP E 326 -7.45 43.60 14.57
C ASP E 326 -7.31 45.06 14.17
N TYR E 327 -7.86 45.39 13.02
CA TYR E 327 -7.81 46.76 12.51
C TYR E 327 -8.63 47.74 13.43
N ALA E 328 -9.78 47.26 13.92
CA ALA E 328 -10.57 48.03 14.88
C ALA E 328 -9.84 48.27 16.20
N HIS E 329 -9.15 47.24 16.70
CA HIS E 329 -8.37 47.39 17.92
C HIS E 329 -7.23 48.38 17.74
N GLU E 330 -6.65 48.40 16.55
CA GLU E 330 -5.58 49.34 16.23
C GLU E 330 -6.13 50.77 16.20
N ARG E 331 -7.17 50.99 15.39
CA ARG E 331 -7.74 52.30 15.10
C ARG E 331 -8.38 52.92 16.39
N LEU E 332 -9.25 52.18 17.07
CA LEU E 332 -9.80 52.63 18.36
C LEU E 332 -8.76 52.76 19.46
N GLY E 333 -7.72 51.91 19.42
CA GLY E 333 -6.64 51.98 20.39
C GLY E 333 -5.94 53.31 20.35
N ARG E 334 -5.94 53.96 19.19
CA ARG E 334 -5.33 55.27 19.02
C ARG E 334 -6.21 56.44 19.59
N ILE E 335 -7.42 56.14 20.04
CA ILE E 335 -8.30 57.17 20.61
C ILE E 335 -8.06 57.31 22.10
N ASN E 336 -7.72 58.53 22.48
CA ASN E 336 -7.18 58.84 23.80
C ASN E 336 -7.86 58.11 24.97
N SER E 337 -9.11 58.45 25.22
CA SER E 337 -9.77 58.05 26.45
C SER E 337 -10.53 56.71 26.36
N LEU E 338 -10.30 55.95 25.29
CA LEU E 338 -11.15 54.82 24.97
C LEU E 338 -10.63 53.49 25.55
N ARG E 339 -11.54 52.75 26.17
CA ARG E 339 -11.22 51.46 26.75
C ARG E 339 -12.01 50.37 26.04
N ILE E 340 -11.35 49.28 25.68
CA ILE E 340 -12.03 48.12 25.11
C ILE E 340 -12.16 47.05 26.19
N PHE E 341 -13.36 46.50 26.31
CA PHE E 341 -13.64 45.43 27.27
C PHE E 341 -13.56 44.10 26.55
N GLY E 342 -12.47 43.38 26.80
CA GLY E 342 -12.22 42.06 26.18
C GLY E 342 -11.16 42.15 25.10
N ASN E 343 -9.97 41.58 25.37
CA ASN E 343 -8.86 41.61 24.42
C ASN E 343 -8.25 40.22 24.18
N ALA E 344 -9.04 39.17 24.31
CA ALA E 344 -8.56 37.83 24.07
C ALA E 344 -8.02 37.71 22.63
N PRO E 345 -6.88 37.02 22.45
CA PRO E 345 -6.20 36.95 21.14
C PRO E 345 -7.08 36.34 20.04
N ASP E 346 -7.94 35.39 20.38
CA ASP E 346 -8.73 34.68 19.38
C ASP E 346 -10.19 35.15 19.34
N LYS E 347 -10.44 36.33 19.86
CA LYS E 347 -11.80 36.81 20.03
C LYS E 347 -12.50 37.02 18.69
N GLY E 348 -13.81 36.91 18.73
CA GLY E 348 -14.67 37.35 17.63
C GLY E 348 -14.70 38.87 17.47
N ALA E 349 -15.23 39.33 16.34
CA ALA E 349 -15.17 40.74 15.96
C ALA E 349 -16.31 41.52 16.64
N ILE E 350 -16.30 41.48 17.95
CA ILE E 350 -17.30 42.14 18.78
C ILE E 350 -16.49 43.02 19.70
N ILE E 351 -16.71 44.32 19.61
CA ILE E 351 -15.92 45.31 20.33
C ILE E 351 -16.79 46.16 21.21
N SER E 352 -16.73 45.88 22.51
CA SER E 352 -17.39 46.65 23.53
C SER E 352 -16.40 47.64 24.11
N PHE E 353 -16.85 48.88 24.27
CA PHE E 353 -15.96 49.97 24.67
C PHE E 353 -16.69 51.10 25.37
N ALA E 354 -15.90 51.97 25.99
CA ALA E 354 -16.38 53.12 26.71
C ALA E 354 -15.40 54.27 26.52
N LEU E 355 -15.93 55.49 26.48
CA LEU E 355 -15.11 56.69 26.51
C LEU E 355 -15.16 57.28 27.91
N GLU E 356 -14.00 57.56 28.48
CA GLU E 356 -13.95 58.01 29.87
C GLU E 356 -14.77 59.28 29.99
N GLY E 357 -15.67 59.29 30.97
CA GLY E 357 -16.42 60.48 31.33
C GLY E 357 -17.64 60.76 30.47
N ILE E 358 -17.99 59.84 29.59
CA ILE E 358 -19.13 60.01 28.70
C ILE E 358 -20.04 58.78 28.78
N HIS E 359 -21.34 59.02 28.87
CA HIS E 359 -22.33 57.96 28.92
C HIS E 359 -22.44 57.27 27.57
N ALA E 360 -22.59 55.95 27.60
CA ALA E 360 -22.68 55.17 26.38
C ALA E 360 -23.85 55.62 25.50
N HIS E 361 -24.99 55.96 26.14
CA HIS E 361 -26.18 56.40 25.41
C HIS E 361 -25.90 57.69 24.66
N ASP E 362 -25.08 58.55 25.24
CA ASP E 362 -24.68 59.79 24.57
C ASP E 362 -23.85 59.51 23.33
N VAL E 363 -22.86 58.63 23.47
CA VAL E 363 -21.98 58.28 22.37
C VAL E 363 -22.81 57.70 21.23
N SER E 364 -23.67 56.78 21.60
CA SER E 364 -24.46 56.01 20.65
C SER E 364 -25.48 56.88 19.90
N MET E 365 -26.20 57.76 20.63
CA MET E 365 -27.21 58.59 19.99
C MET E 365 -26.54 59.48 18.98
N VAL E 366 -25.36 59.96 19.35
CA VAL E 366 -24.65 60.96 18.58
C VAL E 366 -24.03 60.41 17.29
N ILE E 367 -23.36 59.28 17.37
CA ILE E 367 -22.77 58.70 16.15
C ILE E 367 -23.86 58.13 15.23
N ASP E 368 -25.04 57.82 15.77
CA ASP E 368 -26.20 57.45 14.93
C ASP E 368 -26.55 58.57 13.97
N ARG E 369 -26.35 59.81 14.41
CA ARG E 369 -26.59 60.97 13.58
C ARG E 369 -25.60 61.12 12.44
N ALA E 370 -24.42 60.55 12.64
CA ALA E 370 -23.41 60.50 11.60
C ALA E 370 -23.63 59.31 10.67
N GLY E 371 -24.55 58.42 11.03
CA GLY E 371 -24.88 57.24 10.23
C GLY E 371 -24.42 55.92 10.83
N VAL E 372 -23.68 55.98 11.95
CA VAL E 372 -23.09 54.81 12.56
C VAL E 372 -24.02 54.20 13.61
N ALA E 373 -24.34 52.92 13.38
CA ALA E 373 -25.23 52.14 14.24
C ALA E 373 -24.47 51.23 15.17
N VAL E 374 -24.48 51.57 16.44
CA VAL E 374 -23.87 50.78 17.48
C VAL E 374 -24.94 50.58 18.51
N ARG E 375 -24.71 49.75 19.52
CA ARG E 375 -25.67 49.67 20.64
C ARG E 375 -25.04 50.02 21.99
N ALA E 376 -25.78 50.73 22.82
CA ALA E 376 -25.38 51.02 24.19
C ALA E 376 -26.33 50.36 25.16
N GLY E 377 -25.85 50.04 26.36
CA GLY E 377 -26.69 49.43 27.38
C GLY E 377 -26.07 48.21 28.02
N THR E 378 -26.91 47.33 28.53
CA THR E 378 -26.47 46.11 29.21
C THR E 378 -26.05 44.98 28.29
N HIS E 379 -26.52 44.99 27.05
CA HIS E 379 -26.31 43.85 26.10
C HIS E 379 -26.80 42.54 26.70
N CYS E 380 -27.84 42.62 27.54
CA CYS E 380 -28.40 41.43 28.17
C CYS E 380 -27.29 40.61 28.89
N ALA E 381 -26.32 41.31 29.48
CA ALA E 381 -25.24 40.68 30.23
C ALA E 381 -24.79 41.52 31.45
N GLN E 382 -25.74 41.81 32.35
CA GLN E 382 -25.47 42.66 33.51
C GLN E 382 -24.40 42.13 34.45
N PRO E 383 -24.43 40.82 34.75
CA PRO E 383 -23.47 40.36 35.77
C PRO E 383 -22.05 40.50 35.28
N LEU E 384 -21.87 40.38 33.96
CA LEU E 384 -20.60 40.60 33.35
C LEU E 384 -20.16 42.05 33.48
N LEU E 385 -21.05 42.98 33.16
CA LEU E 385 -20.75 44.40 33.33
C LEU E 385 -20.46 44.78 34.78
N LYS E 386 -21.23 44.25 35.72
CA LYS E 386 -20.99 44.54 37.15
C LYS E 386 -19.61 44.08 37.56
N ARG E 387 -19.24 42.88 37.11
CA ARG E 387 -17.91 42.34 37.34
C ARG E 387 -16.81 43.18 36.70
N PHE E 388 -17.11 43.86 35.59
CA PHE E 388 -16.15 44.76 34.95
C PHE E 388 -16.25 46.21 35.45
N GLY E 389 -17.15 46.48 36.39
CA GLY E 389 -17.22 47.77 37.05
C GLY E 389 -18.00 48.85 36.31
N VAL E 390 -18.95 48.44 35.47
CA VAL E 390 -19.75 49.39 34.71
C VAL E 390 -21.20 48.98 34.68
N THR E 391 -22.06 49.90 34.32
CA THR E 391 -23.48 49.58 34.11
C THR E 391 -23.86 49.54 32.62
N SER E 392 -23.10 50.25 31.79
CA SER E 392 -23.40 50.40 30.37
C SER E 392 -22.09 50.33 29.55
N THR E 393 -22.13 49.77 28.34
CA THR E 393 -21.06 50.01 27.35
C THR E 393 -21.62 50.17 25.95
N CYS E 394 -20.80 50.68 25.04
CA CYS E 394 -21.12 50.69 23.62
C CYS E 394 -20.59 49.39 23.02
N ARG E 395 -21.27 48.90 22.00
CA ARG E 395 -20.82 47.72 21.33
C ARG E 395 -20.92 47.92 19.83
N ALA E 396 -19.77 47.80 19.17
CA ALA E 396 -19.71 47.73 17.74
C ALA E 396 -19.44 46.27 17.44
N SER E 397 -20.34 45.63 16.72
CA SER E 397 -20.19 44.21 16.39
C SER E 397 -20.18 44.07 14.88
N PHE E 398 -19.15 43.40 14.36
CA PHE E 398 -18.92 43.30 12.92
C PHE E 398 -19.46 42.03 12.28
N ALA E 399 -19.74 42.10 10.98
CA ALA E 399 -20.29 40.97 10.22
C ALA E 399 -19.53 40.79 8.91
N LEU E 400 -19.91 39.76 8.15
CA LEU E 400 -19.20 39.39 6.93
C LEU E 400 -19.26 40.46 5.85
N TYR E 401 -20.24 41.35 5.90
CA TYR E 401 -20.38 42.40 4.89
C TYR E 401 -19.75 43.75 5.30
N ASN E 402 -19.23 43.85 6.51
CA ASN E 402 -18.59 45.09 6.95
C ASN E 402 -17.17 45.23 6.37
N THR E 403 -16.68 46.47 6.38
CA THR E 403 -15.39 46.79 5.76
C THR E 403 -14.47 47.55 6.68
N ARG E 404 -13.21 47.64 6.28
CA ARG E 404 -12.25 48.49 6.96
C ARG E 404 -12.65 49.95 6.95
N ALA E 405 -13.28 50.40 5.87
CA ALA E 405 -13.68 51.79 5.74
C ALA E 405 -14.76 52.12 6.80
N GLU E 406 -15.57 51.13 7.14
CA GLU E 406 -16.57 51.29 8.19
C GLU E 406 -15.92 51.36 9.57
N VAL E 407 -14.80 50.65 9.75
CA VAL E 407 -14.03 50.74 10.99
C VAL E 407 -13.49 52.16 11.13
N ASP E 408 -13.00 52.70 10.02
CA ASP E 408 -12.55 54.10 10.00
C ASP E 408 -13.67 55.09 10.32
N ALA E 409 -14.85 54.87 9.74
CA ALA E 409 -16.00 55.70 9.99
C ALA E 409 -16.39 55.64 11.47
N LEU E 410 -16.38 54.44 12.04
CA LEU E 410 -16.62 54.30 13.47
C LEU E 410 -15.62 55.12 14.26
N ALA E 411 -14.34 54.97 13.92
CA ALA E 411 -13.27 55.62 14.65
C ALA E 411 -13.35 57.16 14.55
N GLU E 412 -13.61 57.66 13.34
CA GLU E 412 -13.74 59.07 13.07
C GLU E 412 -14.93 59.64 13.91
N ALA E 413 -16.05 58.95 13.86
CA ALA E 413 -17.23 59.33 14.61
C ALA E 413 -17.00 59.34 16.13
N LEU E 414 -16.26 58.37 16.63
CA LEU E 414 -15.97 58.28 18.07
C LEU E 414 -15.04 59.37 18.53
N GLU E 415 -14.05 59.71 17.71
CA GLU E 415 -13.14 60.82 18.02
C GLU E 415 -13.95 62.15 18.08
N LYS E 416 -14.85 62.33 17.12
CA LYS E 416 -15.72 63.46 17.05
C LYS E 416 -16.66 63.55 18.26
N ALA E 417 -17.20 62.40 18.67
CA ALA E 417 -18.06 62.32 19.84
C ALA E 417 -17.31 62.68 21.11
N ARG E 418 -16.06 62.26 21.20
CA ARG E 418 -15.22 62.60 22.36
C ARG E 418 -15.00 64.12 22.51
N LYS E 419 -14.76 64.77 21.37
CA LYS E 419 -14.52 66.21 21.34
C LYS E 419 -15.83 66.96 21.68
N PHE E 420 -16.94 66.45 21.15
CA PHE E 420 -18.23 67.04 21.36
C PHE E 420 -18.62 67.09 22.86
N PHE E 421 -18.51 65.96 23.56
CA PHE E 421 -18.87 65.90 24.98
C PHE E 421 -17.75 66.27 25.95
N GLY E 422 -16.54 66.51 25.44
CA GLY E 422 -15.39 66.84 26.29
C GLY E 422 -15.27 68.32 26.56
N TYR F 19 -69.65 42.64 -2.28
CA TYR F 19 -68.47 41.73 -2.07
C TYR F 19 -67.83 41.33 -3.39
N ASP F 20 -66.72 41.99 -3.74
CA ASP F 20 -66.04 41.71 -5.01
C ASP F 20 -64.97 40.63 -4.82
N VAL F 21 -65.39 39.37 -4.80
CA VAL F 21 -64.44 38.26 -4.57
C VAL F 21 -63.36 38.13 -5.65
N GLU F 22 -63.70 38.44 -6.90
CA GLU F 22 -62.69 38.41 -7.96
C GLU F 22 -61.57 39.42 -7.74
N ALA F 23 -61.94 40.61 -7.28
CA ALA F 23 -60.96 41.65 -6.95
C ALA F 23 -60.12 41.24 -5.75
N ILE F 24 -60.76 40.65 -4.74
CA ILE F 24 -60.07 40.12 -3.57
C ILE F 24 -59.03 39.04 -3.96
N ARG F 25 -59.45 38.08 -4.79
CA ARG F 25 -58.55 37.00 -5.23
C ARG F 25 -57.31 37.52 -5.94
N ARG F 26 -57.45 38.58 -6.71
CA ARG F 26 -56.30 39.23 -7.37
C ARG F 26 -55.25 39.77 -6.38
N ASP F 27 -55.61 39.99 -5.11
CA ASP F 27 -54.59 40.35 -4.11
C ASP F 27 -53.69 39.18 -3.65
N PHE F 28 -54.08 37.94 -3.94
CA PHE F 28 -53.41 36.74 -3.45
C PHE F 28 -52.71 36.00 -4.63
N PRO F 29 -51.41 36.25 -4.83
CA PRO F 29 -50.72 35.74 -6.02
C PRO F 29 -50.79 34.24 -6.21
N ILE F 30 -50.70 33.49 -5.12
CA ILE F 30 -50.70 32.03 -5.18
C ILE F 30 -51.96 31.45 -5.82
N LEU F 31 -53.10 32.11 -5.68
CA LEU F 31 -54.39 31.55 -6.11
C LEU F 31 -54.52 31.34 -7.59
N SER F 32 -53.67 32.03 -8.34
CA SER F 32 -53.68 31.89 -9.79
C SER F 32 -52.70 30.82 -10.30
N ARG F 33 -51.91 30.22 -9.42
CA ARG F 33 -50.94 29.18 -9.87
C ARG F 33 -51.63 27.86 -10.17
N GLN F 34 -50.94 27.03 -10.93
CA GLN F 34 -51.43 25.70 -11.26
C GLN F 34 -50.76 24.61 -10.41
N VAL F 35 -51.46 23.48 -10.30
CA VAL F 35 -51.09 22.37 -9.42
C VAL F 35 -51.43 21.09 -10.17
N HIS F 36 -50.39 20.28 -10.47
CA HIS F 36 -50.52 19.13 -11.39
C HIS F 36 -51.12 19.55 -12.72
N GLY F 37 -50.68 20.68 -13.24
CA GLY F 37 -51.22 21.24 -14.50
C GLY F 37 -52.69 21.66 -14.41
N LYS F 38 -53.22 21.73 -13.21
CA LYS F 38 -54.64 21.95 -12.99
C LYS F 38 -54.85 23.20 -12.10
N THR F 39 -56.04 23.78 -12.20
CA THR F 39 -56.37 24.99 -11.43
C THR F 39 -56.39 24.70 -9.94
N LEU F 40 -55.70 25.52 -9.18
CA LEU F 40 -55.68 25.35 -7.75
C LEU F 40 -57.05 25.76 -7.13
N VAL F 41 -57.52 24.93 -6.20
CA VAL F 41 -58.73 25.18 -5.46
C VAL F 41 -58.37 24.85 -4.02
N TYR F 42 -57.89 25.87 -3.30
CA TYR F 42 -57.33 25.69 -1.96
C TYR F 42 -58.39 25.80 -0.89
N LEU F 43 -58.74 24.66 -0.32
CA LEU F 43 -59.75 24.56 0.71
C LEU F 43 -59.19 23.89 1.96
N ASP F 44 -57.92 24.16 2.26
CA ASP F 44 -57.30 23.71 3.52
C ASP F 44 -56.87 24.93 4.36
N ASN F 45 -57.74 25.93 4.40
CA ASN F 45 -57.46 27.18 5.10
C ASN F 45 -57.44 27.04 6.63
N GLY F 46 -58.23 26.13 7.15
CA GLY F 46 -58.21 25.80 8.58
C GLY F 46 -56.88 25.33 9.11
N ALA F 47 -56.05 24.74 8.23
CA ALA F 47 -54.70 24.37 8.59
C ALA F 47 -53.77 25.55 8.43
N SER F 48 -53.89 26.25 7.31
CA SER F 48 -53.18 27.52 7.13
C SER F 48 -53.73 28.26 5.94
N ALA F 49 -53.76 29.60 6.03
CA ALA F 49 -54.30 30.43 4.98
C ALA F 49 -53.24 31.06 4.09
N GLN F 50 -53.64 31.41 2.87
CA GLN F 50 -52.76 32.10 1.95
C GLN F 50 -52.66 33.59 2.27
N LYS F 51 -51.68 34.25 1.67
CA LYS F 51 -51.24 35.55 2.04
C LYS F 51 -51.54 36.56 0.94
N PRO F 52 -52.12 37.72 1.29
CA PRO F 52 -52.28 38.78 0.32
C PRO F 52 -50.94 39.45 0.01
N GLN F 53 -50.84 40.06 -1.17
CA GLN F 53 -49.62 40.74 -1.59
C GLN F 53 -49.10 41.73 -0.56
N SER F 54 -50.00 42.47 0.10
CA SER F 54 -49.59 43.46 1.10
C SER F 54 -48.81 42.85 2.25
N VAL F 55 -49.20 41.67 2.69
CA VAL F 55 -48.45 40.96 3.74
C VAL F 55 -47.06 40.57 3.26
N ILE F 56 -46.95 40.13 2.01
CA ILE F 56 -45.68 39.71 1.46
C ILE F 56 -44.81 40.94 1.28
N ASP F 57 -45.40 42.02 0.76
CA ASP F 57 -44.70 43.28 0.63
C ASP F 57 -44.20 43.80 1.97
N ALA F 58 -45.02 43.68 3.01
CA ALA F 58 -44.64 44.23 4.33
C ALA F 58 -43.44 43.42 4.88
N VAL F 59 -43.50 42.11 4.72
CA VAL F 59 -42.34 41.27 5.11
C VAL F 59 -41.08 41.65 4.33
N THR F 60 -41.21 41.74 3.02
CA THR F 60 -40.08 42.08 2.16
C THR F 60 -39.50 43.46 2.51
N HIS F 61 -40.36 44.46 2.61
CA HIS F 61 -39.91 45.81 2.95
C HIS F 61 -39.18 45.85 4.29
N ALA F 62 -39.71 45.18 5.30
CA ALA F 62 -39.09 45.17 6.62
C ALA F 62 -37.65 44.64 6.55
N TYR F 63 -37.46 43.49 5.90
CA TYR F 63 -36.09 42.91 5.78
C TYR F 63 -35.18 43.72 4.87
N ALA F 64 -35.72 44.25 3.79
CA ALA F 64 -34.92 44.91 2.75
C ALA F 64 -34.52 46.34 3.14
N ASN F 65 -35.33 47.01 3.95
CA ASN F 65 -35.19 48.43 4.13
C ASN F 65 -35.27 48.99 5.58
N GLU F 66 -35.90 48.25 6.48
CA GLU F 66 -36.13 48.74 7.83
C GLU F 66 -35.90 47.68 8.91
N TYR F 67 -34.75 47.03 8.85
CA TYR F 67 -34.48 45.89 9.72
C TYR F 67 -33.42 46.17 10.77
N ALA F 68 -33.73 45.73 11.99
CA ALA F 68 -32.82 45.78 13.12
C ALA F 68 -33.50 45.03 14.24
N ASN F 69 -32.82 44.79 15.35
CA ASN F 69 -33.52 44.34 16.56
C ASN F 69 -34.33 45.51 17.25
N VAL F 70 -35.21 45.15 18.18
CA VAL F 70 -36.22 46.07 18.70
C VAL F 70 -36.16 46.47 20.20
N HIS F 71 -35.07 46.23 20.92
CA HIS F 71 -35.04 46.80 22.31
C HIS F 71 -35.01 48.30 22.25
N ARG F 72 -35.96 48.91 21.53
CA ARG F 72 -35.86 50.34 21.11
C ARG F 72 -34.43 50.84 21.23
N GLY F 73 -33.54 50.44 20.30
CA GLY F 73 -32.14 50.91 20.29
C GLY F 73 -32.15 52.41 19.97
N LEU F 74 -31.07 53.09 20.29
CA LEU F 74 -31.02 54.48 19.95
C LEU F 74 -30.91 54.68 18.43
N HIS F 75 -30.30 53.74 17.70
CA HIS F 75 -29.92 54.03 16.29
C HIS F 75 -31.12 53.93 15.34
N PHE F 76 -31.00 54.55 14.17
CA PHE F 76 -32.14 54.73 13.28
C PHE F 76 -32.93 53.45 13.02
N LEU F 77 -32.27 52.42 12.52
CA LEU F 77 -33.00 51.20 12.15
C LEU F 77 -33.66 50.52 13.33
N SER F 78 -32.99 50.50 14.48
CA SER F 78 -33.58 49.86 15.66
C SER F 78 -34.86 50.61 16.05
N ASN F 79 -34.81 51.92 15.89
CA ASN F 79 -35.99 52.74 16.01
C ASN F 79 -37.11 52.49 15.05
N ALA F 80 -36.77 52.45 13.77
CA ALA F 80 -37.78 52.22 12.74
C ALA F 80 -38.44 50.85 12.96
N ALA F 81 -37.65 49.86 13.34
CA ALA F 81 -38.16 48.49 13.51
C ALA F 81 -39.00 48.39 14.79
N THR F 82 -38.55 49.02 15.85
CA THR F 82 -39.35 49.04 17.06
C THR F 82 -40.73 49.75 16.83
N ASP F 83 -40.75 50.84 16.07
CA ASP F 83 -42.01 51.47 15.67
C ASP F 83 -42.93 50.55 14.92
N ALA F 84 -42.39 49.90 13.89
CA ALA F 84 -43.18 48.98 13.05
C ALA F 84 -43.72 47.84 13.90
N TYR F 85 -42.88 47.37 14.81
CA TYR F 85 -43.23 46.28 15.69
C TYR F 85 -44.33 46.73 16.64
N GLU F 86 -44.09 47.81 17.41
CA GLU F 86 -45.12 48.38 18.28
C GLU F 86 -46.43 48.71 17.56
N LYS F 87 -46.33 49.16 16.32
CA LYS F 87 -47.52 49.42 15.55
C LYS F 87 -48.38 48.17 15.32
N SER F 88 -47.72 47.03 15.00
CA SER F 88 -48.37 45.69 14.85
C SER F 88 -49.08 45.35 16.14
N ARG F 89 -48.46 45.69 17.27
CA ARG F 89 -49.06 45.36 18.56
C ARG F 89 -50.38 46.13 18.71
N GLU F 90 -50.38 47.38 18.28
CA GLU F 90 -51.57 48.23 18.26
C GLU F 90 -52.65 47.72 17.32
N THR F 91 -52.25 47.22 16.13
CA THR F 91 -53.21 46.65 15.18
C THR F 91 -53.94 45.47 15.75
N VAL F 92 -53.21 44.63 16.46
CA VAL F 92 -53.76 43.45 17.12
C VAL F 92 -54.74 43.86 18.20
N ARG F 93 -54.32 44.80 19.04
CA ARG F 93 -55.16 45.38 20.07
C ARG F 93 -56.49 45.86 19.50
N ARG F 94 -56.43 46.65 18.43
CA ARG F 94 -57.64 47.15 17.75
C ARG F 94 -58.48 46.01 17.19
N PHE F 95 -57.80 45.05 16.57
CA PHE F 95 -58.46 43.92 15.93
C PHE F 95 -59.26 43.10 16.93
N LEU F 96 -58.69 42.87 18.10
CA LEU F 96 -59.38 42.15 19.18
C LEU F 96 -60.23 43.07 20.06
N ASN F 97 -60.07 44.37 19.89
CA ASN F 97 -60.73 45.34 20.75
C ASN F 97 -60.31 45.20 22.20
N ALA F 98 -59.03 44.92 22.42
CA ALA F 98 -58.50 44.83 23.77
C ALA F 98 -58.37 46.25 24.36
N GLY F 99 -58.45 46.35 25.67
CA GLY F 99 -58.40 47.63 26.36
C GLY F 99 -57.12 48.40 26.07
N SER F 100 -56.01 47.68 26.03
CA SER F 100 -54.66 48.27 26.03
C SER F 100 -53.65 47.37 25.28
N VAL F 101 -52.68 47.99 24.61
CA VAL F 101 -51.61 47.22 23.96
C VAL F 101 -50.81 46.37 24.93
N ASP F 102 -50.80 46.75 26.22
CA ASP F 102 -50.05 45.98 27.21
C ASP F 102 -50.69 44.62 27.54
N GLU F 103 -51.89 44.40 27.02
CA GLU F 103 -52.60 43.14 27.19
C GLU F 103 -52.35 42.17 26.01
N ILE F 104 -51.53 42.59 25.05
CA ILE F 104 -51.19 41.80 23.88
C ILE F 104 -49.77 41.29 24.02
N VAL F 105 -49.64 39.95 24.06
CA VAL F 105 -48.34 39.27 24.10
C VAL F 105 -48.13 38.52 22.78
N PHE F 106 -46.99 38.76 22.14
CA PHE F 106 -46.61 38.07 20.91
C PHE F 106 -45.91 36.75 21.21
N THR F 107 -46.34 35.71 20.52
CA THR F 107 -45.75 34.35 20.65
C THR F 107 -45.40 33.74 19.28
N LYS F 108 -44.81 32.53 19.31
CA LYS F 108 -44.49 31.75 18.09
C LYS F 108 -45.75 31.36 17.35
N ASN F 109 -46.76 30.98 18.12
CA ASN F 109 -48.02 30.52 17.55
C ASN F 109 -49.08 30.48 18.66
N ALA F 110 -50.29 30.13 18.31
CA ALA F 110 -51.33 30.00 19.32
C ALA F 110 -50.99 28.94 20.33
N THR F 111 -50.41 27.84 19.89
CA THR F 111 -50.06 26.77 20.80
C THR F 111 -49.23 27.32 21.95
N GLU F 112 -48.17 28.04 21.61
CA GLU F 112 -47.30 28.62 22.63
C GLU F 112 -48.08 29.61 23.55
N ALA F 113 -49.01 30.35 22.97
CA ALA F 113 -49.86 31.26 23.75
C ALA F 113 -50.59 30.48 24.84
N ILE F 114 -51.12 29.31 24.48
CA ILE F 114 -51.83 28.48 25.44
C ILE F 114 -50.88 27.93 26.50
N ASN F 115 -49.71 27.47 26.10
CA ASN F 115 -48.70 27.01 27.05
C ASN F 115 -48.25 28.10 28.03
N THR F 116 -48.19 29.35 27.57
CA THR F 116 -47.78 30.47 28.41
C THR F 116 -48.73 30.58 29.63
N VAL F 117 -50.02 30.48 29.36
CA VAL F 117 -51.04 30.48 30.40
C VAL F 117 -50.96 29.21 31.23
N ALA F 118 -50.79 28.06 30.57
CA ALA F 118 -50.73 26.78 31.30
C ALA F 118 -49.56 26.70 32.25
N TYR F 119 -48.41 27.20 31.83
CA TYR F 119 -47.24 27.24 32.71
C TYR F 119 -47.24 28.45 33.67
N GLY F 120 -47.69 29.61 33.17
CA GLY F 120 -47.66 30.87 33.93
C GLY F 120 -48.73 31.02 35.00
N TYR F 121 -49.95 30.60 34.68
CA TYR F 121 -51.08 30.61 35.60
C TYR F 121 -51.42 29.22 36.16
N GLY F 122 -51.64 28.26 35.26
CA GLY F 122 -52.22 26.99 35.64
C GLY F 122 -51.39 26.24 36.65
N MET F 123 -50.10 26.24 36.41
CA MET F 123 -49.17 25.43 37.19
C MET F 123 -49.08 25.90 38.64
N PRO F 124 -48.86 27.21 38.87
CA PRO F 124 -48.84 27.70 40.26
C PRO F 124 -50.19 27.62 40.99
N PHE F 125 -51.30 27.66 40.24
CA PHE F 125 -52.63 27.83 40.85
C PHE F 125 -53.57 26.64 40.73
N ILE F 126 -53.16 25.58 40.04
CA ILE F 126 -54.01 24.39 39.88
C ILE F 126 -53.26 23.14 40.35
N GLY F 127 -53.83 22.45 41.34
CA GLY F 127 -53.18 21.30 41.99
C GLY F 127 -54.02 20.03 42.09
N GLU F 128 -53.62 19.16 43.02
CA GLU F 128 -54.24 17.83 43.15
C GLU F 128 -55.74 17.92 43.38
N GLY F 129 -56.50 17.32 42.47
CA GLY F 129 -57.95 17.26 42.60
C GLY F 129 -58.68 18.41 41.96
N ASP F 130 -57.99 19.52 41.71
CA ASP F 130 -58.59 20.65 41.01
C ASP F 130 -58.96 20.27 39.57
N GLU F 131 -59.98 20.94 39.04
CA GLU F 131 -60.55 20.59 37.76
C GLU F 131 -60.30 21.65 36.71
N ILE F 132 -59.98 21.21 35.50
CA ILE F 132 -59.86 22.09 34.34
C ILE F 132 -60.92 21.67 33.34
N LEU F 133 -61.78 22.62 32.98
CA LEU F 133 -62.97 22.33 32.22
C LEU F 133 -62.76 22.74 30.78
N LEU F 134 -62.86 21.75 29.90
CA LEU F 134 -62.66 21.93 28.47
C LEU F 134 -63.92 21.50 27.72
N SER F 135 -63.89 21.60 26.41
CA SER F 135 -64.91 20.97 25.56
C SER F 135 -64.31 19.74 24.86
N ILE F 136 -65.19 18.88 24.39
CA ILE F 136 -64.79 17.74 23.62
C ILE F 136 -64.22 18.16 22.24
N MET F 137 -64.51 19.38 21.80
CA MET F 137 -64.09 19.89 20.50
C MET F 137 -62.66 20.44 20.46
N GLU F 138 -61.98 20.47 21.60
CA GLU F 138 -60.67 21.11 21.65
C GLU F 138 -59.64 20.47 20.73
N HIS F 139 -58.96 21.35 20.01
CA HIS F 139 -57.71 21.08 19.33
C HIS F 139 -56.68 20.66 20.38
N HIS F 140 -55.76 19.79 19.98
CA HIS F 140 -54.75 19.22 20.90
C HIS F 140 -53.95 20.25 21.68
N SER F 141 -53.60 21.34 21.02
CA SER F 141 -52.95 22.50 21.66
C SER F 141 -53.74 23.14 22.83
N ASN F 142 -55.06 23.03 22.83
CA ASN F 142 -55.87 23.40 24.00
C ASN F 142 -56.25 22.21 24.86
N ILE F 143 -55.42 21.17 24.84
CA ILE F 143 -55.60 19.99 25.69
C ILE F 143 -54.31 19.62 26.38
N VAL F 144 -53.27 19.40 25.58
CA VAL F 144 -51.99 18.87 26.10
C VAL F 144 -51.38 19.75 27.22
N PRO F 145 -51.37 21.09 27.06
CA PRO F 145 -50.81 21.91 28.15
C PRO F 145 -51.54 21.71 29.50
N TRP F 146 -52.84 21.55 29.45
CA TRP F 146 -53.63 21.23 30.61
C TRP F 146 -53.32 19.84 31.12
N HIS F 147 -53.16 18.88 30.20
CA HIS F 147 -52.79 17.52 30.58
C HIS F 147 -51.49 17.48 31.39
N PHE F 148 -50.57 18.39 31.09
CA PHE F 148 -49.34 18.50 31.87
C PHE F 148 -49.61 18.70 33.34
N ILE F 149 -50.63 19.49 33.64
CA ILE F 149 -50.97 19.76 35.02
C ILE F 149 -51.62 18.52 35.64
N ARG F 150 -52.44 17.81 34.86
CA ARG F 150 -52.98 16.52 35.31
C ARG F 150 -51.84 15.55 35.62
N GLU F 151 -50.94 15.43 34.66
CA GLU F 151 -49.86 14.44 34.72
C GLU F 151 -48.81 14.78 35.77
N ARG F 152 -48.46 16.06 35.88
CA ARG F 152 -47.40 16.48 36.80
C ARG F 152 -47.90 16.89 38.20
N GLN F 153 -49.15 17.35 38.32
CA GLN F 153 -49.67 17.89 39.60
C GLN F 153 -51.01 17.33 40.09
N GLY F 154 -51.60 16.43 39.31
CA GLY F 154 -52.78 15.70 39.76
C GLY F 154 -54.09 16.43 39.56
N ALA F 155 -54.13 17.39 38.65
CA ALA F 155 -55.39 18.00 38.26
C ALA F 155 -56.22 17.02 37.44
N LYS F 156 -57.52 17.25 37.39
CA LYS F 156 -58.43 16.45 36.56
C LYS F 156 -58.93 17.30 35.40
N LEU F 157 -58.97 16.69 34.21
CA LEU F 157 -59.60 17.31 33.05
C LEU F 157 -61.04 16.84 32.91
N VAL F 158 -61.92 17.78 32.61
CA VAL F 158 -63.34 17.48 32.42
C VAL F 158 -63.74 18.03 31.06
N PHE F 159 -64.58 17.30 30.35
CA PHE F 159 -64.86 17.60 28.96
C PHE F 159 -66.32 17.85 28.77
N THR F 160 -66.66 19.07 28.38
CA THR F 160 -68.02 19.40 28.04
C THR F 160 -68.38 18.77 26.71
N PRO F 161 -69.50 18.04 26.67
CA PRO F 161 -69.87 17.39 25.43
C PRO F 161 -70.59 18.31 24.44
N VAL F 162 -70.90 17.74 23.28
CA VAL F 162 -71.65 18.39 22.24
C VAL F 162 -72.59 17.33 21.69
N ASP F 163 -73.70 17.73 21.07
CA ASP F 163 -74.66 16.75 20.55
C ASP F 163 -74.28 16.26 19.13
N ASP F 164 -75.00 15.25 18.65
CA ASP F 164 -74.69 14.58 17.36
C ASP F 164 -74.72 15.53 16.18
N ASN F 165 -75.55 16.58 16.25
CA ASN F 165 -75.59 17.62 15.22
C ASN F 165 -74.43 18.60 15.34
N GLY F 166 -73.62 18.46 16.38
CA GLY F 166 -72.51 19.39 16.64
C GLY F 166 -72.88 20.63 17.48
N VAL F 167 -74.10 20.67 17.99
CA VAL F 167 -74.59 21.82 18.74
C VAL F 167 -74.14 21.79 20.20
N PHE F 168 -73.60 22.91 20.67
CA PHE F 168 -73.12 23.05 22.03
C PHE F 168 -74.29 23.56 22.89
N HIS F 169 -74.46 22.95 24.06
CA HIS F 169 -75.55 23.27 24.96
C HIS F 169 -75.00 23.82 26.25
N ILE F 170 -75.30 25.09 26.53
CA ILE F 170 -74.79 25.77 27.71
C ILE F 170 -75.12 25.01 28.98
N GLU F 171 -76.32 24.45 29.04
CA GLU F 171 -76.74 23.75 30.27
C GLU F 171 -75.79 22.59 30.58
N GLU F 172 -75.17 22.07 29.56
CA GLU F 172 -74.20 20.97 29.72
C GLU F 172 -72.83 21.42 30.24
N PHE F 173 -72.41 22.61 29.82
CA PHE F 173 -71.27 23.28 30.44
C PHE F 173 -71.52 23.59 31.91
N GLU F 174 -72.69 24.14 32.20
CA GLU F 174 -73.00 24.62 33.54
C GLU F 174 -73.01 23.48 34.56
N LYS F 175 -73.51 22.31 34.15
CA LYS F 175 -73.59 21.14 35.02
C LYS F 175 -72.21 20.68 35.49
N ARG F 176 -71.19 20.96 34.70
CA ARG F 176 -69.84 20.45 34.94
C ARG F 176 -68.93 21.44 35.67
N LEU F 177 -69.45 22.64 35.88
CA LEU F 177 -68.81 23.61 36.80
C LEU F 177 -69.00 23.18 38.24
N SER F 178 -67.94 23.30 39.04
CA SER F 178 -68.01 22.93 40.45
C SER F 178 -67.05 23.78 41.26
N GLU F 179 -67.12 23.64 42.59
CA GLU F 179 -66.17 24.31 43.49
C GLU F 179 -64.72 23.92 43.20
N ARG F 180 -64.48 22.76 42.54
CA ARG F 180 -63.12 22.33 42.24
C ARG F 180 -62.58 22.86 40.92
N THR F 181 -63.47 23.41 40.08
CA THR F 181 -63.06 24.00 38.80
C THR F 181 -62.21 25.25 39.02
N LYS F 182 -60.99 25.22 38.52
CA LYS F 182 -60.06 26.34 38.68
C LYS F 182 -59.80 27.09 37.40
N LEU F 183 -60.18 26.52 36.29
CA LEU F 183 -59.96 27.15 35.01
C LEU F 183 -60.86 26.50 33.96
N VAL F 184 -61.33 27.34 33.05
CA VAL F 184 -62.03 26.90 31.86
C VAL F 184 -61.15 27.25 30.67
N ALA F 185 -60.95 26.29 29.79
CA ALA F 185 -60.22 26.51 28.55
C ALA F 185 -61.09 25.93 27.48
N ILE F 186 -61.52 26.75 26.55
CA ILE F 186 -62.52 26.30 25.60
C ILE F 186 -62.39 27.02 24.28
N THR F 187 -62.76 26.35 23.20
CA THR F 187 -62.61 26.90 21.86
C THR F 187 -63.69 27.88 21.55
N HIS F 188 -63.36 28.86 20.73
CA HIS F 188 -64.33 29.81 20.21
C HIS F 188 -65.08 29.16 19.05
N MET F 189 -64.33 28.57 18.14
CA MET F 189 -64.88 27.87 16.99
C MET F 189 -64.15 26.56 16.76
N SER F 190 -64.91 25.47 16.68
CA SER F 190 -64.34 24.15 16.46
C SER F 190 -63.69 24.09 15.09
N ASN F 191 -62.45 23.61 15.07
CA ASN F 191 -61.72 23.50 13.83
C ASN F 191 -62.21 22.32 12.96
N THR F 192 -63.21 21.59 13.44
CA THR F 192 -63.74 20.42 12.74
C THR F 192 -65.22 20.54 12.38
N LEU F 193 -66.00 20.78 13.40
CA LEU F 193 -67.46 20.98 13.27
C LEU F 193 -67.81 22.38 12.79
N GLY F 194 -66.92 23.33 13.03
CA GLY F 194 -67.20 24.73 12.76
C GLY F 194 -68.13 25.36 13.80
N THR F 195 -68.52 24.57 14.81
CA THR F 195 -69.43 24.99 15.82
C THR F 195 -68.92 26.25 16.57
N VAL F 196 -69.76 27.26 16.66
CA VAL F 196 -69.42 28.47 17.42
C VAL F 196 -69.87 28.25 18.86
N VAL F 197 -68.95 28.46 19.79
CA VAL F 197 -69.24 28.30 21.21
C VAL F 197 -69.77 29.65 21.79
N PRO F 198 -70.84 29.63 22.61
CA PRO F 198 -71.37 30.87 23.15
C PRO F 198 -70.51 31.40 24.30
N ILE F 199 -69.43 32.09 23.95
CA ILE F 199 -68.38 32.36 24.92
C ILE F 199 -68.73 33.43 25.92
N LYS F 200 -69.43 34.49 25.51
CA LYS F 200 -69.88 35.48 26.46
C LYS F 200 -70.65 34.82 27.60
N LYS F 201 -71.61 33.98 27.26
CA LYS F 201 -72.42 33.31 28.28
C LYS F 201 -71.58 32.42 29.19
N ILE F 202 -70.57 31.76 28.61
CA ILE F 202 -69.67 30.89 29.37
C ILE F 202 -68.86 31.67 30.40
N VAL F 203 -68.31 32.82 29.97
CA VAL F 203 -67.56 33.69 30.85
C VAL F 203 -68.45 34.23 31.98
N GLU F 204 -69.67 34.65 31.65
CA GLU F 204 -70.60 35.12 32.71
C GLU F 204 -70.74 34.06 33.79
N LEU F 205 -71.01 32.82 33.40
CA LEU F 205 -71.17 31.72 34.36
C LEU F 205 -69.90 31.43 35.14
N ALA F 206 -68.76 31.46 34.47
CA ALA F 206 -67.51 31.16 35.11
C ALA F 206 -67.13 32.25 36.10
N HIS F 207 -67.15 33.48 35.64
CA HIS F 207 -66.79 34.63 36.49
C HIS F 207 -67.68 34.78 37.71
N ALA F 208 -68.96 34.41 37.60
CA ALA F 208 -69.83 34.39 38.76
C ALA F 208 -69.31 33.47 39.87
N ARG F 209 -68.45 32.52 39.51
CA ARG F 209 -67.81 31.63 40.49
C ARG F 209 -66.34 31.94 40.75
N GLY F 210 -65.84 33.01 40.16
CA GLY F 210 -64.44 33.39 40.31
C GLY F 210 -63.46 32.58 39.46
N ILE F 211 -63.96 31.88 38.44
CA ILE F 211 -63.14 31.01 37.62
C ILE F 211 -62.72 31.70 36.33
N PRO F 212 -61.40 31.79 36.07
CA PRO F 212 -60.96 32.37 34.81
C PRO F 212 -61.13 31.48 33.56
N VAL F 213 -61.28 32.13 32.42
CA VAL F 213 -61.58 31.47 31.17
C VAL F 213 -60.55 31.81 30.10
N LEU F 214 -59.97 30.77 29.50
CA LEU F 214 -59.11 30.95 28.31
C LEU F 214 -59.91 30.56 27.09
N VAL F 215 -59.82 31.36 26.04
CA VAL F 215 -60.52 31.06 24.81
C VAL F 215 -59.53 30.79 23.68
N ASP F 216 -59.68 29.64 23.03
CA ASP F 216 -58.86 29.28 21.87
C ASP F 216 -59.57 29.85 20.65
N GLY F 217 -59.02 30.93 20.11
CA GLY F 217 -59.65 31.61 19.00
C GLY F 217 -58.92 31.46 17.70
N SER F 218 -58.10 30.40 17.60
CA SER F 218 -57.27 30.14 16.41
C SER F 218 -58.11 30.05 15.16
N GLN F 219 -59.34 29.53 15.26
CA GLN F 219 -60.31 29.61 14.16
C GLN F 219 -61.29 30.81 14.31
N GLY F 220 -61.74 31.06 15.53
CA GLY F 220 -62.68 32.17 15.81
C GLY F 220 -62.26 33.51 15.23
N ALA F 221 -61.00 33.84 15.43
CA ALA F 221 -60.43 35.08 14.90
C ALA F 221 -60.41 35.18 13.38
N VAL F 222 -60.42 34.04 12.69
CA VAL F 222 -60.38 34.05 11.24
C VAL F 222 -61.78 34.31 10.71
N HIS F 223 -62.78 33.83 11.44
CA HIS F 223 -64.14 33.67 10.91
C HIS F 223 -65.25 34.40 11.62
N LEU F 224 -64.93 35.06 12.75
CA LEU F 224 -65.89 35.82 13.54
C LEU F 224 -65.37 37.19 13.95
N PRO F 225 -66.25 38.18 13.99
CA PRO F 225 -65.90 39.40 14.73
C PRO F 225 -65.59 39.07 16.18
N VAL F 226 -64.47 39.60 16.67
CA VAL F 226 -64.06 39.32 18.02
C VAL F 226 -63.90 40.61 18.81
N ASP F 227 -64.56 40.66 19.96
CA ASP F 227 -64.45 41.79 20.90
C ASP F 227 -64.20 41.24 22.30
N VAL F 228 -62.93 41.19 22.69
CA VAL F 228 -62.53 40.48 23.92
C VAL F 228 -63.03 41.15 25.21
N GLN F 229 -63.45 42.41 25.11
CA GLN F 229 -64.04 43.08 26.27
C GLN F 229 -65.51 42.75 26.39
N ASP F 230 -66.18 42.63 25.25
CA ASP F 230 -67.58 42.19 25.24
C ASP F 230 -67.68 40.70 25.60
N LEU F 231 -66.69 39.91 25.19
CA LEU F 231 -66.61 38.54 25.66
C LEU F 231 -66.29 38.48 27.15
N GLY F 232 -65.41 39.35 27.61
CA GLY F 232 -64.97 39.36 29.00
C GLY F 232 -63.94 38.29 29.37
N CYS F 233 -63.45 37.54 28.39
CA CYS F 233 -62.63 36.38 28.70
C CYS F 233 -61.31 36.82 29.28
N ASP F 234 -60.73 35.99 30.14
CA ASP F 234 -59.48 36.32 30.80
C ASP F 234 -58.32 36.24 29.87
N TRP F 235 -58.36 35.26 28.95
CA TRP F 235 -57.37 35.17 27.89
C TRP F 235 -58.01 34.76 26.58
N TYR F 236 -57.41 35.21 25.48
CA TYR F 236 -57.87 34.86 24.14
C TYR F 236 -56.63 34.67 23.29
N VAL F 237 -56.53 33.55 22.59
CA VAL F 237 -55.35 33.25 21.77
C VAL F 237 -55.74 33.10 20.32
N PHE F 238 -54.86 33.50 19.42
CA PHE F 238 -55.05 33.18 18.01
C PHE F 238 -53.70 33.01 17.30
N THR F 239 -53.72 32.56 16.05
CA THR F 239 -52.46 32.25 15.35
C THR F 239 -52.38 33.01 14.04
N GLY F 240 -51.20 33.55 13.75
CA GLY F 240 -51.03 34.44 12.61
C GLY F 240 -51.26 33.82 11.25
N HIS F 241 -50.76 32.60 11.06
CA HIS F 241 -50.78 31.97 9.74
C HIS F 241 -52.19 31.65 9.26
N1 LLP F 242 -56.41 25.66 18.17
C2 LLP F 242 -57.26 25.57 17.13
C2' LLP F 242 -58.74 25.56 17.38
C3 LLP F 242 -56.68 25.51 15.77
O3 LLP F 242 -57.51 25.41 14.70
C4 LLP F 242 -55.20 25.52 15.62
C4' LLP F 242 -54.55 25.47 14.30
C5 LLP F 242 -54.39 25.59 16.85
C6 LLP F 242 -55.06 25.68 18.10
C5' LLP F 242 -52.90 25.64 16.83
OP4 LLP F 242 -52.44 26.78 16.14
P LLP F 242 -50.90 26.78 15.78
OP1 LLP F 242 -50.59 27.97 14.95
OP2 LLP F 242 -50.28 26.70 17.13
OP3 LLP F 242 -50.71 25.54 14.99
N LLP F 242 -53.14 31.47 10.18
CA LLP F 242 -54.55 31.28 9.83
CB LLP F 242 -55.24 30.55 10.95
CG LLP F 242 -54.60 29.17 11.10
CD LLP F 242 -55.40 28.29 12.06
CE LLP F 242 -54.64 26.99 12.30
NZ LLP F 242 -55.31 26.16 13.27
C LLP F 242 -55.29 32.57 9.53
O LLP F 242 -56.28 32.54 8.79
N VAL F 243 -54.82 33.70 10.04
CA VAL F 243 -55.40 35.00 9.71
C VAL F 243 -54.69 35.69 8.58
N TYR F 244 -54.34 34.91 7.55
CA TYR F 244 -53.76 35.42 6.33
C TYR F 244 -52.39 36.04 6.54
N GLY F 245 -51.76 35.70 7.65
CA GLY F 245 -50.51 36.33 8.03
C GLY F 245 -49.30 35.38 8.02
N PRO F 246 -48.13 35.91 8.36
CA PRO F 246 -46.91 35.15 8.44
C PRO F 246 -46.99 33.92 9.35
N SER F 247 -46.18 32.92 9.01
CA SER F 247 -45.89 31.84 9.93
C SER F 247 -44.99 32.44 10.99
N GLY F 248 -44.86 31.72 12.11
CA GLY F 248 -43.96 32.13 13.16
C GLY F 248 -44.51 33.21 14.09
N ILE F 249 -45.82 33.48 14.07
CA ILE F 249 -46.37 34.49 14.93
C ILE F 249 -47.71 34.11 15.53
N GLY F 250 -47.77 34.20 16.85
CA GLY F 250 -49.00 34.01 17.58
C GLY F 250 -49.33 35.17 18.50
N VAL F 251 -50.53 35.13 19.04
CA VAL F 251 -50.98 36.18 19.96
C VAL F 251 -51.64 35.61 21.19
N LEU F 252 -51.19 36.09 22.35
CA LEU F 252 -51.89 35.88 23.61
C LEU F 252 -52.45 37.22 24.12
N TYR F 253 -53.78 37.32 24.15
CA TYR F 253 -54.42 38.42 24.86
C TYR F 253 -54.75 37.95 26.27
N GLY F 254 -54.41 38.78 27.24
CA GLY F 254 -54.80 38.55 28.62
C GLY F 254 -55.18 39.86 29.32
N ARG F 255 -56.27 39.84 30.06
CA ARG F 255 -56.60 40.96 30.95
C ARG F 255 -55.46 41.27 31.82
N ALA F 256 -55.14 42.56 31.94
CA ALA F 256 -53.95 43.03 32.64
C ALA F 256 -53.74 42.40 34.02
N GLN F 257 -54.84 42.25 34.77
CA GLN F 257 -54.80 41.73 36.13
C GLN F 257 -54.46 40.26 36.13
N MET F 258 -54.86 39.57 35.07
CA MET F 258 -54.59 38.14 34.96
C MET F 258 -53.18 37.91 34.47
N LEU F 259 -52.70 38.74 33.55
CA LEU F 259 -51.31 38.61 33.08
C LEU F 259 -50.37 38.86 34.23
N GLU F 260 -50.77 39.83 35.07
CA GLU F 260 -49.96 40.29 36.20
C GLU F 260 -49.81 39.23 37.27
N LYS F 261 -50.89 38.50 37.53
CA LYS F 261 -50.85 37.29 38.35
C LYS F 261 -49.92 36.13 37.88
N MET F 262 -49.61 36.05 36.59
CA MET F 262 -48.85 34.92 36.03
C MET F 262 -47.36 35.08 36.23
N ARG F 263 -46.71 34.02 36.70
CA ARG F 263 -45.25 33.99 36.75
C ARG F 263 -44.68 33.84 35.32
N PRO F 264 -43.40 34.12 35.15
CA PRO F 264 -42.78 33.96 33.85
C PRO F 264 -42.84 32.51 33.29
N PHE F 265 -43.03 32.39 31.98
CA PHE F 265 -42.99 31.13 31.28
C PHE F 265 -41.55 30.97 30.80
N GLN F 266 -41.22 31.57 29.66
CA GLN F 266 -39.83 31.49 29.18
C GLN F 266 -38.99 32.59 29.81
N GLY F 267 -37.74 32.24 30.13
CA GLY F 267 -36.82 33.15 30.78
C GLY F 267 -35.71 33.63 29.89
N GLY F 268 -35.30 34.88 30.04
CA GLY F 268 -34.14 35.39 29.34
C GLY F 268 -34.09 36.88 29.13
N GLY F 269 -33.34 37.29 28.11
CA GLY F 269 -33.28 38.68 27.70
C GLY F 269 -34.65 39.28 27.53
N GLU F 270 -34.79 40.57 27.90
CA GLU F 270 -35.96 41.37 27.57
C GLU F 270 -37.22 41.14 28.42
N MET F 271 -37.17 40.17 29.32
CA MET F 271 -38.29 39.95 30.24
C MET F 271 -37.84 40.15 31.69
N ILE F 272 -36.60 40.62 31.89
CA ILE F 272 -36.08 40.88 33.21
C ILE F 272 -36.10 42.37 33.52
N GLU F 273 -35.99 42.70 34.80
CA GLU F 273 -35.73 44.04 35.22
C GLU F 273 -34.27 44.10 35.63
N GLU F 274 -33.90 43.28 36.61
CA GLU F 274 -32.51 43.14 37.04
C GLU F 274 -32.05 41.69 37.03
N VAL F 275 -30.84 41.45 36.56
CA VAL F 275 -30.17 40.17 36.69
C VAL F 275 -28.84 40.35 37.43
N THR F 276 -28.71 39.67 38.55
CA THR F 276 -27.43 39.54 39.25
C THR F 276 -27.08 38.05 39.40
N GLU F 277 -25.85 37.77 39.81
CA GLU F 277 -25.44 36.40 40.08
C GLU F 277 -26.36 35.72 41.08
N GLU F 278 -26.87 36.50 42.04
CA GLU F 278 -27.63 35.98 43.17
C GLU F 278 -29.13 35.89 42.91
N ASN F 279 -29.67 36.70 42.02
CA ASN F 279 -31.11 36.73 41.82
C ASN F 279 -31.52 37.39 40.50
N VAL F 280 -32.77 37.20 40.13
CA VAL F 280 -33.38 37.80 38.95
C VAL F 280 -34.73 38.40 39.31
N THR F 281 -35.03 39.57 38.80
CA THR F 281 -36.36 40.16 38.95
C THR F 281 -36.91 40.36 37.56
N TYR F 282 -38.24 40.36 37.47
CA TYR F 282 -38.90 40.32 36.19
C TYR F 282 -39.65 41.59 35.82
N ASN F 283 -39.66 41.88 34.53
CA ASN F 283 -40.54 42.88 33.90
C ASN F 283 -42.01 42.62 34.21
N HIS F 284 -42.84 43.59 33.85
CA HIS F 284 -44.29 43.43 33.92
C HIS F 284 -44.78 43.08 32.54
N PRO F 285 -46.05 42.62 32.44
CA PRO F 285 -46.56 42.23 31.13
C PRO F 285 -46.65 43.44 30.23
N PRO F 286 -46.58 43.28 28.91
CA PRO F 286 -46.50 41.99 28.19
C PRO F 286 -45.08 41.42 28.10
N HIS F 287 -44.09 42.25 28.41
CA HIS F 287 -42.70 41.92 28.20
C HIS F 287 -42.22 40.85 29.10
N ARG F 288 -42.86 40.73 30.26
CA ARG F 288 -42.57 39.60 31.14
C ARG F 288 -42.61 38.25 30.40
N PHE F 289 -43.44 38.16 29.36
CA PHE F 289 -43.74 36.91 28.67
C PHE F 289 -43.12 36.80 27.28
N GLU F 290 -42.24 37.73 26.90
CA GLU F 290 -41.60 37.74 25.60
C GLU F 290 -40.11 37.70 25.86
N ALA F 291 -39.59 36.47 26.02
CA ALA F 291 -38.19 36.24 26.24
C ALA F 291 -37.43 36.23 24.92
N GLY F 292 -36.25 36.83 24.91
CA GLY F 292 -35.44 36.96 23.73
C GLY F 292 -36.05 37.71 22.56
N THR F 293 -35.29 37.79 21.46
CA THR F 293 -35.75 38.46 20.26
C THR F 293 -37.06 37.84 19.81
N PRO F 294 -38.08 38.65 19.61
CA PRO F 294 -39.37 38.10 19.20
C PRO F 294 -39.45 37.97 17.69
N PRO F 295 -40.60 37.51 17.17
CA PRO F 295 -40.72 37.35 15.73
C PRO F 295 -41.09 38.67 15.09
N ILE F 296 -40.07 39.51 14.96
CA ILE F 296 -40.21 40.92 14.63
C ILE F 296 -40.99 41.13 13.35
N VAL F 297 -40.42 40.61 12.26
CA VAL F 297 -40.94 40.83 10.91
C VAL F 297 -42.24 40.06 10.71
N GLN F 298 -42.43 39.01 11.48
CA GLN F 298 -43.67 38.24 11.43
C GLN F 298 -44.82 39.05 12.10
N ALA F 299 -44.52 39.71 13.22
CA ALA F 299 -45.47 40.61 13.87
C ALA F 299 -45.88 41.71 12.90
N ILE F 300 -44.91 42.33 12.27
CA ILE F 300 -45.18 43.36 11.27
C ILE F 300 -46.05 42.82 10.17
N GLY F 301 -45.69 41.66 9.61
CA GLY F 301 -46.52 41.05 8.59
C GLY F 301 -47.94 40.76 9.06
N LEU F 302 -48.09 40.36 10.31
CA LEU F 302 -49.40 40.07 10.89
C LEU F 302 -50.27 41.31 10.89
N GLY F 303 -49.70 42.42 11.36
CA GLY F 303 -50.33 43.70 11.26
C GLY F 303 -50.93 43.98 9.91
N ALA F 304 -50.13 43.80 8.87
CA ALA F 304 -50.62 44.00 7.50
C ALA F 304 -51.78 43.08 7.18
N ALA F 305 -51.73 41.86 7.72
CA ALA F 305 -52.75 40.87 7.43
C ALA F 305 -54.06 41.22 8.08
N LEU F 306 -54.00 41.61 9.35
CA LEU F 306 -55.22 42.12 10.02
C LEU F 306 -55.78 43.37 9.38
N GLU F 307 -54.93 44.23 8.85
CA GLU F 307 -55.42 45.43 8.14
C GLU F 307 -56.16 45.03 6.90
N TYR F 308 -55.64 44.00 6.25
CA TYR F 308 -56.27 43.49 5.04
C TYR F 308 -57.70 43.07 5.37
N MET F 309 -57.86 42.33 6.45
CA MET F 309 -59.18 41.87 6.87
C MET F 309 -60.11 43.05 7.19
N GLU F 310 -59.58 44.07 7.85
CA GLU F 310 -60.36 45.29 8.09
C GLU F 310 -60.76 45.99 6.80
N LYS F 311 -59.85 46.05 5.83
CA LYS F 311 -60.14 46.69 4.52
C LYS F 311 -61.35 46.03 3.84
N ILE F 312 -61.42 44.71 3.87
CA ILE F 312 -62.58 44.01 3.25
C ILE F 312 -63.82 44.17 4.09
N GLY F 313 -63.66 44.14 5.41
CA GLY F 313 -64.78 44.35 6.33
C GLY F 313 -65.15 43.02 6.94
N ARG F 314 -65.05 42.92 8.25
CA ARG F 314 -65.21 41.65 8.96
C ARG F 314 -66.59 41.06 8.86
N HIS F 315 -67.57 41.92 8.73
CA HIS F 315 -68.94 41.48 8.59
C HIS F 315 -69.26 41.13 7.17
N ALA F 316 -68.60 41.76 6.22
CA ALA F 316 -68.76 41.39 4.82
C ALA F 316 -68.17 39.98 4.63
N ILE F 317 -67.04 39.72 5.28
CA ILE F 317 -66.43 38.39 5.26
C ILE F 317 -67.38 37.34 5.84
N LEU F 318 -67.94 37.64 7.01
CA LEU F 318 -68.87 36.74 7.68
C LEU F 318 -70.06 36.41 6.79
N ALA F 319 -70.62 37.41 6.12
CA ALA F 319 -71.74 37.17 5.20
C ALA F 319 -71.32 36.26 4.05
N HIS F 320 -70.14 36.51 3.49
CA HIS F 320 -69.64 35.76 2.34
C HIS F 320 -69.31 34.31 2.70
N GLU F 321 -68.64 34.10 3.83
CA GLU F 321 -68.37 32.76 4.30
C GLU F 321 -69.63 31.99 4.70
N ALA F 322 -70.65 32.72 5.17
CA ALA F 322 -71.93 32.10 5.50
C ALA F 322 -72.61 31.58 4.24
N ASP F 323 -72.56 32.38 3.17
CA ASP F 323 -73.08 31.95 1.88
C ASP F 323 -72.34 30.68 1.35
N LEU F 324 -71.01 30.66 1.48
CA LEU F 324 -70.22 29.50 1.09
C LEU F 324 -70.58 28.27 1.92
N ARG F 325 -70.76 28.46 3.22
CA ARG F 325 -71.14 27.37 4.11
C ARG F 325 -72.46 26.74 3.68
N ASP F 326 -73.47 27.58 3.53
CA ASP F 326 -74.81 27.13 3.20
C ASP F 326 -74.84 26.45 1.85
N TYR F 327 -74.17 27.06 0.89
CA TYR F 327 -74.11 26.50 -0.48
C TYR F 327 -73.37 25.16 -0.51
N ALA F 328 -72.30 25.05 0.27
CA ALA F 328 -71.58 23.78 0.41
C ALA F 328 -72.42 22.69 1.04
N HIS F 329 -73.18 23.02 2.08
CA HIS F 329 -74.09 22.06 2.70
C HIS F 329 -75.17 21.58 1.72
N GLU F 330 -75.64 22.49 0.86
CA GLU F 330 -76.65 22.15 -0.15
C GLU F 330 -76.03 21.20 -1.17
N ARG F 331 -74.89 21.60 -1.75
CA ARG F 331 -74.23 20.91 -2.86
C ARG F 331 -73.71 19.51 -2.41
N LEU F 332 -72.95 19.44 -1.32
CA LEU F 332 -72.51 18.17 -0.76
C LEU F 332 -73.65 17.31 -0.21
N GLY F 333 -74.69 17.95 0.30
CA GLY F 333 -75.88 17.25 0.76
C GLY F 333 -76.54 16.41 -0.33
N ARG F 334 -76.38 16.83 -1.59
CA ARG F 334 -76.91 16.09 -2.74
C ARG F 334 -76.07 14.86 -3.12
N ILE F 335 -74.91 14.67 -2.50
CA ILE F 335 -74.05 13.53 -2.82
C ILE F 335 -74.42 12.32 -1.96
N ASN F 336 -74.74 11.25 -2.66
CA ASN F 336 -75.41 10.10 -2.07
C ASN F 336 -74.88 9.68 -0.68
N SER F 337 -73.64 9.20 -0.64
CA SER F 337 -73.11 8.53 0.56
C SER F 337 -72.44 9.46 1.55
N LEU F 338 -72.58 10.76 1.37
CA LEU F 338 -71.74 11.72 2.09
C LEU F 338 -72.36 12.16 3.42
N ARG F 339 -71.54 12.14 4.47
CA ARG F 339 -71.96 12.61 5.79
C ARG F 339 -71.14 13.84 6.20
N ILE F 340 -71.81 14.85 6.71
CA ILE F 340 -71.12 16.02 7.27
C ILE F 340 -71.14 15.92 8.78
N PHE F 341 -69.98 16.15 9.39
CA PHE F 341 -69.85 16.16 10.85
C PHE F 341 -69.90 17.60 11.36
N GLY F 342 -71.04 17.95 11.95
CA GLY F 342 -71.27 19.28 12.49
C GLY F 342 -72.22 20.07 11.62
N ASN F 343 -73.44 20.30 12.10
CA ASN F 343 -74.45 21.05 11.34
C ASN F 343 -75.11 22.17 12.16
N ALA F 344 -74.36 22.75 13.10
CA ALA F 344 -74.88 23.87 13.88
C ALA F 344 -75.28 25.03 12.97
N PRO F 345 -76.43 25.68 13.24
CA PRO F 345 -76.97 26.75 12.37
C PRO F 345 -76.04 27.96 12.19
N ASP F 346 -75.25 28.30 13.19
CA ASP F 346 -74.38 29.46 13.11
C ASP F 346 -72.89 29.09 12.89
N LYS F 347 -72.65 27.89 12.38
CA LYS F 347 -71.29 27.38 12.26
C LYS F 347 -70.44 28.18 11.26
N GLY F 348 -69.15 28.17 11.49
CA GLY F 348 -68.18 28.68 10.53
C GLY F 348 -68.04 27.76 9.32
N ALA F 349 -67.39 28.26 8.28
CA ALA F 349 -67.37 27.61 6.98
C ALA F 349 -66.28 26.55 6.93
N ILE F 350 -66.43 25.59 7.84
CA ILE F 350 -65.50 24.50 8.00
C ILE F 350 -66.38 23.28 7.88
N ILE F 351 -66.09 22.46 6.87
CA ILE F 351 -66.90 21.30 6.55
C ILE F 351 -66.08 20.02 6.59
N SER F 352 -66.29 19.25 7.65
CA SER F 352 -65.70 17.95 7.82
C SER F 352 -66.69 16.91 7.37
N PHE F 353 -66.21 15.93 6.62
CA PHE F 353 -67.09 14.96 5.98
C PHE F 353 -66.39 13.64 5.66
N ALA F 354 -67.20 12.63 5.34
CA ALA F 354 -66.74 11.30 4.99
C ALA F 354 -67.66 10.74 3.92
N LEU F 355 -67.10 9.93 3.02
CA LEU F 355 -67.88 9.14 2.08
C LEU F 355 -67.95 7.71 2.57
N GLU F 356 -69.15 7.15 2.64
CA GLU F 356 -69.31 5.81 3.20
C GLU F 356 -68.48 4.82 2.39
N GLY F 357 -67.69 4.03 3.12
CA GLY F 357 -66.90 2.94 2.54
C GLY F 357 -65.58 3.35 1.89
N ILE F 358 -65.18 4.60 2.03
CA ILE F 358 -63.96 5.10 1.42
C ILE F 358 -63.12 5.81 2.47
N HIS F 359 -61.83 5.53 2.49
CA HIS F 359 -60.94 6.16 3.45
CA HIS F 359 -60.90 6.16 3.41
C HIS F 359 -60.68 7.62 3.04
N ALA F 360 -60.58 8.48 4.06
CA ALA F 360 -60.39 9.89 3.83
C ALA F 360 -59.14 10.19 3.03
N HIS F 361 -58.05 9.48 3.33
CA HIS F 361 -56.77 9.67 2.64
C HIS F 361 -56.93 9.35 1.14
N ASP F 362 -57.75 8.37 0.80
CA ASP F 362 -58.05 8.07 -0.60
C ASP F 362 -58.75 9.24 -1.28
N VAL F 363 -59.80 9.74 -0.64
CA VAL F 363 -60.60 10.85 -1.19
C VAL F 363 -59.72 12.07 -1.42
N SER F 364 -58.92 12.37 -0.42
CA SER F 364 -58.05 13.52 -0.42
C SER F 364 -56.92 13.45 -1.47
N MET F 365 -56.25 12.31 -1.55
CA MET F 365 -55.15 12.13 -2.51
C MET F 365 -55.67 12.31 -3.92
N VAL F 366 -56.87 11.80 -4.13
CA VAL F 366 -57.46 11.75 -5.45
C VAL F 366 -57.96 13.10 -5.95
N ILE F 367 -58.70 13.84 -5.12
CA ILE F 367 -59.18 15.15 -5.53
C ILE F 367 -58.04 16.18 -5.59
N ASP F 368 -56.94 15.93 -4.88
CA ASP F 368 -55.71 16.73 -5.06
C ASP F 368 -55.24 16.69 -6.52
N ARG F 369 -55.41 15.54 -7.17
CA ARG F 369 -55.03 15.38 -8.57
C ARG F 369 -55.90 16.17 -9.50
N ALA F 370 -57.12 16.46 -9.06
CA ALA F 370 -58.04 17.33 -9.79
C ALA F 370 -57.77 18.79 -9.50
N GLY F 371 -56.91 19.06 -8.52
CA GLY F 371 -56.53 20.43 -8.15
C GLY F 371 -57.11 20.88 -6.81
N VAL F 372 -57.93 20.04 -6.20
CA VAL F 372 -58.62 20.40 -4.97
C VAL F 372 -57.83 19.98 -3.74
N ALA F 373 -57.54 21.00 -2.92
CA ALA F 373 -56.81 20.82 -1.69
C ALA F 373 -57.75 20.76 -0.48
N VAL F 374 -57.89 19.56 0.09
CA VAL F 374 -58.55 19.36 1.36
C VAL F 374 -57.57 18.63 2.26
N ARG F 375 -57.93 18.45 3.53
CA ARG F 375 -57.07 17.67 4.43
C ARG F 375 -57.81 16.51 5.02
N ALA F 376 -57.13 15.38 5.12
CA ALA F 376 -57.66 14.20 5.77
C ALA F 376 -56.84 13.91 7.00
N GLY F 377 -57.45 13.29 8.00
CA GLY F 377 -56.70 12.87 9.20
C GLY F 377 -57.43 13.22 10.46
N THR F 378 -56.66 13.40 11.54
CA THR F 378 -57.24 13.74 12.88
C THR F 378 -57.61 15.18 13.06
N HIS F 379 -57.03 16.08 12.27
CA HIS F 379 -57.17 17.53 12.47
C HIS F 379 -56.79 17.97 13.89
N CYS F 380 -55.83 17.25 14.48
CA CYS F 380 -55.38 17.54 15.86
C CYS F 380 -56.57 17.59 16.83
N ALA F 381 -57.56 16.70 16.62
CA ALA F 381 -58.75 16.63 17.48
C ALA F 381 -59.29 15.19 17.62
N GLN F 382 -58.44 14.28 18.09
CA GLN F 382 -58.77 12.86 18.19
C GLN F 382 -59.92 12.53 19.12
N PRO F 383 -59.96 13.17 20.31
CA PRO F 383 -61.07 12.83 21.22
C PRO F 383 -62.43 13.16 20.63
N LEU F 384 -62.47 14.22 19.84
CA LEU F 384 -63.67 14.60 19.14
C LEU F 384 -64.07 13.54 18.12
N LEU F 385 -63.12 13.12 17.28
CA LEU F 385 -63.38 12.07 16.31
C LEU F 385 -63.79 10.75 16.94
N LYS F 386 -63.15 10.39 18.04
CA LYS F 386 -63.50 9.17 18.75
C LYS F 386 -64.94 9.22 19.25
N ARG F 387 -65.31 10.36 19.82
CA ARG F 387 -66.68 10.61 20.27
C ARG F 387 -67.68 10.58 19.10
N PHE F 388 -67.24 10.91 17.89
CA PHE F 388 -68.10 10.82 16.70
C PHE F 388 -67.99 9.48 15.97
N GLY F 389 -67.17 8.57 16.48
CA GLY F 389 -67.11 7.21 15.95
C GLY F 389 -66.22 7.02 14.73
N VAL F 390 -65.21 7.87 14.57
CA VAL F 390 -64.30 7.76 13.44
C VAL F 390 -62.87 8.02 13.87
N THR F 391 -61.95 7.64 13.00
CA THR F 391 -60.54 7.91 13.25
C THR F 391 -60.00 9.01 12.33
N SER F 392 -60.65 9.20 11.19
CA SER F 392 -60.26 10.25 10.24
C SER F 392 -61.48 10.87 9.56
N THR F 393 -61.34 12.12 9.13
CA THR F 393 -62.28 12.73 8.19
C THR F 393 -61.57 13.61 7.18
N CYS F 394 -62.30 13.97 6.12
CA CYS F 394 -61.84 15.04 5.22
C CYS F 394 -62.37 16.35 5.73
N ARG F 395 -61.62 17.42 5.48
CA ARG F 395 -62.02 18.72 5.88
C ARG F 395 -61.77 19.69 4.76
N ALA F 396 -62.84 20.33 4.31
CA ALA F 396 -62.78 21.45 3.42
C ALA F 396 -63.08 22.67 4.26
N SER F 397 -62.14 23.59 4.33
CA SER F 397 -62.29 24.77 5.15
C SER F 397 -62.15 25.99 4.26
N PHE F 398 -63.15 26.87 4.33
CA PHE F 398 -63.26 28.01 3.41
C PHE F 398 -62.70 29.32 3.99
N ALA F 399 -62.27 30.21 3.10
CA ALA F 399 -61.70 31.49 3.48
C ALA F 399 -62.35 32.64 2.70
N LEU F 400 -61.92 33.86 2.98
CA LEU F 400 -62.52 35.04 2.35
C LEU F 400 -62.32 35.13 0.85
N TYR F 401 -61.31 34.44 0.32
CA TYR F 401 -61.02 34.49 -1.12
C TYR F 401 -61.64 33.32 -1.90
N ASN F 402 -62.28 32.37 -1.21
CA ASN F 402 -62.92 31.25 -1.90
C ASN F 402 -64.25 31.65 -2.53
N THR F 403 -64.71 30.84 -3.48
CA THR F 403 -65.92 31.15 -4.26
C THR F 403 -66.90 30.00 -4.32
N ARG F 404 -68.10 30.30 -4.79
CA ARG F 404 -69.15 29.31 -5.03
C ARG F 404 -68.72 28.34 -6.09
N ALA F 405 -67.97 28.80 -7.07
CA ALA F 405 -67.46 27.91 -8.14
C ALA F 405 -66.50 26.86 -7.57
N GLU F 406 -65.75 27.24 -6.53
CA GLU F 406 -64.84 26.31 -5.85
C GLU F 406 -65.60 25.26 -5.05
N VAL F 407 -66.75 25.65 -4.51
CA VAL F 407 -67.62 24.70 -3.84
C VAL F 407 -68.13 23.68 -4.86
N ASP F 408 -68.47 24.16 -6.05
CA ASP F 408 -68.89 23.28 -7.13
C ASP F 408 -67.77 22.32 -7.56
N ALA F 409 -66.57 22.84 -7.66
CA ALA F 409 -65.40 22.05 -8.00
C ALA F 409 -65.17 20.96 -6.94
N LEU F 410 -65.30 21.34 -5.67
CA LEU F 410 -65.19 20.37 -4.59
C LEU F 410 -66.24 19.29 -4.77
N ALA F 411 -67.48 19.71 -5.00
CA ALA F 411 -68.61 18.78 -5.11
C ALA F 411 -68.49 17.86 -6.30
N GLU F 412 -68.10 18.42 -7.44
CA GLU F 412 -67.86 17.65 -8.67
C GLU F 412 -66.74 16.59 -8.44
N ALA F 413 -65.65 17.03 -7.84
CA ALA F 413 -64.52 16.16 -7.53
C ALA F 413 -64.90 15.03 -6.58
N LEU F 414 -65.72 15.33 -5.58
CA LEU F 414 -66.14 14.34 -4.59
C LEU F 414 -67.05 13.30 -5.19
N GLU F 415 -67.95 13.74 -6.07
CA GLU F 415 -68.85 12.83 -6.78
C GLU F 415 -68.01 11.87 -7.67
N LYS F 416 -67.01 12.43 -8.33
CA LYS F 416 -66.09 11.67 -9.16
C LYS F 416 -65.29 10.66 -8.34
N ALA F 417 -64.84 11.09 -7.16
CA ALA F 417 -64.11 10.23 -6.24
C ALA F 417 -64.96 9.06 -5.75
N ARG F 418 -66.23 9.34 -5.50
CA ARG F 418 -67.15 8.29 -5.07
C ARG F 418 -67.33 7.19 -6.15
N LYS F 419 -67.44 7.60 -7.40
CA LYS F 419 -67.61 6.68 -8.54
C LYS F 419 -66.31 5.90 -8.77
N PHE F 420 -65.18 6.58 -8.62
CA PHE F 420 -63.87 5.95 -8.79
C PHE F 420 -63.64 4.79 -7.82
N PHE F 421 -63.86 5.00 -6.53
CA PHE F 421 -63.64 3.96 -5.51
C PHE F 421 -64.82 3.01 -5.30
N GLY F 422 -65.96 3.30 -5.93
CA GLY F 422 -67.18 2.52 -5.73
C GLY F 422 -67.28 1.36 -6.71
N TYR G 19 -10.19 -25.00 -46.82
CA TYR G 19 -10.07 -26.41 -46.30
C TYR G 19 -8.73 -27.02 -46.70
N ASP G 20 -7.78 -27.05 -45.76
CA ASP G 20 -6.43 -27.58 -46.04
C ASP G 20 -6.35 -29.08 -45.71
N VAL G 21 -6.84 -29.92 -46.62
CA VAL G 21 -6.87 -31.35 -46.37
C VAL G 21 -5.48 -31.98 -46.20
N GLU G 22 -4.48 -31.46 -46.91
CA GLU G 22 -3.11 -31.98 -46.74
C GLU G 22 -2.59 -31.74 -45.35
N ALA G 23 -2.88 -30.56 -44.81
CA ALA G 23 -2.48 -30.24 -43.43
C ALA G 23 -3.21 -31.09 -42.42
N ILE G 24 -4.51 -31.30 -42.67
CA ILE G 24 -5.33 -32.18 -41.83
C ILE G 24 -4.77 -33.62 -41.81
N ARG G 25 -4.47 -34.16 -42.99
CA ARG G 25 -3.93 -35.53 -43.10
C ARG G 25 -2.64 -35.72 -42.30
N ARG G 26 -1.80 -34.69 -42.27
CA ARG G 26 -0.58 -34.72 -41.46
C ARG G 26 -0.84 -34.90 -39.96
N ASP G 27 -2.03 -34.62 -39.48
CA ASP G 27 -2.36 -34.91 -38.07
C ASP G 27 -2.65 -36.38 -37.75
N PHE G 28 -2.85 -37.20 -38.79
CA PHE G 28 -3.21 -38.62 -38.66
C PHE G 28 -2.06 -39.55 -39.12
N PRO G 29 -1.25 -40.05 -38.16
CA PRO G 29 -0.01 -40.75 -38.52
C PRO G 29 -0.25 -41.93 -39.41
N ILE G 30 -1.30 -42.70 -39.16
CA ILE G 30 -1.56 -43.92 -39.92
C ILE G 30 -1.73 -43.70 -41.41
N LEU G 31 -2.23 -42.52 -41.82
CA LEU G 31 -2.56 -42.27 -43.24
C LEU G 31 -1.38 -42.31 -44.18
N SER G 32 -0.19 -42.15 -43.63
CA SER G 32 1.04 -42.20 -44.44
C SER G 32 1.67 -43.60 -44.53
N ARG G 33 1.14 -44.59 -43.82
CA ARG G 33 1.71 -45.93 -43.87
C ARG G 33 1.37 -46.65 -45.18
N GLN G 34 2.15 -47.67 -45.48
CA GLN G 34 1.88 -48.51 -46.63
C GLN G 34 1.16 -49.81 -46.24
N VAL G 35 0.48 -50.38 -47.23
CA VAL G 35 -0.33 -51.59 -47.07
C VAL G 35 -0.10 -52.46 -48.32
N HIS G 36 0.41 -53.68 -48.13
CA HIS G 36 0.89 -54.55 -49.26
C HIS G 36 1.88 -53.82 -50.15
N GLY G 37 2.80 -53.08 -49.54
CA GLY G 37 3.76 -52.23 -50.29
C GLY G 37 3.10 -51.09 -51.08
N LYS G 38 1.83 -50.80 -50.79
CA LYS G 38 1.04 -49.87 -51.58
C LYS G 38 0.50 -48.76 -50.70
N THR G 39 0.17 -47.62 -51.30
CA THR G 39 -0.35 -46.48 -50.56
C THR G 39 -1.71 -46.81 -49.97
N LEU G 40 -1.87 -46.51 -48.69
CA LEU G 40 -3.16 -46.73 -48.01
C LEU G 40 -4.20 -45.71 -48.50
N VAL G 41 -5.40 -46.21 -48.76
CA VAL G 41 -6.53 -45.41 -49.15
C VAL G 41 -7.67 -45.95 -48.33
N TYR G 42 -7.85 -45.37 -47.13
CA TYR G 42 -8.80 -45.91 -46.15
C TYR G 42 -10.17 -45.32 -46.32
N LEU G 43 -11.09 -46.12 -46.84
CA LEU G 43 -12.45 -45.71 -47.09
C LEU G 43 -13.45 -46.64 -46.39
N ASP G 44 -13.06 -47.12 -45.21
CA ASP G 44 -13.96 -47.89 -44.35
C ASP G 44 -14.20 -47.13 -43.02
N ASN G 45 -14.40 -45.82 -43.13
CA ASN G 45 -14.60 -44.98 -41.96
C ASN G 45 -15.91 -45.24 -41.25
N GLY G 46 -16.94 -45.61 -42.00
CA GLY G 46 -18.25 -45.94 -41.44
C GLY G 46 -18.20 -47.07 -40.42
N ALA G 47 -17.20 -47.92 -40.54
CA ALA G 47 -17.01 -49.02 -39.60
C ALA G 47 -16.16 -48.55 -38.44
N SER G 48 -15.07 -47.88 -38.75
CA SER G 48 -14.31 -47.17 -37.71
C SER G 48 -13.34 -46.17 -38.33
N ALA G 49 -13.12 -45.05 -37.64
CA ALA G 49 -12.29 -43.96 -38.17
C ALA G 49 -10.90 -43.93 -37.56
N GLN G 50 -9.98 -43.30 -38.26
CA GLN G 50 -8.62 -43.15 -37.76
C GLN G 50 -8.52 -41.96 -36.81
N LYS G 51 -7.41 -41.92 -36.07
CA LYS G 51 -7.24 -41.07 -34.94
C LYS G 51 -6.19 -40.01 -35.21
N PRO G 52 -6.50 -38.73 -34.88
CA PRO G 52 -5.48 -37.69 -34.95
C PRO G 52 -4.46 -37.84 -33.83
N GLN G 53 -3.26 -37.32 -34.05
CA GLN G 53 -2.21 -37.38 -33.07
C GLN G 53 -2.64 -36.87 -31.68
N SER G 54 -3.46 -35.81 -31.64
CA SER G 54 -3.89 -35.21 -30.36
C SER G 54 -4.67 -36.21 -29.53
N VAL G 55 -5.49 -37.05 -30.16
CA VAL G 55 -6.21 -38.11 -29.44
C VAL G 55 -5.27 -39.14 -28.86
N ILE G 56 -4.24 -39.47 -29.62
CA ILE G 56 -3.27 -40.48 -29.18
C ILE G 56 -2.45 -39.90 -28.04
N ASP G 57 -2.01 -38.67 -28.23
CA ASP G 57 -1.31 -37.93 -27.16
C ASP G 57 -2.14 -37.78 -25.87
N ALA G 58 -3.44 -37.52 -25.99
CA ALA G 58 -4.28 -37.39 -24.81
C ALA G 58 -4.39 -38.73 -24.07
N VAL G 59 -4.58 -39.81 -24.80
CA VAL G 59 -4.59 -41.14 -24.21
C VAL G 59 -3.26 -41.41 -23.50
N THR G 60 -2.15 -41.19 -24.20
CA THR G 60 -0.83 -41.46 -23.65
C THR G 60 -0.59 -40.64 -22.38
N HIS G 61 -0.83 -39.34 -22.47
CA HIS G 61 -0.62 -38.43 -21.31
C HIS G 61 -1.45 -38.83 -20.08
N ALA G 62 -2.71 -39.18 -20.29
CA ALA G 62 -3.56 -39.66 -19.20
C ALA G 62 -2.93 -40.89 -18.47
N TYR G 63 -2.55 -41.92 -19.21
CA TYR G 63 -1.98 -43.12 -18.59
C TYR G 63 -0.60 -42.85 -17.98
N ALA G 64 0.20 -42.03 -18.66
CA ALA G 64 1.60 -41.83 -18.27
C ALA G 64 1.77 -40.89 -17.10
N ASN G 65 0.85 -39.94 -16.94
CA ASN G 65 1.06 -38.84 -16.02
C ASN G 65 -0.10 -38.44 -15.09
N GLU G 66 -1.34 -38.78 -15.45
CA GLU G 66 -2.49 -38.32 -14.70
C GLU G 66 -3.54 -39.40 -14.51
N TYR G 67 -3.12 -40.56 -14.03
CA TYR G 67 -3.99 -41.72 -13.98
C TYR G 67 -4.37 -42.13 -12.56
N ALA G 68 -5.65 -42.43 -12.39
CA ALA G 68 -6.22 -42.93 -11.14
C ALA G 68 -7.69 -43.22 -11.43
N ASN G 69 -8.39 -43.87 -10.50
CA ASN G 69 -9.84 -44.01 -10.66
C ASN G 69 -10.53 -42.67 -10.32
N VAL G 70 -11.81 -42.56 -10.68
CA VAL G 70 -12.50 -41.27 -10.69
C VAL G 70 -13.66 -41.05 -9.71
N HIS G 71 -13.84 -41.87 -8.70
CA HIS G 71 -14.88 -41.54 -7.71
C HIS G 71 -14.50 -40.28 -6.97
N ARG G 72 -14.20 -39.20 -7.71
CA ARG G 72 -13.49 -38.01 -7.13
C ARG G 72 -12.84 -38.36 -5.80
N GLY G 73 -11.72 -39.09 -5.82
CA GLY G 73 -11.00 -39.47 -4.58
C GLY G 73 -10.40 -38.19 -4.01
N LEU G 74 -10.03 -38.23 -2.73
CA LEU G 74 -9.40 -37.06 -2.15
C LEU G 74 -7.98 -36.86 -2.72
N HIS G 75 -7.29 -37.92 -3.15
CA HIS G 75 -5.86 -37.78 -3.45
C HIS G 75 -5.59 -37.15 -4.81
N PHE G 76 -4.39 -36.62 -5.00
CA PHE G 76 -4.08 -35.81 -6.18
C PHE G 76 -4.50 -36.45 -7.50
N LEU G 77 -3.99 -37.64 -7.80
CA LEU G 77 -4.25 -38.24 -9.10
C LEU G 77 -5.73 -38.54 -9.32
N SER G 78 -6.43 -38.98 -8.29
CA SER G 78 -7.86 -39.28 -8.45
C SER G 78 -8.59 -37.99 -8.81
N ASN G 79 -8.14 -36.89 -8.21
CA ASN G 79 -8.63 -35.58 -8.56
C ASN G 79 -8.33 -35.13 -9.96
N ALA G 80 -7.08 -35.28 -10.37
CA ALA G 80 -6.70 -34.89 -11.71
C ALA G 80 -7.47 -35.70 -12.76
N ALA G 81 -7.67 -36.98 -12.49
CA ALA G 81 -8.34 -37.84 -13.46
C ALA G 81 -9.84 -37.57 -13.50
N THR G 82 -10.42 -37.32 -12.34
CA THR G 82 -11.83 -36.96 -12.28
C THR G 82 -12.07 -35.66 -13.06
N ASP G 83 -11.17 -34.69 -12.91
CA ASP G 83 -11.26 -33.45 -13.68
C ASP G 83 -11.22 -33.66 -15.18
N ALA G 84 -10.24 -34.42 -15.62
CA ALA G 84 -10.08 -34.72 -17.04
C ALA G 84 -11.30 -35.45 -17.57
N TYR G 85 -11.82 -36.35 -16.75
CA TYR G 85 -13.00 -37.14 -17.11
C TYR G 85 -14.21 -36.22 -17.19
N GLU G 86 -14.54 -35.51 -16.10
CA GLU G 86 -15.61 -34.54 -16.12
C GLU G 86 -15.47 -33.50 -17.25
N LYS G 87 -14.26 -33.07 -17.55
CA LYS G 87 -14.06 -32.17 -18.67
C LYS G 87 -14.50 -32.77 -20.03
N SER G 88 -14.22 -34.06 -20.27
CA SER G 88 -14.76 -34.76 -21.44
C SER G 88 -16.23 -34.77 -21.51
N ARG G 89 -16.85 -34.96 -20.35
CA ARG G 89 -18.30 -35.00 -20.29
C ARG G 89 -18.83 -33.64 -20.76
N GLU G 90 -18.13 -32.58 -20.39
CA GLU G 90 -18.47 -31.21 -20.81
C GLU G 90 -18.25 -30.99 -22.30
N THR G 91 -17.17 -31.53 -22.84
CA THR G 91 -16.93 -31.45 -24.29
C THR G 91 -18.04 -32.10 -25.09
N VAL G 92 -18.50 -33.26 -24.64
CA VAL G 92 -19.57 -34.00 -25.30
C VAL G 92 -20.86 -33.19 -25.26
N ARG G 93 -21.16 -32.68 -24.08
CA ARG G 93 -22.30 -31.78 -23.87
C ARG G 93 -22.29 -30.62 -24.86
N ARG G 94 -21.17 -29.93 -24.97
CA ARG G 94 -21.02 -28.83 -25.93
C ARG G 94 -21.17 -29.29 -27.36
N PHE G 95 -20.54 -30.42 -27.66
CA PHE G 95 -20.54 -30.98 -29.01
C PHE G 95 -21.95 -31.29 -29.47
N LEU G 96 -22.77 -31.84 -28.58
CA LEU G 96 -24.18 -32.16 -28.89
C LEU G 96 -25.11 -30.98 -28.64
N ASN G 97 -24.60 -29.98 -27.95
CA ASN G 97 -25.42 -28.83 -27.51
C ASN G 97 -26.51 -29.30 -26.57
N ALA G 98 -26.18 -30.23 -25.68
CA ALA G 98 -27.14 -30.66 -24.67
C ALA G 98 -27.27 -29.58 -23.58
N GLY G 99 -28.43 -29.52 -22.94
CA GLY G 99 -28.68 -28.54 -21.93
C GLY G 99 -27.66 -28.57 -20.81
N SER G 100 -27.29 -29.78 -20.38
CA SER G 100 -26.54 -30.02 -19.15
C SER G 100 -25.66 -31.24 -19.24
N VAL G 101 -24.50 -31.22 -18.58
CA VAL G 101 -23.65 -32.43 -18.50
C VAL G 101 -24.32 -33.64 -17.87
N ASP G 102 -25.32 -33.42 -17.02
CA ASP G 102 -26.03 -34.52 -16.36
C ASP G 102 -26.91 -35.29 -17.32
N GLU G 103 -27.05 -34.80 -18.55
CA GLU G 103 -27.81 -35.48 -19.58
C GLU G 103 -26.92 -36.38 -20.46
N ILE G 104 -25.62 -36.43 -20.15
CA ILE G 104 -24.65 -37.18 -20.89
C ILE G 104 -24.25 -38.39 -20.07
N VAL G 105 -24.52 -39.58 -20.62
CA VAL G 105 -24.12 -40.83 -20.01
C VAL G 105 -23.05 -41.47 -20.88
N PHE G 106 -21.93 -41.87 -20.28
CA PHE G 106 -20.87 -42.59 -20.98
C PHE G 106 -21.13 -44.10 -20.99
N THR G 107 -20.93 -44.73 -22.14
CA THR G 107 -21.10 -46.18 -22.31
C THR G 107 -19.91 -46.81 -23.06
N LYS G 108 -19.93 -48.13 -23.21
CA LYS G 108 -18.90 -48.89 -24.01
C LYS G 108 -18.93 -48.47 -25.47
N ASN G 109 -20.14 -48.27 -25.98
CA ASN G 109 -20.33 -47.96 -27.38
C ASN G 109 -21.78 -47.53 -27.60
N ALA G 110 -22.10 -47.16 -28.83
CA ALA G 110 -23.47 -46.74 -29.13
C ALA G 110 -24.45 -47.87 -28.91
N THR G 111 -24.04 -49.08 -29.23
CA THR G 111 -24.91 -50.21 -29.05
C THR G 111 -25.41 -50.29 -27.62
N GLU G 112 -24.49 -50.20 -26.67
CA GLU G 112 -24.84 -50.24 -25.25
C GLU G 112 -25.74 -49.07 -24.87
N ALA G 113 -25.50 -47.91 -25.46
CA ALA G 113 -26.34 -46.76 -25.22
C ALA G 113 -27.79 -47.07 -25.55
N ILE G 114 -28.01 -47.72 -26.70
CA ILE G 114 -29.36 -48.07 -27.13
C ILE G 114 -29.97 -49.09 -26.19
N ASN G 115 -29.20 -50.11 -25.81
CA ASN G 115 -29.67 -51.09 -24.86
C ASN G 115 -30.08 -50.46 -23.50
N THR G 116 -29.36 -49.42 -23.08
CA THR G 116 -29.64 -48.78 -21.81
C THR G 116 -31.07 -48.26 -21.83
N VAL G 117 -31.45 -47.61 -22.93
CA VAL G 117 -32.80 -47.13 -23.13
C VAL G 117 -33.79 -48.28 -23.27
N ALA G 118 -33.43 -49.28 -24.05
CA ALA G 118 -34.32 -50.42 -24.28
C ALA G 118 -34.65 -51.15 -22.98
N TYR G 119 -33.65 -51.37 -22.14
CA TYR G 119 -33.87 -52.02 -20.86
C TYR G 119 -34.43 -51.06 -19.79
N GLY G 120 -33.94 -49.83 -19.80
CA GLY G 120 -34.27 -48.83 -18.77
C GLY G 120 -35.63 -48.21 -18.91
N TYR G 121 -36.01 -47.87 -20.15
CA TYR G 121 -37.32 -47.28 -20.46
C TYR G 121 -38.27 -48.29 -21.10
N GLY G 122 -37.81 -48.91 -22.18
CA GLY G 122 -38.71 -49.69 -23.04
C GLY G 122 -39.38 -50.82 -22.31
N MET G 123 -38.59 -51.52 -21.51
CA MET G 123 -39.03 -52.74 -20.87
C MET G 123 -40.13 -52.49 -19.83
N PRO G 124 -39.91 -51.54 -18.89
CA PRO G 124 -40.99 -51.19 -17.96
C PRO G 124 -42.23 -50.56 -18.58
N PHE G 125 -42.09 -49.89 -19.72
CA PHE G 125 -43.17 -49.08 -20.29
C PHE G 125 -43.78 -49.55 -21.60
N ILE G 126 -43.25 -50.63 -22.18
CA ILE G 126 -43.77 -51.14 -23.46
C ILE G 126 -44.13 -52.61 -23.31
N GLY G 127 -45.40 -52.94 -23.58
CA GLY G 127 -45.94 -54.29 -23.33
C GLY G 127 -46.71 -54.89 -24.50
N GLU G 128 -47.54 -55.90 -24.19
CA GLU G 128 -48.22 -56.68 -25.19
C GLU G 128 -49.07 -55.82 -26.11
N GLY G 129 -48.77 -55.87 -27.40
CA GLY G 129 -49.55 -55.13 -28.41
C GLY G 129 -49.05 -53.73 -28.70
N ASP G 130 -48.29 -53.16 -27.76
CA ASP G 130 -47.67 -51.84 -27.98
C ASP G 130 -46.69 -51.87 -29.14
N GLU G 131 -46.55 -50.73 -29.82
CA GLU G 131 -45.77 -50.64 -31.04
C GLU G 131 -44.50 -49.85 -30.84
N ILE G 132 -43.41 -50.33 -31.44
CA ILE G 132 -42.16 -49.58 -31.50
C ILE G 132 -41.89 -49.29 -32.96
N LEU G 133 -41.73 -48.00 -33.29
CA LEU G 133 -41.66 -47.57 -34.67
C LEU G 133 -40.23 -47.25 -35.05
N LEU G 134 -39.72 -47.98 -36.05
CA LEU G 134 -38.36 -47.85 -36.54
C LEU G 134 -38.38 -47.48 -38.01
N SER G 135 -37.19 -47.35 -38.60
CA SER G 135 -37.07 -47.29 -40.04
C SER G 135 -36.50 -48.60 -40.58
N ILE G 136 -36.68 -48.81 -41.87
CA ILE G 136 -36.08 -49.97 -42.55
C ILE G 136 -34.56 -49.85 -42.64
N MET G 137 -34.02 -48.64 -42.47
CA MET G 137 -32.58 -48.39 -42.56
C MET G 137 -31.79 -48.73 -41.31
N GLU G 138 -32.46 -49.11 -40.22
CA GLU G 138 -31.77 -49.28 -38.95
C GLU G 138 -30.65 -50.32 -38.98
N HIS G 139 -29.53 -49.91 -38.42
CA HIS G 139 -28.43 -50.79 -38.02
C HIS G 139 -28.97 -51.74 -36.97
N HIS G 140 -28.41 -52.94 -36.93
CA HIS G 140 -28.88 -54.01 -36.02
C HIS G 140 -28.97 -53.62 -34.56
N SER G 141 -27.99 -52.86 -34.10
CA SER G 141 -27.98 -52.27 -32.77
C SER G 141 -29.20 -51.39 -32.43
N ASN G 142 -29.83 -50.78 -33.43
CA ASN G 142 -31.10 -50.09 -33.24
C ASN G 142 -32.29 -50.92 -33.68
N ILE G 143 -32.15 -52.24 -33.58
CA ILE G 143 -33.26 -53.15 -33.86
C ILE G 143 -33.35 -54.20 -32.76
N VAL G 144 -32.24 -54.90 -32.52
CA VAL G 144 -32.24 -56.06 -31.63
C VAL G 144 -32.72 -55.74 -30.21
N PRO G 145 -32.29 -54.62 -29.63
CA PRO G 145 -32.77 -54.31 -28.30
C PRO G 145 -34.30 -54.19 -28.25
N TRP G 146 -34.88 -53.60 -29.29
CA TRP G 146 -36.33 -53.46 -29.38
C TRP G 146 -36.97 -54.81 -29.61
N HIS G 147 -36.33 -55.65 -30.43
CA HIS G 147 -36.79 -57.03 -30.63
C HIS G 147 -36.92 -57.80 -29.32
N PHE G 148 -36.02 -57.54 -28.36
CA PHE G 148 -36.11 -58.17 -27.04
C PHE G 148 -37.45 -57.91 -26.38
N ILE G 149 -37.99 -56.72 -26.57
CA ILE G 149 -39.29 -56.38 -26.01
C ILE G 149 -40.42 -57.10 -26.77
N ARG G 150 -40.28 -57.21 -28.09
CA ARG G 150 -41.20 -58.03 -28.89
C ARG G 150 -41.17 -59.45 -28.39
N GLU G 151 -39.97 -60.00 -28.31
CA GLU G 151 -39.75 -61.41 -27.99
C GLU G 151 -40.14 -61.76 -26.54
N ARG G 152 -39.78 -60.89 -25.61
CA ARG G 152 -39.99 -61.18 -24.19
C ARG G 152 -41.32 -60.63 -23.63
N GLN G 153 -41.87 -59.56 -24.23
CA GLN G 153 -43.09 -58.91 -23.69
C GLN G 153 -44.24 -58.69 -24.69
N GLY G 154 -44.05 -59.10 -25.94
CA GLY G 154 -45.13 -59.08 -26.91
C GLY G 154 -45.38 -57.75 -27.58
N ALA G 155 -44.39 -56.89 -27.60
CA ALA G 155 -44.46 -55.65 -28.38
C ALA G 155 -44.38 -55.98 -29.87
N LYS G 156 -44.87 -55.09 -30.72
CA LYS G 156 -44.74 -55.22 -32.16
C LYS G 156 -43.75 -54.17 -32.67
N LEU G 157 -42.89 -54.57 -33.61
CA LEU G 157 -42.02 -53.66 -34.34
C LEU G 157 -42.65 -53.27 -35.65
N VAL G 158 -42.57 -51.98 -35.98
CA VAL G 158 -43.11 -51.44 -37.22
C VAL G 158 -41.98 -50.71 -37.91
N PHE G 159 -41.89 -50.83 -39.23
CA PHE G 159 -40.75 -50.34 -39.98
C PHE G 159 -41.21 -49.32 -41.00
N THR G 160 -40.75 -48.09 -40.82
CA THR G 160 -40.99 -47.05 -41.80
C THR G 160 -40.14 -47.30 -43.03
N PRO G 161 -40.77 -47.28 -44.21
CA PRO G 161 -40.02 -47.57 -45.41
C PRO G 161 -39.28 -46.37 -45.96
N VAL G 162 -38.55 -46.63 -47.04
CA VAL G 162 -37.83 -45.62 -47.78
C VAL G 162 -38.01 -45.97 -49.24
N ASP G 163 -37.87 -45.00 -50.14
CA ASP G 163 -38.08 -45.28 -51.57
C ASP G 163 -36.82 -45.83 -52.26
N ASP G 164 -36.96 -46.27 -53.52
CA ASP G 164 -35.86 -46.91 -54.27
C ASP G 164 -34.63 -46.04 -54.41
N ASN G 165 -34.85 -44.73 -54.44
CA ASN G 165 -33.77 -43.76 -54.45
C ASN G 165 -33.09 -43.55 -53.10
N GLY G 166 -33.66 -44.15 -52.06
CA GLY G 166 -33.16 -44.00 -50.69
C GLY G 166 -33.75 -42.82 -49.93
N VAL G 167 -34.74 -42.16 -50.53
CA VAL G 167 -35.33 -40.96 -49.94
C VAL G 167 -36.40 -41.32 -48.90
N PHE G 168 -36.31 -40.69 -47.74
CA PHE G 168 -37.24 -40.90 -46.64
C PHE G 168 -38.38 -39.90 -46.77
N HIS G 169 -39.59 -40.37 -46.59
CA HIS G 169 -40.79 -39.55 -46.78
C HIS G 169 -41.53 -39.46 -45.45
N ILE G 170 -41.59 -38.24 -44.89
CA ILE G 170 -42.24 -38.00 -43.61
C ILE G 170 -43.70 -38.51 -43.59
N GLU G 171 -44.42 -38.32 -44.68
CA GLU G 171 -45.82 -38.75 -44.76
C GLU G 171 -45.94 -40.27 -44.48
N GLU G 172 -44.89 -41.01 -44.81
CA GLU G 172 -44.86 -42.45 -44.59
C GLU G 172 -44.62 -42.83 -43.12
N PHE G 173 -43.80 -42.04 -42.44
CA PHE G 173 -43.61 -42.17 -40.99
C PHE G 173 -44.93 -41.86 -40.27
N GLU G 174 -45.57 -40.76 -40.68
CA GLU G 174 -46.77 -40.26 -40.00
C GLU G 174 -47.92 -41.25 -40.08
N LYS G 175 -48.08 -41.93 -41.21
CA LYS G 175 -49.14 -42.92 -41.41
C LYS G 175 -49.02 -44.09 -40.41
N ARG G 176 -47.80 -44.38 -39.95
CA ARG G 176 -47.52 -45.55 -39.12
C ARG G 176 -47.51 -45.26 -37.62
N LEU G 177 -47.66 -43.98 -37.27
CA LEU G 177 -47.92 -43.58 -35.89
C LEU G 177 -49.35 -43.93 -35.52
N SER G 178 -49.55 -44.46 -34.32
CA SER G 178 -50.88 -44.80 -33.83
C SER G 178 -50.98 -44.69 -32.31
N GLU G 179 -52.18 -44.86 -31.79
CA GLU G 179 -52.41 -44.88 -30.35
C GLU G 179 -51.57 -45.95 -29.64
N ARG G 180 -51.15 -46.99 -30.38
CA ARG G 180 -50.38 -48.08 -29.77
C ARG G 180 -48.88 -47.82 -29.78
N THR G 181 -48.44 -46.83 -30.55
CA THR G 181 -47.02 -46.48 -30.61
C THR G 181 -46.55 -45.92 -29.27
N LYS G 182 -45.57 -46.59 -28.66
CA LYS G 182 -45.02 -46.17 -27.37
C LYS G 182 -43.61 -45.61 -27.45
N LEU G 183 -42.93 -45.84 -28.57
CA LEU G 183 -41.57 -45.34 -28.75
C LEU G 183 -41.22 -45.34 -30.23
N VAL G 184 -40.45 -44.33 -30.62
CA VAL G 184 -39.86 -44.23 -31.92
C VAL G 184 -38.36 -44.36 -31.71
N ALA G 185 -37.73 -45.24 -32.47
CA ALA G 185 -36.28 -45.37 -32.49
C ALA G 185 -35.86 -45.34 -33.93
N ILE G 186 -35.04 -44.36 -34.30
CA ILE G 186 -34.79 -44.14 -35.71
C ILE G 186 -33.40 -43.57 -35.91
N THR G 187 -32.78 -43.88 -37.05
CA THR G 187 -31.44 -43.39 -37.36
C THR G 187 -31.44 -41.94 -37.83
N HIS G 188 -30.35 -41.24 -37.51
CA HIS G 188 -30.14 -39.88 -37.99
C HIS G 188 -29.61 -39.95 -39.41
N MET G 189 -28.64 -40.82 -39.63
CA MET G 189 -28.06 -41.04 -40.95
C MET G 189 -27.85 -42.52 -41.17
N SER G 190 -28.37 -43.01 -42.28
CA SER G 190 -28.22 -44.44 -42.65
C SER G 190 -26.75 -44.77 -42.90
N ASN G 191 -26.29 -45.82 -42.25
CA ASN G 191 -24.92 -46.26 -42.42
C ASN G 191 -24.67 -46.95 -43.78
N THR G 192 -25.70 -47.08 -44.63
CA THR G 192 -25.60 -47.72 -45.93
C THR G 192 -25.94 -46.79 -47.10
N LEU G 193 -27.11 -46.19 -47.01
CA LEU G 193 -27.58 -45.25 -48.03
C LEU G 193 -26.99 -43.85 -47.85
N GLY G 194 -26.59 -43.54 -46.61
CA GLY G 194 -26.17 -42.19 -46.25
C GLY G 194 -27.35 -41.23 -46.08
N THR G 195 -28.57 -41.74 -46.22
CA THR G 195 -29.76 -40.92 -46.16
C THR G 195 -29.87 -40.20 -44.82
N VAL G 196 -30.11 -38.89 -44.87
CA VAL G 196 -30.33 -38.11 -43.66
C VAL G 196 -31.82 -38.12 -43.37
N VAL G 197 -32.17 -38.50 -42.14
CA VAL G 197 -33.57 -38.54 -41.71
C VAL G 197 -33.98 -37.18 -41.12
N PRO G 198 -35.19 -36.66 -41.46
CA PRO G 198 -35.59 -35.34 -40.96
C PRO G 198 -36.08 -35.45 -39.52
N ILE G 199 -35.13 -35.47 -38.61
CA ILE G 199 -35.44 -35.83 -37.24
C ILE G 199 -36.22 -34.79 -36.45
N LYS G 200 -35.93 -33.50 -36.63
CA LYS G 200 -36.74 -32.46 -35.98
C LYS G 200 -38.21 -32.67 -36.28
N LYS G 201 -38.54 -32.84 -37.57
CA LYS G 201 -39.94 -33.00 -37.96
C LYS G 201 -40.55 -34.26 -37.32
N ILE G 202 -39.76 -35.32 -37.20
CA ILE G 202 -40.21 -36.59 -36.62
C ILE G 202 -40.54 -36.44 -35.15
N VAL G 203 -39.66 -35.77 -34.43
CA VAL G 203 -39.88 -35.47 -33.01
C VAL G 203 -41.14 -34.60 -32.80
N GLU G 204 -41.30 -33.57 -33.62
CA GLU G 204 -42.50 -32.73 -33.53
C GLU G 204 -43.76 -33.60 -33.62
N LEU G 205 -43.82 -34.48 -34.62
CA LEU G 205 -44.98 -35.37 -34.80
C LEU G 205 -45.16 -36.33 -33.63
N ALA G 206 -44.06 -36.89 -33.15
CA ALA G 206 -44.12 -37.87 -32.08
C ALA G 206 -44.56 -37.22 -30.77
N HIS G 207 -43.87 -36.13 -30.40
CA HIS G 207 -44.18 -35.43 -29.17
C HIS G 207 -45.61 -34.89 -29.11
N ALA G 208 -46.16 -34.49 -30.25
CA ALA G 208 -47.56 -34.10 -30.31
C ALA G 208 -48.50 -35.22 -29.84
N ARG G 209 -48.03 -36.46 -29.87
CA ARG G 209 -48.81 -37.59 -29.37
C ARG G 209 -48.32 -38.14 -28.04
N GLY G 210 -47.34 -37.49 -27.44
CA GLY G 210 -46.74 -37.96 -26.18
C GLY G 210 -45.76 -39.11 -26.32
N ILE G 211 -45.26 -39.36 -27.53
CA ILE G 211 -44.38 -40.50 -27.80
C ILE G 211 -42.90 -40.08 -27.81
N PRO G 212 -42.07 -40.72 -26.98
CA PRO G 212 -40.65 -40.39 -26.99
C PRO G 212 -39.88 -40.96 -28.19
N VAL G 213 -38.78 -40.28 -28.54
CA VAL G 213 -37.99 -40.61 -29.71
C VAL G 213 -36.54 -40.83 -29.34
N LEU G 214 -35.99 -41.97 -29.74
CA LEU G 214 -34.55 -42.21 -29.64
C LEU G 214 -33.95 -42.04 -31.02
N VAL G 215 -32.80 -41.39 -31.08
CA VAL G 215 -32.10 -41.20 -32.34
C VAL G 215 -30.76 -41.88 -32.34
N ASP G 216 -30.54 -42.75 -33.33
CA ASP G 216 -29.25 -43.41 -33.53
C ASP G 216 -28.39 -42.48 -34.36
N GLY G 217 -27.46 -41.81 -33.70
CA GLY G 217 -26.60 -40.83 -34.36
C GLY G 217 -25.16 -41.30 -34.52
N SER G 218 -24.98 -42.62 -34.51
CA SER G 218 -23.64 -43.20 -34.67
C SER G 218 -22.96 -42.72 -35.95
N GLN G 219 -23.74 -42.50 -37.02
CA GLN G 219 -23.18 -41.86 -38.23
C GLN G 219 -23.44 -40.39 -38.26
N GLY G 220 -24.64 -39.99 -37.87
CA GLY G 220 -25.04 -38.58 -37.87
C GLY G 220 -24.02 -37.67 -37.21
N ALA G 221 -23.53 -38.09 -36.06
CA ALA G 221 -22.57 -37.32 -35.29
C ALA G 221 -21.22 -37.15 -35.98
N VAL G 222 -20.90 -38.04 -36.88
CA VAL G 222 -19.63 -37.97 -37.59
C VAL G 222 -19.75 -36.97 -38.73
N HIS G 223 -20.94 -36.87 -39.30
CA HIS G 223 -21.13 -36.23 -40.61
C HIS G 223 -22.06 -35.04 -40.66
N LEU G 224 -22.75 -34.76 -39.57
CA LEU G 224 -23.69 -33.65 -39.50
C LEU G 224 -23.50 -32.79 -38.23
N PRO G 225 -23.76 -31.48 -38.34
CA PRO G 225 -23.92 -30.65 -37.13
C PRO G 225 -25.10 -31.17 -36.33
N VAL G 226 -24.90 -31.37 -35.03
CA VAL G 226 -25.92 -31.97 -34.20
C VAL G 226 -26.26 -31.04 -33.03
N ASP G 227 -27.53 -30.69 -32.91
CA ASP G 227 -28.02 -29.85 -31.83
C ASP G 227 -29.24 -30.53 -31.24
N VAL G 228 -29.02 -31.27 -30.15
CA VAL G 228 -30.08 -32.14 -29.61
C VAL G 228 -31.25 -31.37 -28.98
N GLN G 229 -31.06 -30.09 -28.71
CA GLN G 229 -32.16 -29.29 -28.22
C GLN G 229 -33.00 -28.77 -29.36
N ASP G 230 -32.36 -28.41 -30.46
CA ASP G 230 -33.09 -28.04 -31.66
C ASP G 230 -33.80 -29.25 -32.27
N LEU G 231 -33.18 -30.43 -32.16
CA LEU G 231 -33.84 -31.67 -32.57
C LEU G 231 -34.99 -31.99 -31.62
N GLY G 232 -34.78 -31.73 -30.33
CA GLY G 232 -35.79 -32.02 -29.31
C GLY G 232 -35.89 -33.50 -28.93
N CYS G 233 -35.02 -34.34 -29.46
CA CYS G 233 -35.18 -35.78 -29.28
C CYS G 233 -34.99 -36.17 -27.82
N ASP G 234 -35.70 -37.20 -27.39
CA ASP G 234 -35.61 -37.65 -26.01
C ASP G 234 -34.28 -38.31 -25.70
N TRP G 235 -33.75 -39.05 -26.66
CA TRP G 235 -32.42 -39.60 -26.54
C TRP G 235 -31.67 -39.51 -27.87
N TYR G 236 -30.35 -39.40 -27.77
CA TYR G 236 -29.48 -39.38 -28.93
C TYR G 236 -28.24 -40.18 -28.55
N VAL G 237 -27.85 -41.14 -29.40
CA VAL G 237 -26.67 -41.96 -29.12
C VAL G 237 -25.63 -41.80 -30.21
N PHE G 238 -24.35 -41.91 -29.85
CA PHE G 238 -23.29 -42.01 -30.84
C PHE G 238 -22.10 -42.81 -30.30
N THR G 239 -21.12 -43.09 -31.15
CA THR G 239 -20.03 -44.01 -30.78
C THR G 239 -18.66 -43.37 -31.04
N GLY G 240 -17.75 -43.54 -30.09
CA GLY G 240 -16.51 -42.78 -30.07
C GLY G 240 -15.57 -43.09 -31.19
N HIS G 241 -15.46 -44.36 -31.53
CA HIS G 241 -14.49 -44.80 -32.53
C HIS G 241 -14.78 -44.28 -33.94
N1 LLP G 242 -25.86 -47.53 -35.38
C2 LLP G 242 -25.33 -47.10 -36.56
C2' LLP G 242 -26.19 -46.33 -37.52
C3 LLP G 242 -23.90 -47.37 -36.87
O3 LLP G 242 -23.33 -46.97 -38.04
C4 LLP G 242 -23.09 -48.13 -35.88
C4' LLP G 242 -21.64 -48.49 -36.12
C5 LLP G 242 -23.80 -48.55 -34.65
C6 LLP G 242 -25.15 -48.21 -34.47
C5' LLP G 242 -23.06 -49.35 -33.59
OP4 LLP G 242 -21.97 -48.63 -33.07
P LLP G 242 -20.98 -49.46 -32.16
OP1 LLP G 242 -19.83 -48.57 -31.76
OP2 LLP G 242 -21.87 -49.95 -31.07
OP3 LLP G 242 -20.49 -50.57 -33.03
N LLP G 242 -16.03 -43.98 -34.23
CA LLP G 242 -16.40 -43.37 -35.52
CB LLP G 242 -17.86 -43.68 -35.80
CG LLP G 242 -18.03 -45.18 -35.94
CD LLP G 242 -19.41 -45.54 -36.46
CE LLP G 242 -19.60 -47.05 -36.46
NZ LLP G 242 -20.94 -47.43 -36.84
C LLP G 242 -16.18 -41.87 -35.56
O LLP G 242 -16.02 -41.31 -36.64
N VAL G 243 -16.20 -41.19 -34.40
CA VAL G 243 -15.88 -39.76 -34.35
C VAL G 243 -14.41 -39.52 -34.04
N TYR G 244 -13.55 -40.29 -34.69
CA TYR G 244 -12.12 -40.08 -34.64
C TYR G 244 -11.53 -40.32 -33.27
N GLY G 245 -12.26 -41.05 -32.44
CA GLY G 245 -11.89 -41.21 -31.04
C GLY G 245 -11.62 -42.64 -30.65
N PRO G 246 -11.28 -42.86 -29.37
CA PRO G 246 -10.91 -44.14 -28.86
C PRO G 246 -11.99 -45.17 -29.06
N SER G 247 -11.56 -46.41 -29.14
CA SER G 247 -12.45 -47.54 -28.99
C SER G 247 -12.85 -47.57 -27.51
N GLY G 248 -13.93 -48.28 -27.20
CA GLY G 248 -14.34 -48.53 -25.84
C GLY G 248 -15.14 -47.39 -25.24
N ILE G 249 -15.63 -46.46 -26.07
CA ILE G 249 -16.41 -45.37 -25.53
C ILE G 249 -17.62 -45.02 -26.39
N GLY G 250 -18.76 -44.96 -25.73
CA GLY G 250 -20.00 -44.51 -26.34
C GLY G 250 -20.66 -43.38 -25.54
N VAL G 251 -21.70 -42.80 -26.13
CA VAL G 251 -22.45 -41.79 -25.47
C VAL G 251 -23.94 -42.02 -25.62
N LEU G 252 -24.63 -41.90 -24.48
CA LEU G 252 -26.08 -41.73 -24.44
C LEU G 252 -26.46 -40.33 -23.94
N TYR G 253 -27.06 -39.53 -24.81
CA TYR G 253 -27.72 -38.29 -24.36
C TYR G 253 -29.18 -38.61 -24.13
N GLY G 254 -29.69 -38.16 -22.98
CA GLY G 254 -31.11 -38.21 -22.68
C GLY G 254 -31.58 -36.95 -21.96
N ARG G 255 -32.71 -36.42 -22.40
CA ARG G 255 -33.38 -35.33 -21.68
C ARG G 255 -33.54 -35.76 -20.23
N ALA G 256 -33.20 -34.86 -19.31
CA ALA G 256 -33.16 -35.17 -17.88
C ALA G 256 -34.40 -35.89 -17.35
N GLN G 257 -35.56 -35.45 -17.82
CA GLN G 257 -36.85 -35.96 -17.35
C GLN G 257 -37.05 -37.39 -17.83
N MET G 258 -36.48 -37.70 -19.00
CA MET G 258 -36.57 -39.04 -19.58
C MET G 258 -35.57 -40.00 -18.95
N LEU G 259 -34.36 -39.52 -18.68
CA LEU G 259 -33.36 -40.34 -17.97
C LEU G 259 -33.87 -40.68 -16.58
N GLU G 260 -34.55 -39.72 -15.96
CA GLU G 260 -35.05 -39.84 -14.59
C GLU G 260 -36.13 -40.89 -14.50
N LYS G 261 -37.00 -40.92 -15.50
CA LYS G 261 -37.99 -41.99 -15.65
C LYS G 261 -37.46 -43.42 -15.78
N MET G 262 -36.22 -43.58 -16.24
CA MET G 262 -35.68 -44.90 -16.53
C MET G 262 -35.15 -45.60 -15.29
N ARG G 263 -35.51 -46.84 -15.12
CA ARG G 263 -34.88 -47.69 -14.11
C ARG G 263 -33.44 -48.09 -14.53
N PRO G 264 -32.66 -48.61 -13.58
CA PRO G 264 -31.28 -48.94 -13.89
C PRO G 264 -31.17 -50.05 -14.92
N PHE G 265 -30.15 -49.96 -15.75
CA PHE G 265 -29.79 -51.04 -16.69
C PHE G 265 -28.76 -51.94 -16.02
N GLN G 266 -27.49 -51.57 -16.05
CA GLN G 266 -26.47 -52.32 -15.34
C GLN G 266 -26.37 -51.89 -13.88
N GLY G 267 -26.18 -52.88 -13.02
CA GLY G 267 -26.11 -52.66 -11.59
C GLY G 267 -24.72 -52.83 -11.01
N GLY G 268 -24.39 -52.01 -10.03
CA GLY G 268 -23.12 -52.17 -9.31
C GLY G 268 -22.60 -50.91 -8.63
N GLY G 269 -21.29 -50.90 -8.38
CA GLY G 269 -20.62 -49.76 -7.82
C GLY G 269 -20.96 -48.49 -8.59
N GLU G 270 -21.05 -47.37 -7.84
CA GLU G 270 -21.11 -46.03 -8.44
C GLU G 270 -22.46 -45.61 -9.06
N MET G 271 -23.43 -46.51 -9.06
CA MET G 271 -24.78 -46.16 -9.49
C MET G 271 -25.79 -46.38 -8.37
N ILE G 272 -25.30 -46.69 -7.17
CA ILE G 272 -26.16 -46.82 -6.00
C ILE G 272 -26.12 -45.57 -5.11
N GLU G 273 -27.10 -45.46 -4.25
CA GLU G 273 -27.08 -44.49 -3.14
C GLU G 273 -26.78 -45.26 -1.86
N GLU G 274 -27.64 -46.23 -1.54
CA GLU G 274 -27.42 -47.15 -0.43
C GLU G 274 -27.53 -48.62 -0.89
N VAL G 275 -26.62 -49.45 -0.38
CA VAL G 275 -26.72 -50.90 -0.50
C VAL G 275 -26.75 -51.53 0.89
N THR G 276 -27.85 -52.22 1.18
CA THR G 276 -27.96 -53.03 2.39
C THR G 276 -28.26 -54.47 1.99
N GLU G 277 -28.16 -55.38 2.94
CA GLU G 277 -28.51 -56.76 2.72
C GLU G 277 -29.92 -56.91 2.18
N GLU G 278 -30.80 -56.03 2.61
CA GLU G 278 -32.22 -56.16 2.34
C GLU G 278 -32.65 -55.48 1.04
N ASN G 279 -31.92 -54.45 0.63
CA ASN G 279 -32.37 -53.64 -0.49
C ASN G 279 -31.24 -52.81 -1.09
N VAL G 280 -31.51 -52.24 -2.27
CA VAL G 280 -30.61 -51.29 -2.91
C VAL G 280 -31.39 -50.07 -3.40
N THR G 281 -30.84 -48.86 -3.18
CA THR G 281 -31.44 -47.64 -3.72
C THR G 281 -30.43 -47.06 -4.68
N TYR G 282 -30.94 -46.32 -5.66
CA TYR G 282 -30.15 -45.90 -6.80
C TYR G 282 -29.87 -44.42 -6.89
N ASN G 283 -28.68 -44.10 -7.40
CA ASN G 283 -28.31 -42.74 -7.80
C ASN G 283 -29.27 -42.17 -8.81
N HIS G 284 -29.13 -40.88 -9.05
CA HIS G 284 -29.84 -40.23 -10.14
C HIS G 284 -28.95 -40.22 -11.38
N PRO G 285 -29.54 -39.94 -12.56
CA PRO G 285 -28.72 -39.80 -13.75
C PRO G 285 -27.70 -38.66 -13.65
N PRO G 286 -26.58 -38.73 -14.34
CA PRO G 286 -26.22 -39.80 -15.29
C PRO G 286 -25.62 -41.04 -14.62
N HIS G 287 -25.25 -40.91 -13.35
CA HIS G 287 -24.51 -41.92 -12.63
C HIS G 287 -25.34 -43.18 -12.39
N ARG G 288 -26.65 -43.02 -12.35
CA ARG G 288 -27.54 -44.16 -12.25
C ARG G 288 -27.22 -45.21 -13.32
N PHE G 289 -26.71 -44.75 -14.47
CA PHE G 289 -26.53 -45.59 -15.63
C PHE G 289 -25.08 -45.95 -15.94
N GLU G 290 -24.15 -45.64 -15.04
CA GLU G 290 -22.71 -45.88 -15.27
C GLU G 290 -22.22 -46.75 -14.14
N ALA G 291 -22.44 -48.04 -14.28
CA ALA G 291 -22.07 -49.03 -13.27
C ALA G 291 -20.60 -49.37 -13.39
N GLY G 292 -19.94 -49.50 -12.25
CA GLY G 292 -18.50 -49.75 -12.20
C GLY G 292 -17.59 -48.67 -12.79
N THR G 293 -16.29 -48.91 -12.70
CA THR G 293 -15.31 -48.03 -13.32
C THR G 293 -15.65 -47.83 -14.81
N PRO G 294 -15.81 -46.59 -15.25
CA PRO G 294 -16.13 -46.32 -16.63
C PRO G 294 -14.89 -46.27 -17.50
N PRO G 295 -15.06 -46.04 -18.81
CA PRO G 295 -13.90 -46.03 -19.71
C PRO G 295 -13.19 -44.68 -19.64
N ILE G 296 -12.42 -44.51 -18.56
CA ILE G 296 -11.90 -43.22 -18.12
C ILE G 296 -11.10 -42.55 -19.21
N VAL G 297 -10.02 -43.22 -19.60
CA VAL G 297 -9.06 -42.66 -20.54
C VAL G 297 -9.63 -42.60 -21.96
N GLN G 298 -10.61 -43.45 -22.23
CA GLN G 298 -11.31 -43.42 -23.52
C GLN G 298 -12.23 -42.19 -23.61
N ALA G 299 -12.90 -41.89 -22.51
CA ALA G 299 -13.69 -40.62 -22.40
C ALA G 299 -12.80 -39.40 -22.64
N ILE G 300 -11.68 -39.37 -21.95
CA ILE G 300 -10.71 -38.31 -22.15
C ILE G 300 -10.25 -38.21 -23.59
N GLY G 301 -9.88 -39.35 -24.19
CA GLY G 301 -9.50 -39.37 -25.59
C GLY G 301 -10.61 -38.95 -26.53
N LEU G 302 -11.84 -39.33 -26.24
CA LEU G 302 -13.00 -38.86 -27.00
C LEU G 302 -13.12 -37.31 -27.00
N GLY G 303 -13.03 -36.71 -25.81
CA GLY G 303 -12.92 -35.27 -25.68
C GLY G 303 -11.96 -34.62 -26.63
N ALA G 304 -10.74 -35.11 -26.66
CA ALA G 304 -9.73 -34.63 -27.62
C ALA G 304 -10.18 -34.78 -29.08
N ALA G 305 -10.91 -35.85 -29.35
CA ALA G 305 -11.36 -36.12 -30.71
C ALA G 305 -12.42 -35.13 -31.14
N LEU G 306 -13.39 -34.89 -30.26
CA LEU G 306 -14.42 -33.91 -30.55
C LEU G 306 -13.85 -32.48 -30.66
N GLU G 307 -12.81 -32.18 -29.90
CA GLU G 307 -12.14 -30.88 -30.01
C GLU G 307 -11.48 -30.77 -31.36
N TYR G 308 -10.91 -31.87 -31.84
CA TYR G 308 -10.29 -31.88 -33.14
C TYR G 308 -11.29 -31.48 -34.19
N MET G 309 -12.47 -32.09 -34.14
CA MET G 309 -13.54 -31.78 -35.10
C MET G 309 -13.95 -30.31 -35.03
N GLU G 310 -14.06 -29.76 -33.81
CA GLU G 310 -14.35 -28.35 -33.63
C GLU G 310 -13.25 -27.45 -34.21
N LYS G 311 -12.00 -27.82 -34.01
CA LYS G 311 -10.88 -27.06 -34.57
C LYS G 311 -10.97 -26.94 -36.11
N ILE G 312 -11.32 -28.02 -36.81
CA ILE G 312 -11.47 -27.96 -38.27
C ILE G 312 -12.71 -27.18 -38.65
N GLY G 313 -13.78 -27.37 -37.90
CA GLY G 313 -15.03 -26.65 -38.14
C GLY G 313 -16.03 -27.60 -38.75
N ARG G 314 -17.13 -27.81 -38.06
CA ARG G 314 -18.10 -28.84 -38.45
C ARG G 314 -18.78 -28.58 -39.78
N HIS G 315 -18.93 -27.30 -40.13
CA HIS G 315 -19.54 -26.92 -41.38
C HIS G 315 -18.53 -26.93 -42.51
N ALA G 316 -17.25 -26.71 -42.19
CA ALA G 316 -16.19 -26.92 -43.18
C ALA G 316 -16.11 -28.42 -43.55
N ILE G 317 -16.22 -29.28 -42.55
CA ILE G 317 -16.21 -30.73 -42.79
C ILE G 317 -17.38 -31.14 -43.69
N LEU G 318 -18.57 -30.67 -43.34
CA LEU G 318 -19.77 -30.95 -44.11
C LEU G 318 -19.61 -30.54 -45.57
N ALA G 319 -19.04 -29.38 -45.82
CA ALA G 319 -18.81 -28.92 -47.19
C ALA G 319 -17.84 -29.83 -47.93
N HIS G 320 -16.77 -30.22 -47.24
CA HIS G 320 -15.73 -31.05 -47.83
C HIS G 320 -16.25 -32.47 -48.14
N GLU G 321 -16.98 -33.06 -47.20
CA GLU G 321 -17.55 -34.38 -47.42
C GLU G 321 -18.64 -34.36 -48.47
N ALA G 322 -19.32 -33.23 -48.60
CA ALA G 322 -20.32 -33.08 -49.65
C ALA G 322 -19.65 -33.09 -51.03
N ASP G 323 -18.52 -32.41 -51.15
CA ASP G 323 -17.75 -32.40 -52.38
C ASP G 323 -17.29 -33.82 -52.72
N LEU G 324 -16.80 -34.56 -51.71
CA LEU G 324 -16.37 -35.93 -51.93
C LEU G 324 -17.52 -36.84 -52.37
N ARG G 325 -18.68 -36.66 -51.76
CA ARG G 325 -19.88 -37.40 -52.12
C ARG G 325 -20.24 -37.19 -53.58
N ASP G 326 -20.37 -35.93 -53.97
CA ASP G 326 -20.79 -35.55 -55.32
C ASP G 326 -19.80 -36.02 -56.37
N TYR G 327 -18.51 -35.85 -56.07
CA TYR G 327 -17.44 -36.27 -56.99
C TYR G 327 -17.40 -37.80 -57.12
N ALA G 328 -17.62 -38.51 -56.02
CA ALA G 328 -17.70 -39.97 -56.04
C ALA G 328 -18.88 -40.47 -56.87
N HIS G 329 -20.03 -39.83 -56.72
CA HIS G 329 -21.22 -40.19 -57.52
C HIS G 329 -20.98 -39.95 -59.00
N GLU G 330 -20.26 -38.88 -59.33
CA GLU G 330 -19.91 -38.57 -60.71
C GLU G 330 -18.97 -39.65 -61.29
N ARG G 331 -17.87 -39.88 -60.58
CA ARG G 331 -16.85 -40.81 -61.02
C ARG G 331 -17.35 -42.23 -61.12
N LEU G 332 -17.91 -42.76 -60.04
CA LEU G 332 -18.44 -44.14 -60.06
C LEU G 332 -19.60 -44.28 -61.03
N GLY G 333 -20.35 -43.20 -61.21
CA GLY G 333 -21.47 -43.19 -62.14
C GLY G 333 -21.03 -43.49 -63.56
N ARG G 334 -19.78 -43.15 -63.88
CA ARG G 334 -19.22 -43.45 -65.19
C ARG G 334 -18.79 -44.91 -65.39
N ILE G 335 -18.84 -45.72 -64.34
CA ILE G 335 -18.43 -47.11 -64.45
C ILE G 335 -19.61 -47.97 -64.89
N ASN G 336 -19.41 -48.67 -66.00
CA ASN G 336 -20.49 -49.33 -66.76
C ASN G 336 -21.54 -50.02 -65.90
N SER G 337 -21.12 -51.07 -65.20
CA SER G 337 -22.04 -51.98 -64.55
C SER G 337 -22.38 -51.64 -63.09
N LEU G 338 -22.01 -50.44 -62.65
CA LEU G 338 -22.04 -50.13 -61.22
C LEU G 338 -23.36 -49.50 -60.77
N ARG G 339 -23.91 -50.00 -59.67
CA ARG G 339 -25.14 -49.46 -59.05
C ARG G 339 -24.85 -48.89 -57.68
N ILE G 340 -25.33 -47.68 -57.41
CA ILE G 340 -25.21 -47.10 -56.07
C ILE G 340 -26.56 -47.24 -55.36
N PHE G 341 -26.51 -47.70 -54.12
CA PHE G 341 -27.70 -47.85 -53.29
C PHE G 341 -27.84 -46.63 -52.38
N GLY G 342 -28.78 -45.76 -52.71
CA GLY G 342 -29.05 -44.54 -51.96
C GLY G 342 -28.53 -43.32 -52.69
N ASN G 343 -29.43 -42.50 -53.22
CA ASN G 343 -29.06 -41.29 -53.95
C ASN G 343 -29.81 -40.03 -53.44
N ALA G 344 -30.15 -40.00 -52.16
CA ALA G 344 -30.79 -38.83 -51.58
C ALA G 344 -29.91 -37.58 -51.76
N PRO G 345 -30.52 -36.44 -52.15
CA PRO G 345 -29.75 -35.21 -52.42
C PRO G 345 -28.90 -34.67 -51.24
N ASP G 346 -29.34 -34.86 -50.01
CA ASP G 346 -28.61 -34.34 -48.85
C ASP G 346 -27.83 -35.44 -48.10
N LYS G 347 -27.56 -36.55 -48.77
CA LYS G 347 -26.98 -37.72 -48.10
C LYS G 347 -25.56 -37.44 -47.60
N GLY G 348 -25.18 -38.18 -46.58
CA GLY G 348 -23.79 -38.23 -46.14
C GLY G 348 -22.90 -38.98 -47.12
N ALA G 349 -21.59 -38.86 -46.93
CA ALA G 349 -20.60 -39.36 -47.87
C ALA G 349 -20.32 -40.84 -47.62
N ILE G 350 -21.38 -41.62 -47.75
CA ILE G 350 -21.35 -43.05 -47.54
C ILE G 350 -21.92 -43.60 -48.83
N ILE G 351 -21.14 -44.41 -49.52
CA ILE G 351 -21.50 -44.91 -50.84
C ILE G 351 -21.45 -46.42 -50.89
N SER G 352 -22.63 -47.02 -50.89
CA SER G 352 -22.81 -48.44 -51.00
C SER G 352 -23.11 -48.74 -52.45
N PHE G 353 -22.47 -49.79 -52.96
CA PHE G 353 -22.54 -50.10 -54.37
C PHE G 353 -22.27 -51.56 -54.68
N ALA G 354 -22.61 -51.95 -55.90
CA ALA G 354 -22.40 -53.30 -56.40
C ALA G 354 -22.02 -53.23 -57.87
N LEU G 355 -21.19 -54.15 -58.30
CA LEU G 355 -20.90 -54.36 -59.72
C LEU G 355 -21.69 -55.56 -60.21
N GLU G 356 -22.41 -55.38 -61.32
CA GLU G 356 -23.27 -56.43 -61.82
C GLU G 356 -22.42 -57.68 -62.09
N GLY G 357 -22.87 -58.81 -61.55
CA GLY G 357 -22.28 -60.12 -61.81
C GLY G 357 -21.02 -60.45 -61.01
N ILE G 358 -20.69 -59.62 -60.04
CA ILE G 358 -19.50 -59.84 -59.22
C ILE G 358 -19.89 -59.75 -57.74
N HIS G 359 -19.39 -60.67 -56.95
CA HIS G 359 -19.64 -60.68 -55.53
C HIS G 359 -18.87 -59.57 -54.83
N ALA G 360 -19.50 -58.97 -53.81
CA ALA G 360 -18.90 -57.84 -53.11
C ALA G 360 -17.57 -58.20 -52.44
N HIS G 361 -17.49 -59.41 -51.88
CA HIS G 361 -16.25 -59.89 -51.29
C HIS G 361 -15.14 -59.92 -52.27
N ASP G 362 -15.46 -60.30 -53.50
CA ASP G 362 -14.44 -60.38 -54.54
C ASP G 362 -13.89 -59.00 -54.83
N VAL G 363 -14.79 -58.05 -55.02
CA VAL G 363 -14.41 -56.66 -55.32
C VAL G 363 -13.54 -56.12 -54.21
N SER G 364 -13.97 -56.36 -52.98
CA SER G 364 -13.31 -55.85 -51.80
C SER G 364 -11.92 -56.44 -51.56
N MET G 365 -11.80 -57.77 -51.66
CA MET G 365 -10.52 -58.44 -51.46
C MET G 365 -9.52 -57.90 -52.45
N VAL G 366 -9.99 -57.68 -53.66
CA VAL G 366 -9.12 -57.37 -54.80
C VAL G 366 -8.58 -55.95 -54.75
N ILE G 367 -9.45 -54.99 -54.50
CA ILE G 367 -9.00 -53.60 -54.41
C ILE G 367 -8.18 -53.35 -53.13
N ASP G 368 -8.35 -54.20 -52.11
CA ASP G 368 -7.45 -54.17 -50.94
C ASP G 368 -6.00 -54.38 -51.33
N ARG G 369 -5.80 -55.20 -52.36
CA ARG G 369 -4.48 -55.48 -52.90
C ARG G 369 -3.87 -54.29 -53.62
N ALA G 370 -4.73 -53.40 -54.11
CA ALA G 370 -4.30 -52.15 -54.70
C ALA G 370 -4.09 -51.07 -53.62
N GLY G 371 -4.49 -51.36 -52.39
CA GLY G 371 -4.33 -50.43 -51.27
C GLY G 371 -5.62 -49.82 -50.78
N VAL G 372 -6.73 -50.12 -51.47
CA VAL G 372 -8.02 -49.51 -51.18
C VAL G 372 -8.83 -50.34 -50.19
N ALA G 373 -9.19 -49.69 -49.08
CA ALA G 373 -9.93 -50.31 -48.00
C ALA G 373 -11.38 -49.93 -48.07
N VAL G 374 -12.20 -50.89 -48.41
CA VAL G 374 -13.63 -50.74 -48.37
C VAL G 374 -14.20 -51.91 -47.57
N ARG G 375 -15.51 -51.97 -47.29
CA ARG G 375 -16.11 -53.14 -46.62
C ARG G 375 -17.21 -53.77 -47.45
N ALA G 376 -17.24 -55.09 -47.49
CA ALA G 376 -18.31 -55.85 -48.13
C ALA G 376 -19.06 -56.66 -47.09
N GLY G 377 -20.35 -56.90 -47.31
CA GLY G 377 -21.17 -57.67 -46.38
C GLY G 377 -22.50 -57.02 -46.07
N THR G 378 -23.06 -57.35 -44.89
CA THR G 378 -24.39 -56.82 -44.48
C THR G 378 -24.35 -55.40 -43.96
N HIS G 379 -23.19 -54.94 -43.50
CA HIS G 379 -23.10 -53.65 -42.78
C HIS G 379 -24.04 -53.58 -41.58
N CYS G 380 -24.29 -54.74 -40.96
CA CYS G 380 -25.20 -54.82 -39.84
C CYS G 380 -26.57 -54.17 -40.18
N ALA G 381 -27.04 -54.36 -41.41
CA ALA G 381 -28.34 -53.80 -41.86
C ALA G 381 -29.06 -54.73 -42.87
N GLN G 382 -29.29 -55.99 -42.48
CA GLN G 382 -29.84 -57.01 -43.37
C GLN G 382 -31.24 -56.71 -43.89
N PRO G 383 -32.14 -56.21 -43.00
CA PRO G 383 -33.49 -55.96 -43.49
C PRO G 383 -33.53 -54.90 -44.59
N LEU G 384 -32.61 -53.94 -44.49
CA LEU G 384 -32.46 -52.93 -45.52
C LEU G 384 -32.00 -53.56 -46.84
N LEU G 385 -30.96 -54.40 -46.79
CA LEU G 385 -30.47 -55.09 -47.97
C LEU G 385 -31.52 -56.02 -48.60
N LYS G 386 -32.27 -56.73 -47.77
CA LYS G 386 -33.35 -57.62 -48.28
C LYS G 386 -34.39 -56.80 -49.02
N ARG G 387 -34.77 -55.66 -48.43
CA ARG G 387 -35.70 -54.72 -49.07
C ARG G 387 -35.16 -54.14 -50.37
N PHE G 388 -33.83 -54.00 -50.49
CA PHE G 388 -33.21 -53.56 -51.73
C PHE G 388 -32.84 -54.71 -52.70
N GLY G 389 -33.14 -55.95 -52.31
CA GLY G 389 -32.97 -57.10 -53.20
C GLY G 389 -31.56 -57.68 -53.28
N VAL G 390 -30.77 -57.51 -52.23
CA VAL G 390 -29.40 -58.05 -52.19
C VAL G 390 -29.08 -58.63 -50.84
N THR G 391 -28.00 -59.40 -50.79
CA THR G 391 -27.50 -59.95 -49.54
C THR G 391 -26.23 -59.24 -49.07
N SER G 392 -25.49 -58.68 -50.01
CA SER G 392 -24.18 -58.09 -49.75
C SER G 392 -24.02 -56.82 -50.61
N THR G 393 -23.32 -55.80 -50.09
CA THR G 393 -22.81 -54.71 -50.93
C THR G 393 -21.42 -54.28 -50.51
N CYS G 394 -20.75 -53.53 -51.36
CA CYS G 394 -19.53 -52.83 -50.97
C CYS G 394 -19.88 -51.47 -50.45
N ARG G 395 -19.08 -50.98 -49.52
CA ARG G 395 -19.33 -49.66 -48.95
C ARG G 395 -18.03 -48.90 -48.84
N ALA G 396 -17.97 -47.77 -49.53
CA ALA G 396 -16.88 -46.82 -49.40
C ALA G 396 -17.47 -45.69 -48.59
N SER G 397 -16.89 -45.43 -47.44
CA SER G 397 -17.39 -44.40 -46.55
C SER G 397 -16.28 -43.38 -46.28
N PHE G 398 -16.58 -42.10 -46.53
CA PHE G 398 -15.56 -41.06 -46.53
C PHE G 398 -15.51 -40.30 -45.21
N ALA G 399 -14.34 -39.73 -44.92
CA ALA G 399 -14.11 -38.97 -43.69
C ALA G 399 -13.44 -37.63 -43.99
N LEU G 400 -13.23 -36.84 -42.94
CA LEU G 400 -12.70 -35.48 -43.08
C LEU G 400 -11.29 -35.43 -43.64
N TYR G 401 -10.54 -36.52 -43.52
CA TYR G 401 -9.16 -36.56 -44.03
C TYR G 401 -9.04 -37.15 -45.45
N ASN G 402 -10.14 -37.62 -46.02
CA ASN G 402 -10.09 -38.20 -47.37
C ASN G 402 -10.06 -37.13 -48.45
N THR G 403 -9.63 -37.52 -49.64
CA THR G 403 -9.43 -36.59 -50.73
C THR G 403 -10.09 -37.02 -52.03
N ARG G 404 -10.17 -36.08 -52.96
CA ARG G 404 -10.62 -36.38 -54.31
C ARG G 404 -9.73 -37.40 -55.02
N ALA G 405 -8.43 -37.36 -54.76
CA ALA G 405 -7.50 -38.29 -55.36
C ALA G 405 -7.80 -39.71 -54.89
N GLU G 406 -8.27 -39.85 -53.67
CA GLU G 406 -8.67 -41.14 -53.14
C GLU G 406 -9.95 -41.66 -53.79
N VAL G 407 -10.85 -40.74 -54.15
CA VAL G 407 -12.04 -41.11 -54.91
C VAL G 407 -11.62 -41.65 -56.27
N ASP G 408 -10.65 -40.99 -56.89
CA ASP G 408 -10.10 -41.45 -58.16
C ASP G 408 -9.46 -42.83 -58.04
N ALA G 409 -8.70 -43.04 -56.96
CA ALA G 409 -8.06 -44.32 -56.70
C ALA G 409 -9.11 -45.42 -56.52
N LEU G 410 -10.17 -45.11 -55.80
CA LEU G 410 -11.29 -46.03 -55.68
C LEU G 410 -11.87 -46.36 -57.05
N ALA G 411 -12.12 -45.33 -57.86
CA ALA G 411 -12.75 -45.49 -59.15
C ALA G 411 -11.88 -46.28 -60.12
N GLU G 412 -10.59 -45.98 -60.13
CA GLU G 412 -9.64 -46.71 -60.97
C GLU G 412 -9.60 -48.16 -60.56
N ALA G 413 -9.49 -48.42 -59.26
CA ALA G 413 -9.45 -49.78 -58.73
C ALA G 413 -10.72 -50.57 -59.05
N LEU G 414 -11.88 -49.91 -58.98
CA LEU G 414 -13.15 -50.57 -59.29
C LEU G 414 -13.29 -50.90 -60.77
N GLU G 415 -12.83 -50.01 -61.64
CA GLU G 415 -12.83 -50.26 -63.09
C GLU G 415 -11.91 -51.45 -63.40
N LYS G 416 -10.76 -51.50 -62.75
CA LYS G 416 -9.84 -52.63 -62.88
C LYS G 416 -10.40 -53.94 -62.38
N ALA G 417 -11.07 -53.89 -61.25
CA ALA G 417 -11.74 -55.06 -60.69
C ALA G 417 -12.79 -55.60 -61.67
N ARG G 418 -13.53 -54.70 -62.31
CA ARG G 418 -14.58 -55.09 -63.23
C ARG G 418 -14.04 -55.83 -64.43
N LYS G 419 -12.89 -55.36 -64.94
CA LYS G 419 -12.21 -56.01 -66.05
C LYS G 419 -11.63 -57.36 -65.62
N PHE G 420 -11.07 -57.41 -64.41
CA PHE G 420 -10.48 -58.63 -63.89
C PHE G 420 -11.49 -59.77 -63.82
N PHE G 421 -12.65 -59.52 -63.21
CA PHE G 421 -13.67 -60.55 -63.05
C PHE G 421 -14.60 -60.56 -64.27
N TYR H 19 13.80 -60.54 -6.84
CA TYR H 19 12.73 -59.51 -7.11
C TYR H 19 13.31 -58.09 -7.18
N ASP H 20 13.55 -57.59 -8.39
CA ASP H 20 14.16 -56.26 -8.57
C ASP H 20 13.09 -55.17 -8.67
N VAL H 21 12.55 -54.76 -7.53
CA VAL H 21 11.46 -53.78 -7.51
C VAL H 21 11.85 -52.41 -8.10
N GLU H 22 13.11 -51.99 -7.93
CA GLU H 22 13.56 -50.73 -8.54
C GLU H 22 13.51 -50.79 -10.05
N ALA H 23 13.91 -51.93 -10.62
CA ALA H 23 13.86 -52.12 -12.07
C ALA H 23 12.42 -52.15 -12.56
N ILE H 24 11.56 -52.82 -11.81
CA ILE H 24 10.13 -52.87 -12.11
C ILE H 24 9.51 -51.47 -12.12
N ARG H 25 9.80 -50.69 -11.09
CA ARG H 25 9.26 -49.33 -10.98
C ARG H 25 9.65 -48.46 -12.18
N ARG H 26 10.86 -48.65 -12.69
CA ARG H 26 11.31 -47.93 -13.89
C ARG H 26 10.46 -48.20 -15.14
N ASP H 27 9.69 -49.29 -15.16
CA ASP H 27 8.73 -49.53 -16.25
C ASP H 27 7.45 -48.68 -16.19
N PHE H 28 7.18 -48.05 -15.04
CA PHE H 28 5.94 -47.29 -14.80
C PHE H 28 6.21 -45.80 -14.71
N PRO H 29 6.03 -45.06 -15.81
CA PRO H 29 6.46 -43.65 -15.86
C PRO H 29 5.85 -42.79 -14.77
N ILE H 30 4.58 -43.00 -14.45
CA ILE H 30 3.90 -42.15 -13.48
C ILE H 30 4.54 -42.16 -12.09
N LEU H 31 5.16 -43.28 -11.71
CA LEU H 31 5.66 -43.46 -10.33
C LEU H 31 6.74 -42.46 -9.92
N SER H 32 7.38 -41.84 -10.91
CA SER H 32 8.45 -40.90 -10.66
C SER H 32 7.95 -39.46 -10.60
N ARG H 33 6.67 -39.22 -10.89
CA ARG H 33 6.15 -37.84 -10.84
C ARG H 33 5.96 -37.34 -9.41
N GLN H 34 5.87 -36.02 -9.28
CA GLN H 34 5.57 -35.39 -8.00
C GLN H 34 4.10 -34.99 -7.87
N VAL H 35 3.69 -34.83 -6.62
CA VAL H 35 2.31 -34.55 -6.25
C VAL H 35 2.35 -33.56 -5.08
N HIS H 36 1.78 -32.37 -5.26
CA HIS H 36 1.90 -31.23 -4.29
C HIS H 36 3.36 -30.92 -3.98
N GLY H 37 4.22 -30.97 -5.01
CA GLY H 37 5.67 -30.81 -4.84
C GLY H 37 6.34 -31.92 -4.04
N LYS H 38 5.64 -33.05 -3.86
CA LYS H 38 6.15 -34.13 -3.02
C LYS H 38 6.14 -35.46 -3.75
N THR H 39 6.92 -36.40 -3.23
CA THR H 39 7.06 -37.71 -3.86
C THR H 39 5.75 -38.49 -3.83
N LEU H 40 5.35 -39.02 -4.97
CA LEU H 40 4.16 -39.83 -5.04
C LEU H 40 4.39 -41.18 -4.35
N VAL H 41 3.39 -41.59 -3.56
CA VAL H 41 3.37 -42.91 -2.93
C VAL H 41 1.96 -43.43 -3.15
N TYR H 42 1.76 -44.16 -4.25
CA TYR H 42 0.42 -44.55 -4.71
C TYR H 42 0.01 -45.88 -4.11
N LEU H 43 -0.91 -45.81 -3.15
CA LEU H 43 -1.42 -46.97 -2.46
C LEU H 43 -2.95 -47.06 -2.58
N ASP H 44 -3.49 -46.64 -3.72
CA ASP H 44 -4.90 -46.86 -4.05
C ASP H 44 -5.07 -47.79 -5.26
N ASN H 45 -4.28 -48.87 -5.29
CA ASN H 45 -4.27 -49.79 -6.41
C ASN H 45 -5.55 -50.61 -6.51
N GLY H 46 -6.15 -50.93 -5.37
CA GLY H 46 -7.41 -51.65 -5.34
C GLY H 46 -8.55 -50.97 -6.07
N ALA H 47 -8.48 -49.63 -6.19
CA ALA H 47 -9.42 -48.86 -7.00
C ALA H 47 -9.01 -48.83 -8.46
N SER H 48 -7.72 -48.56 -8.72
CA SER H 48 -7.18 -48.75 -10.06
C SER H 48 -5.66 -48.71 -10.03
N ALA H 49 -5.05 -49.49 -10.91
CA ALA H 49 -3.58 -49.64 -10.91
C ALA H 49 -2.92 -48.81 -12.02
N GLN H 50 -1.65 -48.51 -11.82
CA GLN H 50 -0.88 -47.80 -12.83
C GLN H 50 -0.40 -48.78 -13.93
N LYS H 51 0.06 -48.18 -15.04
CA LYS H 51 0.29 -48.86 -16.26
C LYS H 51 1.77 -48.87 -16.58
N PRO H 52 2.31 -50.06 -16.95
CA PRO H 52 3.68 -50.09 -17.43
C PRO H 52 3.79 -49.47 -18.80
N GLN H 53 4.99 -49.01 -19.14
CA GLN H 53 5.25 -48.45 -20.47
C GLN H 53 4.81 -49.34 -21.65
N SER H 54 5.01 -50.66 -21.54
CA SER H 54 4.63 -51.58 -22.61
C SER H 54 3.13 -51.52 -22.93
N VAL H 55 2.30 -51.38 -21.90
CA VAL H 55 0.84 -51.22 -22.11
C VAL H 55 0.52 -49.93 -22.85
N ILE H 56 1.24 -48.88 -22.50
CA ILE H 56 1.01 -47.58 -23.11
C ILE H 56 1.48 -47.64 -24.56
N ASP H 57 2.65 -48.22 -24.76
CA ASP H 57 3.20 -48.44 -26.11
C ASP H 57 2.29 -49.30 -26.98
N ALA H 58 1.69 -50.34 -26.41
CA ALA H 58 0.78 -51.17 -27.18
C ALA H 58 -0.47 -50.38 -27.61
N VAL H 59 -1.05 -49.61 -26.68
CA VAL H 59 -2.17 -48.77 -27.03
C VAL H 59 -1.79 -47.78 -28.13
N THR H 60 -0.67 -47.09 -27.95
CA THR H 60 -0.23 -46.10 -28.91
C THR H 60 -0.01 -46.73 -30.29
N HIS H 61 0.75 -47.82 -30.33
CA HIS H 61 1.03 -48.50 -31.59
C HIS H 61 -0.25 -48.94 -32.32
N ALA H 62 -1.20 -49.51 -31.58
CA ALA H 62 -2.46 -49.93 -32.19
C ALA H 62 -3.17 -48.76 -32.90
N TYR H 63 -3.35 -47.63 -32.21
CA TYR H 63 -4.00 -46.46 -32.82
C TYR H 63 -3.19 -45.82 -33.93
N ALA H 64 -1.88 -45.75 -33.75
CA ALA H 64 -1.00 -45.04 -34.67
C ALA H 64 -0.71 -45.82 -35.97
N ASN H 65 -0.71 -47.15 -35.89
CA ASN H 65 -0.18 -47.97 -36.98
C ASN H 65 -1.00 -49.17 -37.45
N GLU H 66 -1.88 -49.69 -36.59
CA GLU H 66 -2.57 -50.94 -36.92
C GLU H 66 -4.06 -50.86 -36.49
N TYR H 67 -4.73 -49.79 -36.88
CA TYR H 67 -6.11 -49.54 -36.42
C TYR H 67 -7.19 -49.69 -37.49
N ALA H 68 -8.26 -50.37 -37.11
CA ALA H 68 -9.44 -50.59 -37.95
C ALA H 68 -10.46 -51.31 -37.09
N ASN H 69 -11.69 -51.47 -37.57
CA ASN H 69 -12.65 -52.35 -36.85
C ASN H 69 -12.31 -53.82 -37.08
N VAL H 70 -12.91 -54.70 -36.29
CA VAL H 70 -12.48 -56.12 -36.22
C VAL H 70 -13.46 -57.17 -36.72
N HIS H 75 -9.83 -56.17 -45.70
CA HIS H 75 -8.69 -55.30 -45.94
C HIS H 75 -7.58 -55.36 -44.86
N PHE H 76 -6.39 -54.90 -45.23
CA PHE H 76 -5.20 -55.12 -44.42
C PHE H 76 -5.37 -54.75 -42.97
N LEU H 77 -5.76 -53.49 -42.70
CA LEU H 77 -5.82 -53.04 -41.32
C LEU H 77 -6.87 -53.80 -40.53
N SER H 78 -8.00 -54.12 -41.13
CA SER H 78 -9.06 -54.82 -40.38
C SER H 78 -8.54 -56.17 -39.96
N ASN H 79 -7.74 -56.74 -40.84
CA ASN H 79 -7.04 -57.96 -40.53
C ASN H 79 -6.03 -57.86 -39.42
N ALA H 80 -5.19 -56.84 -39.49
CA ALA H 80 -4.13 -56.69 -38.52
C ALA H 80 -4.76 -56.47 -37.15
N ALA H 81 -5.86 -55.72 -37.12
CA ALA H 81 -6.50 -55.37 -35.83
C ALA H 81 -7.25 -56.58 -35.29
N THR H 82 -7.90 -57.34 -36.16
CA THR H 82 -8.59 -58.55 -35.72
C THR H 82 -7.56 -59.54 -35.13
N ASP H 83 -6.40 -59.65 -35.75
CA ASP H 83 -5.34 -60.50 -35.20
C ASP H 83 -4.91 -60.08 -33.82
N ALA H 84 -4.61 -58.80 -33.68
CA ALA H 84 -4.13 -58.25 -32.42
C ALA H 84 -5.20 -58.45 -31.34
N TYR H 85 -6.44 -58.29 -31.75
CA TYR H 85 -7.57 -58.45 -30.86
C TYR H 85 -7.68 -59.92 -30.46
N GLU H 86 -7.84 -60.80 -31.43
CA GLU H 86 -7.87 -62.25 -31.12
C GLU H 86 -6.66 -62.76 -30.36
N LYS H 87 -5.49 -62.20 -30.61
CA LYS H 87 -4.32 -62.54 -29.82
C LYS H 87 -4.51 -62.18 -28.31
N SER H 88 -5.09 -61.02 -28.01
CA SER H 88 -5.41 -60.69 -26.62
C SER H 88 -6.31 -61.72 -26.00
N ARG H 89 -7.27 -62.18 -26.79
CA ARG H 89 -8.25 -63.09 -26.26
C ARG H 89 -7.52 -64.32 -25.82
N GLU H 90 -6.52 -64.70 -26.60
CA GLU H 90 -5.68 -65.86 -26.30
C GLU H 90 -4.81 -65.63 -25.06
N THR H 91 -4.28 -64.42 -24.90
CA THR H 91 -3.50 -64.07 -23.71
C THR H 91 -4.32 -64.20 -22.43
N VAL H 92 -5.56 -63.74 -22.49
CA VAL H 92 -6.47 -63.85 -21.37
C VAL H 92 -6.75 -65.31 -21.04
N ARG H 93 -7.05 -66.06 -22.07
CA ARG H 93 -7.27 -67.50 -21.95
C ARG H 93 -6.11 -68.17 -21.22
N ARG H 94 -4.88 -67.92 -21.68
CA ARG H 94 -3.68 -68.47 -21.05
C ARG H 94 -3.51 -68.00 -19.62
N PHE H 95 -3.77 -66.71 -19.41
CA PHE H 95 -3.62 -66.12 -18.10
C PHE H 95 -4.54 -66.81 -17.09
N LEU H 96 -5.77 -67.08 -17.49
CA LEU H 96 -6.76 -67.71 -16.60
C LEU H 96 -6.69 -69.21 -16.65
N ASN H 97 -5.94 -69.73 -17.64
CA ASN H 97 -5.88 -71.13 -17.90
C ASN H 97 -7.24 -71.69 -18.26
N ALA H 98 -8.00 -70.94 -19.05
CA ALA H 98 -9.30 -71.42 -19.51
C ALA H 98 -9.08 -72.44 -20.61
N GLY H 99 -10.04 -73.34 -20.76
CA GLY H 99 -9.93 -74.44 -21.75
C GLY H 99 -9.75 -73.94 -23.18
N SER H 100 -10.50 -72.89 -23.52
CA SER H 100 -10.66 -72.41 -24.88
C SER H 100 -10.89 -70.91 -24.96
N VAL H 101 -10.38 -70.26 -26.00
CA VAL H 101 -10.64 -68.83 -26.21
C VAL H 101 -12.13 -68.49 -26.33
N ASP H 102 -12.94 -69.45 -26.76
CA ASP H 102 -14.37 -69.22 -26.90
C ASP H 102 -15.09 -69.08 -25.57
N GLU H 103 -14.37 -69.33 -24.46
CA GLU H 103 -14.91 -69.17 -23.11
C GLU H 103 -14.58 -67.79 -22.51
N ILE H 104 -13.90 -66.95 -23.31
CA ILE H 104 -13.52 -65.61 -22.90
C ILE H 104 -14.40 -64.60 -23.61
N VAL H 105 -15.18 -63.85 -22.83
CA VAL H 105 -16.00 -62.76 -23.33
C VAL H 105 -15.39 -61.44 -22.85
N PHE H 106 -15.18 -60.52 -23.77
CA PHE H 106 -14.73 -59.16 -23.44
C PHE H 106 -15.91 -58.24 -23.09
N THR H 107 -15.73 -57.47 -22.04
CA THR H 107 -16.73 -56.47 -21.58
C THR H 107 -16.12 -55.11 -21.28
N LYS H 108 -16.97 -54.14 -20.93
CA LYS H 108 -16.54 -52.80 -20.49
C LYS H 108 -15.71 -52.87 -19.20
N ASN H 109 -16.16 -53.72 -18.29
CA ASN H 109 -15.52 -53.86 -16.99
C ASN H 109 -16.05 -55.13 -16.30
N ALA H 110 -15.51 -55.44 -15.14
CA ALA H 110 -16.00 -56.57 -14.38
C ALA H 110 -17.47 -56.43 -14.04
N THR H 111 -17.89 -55.22 -13.72
CA THR H 111 -19.29 -54.99 -13.35
C THR H 111 -20.22 -55.47 -14.46
N GLU H 112 -19.94 -55.06 -15.70
CA GLU H 112 -20.73 -55.51 -16.84
C GLU H 112 -20.65 -57.05 -17.03
N ALA H 113 -19.48 -57.64 -16.79
CA ALA H 113 -19.34 -59.10 -16.83
C ALA H 113 -20.35 -59.79 -15.91
N ILE H 114 -20.49 -59.28 -14.69
CA ILE H 114 -21.40 -59.86 -13.71
C ILE H 114 -22.84 -59.66 -14.15
N ASN H 115 -23.18 -58.46 -14.62
CA ASN H 115 -24.51 -58.22 -15.20
C ASN H 115 -24.87 -59.15 -16.39
N THR H 116 -23.87 -59.50 -17.21
CA THR H 116 -24.09 -60.37 -18.35
C THR H 116 -24.65 -61.72 -17.88
N VAL H 117 -24.01 -62.27 -16.84
CA VAL H 117 -24.49 -63.49 -16.18
C VAL H 117 -25.85 -63.27 -15.48
N ALA H 118 -25.98 -62.16 -14.75
CA ALA H 118 -27.21 -61.91 -14.03
C ALA H 118 -28.41 -61.80 -14.97
N TYR H 119 -28.25 -61.11 -16.09
CA TYR H 119 -29.34 -60.98 -17.07
C TYR H 119 -29.46 -62.22 -17.97
N GLY H 120 -28.31 -62.80 -18.35
CA GLY H 120 -28.26 -63.91 -19.31
C GLY H 120 -28.65 -65.28 -18.74
N TYR H 121 -28.17 -65.57 -17.53
CA TYR H 121 -28.50 -66.78 -16.80
C TYR H 121 -29.53 -66.61 -15.69
N GLY H 122 -29.22 -65.69 -14.78
CA GLY H 122 -29.99 -65.54 -13.55
C GLY H 122 -31.46 -65.24 -13.75
N MET H 123 -31.74 -64.35 -14.68
CA MET H 123 -33.08 -63.89 -14.93
C MET H 123 -34.01 -64.98 -15.48
N PRO H 124 -33.59 -65.70 -16.53
CA PRO H 124 -34.41 -66.82 -17.03
C PRO H 124 -34.54 -68.00 -16.08
N PHE H 125 -33.55 -68.21 -15.22
CA PHE H 125 -33.48 -69.44 -14.42
C PHE H 125 -33.68 -69.27 -12.90
N ILE H 126 -33.84 -68.05 -12.43
CA ILE H 126 -34.03 -67.81 -10.99
C ILE H 126 -35.30 -66.99 -10.75
N GLY H 127 -36.23 -67.54 -9.95
CA GLY H 127 -37.56 -66.96 -9.76
C GLY H 127 -38.00 -66.84 -8.30
N GLU H 128 -39.31 -66.71 -8.10
CA GLU H 128 -39.88 -66.42 -6.79
C GLU H 128 -39.48 -67.47 -5.76
N GLY H 129 -38.81 -67.02 -4.72
CA GLY H 129 -38.43 -67.89 -3.62
C GLY H 129 -37.07 -68.52 -3.76
N ASP H 130 -36.56 -68.59 -4.99
CA ASP H 130 -35.22 -69.12 -5.24
C ASP H 130 -34.17 -68.26 -4.57
N GLU H 131 -33.07 -68.90 -4.19
CA GLU H 131 -32.04 -68.25 -3.39
C GLU H 131 -30.76 -68.02 -4.19
N ILE H 132 -30.15 -66.85 -4.01
CA ILE H 132 -28.84 -66.55 -4.55
C ILE H 132 -27.90 -66.33 -3.38
N LEU H 133 -26.82 -67.08 -3.34
CA LEU H 133 -25.96 -67.15 -2.17
C LEU H 133 -24.70 -66.38 -2.43
N LEU H 134 -24.48 -65.37 -1.60
CA LEU H 134 -23.33 -64.48 -1.71
C LEU H 134 -22.51 -64.55 -0.44
N SER H 135 -21.45 -63.76 -0.39
CA SER H 135 -20.78 -63.47 0.89
C SER H 135 -21.10 -62.04 1.36
N ILE H 136 -20.88 -61.79 2.65
CA ILE H 136 -21.02 -60.44 3.20
C ILE H 136 -19.94 -59.48 2.67
N MET H 137 -18.86 -60.04 2.12
CA MET H 137 -17.73 -59.24 1.62
C MET H 137 -17.93 -58.69 0.19
N GLU H 138 -19.01 -59.06 -0.49
CA GLU H 138 -19.18 -58.66 -1.88
C GLU H 138 -19.15 -57.14 -2.11
N HIS H 139 -18.37 -56.77 -3.11
CA HIS H 139 -18.42 -55.48 -3.77
C HIS H 139 -19.81 -55.32 -4.38
N HIS H 140 -20.28 -54.08 -4.43
CA HIS H 140 -21.63 -53.76 -4.90
C HIS H 140 -21.98 -54.36 -6.26
N SER H 141 -21.03 -54.33 -7.17
CA SER H 141 -21.15 -54.98 -8.50
C SER H 141 -21.44 -56.48 -8.48
N ASN H 142 -21.03 -57.18 -7.43
CA ASN H 142 -21.47 -58.55 -7.19
C ASN H 142 -22.63 -58.66 -6.20
N ILE H 143 -23.46 -57.62 -6.13
CA ILE H 143 -24.68 -57.63 -5.30
C ILE H 143 -25.87 -57.11 -6.10
N VAL H 144 -25.72 -55.91 -6.65
CA VAL H 144 -26.82 -55.22 -7.29
C VAL H 144 -27.47 -55.99 -8.46
N PRO H 145 -26.66 -56.58 -9.33
CA PRO H 145 -27.27 -57.40 -10.42
C PRO H 145 -28.16 -58.54 -9.90
N TRP H 146 -27.72 -59.19 -8.82
CA TRP H 146 -28.54 -60.19 -8.16
C TRP H 146 -29.77 -59.58 -7.48
N HIS H 147 -29.60 -58.42 -6.86
CA HIS H 147 -30.75 -57.69 -6.30
C HIS H 147 -31.85 -57.40 -7.32
N PHE H 148 -31.47 -57.15 -8.56
CA PHE H 148 -32.46 -56.99 -9.64
C PHE H 148 -33.40 -58.17 -9.73
N ILE H 149 -32.87 -59.38 -9.56
CA ILE H 149 -33.69 -60.57 -9.61
C ILE H 149 -34.59 -60.64 -8.37
N ARG H 150 -34.07 -60.26 -7.21
CA ARG H 150 -34.89 -60.16 -6.01
C ARG H 150 -36.03 -59.19 -6.24
N GLU H 151 -35.67 -58.01 -6.71
CA GLU H 151 -36.60 -56.89 -6.86
C GLU H 151 -37.62 -57.16 -7.97
N ARG H 152 -37.18 -57.72 -9.08
CA ARG H 152 -38.04 -57.87 -10.27
C ARG H 152 -38.74 -59.23 -10.36
N GLN H 153 -38.14 -60.29 -9.76
CA GLN H 153 -38.69 -61.65 -9.85
C GLN H 153 -38.88 -62.42 -8.53
N GLY H 154 -38.54 -61.80 -7.41
CA GLY H 154 -38.85 -62.34 -6.09
C GLY H 154 -37.86 -63.38 -5.59
N ALA H 155 -36.63 -63.35 -6.10
CA ALA H 155 -35.57 -64.17 -5.54
C ALA H 155 -35.15 -63.62 -4.18
N LYS H 156 -34.55 -64.47 -3.37
CA LYS H 156 -34.00 -64.05 -2.07
C LYS H 156 -32.47 -64.07 -2.17
N LEU H 157 -31.83 -63.05 -1.60
CA LEU H 157 -30.39 -63.03 -1.41
C LEU H 157 -30.03 -63.54 -0.03
N VAL H 158 -29.00 -64.37 0.05
CA VAL H 158 -28.50 -64.90 1.31
C VAL H 158 -27.02 -64.58 1.38
N PHE H 159 -26.55 -64.21 2.57
CA PHE H 159 -25.21 -63.69 2.75
C PHE H 159 -24.41 -64.56 3.69
N THR H 160 -23.36 -65.16 3.16
CA THR H 160 -22.47 -65.93 3.99
C THR H 160 -21.66 -64.94 4.83
N PRO H 161 -21.65 -65.13 6.15
CA PRO H 161 -20.83 -64.30 6.98
C PRO H 161 -19.32 -64.62 6.98
N VAL H 162 -18.61 -63.80 7.72
CA VAL H 162 -17.19 -63.95 7.95
C VAL H 162 -16.98 -63.61 9.42
N ASP H 163 -15.90 -64.08 10.02
CA ASP H 163 -15.66 -63.81 11.45
C ASP H 163 -14.91 -62.48 11.69
N ASP H 164 -14.76 -62.14 12.96
CA ASP H 164 -14.15 -60.85 13.40
C ASP H 164 -12.77 -60.60 12.86
N ASN H 165 -12.02 -61.69 12.72
CA ASN H 165 -10.66 -61.65 12.13
C ASN H 165 -10.72 -61.49 10.64
N GLY H 166 -11.90 -61.57 10.04
CA GLY H 166 -12.04 -61.51 8.57
C GLY H 166 -11.92 -62.87 7.91
N VAL H 167 -11.88 -63.92 8.72
CA VAL H 167 -11.65 -65.29 8.19
C VAL H 167 -12.98 -65.91 7.73
N PHE H 168 -12.93 -66.50 6.54
CA PHE H 168 -14.10 -67.15 5.92
C PHE H 168 -14.10 -68.63 6.31
N HIS H 169 -15.26 -69.14 6.68
CA HIS H 169 -15.40 -70.51 7.17
C HIS H 169 -16.30 -71.29 6.26
N ILE H 170 -15.76 -72.34 5.60
CA ILE H 170 -16.57 -73.14 4.64
C ILE H 170 -17.81 -73.72 5.29
N GLU H 171 -17.70 -74.16 6.52
CA GLU H 171 -18.85 -74.76 7.22
C GLU H 171 -20.04 -73.76 7.29
N GLU H 172 -19.74 -72.46 7.28
CA GLU H 172 -20.73 -71.37 7.30
C GLU H 172 -21.42 -71.18 5.93
N PHE H 173 -20.65 -71.32 4.86
CA PHE H 173 -21.19 -71.37 3.52
C PHE H 173 -22.09 -72.61 3.32
N GLU H 174 -21.60 -73.77 3.75
CA GLU H 174 -22.30 -75.04 3.53
C GLU H 174 -23.67 -75.10 4.21
N LYS H 175 -23.78 -74.50 5.39
CA LYS H 175 -25.06 -74.46 6.09
C LYS H 175 -26.14 -73.69 5.34
N ARG H 176 -25.73 -72.72 4.52
CA ARG H 176 -26.66 -71.82 3.85
C ARG H 176 -27.02 -72.28 2.45
N LEU H 177 -26.39 -73.36 1.98
CA LEU H 177 -26.83 -74.04 0.77
C LEU H 177 -28.12 -74.76 1.06
N SER H 178 -29.07 -74.71 0.12
CA SER H 178 -30.33 -75.45 0.27
C SER H 178 -30.91 -75.83 -1.08
N GLU H 179 -32.00 -76.58 -1.05
CA GLU H 179 -32.73 -76.96 -2.27
C GLU H 179 -33.19 -75.75 -3.07
N ARG H 180 -33.32 -74.59 -2.42
CA ARG H 180 -33.76 -73.38 -3.12
C ARG H 180 -32.62 -72.57 -3.74
N THR H 181 -31.38 -72.87 -3.37
CA THR H 181 -30.22 -72.18 -3.93
C THR H 181 -30.06 -72.49 -5.42
N LYS H 182 -30.13 -71.45 -6.25
CA LYS H 182 -29.99 -71.61 -7.69
C LYS H 182 -28.68 -71.07 -8.24
N LEU H 183 -27.97 -70.28 -7.46
CA LEU H 183 -26.70 -69.70 -7.90
C LEU H 183 -25.91 -69.22 -6.71
N VAL H 184 -24.59 -69.38 -6.82
CA VAL H 184 -23.65 -68.85 -5.88
C VAL H 184 -22.85 -67.80 -6.62
N ALA H 185 -22.74 -66.62 -6.04
CA ALA H 185 -21.92 -65.55 -6.59
C ALA H 185 -21.07 -65.06 -5.44
N ILE H 186 -19.76 -65.21 -5.56
CA ILE H 186 -18.92 -64.95 -4.42
C ILE H 186 -17.58 -64.41 -4.85
N THR H 187 -16.98 -63.54 -4.02
CA THR H 187 -15.66 -62.98 -4.34
C THR H 187 -14.51 -64.00 -4.16
N HIS H 188 -13.47 -63.85 -4.97
CA HIS H 188 -12.24 -64.57 -4.81
C HIS H 188 -11.40 -63.94 -3.70
N MET H 189 -11.29 -62.61 -3.75
CA MET H 189 -10.58 -61.85 -2.74
C MET H 189 -11.35 -60.59 -2.40
N SER H 190 -11.59 -60.40 -1.11
CA SER H 190 -12.27 -59.21 -0.62
C SER H 190 -11.47 -57.95 -0.91
N ASN H 191 -12.13 -56.97 -1.49
CA ASN H 191 -11.50 -55.70 -1.81
C ASN H 191 -11.28 -54.81 -0.58
N THR H 192 -11.69 -55.27 0.61
CA THR H 192 -11.56 -54.50 1.87
C THR H 192 -10.68 -55.23 2.91
N LEU H 193 -11.06 -56.48 3.19
CA LEU H 193 -10.35 -57.32 4.16
C LEU H 193 -9.11 -57.99 3.55
N GLY H 194 -9.12 -58.15 2.24
CA GLY H 194 -8.08 -58.88 1.53
C GLY H 194 -8.23 -60.36 1.72
N THR H 195 -9.29 -60.78 2.42
CA THR H 195 -9.56 -62.19 2.66
C THR H 195 -9.65 -63.02 1.36
N VAL H 196 -8.93 -64.13 1.30
CA VAL H 196 -8.99 -65.04 0.16
C VAL H 196 -10.06 -66.05 0.46
N VAL H 197 -10.99 -66.23 -0.46
CA VAL H 197 -12.08 -67.20 -0.31
C VAL H 197 -11.64 -68.56 -0.87
N PRO H 198 -11.91 -69.68 -0.15
CA PRO H 198 -11.51 -71.00 -0.67
C PRO H 198 -12.44 -71.48 -1.78
N ILE H 199 -12.20 -70.99 -2.97
CA ILE H 199 -13.16 -71.16 -4.04
C ILE H 199 -13.26 -72.58 -4.60
N LYS H 200 -12.14 -73.29 -4.75
CA LYS H 200 -12.24 -74.67 -5.22
C LYS H 200 -13.21 -75.42 -4.31
N LYS H 201 -13.03 -75.32 -3.00
CA LYS H 201 -13.88 -76.09 -2.07
C LYS H 201 -15.36 -75.68 -2.19
N ILE H 202 -15.60 -74.40 -2.44
CA ILE H 202 -16.95 -73.89 -2.63
C ILE H 202 -17.62 -74.47 -3.87
N VAL H 203 -16.90 -74.49 -4.98
CA VAL H 203 -17.39 -75.06 -6.23
C VAL H 203 -17.68 -76.56 -6.06
N GLU H 204 -16.79 -77.28 -5.39
CA GLU H 204 -17.01 -78.69 -5.13
C GLU H 204 -18.38 -78.91 -4.46
N LEU H 205 -18.63 -78.14 -3.38
CA LEU H 205 -19.89 -78.24 -2.64
C LEU H 205 -21.10 -77.85 -3.46
N ALA H 206 -20.95 -76.80 -4.26
CA ALA H 206 -22.05 -76.29 -5.07
C ALA H 206 -22.39 -77.27 -6.19
N HIS H 207 -21.37 -77.66 -6.95
CA HIS H 207 -21.58 -78.58 -8.06
C HIS H 207 -22.14 -79.92 -7.63
N ALA H 208 -21.79 -80.39 -6.43
CA ALA H 208 -22.40 -81.62 -5.90
C ALA H 208 -23.92 -81.51 -5.78
N ARG H 209 -24.45 -80.30 -5.74
CA ARG H 209 -25.90 -80.07 -5.72
C ARG H 209 -26.47 -79.58 -7.05
N GLY H 210 -25.63 -79.48 -8.08
CA GLY H 210 -26.04 -78.93 -9.38
C GLY H 210 -26.14 -77.41 -9.45
N ILE H 211 -25.53 -76.70 -8.50
CA ILE H 211 -25.63 -75.23 -8.43
C ILE H 211 -24.43 -74.53 -9.03
N PRO H 212 -24.65 -73.65 -10.01
CA PRO H 212 -23.49 -72.96 -10.62
C PRO H 212 -22.92 -71.84 -9.75
N VAL H 213 -21.64 -71.55 -9.97
CA VAL H 213 -20.90 -70.61 -9.17
C VAL H 213 -20.27 -69.54 -10.04
N LEU H 214 -20.54 -68.28 -9.71
CA LEU H 214 -19.81 -67.15 -10.31
C LEU H 214 -18.78 -66.66 -9.32
N VAL H 215 -17.58 -66.35 -9.81
CA VAL H 215 -16.53 -65.84 -8.97
C VAL H 215 -16.15 -64.44 -9.40
N ASP H 216 -16.19 -63.50 -8.46
CA ASP H 216 -15.74 -62.12 -8.68
C ASP H 216 -14.25 -62.08 -8.39
N GLY H 217 -13.47 -62.04 -9.46
CA GLY H 217 -12.01 -62.09 -9.33
C GLY H 217 -11.34 -60.76 -9.62
N SER H 218 -12.10 -59.66 -9.48
CA SER H 218 -11.59 -58.35 -9.81
C SER H 218 -10.33 -58.05 -9.00
N GLN H 219 -10.26 -58.55 -7.77
CA GLN H 219 -9.03 -58.41 -6.97
C GLN H 219 -8.20 -59.67 -7.03
N GLY H 220 -8.86 -60.82 -7.00
CA GLY H 220 -8.17 -62.11 -7.10
C GLY H 220 -7.15 -62.16 -8.22
N ALA H 221 -7.57 -61.73 -9.40
CA ALA H 221 -6.74 -61.81 -10.60
C ALA H 221 -5.50 -60.93 -10.52
N VAL H 222 -5.56 -59.89 -9.69
CA VAL H 222 -4.44 -58.96 -9.53
C VAL H 222 -3.40 -59.57 -8.59
N HIS H 223 -3.86 -60.37 -7.63
CA HIS H 223 -3.07 -60.75 -6.46
C HIS H 223 -2.85 -62.22 -6.22
N LEU H 224 -3.51 -63.07 -7.02
CA LEU H 224 -3.37 -64.53 -6.90
C LEU H 224 -3.14 -65.21 -8.27
N PRO H 225 -2.38 -66.32 -8.27
CA PRO H 225 -2.41 -67.24 -9.44
C PRO H 225 -3.81 -67.80 -9.63
N VAL H 226 -4.32 -67.73 -10.85
CA VAL H 226 -5.70 -68.14 -11.12
C VAL H 226 -5.72 -69.21 -12.19
N ASP H 227 -6.33 -70.34 -11.86
CA ASP H 227 -6.52 -71.46 -12.81
C ASP H 227 -7.98 -71.90 -12.79
N VAL H 228 -8.77 -71.39 -13.73
CA VAL H 228 -10.23 -71.52 -13.67
C VAL H 228 -10.72 -72.97 -13.91
N GLN H 229 -9.85 -73.82 -14.42
CA GLN H 229 -10.19 -75.24 -14.58
C GLN H 229 -9.90 -76.03 -13.32
N ASP H 230 -8.85 -75.65 -12.62
CA ASP H 230 -8.58 -76.20 -11.29
C ASP H 230 -9.59 -75.67 -10.25
N LEU H 231 -10.03 -74.46 -10.41
CA LEU H 231 -11.15 -73.92 -9.58
C LEU H 231 -12.46 -74.61 -9.95
N GLY H 232 -12.66 -74.87 -11.24
CA GLY H 232 -13.91 -75.47 -11.72
C GLY H 232 -15.10 -74.52 -11.81
N CYS H 233 -14.91 -73.22 -11.52
CA CYS H 233 -16.04 -72.32 -11.39
C CYS H 233 -16.74 -72.12 -12.72
N ASP H 234 -18.05 -71.92 -12.70
CA ASP H 234 -18.83 -71.77 -13.92
C ASP H 234 -18.55 -70.47 -14.61
N TRP H 235 -18.36 -69.40 -13.82
CA TRP H 235 -17.90 -68.15 -14.37
C TRP H 235 -16.84 -67.52 -13.49
N TYR H 236 -15.96 -66.73 -14.09
CA TYR H 236 -14.95 -65.96 -13.38
C TYR H 236 -14.86 -64.61 -14.07
N VAL H 237 -14.91 -63.52 -13.31
CA VAL H 237 -14.81 -62.19 -13.91
C VAL H 237 -13.60 -61.47 -13.35
N PHE H 238 -13.03 -60.58 -14.14
CA PHE H 238 -12.04 -59.63 -13.63
C PHE H 238 -12.03 -58.36 -14.45
N THR H 239 -11.25 -57.36 -14.03
CA THR H 239 -11.34 -56.03 -14.67
C THR H 239 -9.95 -55.59 -15.09
N GLY H 240 -9.85 -55.01 -16.29
CA GLY H 240 -8.56 -54.67 -16.86
C GLY H 240 -7.74 -53.63 -16.14
N HIS H 241 -8.41 -52.56 -15.68
CA HIS H 241 -7.70 -51.43 -15.09
C HIS H 241 -6.97 -51.81 -13.79
N1 LLP H 242 -15.65 -56.53 -7.64
C2 LLP H 242 -14.57 -56.33 -6.86
C2' LLP H 242 -14.22 -57.31 -5.76
C3 LLP H 242 -13.73 -55.11 -7.08
O3 LLP H 242 -12.63 -54.85 -6.30
C4 LLP H 242 -14.11 -54.19 -8.18
C4' LLP H 242 -13.31 -52.94 -8.47
C5 LLP H 242 -15.32 -54.54 -8.94
C6 LLP H 242 -16.01 -55.71 -8.63
C5' LLP H 242 -15.77 -53.66 -10.06
OP4 LLP H 242 -14.79 -53.56 -11.10
P LLP H 242 -15.06 -52.44 -12.19
OP1 LLP H 242 -13.91 -52.39 -13.12
OP2 LLP H 242 -16.37 -52.88 -12.75
OP3 LLP H 242 -15.16 -51.17 -11.41
N LLP H 242 -7.44 -52.83 -13.08
CA LLP H 242 -6.79 -53.28 -11.85
CB LLP H 242 -7.83 -53.98 -10.98
CG LLP H 242 -8.89 -52.98 -10.53
CD LLP H 242 -9.80 -53.56 -9.47
CE LLP H 242 -10.93 -52.57 -9.18
NZ LLP H 242 -11.89 -53.13 -8.26
C LLP H 242 -5.64 -54.22 -12.12
O LLP H 242 -4.73 -54.32 -11.29
N VAL H 243 -5.63 -54.88 -13.28
CA VAL H 243 -4.49 -55.71 -13.68
C VAL H 243 -3.51 -54.95 -14.54
N TYR H 244 -3.24 -53.70 -14.15
CA TYR H 244 -2.22 -52.88 -14.78
C TYR H 244 -2.53 -52.55 -16.22
N GLY H 245 -3.80 -52.68 -16.59
CA GLY H 245 -4.21 -52.54 -17.98
C GLY H 245 -5.14 -51.37 -18.24
N PRO H 246 -5.55 -51.21 -19.49
CA PRO H 246 -6.40 -50.12 -19.91
C PRO H 246 -7.71 -50.04 -19.10
N SER H 247 -8.23 -48.82 -18.98
CA SER H 247 -9.60 -48.64 -18.62
C SER H 247 -10.45 -49.10 -19.81
N GLY H 248 -11.72 -49.33 -19.54
CA GLY H 248 -12.66 -49.68 -20.60
C GLY H 248 -12.62 -51.13 -21.02
N ILE H 249 -12.01 -52.00 -20.21
CA ILE H 249 -11.99 -53.43 -20.60
C ILE H 249 -12.17 -54.39 -19.44
N GLY H 250 -13.13 -55.30 -19.60
CA GLY H 250 -13.39 -56.33 -18.61
C GLY H 250 -13.37 -57.71 -19.25
N VAL H 251 -13.39 -58.72 -18.40
CA VAL H 251 -13.43 -60.07 -18.87
C VAL H 251 -14.47 -60.90 -18.15
N LEU H 252 -15.27 -61.64 -18.91
CA LEU H 252 -16.11 -62.72 -18.41
C LEU H 252 -15.62 -64.05 -18.93
N TYR H 253 -15.12 -64.89 -18.03
CA TYR H 253 -14.88 -66.29 -18.37
C TYR H 253 -16.12 -67.08 -17.99
N GLY H 254 -16.57 -67.93 -18.90
CA GLY H 254 -17.63 -68.88 -18.60
C GLY H 254 -17.40 -70.23 -19.28
N ARG H 255 -17.59 -71.31 -18.52
CA ARG H 255 -17.55 -72.68 -19.07
C ARG H 255 -18.50 -72.71 -20.27
N ALA H 256 -18.03 -73.25 -21.37
CA ALA H 256 -18.76 -73.21 -22.64
C ALA H 256 -20.23 -73.59 -22.53
N GLN H 257 -20.48 -74.63 -21.73
CA GLN H 257 -21.83 -75.19 -21.58
C GLN H 257 -22.72 -74.19 -20.85
N MET H 258 -22.13 -73.42 -19.95
CA MET H 258 -22.86 -72.42 -19.20
C MET H 258 -23.10 -71.17 -20.00
N LEU H 259 -22.11 -70.77 -20.80
CA LEU H 259 -22.29 -69.63 -21.71
C LEU H 259 -23.39 -69.93 -22.72
N GLU H 260 -23.42 -71.18 -23.15
CA GLU H 260 -24.35 -71.63 -24.18
C GLU H 260 -25.79 -71.59 -23.68
N LYS H 261 -26.00 -72.00 -22.45
CA LYS H 261 -27.30 -71.90 -21.80
C LYS H 261 -27.83 -70.47 -21.61
N MET H 262 -26.96 -69.45 -21.65
CA MET H 262 -27.40 -68.06 -21.38
C MET H 262 -27.99 -67.39 -22.61
N ARG H 263 -29.12 -66.72 -22.43
CA ARG H 263 -29.70 -65.89 -23.49
C ARG H 263 -28.88 -64.58 -23.63
N PRO H 264 -29.09 -63.85 -24.72
CA PRO H 264 -28.33 -62.63 -24.92
C PRO H 264 -28.61 -61.58 -23.84
N PHE H 265 -27.57 -60.82 -23.49
CA PHE H 265 -27.69 -59.65 -22.59
C PHE H 265 -27.90 -58.41 -23.45
N GLN H 266 -26.83 -57.84 -23.98
CA GLN H 266 -26.95 -56.73 -24.91
C GLN H 266 -27.16 -57.20 -26.36
N GLY H 267 -28.03 -56.48 -27.06
CA GLY H 267 -28.41 -56.83 -28.41
C GLY H 267 -27.86 -55.88 -29.44
N GLY H 268 -27.47 -56.43 -30.60
CA GLY H 268 -27.05 -55.58 -31.71
C GLY H 268 -26.15 -56.22 -32.73
N GLY H 269 -25.41 -55.39 -33.44
CA GLY H 269 -24.42 -55.87 -34.37
C GLY H 269 -23.48 -56.91 -33.77
N GLU H 270 -23.07 -57.89 -34.59
CA GLU H 270 -21.98 -58.84 -34.25
C GLU H 270 -22.34 -59.95 -33.27
N MET H 271 -23.56 -59.94 -32.75
CA MET H 271 -24.02 -61.02 -31.86
C MET H 271 -25.23 -61.74 -32.47
N ILE H 272 -25.60 -61.36 -33.69
CA ILE H 272 -26.70 -62.00 -34.39
C ILE H 272 -26.17 -63.01 -35.41
N GLU H 273 -27.07 -63.88 -35.85
CA GLU H 273 -26.84 -64.73 -37.00
C GLU H 273 -27.66 -64.15 -38.16
N GLU H 274 -28.97 -64.10 -37.98
CA GLU H 274 -29.87 -63.46 -38.94
C GLU H 274 -30.76 -62.41 -38.28
N VAL H 275 -30.93 -61.28 -38.96
CA VAL H 275 -31.90 -60.26 -38.58
C VAL H 275 -32.87 -60.02 -39.74
N THR H 276 -34.16 -60.27 -39.48
CA THR H 276 -35.23 -59.87 -40.39
C THR H 276 -36.20 -58.94 -39.65
N GLU H 277 -37.10 -58.32 -40.40
CA GLU H 277 -38.13 -57.48 -39.80
C GLU H 277 -38.93 -58.24 -38.74
N GLU H 278 -39.13 -59.53 -38.99
CA GLU H 278 -40.02 -60.35 -38.18
C GLU H 278 -39.32 -61.02 -36.99
N ASN H 279 -38.02 -61.24 -37.07
CA ASN H 279 -37.34 -62.01 -36.04
C ASN H 279 -35.83 -61.83 -36.07
N VAL H 280 -35.19 -62.24 -34.99
CA VAL H 280 -33.72 -62.21 -34.86
C VAL H 280 -33.24 -63.55 -34.32
N THR H 281 -32.15 -64.07 -34.87
CA THR H 281 -31.50 -65.26 -34.32
C THR H 281 -30.09 -64.87 -33.92
N TYR H 282 -29.53 -65.60 -32.95
CA TYR H 282 -28.31 -65.19 -32.28
C TYR H 282 -27.10 -66.09 -32.55
N ASN H 283 -25.95 -65.46 -32.60
CA ASN H 283 -24.64 -66.11 -32.54
C ASN H 283 -24.49 -67.03 -31.36
N HIS H 284 -23.42 -67.81 -31.38
CA HIS H 284 -23.03 -68.58 -30.21
C HIS H 284 -21.97 -67.81 -29.43
N PRO H 285 -21.72 -68.19 -28.15
CA PRO H 285 -20.64 -67.55 -27.41
C PRO H 285 -19.26 -67.74 -28.07
N PRO H 286 -18.30 -66.87 -27.82
CA PRO H 286 -18.44 -65.65 -26.96
C PRO H 286 -19.14 -64.46 -27.62
N HIS H 287 -19.31 -64.50 -28.94
CA HIS H 287 -19.82 -63.39 -29.72
C HIS H 287 -21.26 -63.07 -29.42
N ARG H 288 -22.01 -64.08 -29.00
CA ARG H 288 -23.39 -63.86 -28.57
C ARG H 288 -23.47 -62.72 -27.56
N PHE H 289 -22.41 -62.54 -26.77
CA PHE H 289 -22.41 -61.60 -25.64
C PHE H 289 -21.59 -60.33 -25.87
N GLU H 290 -21.11 -60.10 -27.10
CA GLU H 290 -20.30 -58.93 -27.42
C GLU H 290 -21.02 -58.17 -28.52
N ALA H 291 -21.96 -57.32 -28.09
CA ALA H 291 -22.77 -56.53 -29.00
C ALA H 291 -21.99 -55.29 -29.43
N GLY H 292 -22.10 -54.92 -30.69
CA GLY H 292 -21.37 -53.82 -31.26
C GLY H 292 -19.84 -53.90 -31.25
N THR H 293 -19.21 -52.84 -31.76
CA THR H 293 -17.77 -52.69 -31.70
C THR H 293 -17.28 -52.84 -30.27
N PRO H 294 -16.36 -53.76 -30.03
CA PRO H 294 -15.88 -53.97 -28.67
C PRO H 294 -14.72 -53.04 -28.35
N PRO H 295 -14.19 -53.10 -27.12
CA PRO H 295 -13.10 -52.20 -26.76
C PRO H 295 -11.77 -52.73 -27.31
N ILE H 296 -11.59 -52.50 -28.59
CA ILE H 296 -10.55 -53.16 -29.40
C ILE H 296 -9.18 -52.93 -28.82
N VAL H 297 -8.80 -51.66 -28.76
CA VAL H 297 -7.45 -51.27 -28.38
C VAL H 297 -7.22 -51.48 -26.88
N GLN H 298 -8.30 -51.47 -26.13
CA GLN H 298 -8.24 -51.74 -24.69
C GLN H 298 -7.96 -53.24 -24.45
N ALA H 299 -8.60 -54.09 -25.23
CA ALA H 299 -8.29 -55.53 -25.22
C ALA H 299 -6.82 -55.75 -25.52
N ILE H 300 -6.35 -55.16 -26.60
CA ILE H 300 -4.94 -55.28 -26.97
C ILE H 300 -4.06 -54.82 -25.84
N GLY H 301 -4.36 -53.64 -25.28
CA GLY H 301 -3.57 -53.14 -24.15
C GLY H 301 -3.62 -54.06 -22.93
N LEU H 302 -4.77 -54.67 -22.68
CA LEU H 302 -4.90 -55.66 -21.60
C LEU H 302 -3.94 -56.84 -21.79
N GLY H 303 -3.93 -57.39 -23.00
CA GLY H 303 -2.95 -58.40 -23.38
C GLY H 303 -1.54 -58.06 -22.97
N ALA H 304 -1.09 -56.88 -23.33
CA ALA H 304 0.24 -56.41 -22.95
C ALA H 304 0.42 -56.36 -21.43
N ALA H 305 -0.65 -55.99 -20.72
CA ALA H 305 -0.58 -55.90 -19.28
C ALA H 305 -0.44 -57.27 -18.63
N LEU H 306 -1.24 -58.23 -19.08
CA LEU H 306 -1.11 -59.59 -18.58
C LEU H 306 0.25 -60.21 -18.92
N GLU H 307 0.82 -59.85 -20.06
CA GLU H 307 2.17 -60.33 -20.42
C GLU H 307 3.18 -59.75 -19.47
N TYR H 308 2.98 -58.49 -19.11
CA TYR H 308 3.85 -57.83 -18.15
C TYR H 308 3.89 -58.61 -16.84
N MET H 309 2.71 -58.97 -16.33
CA MET H 309 2.61 -59.78 -15.12
C MET H 309 3.30 -61.14 -15.27
N GLU H 310 3.15 -61.79 -16.42
CA GLU H 310 3.85 -63.05 -16.68
C GLU H 310 5.36 -62.85 -16.70
N LYS H 311 5.83 -61.76 -17.30
CA LYS H 311 7.29 -61.49 -17.36
C LYS H 311 7.90 -61.40 -15.95
N ILE H 312 7.22 -60.72 -15.02
CA ILE H 312 7.72 -60.61 -13.66
C ILE H 312 7.61 -61.95 -12.93
N GLY H 313 6.51 -62.66 -13.17
CA GLY H 313 6.29 -63.98 -12.57
C GLY H 313 5.24 -63.84 -11.48
N ARG H 314 4.12 -64.55 -11.65
CA ARG H 314 2.98 -64.42 -10.77
C ARG H 314 3.24 -64.85 -9.34
N HIS H 315 4.14 -65.80 -9.17
CA HIS H 315 4.49 -66.28 -7.85
C HIS H 315 5.54 -65.37 -7.21
N ALA H 316 6.36 -64.71 -8.01
CA ALA H 316 7.31 -63.74 -7.49
C ALA H 316 6.51 -62.54 -6.96
N ILE H 317 5.47 -62.14 -7.69
CA ILE H 317 4.59 -61.09 -7.26
C ILE H 317 3.93 -61.43 -5.92
N LEU H 318 3.36 -62.65 -5.85
CA LEU H 318 2.70 -63.11 -4.64
C LEU H 318 3.63 -63.07 -3.43
N ALA H 319 4.88 -63.49 -3.61
CA ALA H 319 5.86 -63.44 -2.53
C ALA H 319 6.15 -62.00 -2.10
N HIS H 320 6.29 -61.10 -3.07
CA HIS H 320 6.62 -59.70 -2.80
C HIS H 320 5.46 -58.96 -2.11
N GLU H 321 4.24 -59.17 -2.59
CA GLU H 321 3.07 -58.58 -1.97
C GLU H 321 2.81 -59.15 -0.59
N ALA H 322 3.18 -60.42 -0.37
CA ALA H 322 3.06 -61.04 0.95
C ALA H 322 4.01 -60.39 1.95
N ASP H 323 5.23 -60.11 1.50
CA ASP H 323 6.18 -59.37 2.31
C ASP H 323 5.64 -57.96 2.68
N LEU H 324 5.08 -57.25 1.70
CA LEU H 324 4.53 -55.93 1.94
C LEU H 324 3.37 -55.98 2.93
N ARG H 325 2.53 -57.00 2.79
CA ARG H 325 1.38 -57.18 3.69
C ARG H 325 1.85 -57.34 5.12
N ASP H 326 2.77 -58.27 5.32
CA ASP H 326 3.27 -58.61 6.65
C ASP H 326 4.00 -57.43 7.29
N TYR H 327 4.81 -56.75 6.49
CA TYR H 327 5.55 -55.58 6.97
C TYR H 327 4.60 -54.41 7.32
N ALA H 328 3.56 -54.22 6.51
CA ALA H 328 2.54 -53.21 6.80
C ALA H 328 1.79 -53.50 8.09
N HIS H 329 1.43 -54.77 8.29
CA HIS H 329 0.76 -55.17 9.53
C HIS H 329 1.64 -54.92 10.76
N GLU H 330 2.94 -55.15 10.60
CA GLU H 330 3.89 -54.93 11.69
C GLU H 330 3.97 -53.44 11.99
N ARG H 331 4.24 -52.66 10.95
CA ARG H 331 4.45 -51.22 11.12
C ARG H 331 3.23 -50.48 11.61
N LEU H 332 2.09 -50.65 10.93
CA LEU H 332 0.83 -50.03 11.37
C LEU H 332 0.37 -50.56 12.73
N GLY H 333 0.67 -51.82 13.01
CA GLY H 333 0.34 -52.42 14.30
C GLY H 333 0.99 -51.69 15.47
N ARG H 334 2.14 -51.05 15.21
CA ARG H 334 2.84 -50.27 16.21
C ARG H 334 2.20 -48.88 16.44
N ILE H 335 1.20 -48.50 15.65
CA ILE H 335 0.54 -47.19 15.82
C ILE H 335 -0.63 -47.28 16.81
N ASN H 336 -0.55 -46.45 17.85
CA ASN H 336 -1.38 -46.56 19.06
C ASN H 336 -2.85 -46.91 18.81
N SER H 337 -3.56 -45.99 18.19
CA SER H 337 -4.99 -46.07 18.11
C SER H 337 -5.54 -46.78 16.85
N LEU H 338 -4.67 -47.46 16.11
CA LEU H 338 -5.03 -47.93 14.78
C LEU H 338 -5.62 -49.35 14.79
N ARG H 339 -6.73 -49.53 14.07
CA ARG H 339 -7.34 -50.84 13.90
C ARG H 339 -7.31 -51.28 12.43
N ILE H 340 -6.91 -52.52 12.18
CA ILE H 340 -6.98 -53.09 10.83
C ILE H 340 -8.18 -54.01 10.72
N PHE H 341 -8.94 -53.84 9.65
CA PHE H 341 -10.14 -54.65 9.40
C PHE H 341 -9.76 -55.77 8.43
N GLY H 342 -9.64 -56.99 8.97
CA GLY H 342 -9.30 -58.17 8.20
C GLY H 342 -7.86 -58.56 8.48
N ASN H 343 -7.70 -59.69 9.18
CA ASN H 343 -6.37 -60.23 9.53
C ASN H 343 -6.19 -61.69 9.14
N ALA H 344 -6.88 -62.15 8.09
CA ALA H 344 -6.71 -63.53 7.64
C ALA H 344 -5.25 -63.81 7.29
N PRO H 345 -4.72 -64.98 7.69
CA PRO H 345 -3.29 -65.33 7.44
C PRO H 345 -2.85 -65.29 5.98
N ASP H 346 -3.75 -65.64 5.06
CA ASP H 346 -3.37 -65.74 3.62
C ASP H 346 -3.91 -64.55 2.81
N LYS H 347 -4.22 -63.44 3.48
CA LYS H 347 -4.88 -62.31 2.81
C LYS H 347 -4.00 -61.65 1.80
N GLY H 348 -4.64 -61.03 0.81
CA GLY H 348 -3.96 -60.15 -0.11
C GLY H 348 -3.51 -58.86 0.55
N ALA H 349 -2.69 -58.11 -0.15
CA ALA H 349 -2.03 -56.92 0.40
C ALA H 349 -2.95 -55.71 0.28
N ILE H 350 -4.10 -55.84 0.92
CA ILE H 350 -5.11 -54.81 0.97
C ILE H 350 -5.34 -54.59 2.45
N ILE H 351 -5.09 -53.36 2.88
CA ILE H 351 -5.16 -53.03 4.30
C ILE H 351 -6.14 -51.88 4.56
N SER H 352 -7.29 -52.24 5.10
CA SER H 352 -8.32 -51.32 5.51
C SER H 352 -8.17 -51.06 6.99
N PHE H 353 -8.26 -49.79 7.37
CA PHE H 353 -7.98 -49.39 8.74
C PHE H 353 -8.67 -48.10 9.13
N ALA H 354 -8.67 -47.85 10.43
CA ALA H 354 -9.24 -46.65 11.02
C ALA H 354 -8.38 -46.22 12.19
N LEU H 355 -8.31 -44.91 12.41
CA LEU H 355 -7.73 -44.36 13.61
C LEU H 355 -8.84 -43.92 14.56
N GLU H 356 -8.76 -44.33 15.82
CA GLU H 356 -9.83 -44.07 16.79
C GLU H 356 -10.03 -42.58 16.89
N GLY H 357 -11.28 -42.16 16.74
CA GLY H 357 -11.69 -40.77 16.96
C GLY H 357 -11.42 -39.82 15.80
N ILE H 358 -11.01 -40.36 14.65
CA ILE H 358 -10.71 -39.52 13.49
C ILE H 358 -11.45 -40.06 12.29
N HIS H 359 -12.05 -39.17 11.52
CA HIS H 359 -12.74 -39.54 10.29
C HIS H 359 -11.77 -39.98 9.23
N ALA H 360 -12.16 -40.98 8.45
CA ALA H 360 -11.29 -41.49 7.41
C ALA H 360 -10.95 -40.40 6.39
N HIS H 361 -11.93 -39.58 6.05
CA HIS H 361 -11.73 -38.54 5.03
C HIS H 361 -10.67 -37.56 5.51
N ASP H 362 -10.64 -37.29 6.81
CA ASP H 362 -9.62 -36.43 7.38
C ASP H 362 -8.23 -37.03 7.20
N VAL H 363 -8.09 -38.30 7.56
CA VAL H 363 -6.82 -39.02 7.47
C VAL H 363 -6.31 -39.03 6.03
N SER H 364 -7.21 -39.35 5.10
CA SER H 364 -6.86 -39.43 3.66
C SER H 364 -6.52 -38.09 3.04
N MET H 365 -7.31 -37.04 3.34
CA MET H 365 -7.02 -35.71 2.76
C MET H 365 -5.64 -35.24 3.19
N VAL H 366 -5.35 -35.52 4.45
CA VAL H 366 -4.14 -35.01 5.08
C VAL H 366 -2.87 -35.71 4.60
N ILE H 367 -2.88 -37.04 4.56
CA ILE H 367 -1.69 -37.76 4.07
C ILE H 367 -1.49 -37.57 2.56
N ASP H 368 -2.55 -37.24 1.83
CA ASP H 368 -2.40 -36.87 0.41
C ASP H 368 -1.48 -35.67 0.24
N ARG H 369 -1.53 -34.78 1.22
CA ARG H 369 -0.66 -33.60 1.24
C ARG H 369 0.79 -33.95 1.47
N ALA H 370 1.03 -35.08 2.11
CA ALA H 370 2.37 -35.61 2.29
C ALA H 370 2.81 -36.40 1.07
N GLY H 371 1.90 -36.66 0.14
CA GLY H 371 2.18 -37.42 -1.08
C GLY H 371 1.56 -38.80 -1.12
N VAL H 372 0.95 -39.22 -0.01
CA VAL H 372 0.43 -40.60 0.12
C VAL H 372 -1.03 -40.69 -0.33
N ALA H 373 -1.25 -41.57 -1.30
CA ALA H 373 -2.56 -41.80 -1.88
C ALA H 373 -3.21 -43.06 -1.31
N VAL H 374 -4.22 -42.87 -0.47
CA VAL H 374 -5.06 -43.95 0.01
C VAL H 374 -6.48 -43.57 -0.34
N ARG H 375 -7.44 -44.44 -0.09
CA ARG H 375 -8.85 -44.09 -0.31
C ARG H 375 -9.65 -44.24 0.97
N ALA H 376 -10.55 -43.30 1.21
CA ALA H 376 -11.47 -43.38 2.31
C ALA H 376 -12.88 -43.50 1.76
N GLY H 377 -13.77 -44.12 2.52
CA GLY H 377 -15.18 -44.25 2.09
C GLY H 377 -15.71 -45.66 2.22
N THR H 378 -16.72 -45.99 1.41
CA THR H 378 -17.39 -47.29 1.47
C THR H 378 -16.66 -48.41 0.78
N HIS H 379 -15.78 -48.07 -0.17
CA HIS H 379 -15.12 -49.06 -1.05
C HIS H 379 -16.14 -49.94 -1.78
N CYS H 380 -17.30 -49.36 -2.07
CA CYS H 380 -18.38 -50.10 -2.74
C CYS H 380 -18.70 -51.42 -2.00
N ALA H 381 -18.65 -51.38 -0.67
CA ALA H 381 -18.92 -52.58 0.16
C ALA H 381 -19.61 -52.22 1.51
N GLN H 382 -20.76 -51.55 1.41
CA GLN H 382 -21.47 -50.99 2.57
C GLN H 382 -21.97 -52.05 3.53
N PRO H 383 -22.51 -53.17 3.00
CA PRO H 383 -23.02 -54.17 3.95
C PRO H 383 -21.93 -54.77 4.82
N LEU H 384 -20.74 -54.87 4.26
CA LEU H 384 -19.59 -55.33 5.00
C LEU H 384 -19.24 -54.35 6.10
N LEU H 385 -19.13 -53.07 5.76
CA LEU H 385 -18.84 -52.02 6.76
C LEU H 385 -19.91 -51.84 7.85
N LYS H 386 -21.18 -51.96 7.48
CA LYS H 386 -22.26 -51.94 8.44
C LYS H 386 -22.14 -53.08 9.43
N ARG H 387 -21.84 -54.30 8.93
CA ARG H 387 -21.62 -55.40 9.88
C ARG H 387 -20.47 -54.95 10.82
N PHE H 388 -19.43 -54.36 10.28
CA PHE H 388 -18.25 -54.10 11.10
C PHE H 388 -18.43 -52.95 11.98
N GLY H 389 -19.57 -52.27 11.88
CA GLY H 389 -19.89 -51.19 12.77
C GLY H 389 -19.32 -49.85 12.37
N VAL H 390 -19.06 -49.67 11.08
CA VAL H 390 -18.53 -48.38 10.61
C VAL H 390 -19.29 -47.92 9.36
N THR H 391 -19.14 -46.64 9.03
CA THR H 391 -19.57 -46.14 7.72
C THR H 391 -18.44 -45.92 6.71
N SER H 392 -17.24 -45.68 7.21
CA SER H 392 -16.09 -45.35 6.37
C SER H 392 -14.82 -46.05 6.91
N THR H 393 -13.91 -46.44 6.02
CA THR H 393 -12.52 -46.77 6.43
C THR H 393 -11.52 -46.23 5.42
N CYS H 394 -10.26 -46.17 5.83
CA CYS H 394 -9.18 -45.91 4.91
C CYS H 394 -8.72 -47.25 4.34
N ARG H 395 -8.25 -47.23 3.10
CA ARG H 395 -7.72 -48.39 2.51
C ARG H 395 -6.41 -48.05 1.82
N ALA H 396 -5.35 -48.72 2.25
CA ALA H 396 -4.09 -48.74 1.53
C ALA H 396 -4.02 -50.09 0.85
N SER H 397 -3.94 -50.08 -0.47
CA SER H 397 -3.88 -51.32 -1.24
C SER H 397 -2.60 -51.35 -2.06
N PHE H 398 -1.85 -52.44 -1.93
CA PHE H 398 -0.50 -52.53 -2.50
C PHE H 398 -0.47 -53.26 -3.84
N ALA H 399 0.54 -52.95 -4.64
CA ALA H 399 0.72 -53.55 -5.96
C ALA H 399 2.16 -54.04 -6.17
N LEU H 400 2.42 -54.64 -7.33
CA LEU H 400 3.73 -55.24 -7.61
C LEU H 400 4.88 -54.24 -7.65
N TYR H 401 4.58 -52.96 -7.87
CA TYR H 401 5.62 -51.93 -7.94
C TYR H 401 5.87 -51.21 -6.61
N ASN H 402 5.07 -51.50 -5.59
CA ASN H 402 5.22 -50.81 -4.30
C ASN H 402 6.38 -51.39 -3.50
N THR H 403 6.85 -50.61 -2.53
CA THR H 403 8.04 -50.99 -1.76
C THR H 403 7.82 -50.91 -0.26
N ARG H 404 8.77 -51.49 0.48
CA ARG H 404 8.79 -51.37 1.93
C ARG H 404 8.93 -49.92 2.37
N ALA H 405 9.68 -49.12 1.62
CA ALA H 405 9.89 -47.73 1.96
C ALA H 405 8.56 -46.96 1.87
N GLU H 406 7.70 -47.38 0.97
CA GLU H 406 6.37 -46.78 0.85
C GLU H 406 5.46 -47.17 2.02
N VAL H 407 5.64 -48.37 2.55
CA VAL H 407 4.94 -48.78 3.76
C VAL H 407 5.37 -47.87 4.91
N ASP H 408 6.67 -47.58 4.99
CA ASP H 408 7.21 -46.69 6.00
C ASP H 408 6.65 -45.29 5.88
N ALA H 409 6.58 -44.81 4.64
CA ALA H 409 6.02 -43.50 4.36
C ALA H 409 4.55 -43.45 4.79
N LEU H 410 3.80 -44.52 4.49
CA LEU H 410 2.42 -44.61 4.94
C LEU H 410 2.35 -44.54 6.45
N ALA H 411 3.19 -45.32 7.12
CA ALA H 411 3.18 -45.41 8.57
C ALA H 411 3.57 -44.08 9.23
N GLU H 412 4.60 -43.43 8.71
CA GLU H 412 5.05 -42.13 9.21
C GLU H 412 3.95 -41.09 9.06
N ALA H 413 3.34 -41.07 7.87
CA ALA H 413 2.24 -40.14 7.59
C ALA H 413 1.03 -40.37 8.49
N LEU H 414 0.71 -41.63 8.75
CA LEU H 414 -0.41 -41.96 9.63
C LEU H 414 -0.17 -41.55 11.09
N GLU H 415 1.06 -41.75 11.56
CA GLU H 415 1.45 -41.35 12.92
C GLU H 415 1.33 -39.83 13.04
N LYS H 416 1.78 -39.13 12.01
CA LYS H 416 1.69 -37.67 11.94
C LYS H 416 0.25 -37.17 11.93
N ALA H 417 -0.59 -37.84 11.15
CA ALA H 417 -2.02 -37.55 11.08
C ALA H 417 -2.68 -37.74 12.43
N ARG H 418 -2.30 -38.78 13.16
CA ARG H 418 -2.87 -39.05 14.47
C ARG H 418 -2.56 -37.93 15.47
N LYS H 419 -1.33 -37.43 15.43
CA LYS H 419 -0.90 -36.36 16.33
C LYS H 419 -1.61 -35.05 15.93
N PHE H 420 -1.74 -34.82 14.64
CA PHE H 420 -2.40 -33.64 14.13
C PHE H 420 -3.84 -33.50 14.62
N PHE H 421 -4.63 -34.55 14.46
CA PHE H 421 -6.07 -34.51 14.83
C PHE H 421 -6.34 -34.89 16.28
N GLY H 422 -5.30 -35.33 17.00
CA GLY H 422 -5.47 -35.76 18.39
C GLY H 422 -5.34 -34.63 19.40
N TYR I 19 4.01 28.16 31.72
CA TYR I 19 5.21 27.70 30.97
C TYR I 19 4.83 26.78 29.82
N ASP I 20 4.78 27.31 28.61
CA ASP I 20 4.38 26.54 27.42
C ASP I 20 5.61 25.89 26.74
N VAL I 21 6.09 24.79 27.30
CA VAL I 21 7.31 24.15 26.77
C VAL I 21 7.15 23.65 25.32
N GLU I 22 5.96 23.19 24.93
CA GLU I 22 5.73 22.76 23.53
C GLU I 22 5.90 23.92 22.55
N ALA I 23 5.40 25.09 22.93
CA ALA I 23 5.57 26.29 22.12
C ALA I 23 7.04 26.72 22.05
N ILE I 24 7.73 26.64 23.18
CA ILE I 24 9.16 26.95 23.26
C ILE I 24 9.98 26.01 22.33
N ARG I 25 9.71 24.70 22.41
CA ARG I 25 10.41 23.72 21.58
C ARG I 25 10.25 23.98 20.07
N ARG I 26 9.07 24.44 19.67
CA ARG I 26 8.84 24.84 18.25
C ARG I 26 9.76 25.99 17.77
N ASP I 27 10.35 26.78 18.67
CA ASP I 27 11.37 27.75 18.25
C ASP I 27 12.76 27.19 17.89
N PHE I 28 13.01 25.93 18.26
CA PHE I 28 14.31 25.27 18.09
C PHE I 28 14.23 24.17 17.02
N PRO I 29 14.60 24.50 15.77
CA PRO I 29 14.39 23.56 14.65
C PRO I 29 15.01 22.19 14.86
N ILE I 30 16.20 22.14 15.45
CA ILE I 30 16.92 20.87 15.60
C ILE I 30 16.19 19.84 16.46
N LEU I 31 15.38 20.32 17.43
CA LEU I 31 14.72 19.41 18.40
C LEU I 31 13.74 18.42 17.78
N SER I 32 13.28 18.70 16.57
CA SER I 32 12.35 17.82 15.87
C SER I 32 13.06 16.80 14.96
N ARG I 33 14.37 16.90 14.80
CA ARG I 33 15.08 15.97 13.91
C ARG I 33 15.24 14.58 14.54
N GLN I 34 15.48 13.59 13.69
CA GLN I 34 15.73 12.24 14.14
C GLN I 34 17.21 11.93 14.18
N VAL I 35 17.53 10.94 14.99
CA VAL I 35 18.91 10.50 15.24
C VAL I 35 18.89 8.95 15.31
N HIS I 36 19.63 8.29 14.42
CA HIS I 36 19.56 6.81 14.25
C HIS I 36 18.11 6.33 14.03
N GLY I 37 17.36 7.08 13.22
CA GLY I 37 15.94 6.82 13.00
C GLY I 37 15.07 6.98 14.25
N LYS I 38 15.62 7.60 15.29
CA LYS I 38 14.97 7.68 16.58
C LYS I 38 14.78 9.15 17.00
N THR I 39 13.83 9.38 17.89
CA THR I 39 13.55 10.73 18.38
C THR I 39 14.74 11.26 19.17
N LEU I 40 15.18 12.46 18.82
CA LEU I 40 16.26 13.11 19.55
C LEU I 40 15.77 13.50 20.96
N VAL I 41 16.63 13.23 21.94
CA VAL I 41 16.42 13.64 23.32
C VAL I 41 17.76 14.21 23.76
N TYR I 42 17.94 15.52 23.58
CA TYR I 42 19.25 16.16 23.78
C TYR I 42 19.40 16.64 25.23
N LEU I 43 20.24 15.93 25.98
CA LEU I 43 20.51 16.25 27.37
C LEU I 43 22.00 16.47 27.61
N ASP I 44 22.69 17.06 26.62
CA ASP I 44 24.11 17.43 26.78
C ASP I 44 24.25 18.95 26.65
N ASN I 45 23.33 19.67 27.28
CA ASN I 45 23.28 21.12 27.20
C ASN I 45 24.43 21.79 27.94
N GLY I 46 24.89 21.18 29.03
CA GLY I 46 26.04 21.66 29.78
C GLY I 46 27.34 21.77 28.97
N ALA I 47 27.44 20.97 27.92
CA ALA I 47 28.55 21.07 26.99
C ALA I 47 28.26 22.16 25.97
N SER I 48 27.05 22.14 25.41
CA SER I 48 26.61 23.21 24.52
C SER I 48 25.12 23.09 24.26
N ALA I 49 24.48 24.24 24.10
CA ALA I 49 23.02 24.29 23.96
C ALA I 49 22.60 24.49 22.50
N GLN I 50 21.37 24.08 22.20
CA GLN I 50 20.79 24.34 20.89
C GLN I 50 20.27 25.78 20.78
N LYS I 51 20.00 26.18 19.53
CA LYS I 51 19.81 27.57 19.16
C LYS I 51 18.37 27.80 18.70
N PRO I 52 17.72 28.86 19.21
CA PRO I 52 16.39 29.18 18.71
C PRO I 52 16.48 29.79 17.32
N GLN I 53 15.40 29.69 16.56
CA GLN I 53 15.36 30.23 15.21
C GLN I 53 15.79 31.70 15.13
N SER I 54 15.40 32.51 16.12
CA SER I 54 15.74 33.95 16.13
C SER I 54 17.26 34.19 16.14
N VAL I 55 18.00 33.37 16.88
CA VAL I 55 19.45 33.44 16.85
C VAL I 55 20.02 33.09 15.46
N ILE I 56 19.44 32.09 14.82
CA ILE I 56 19.92 31.64 13.50
C ILE I 56 19.58 32.71 12.48
N ASP I 57 18.36 33.23 12.57
CA ASP I 57 17.94 34.34 11.73
C ASP I 57 18.83 35.58 11.91
N ALA I 58 19.22 35.88 13.14
CA ALA I 58 20.05 37.09 13.38
C ALA I 58 21.43 36.92 12.77
N VAL I 59 22.01 35.74 12.93
CA VAL I 59 23.28 35.42 12.27
C VAL I 59 23.15 35.54 10.74
N THR I 60 22.13 34.90 10.18
CA THR I 60 21.91 34.92 8.72
C THR I 60 21.72 36.35 8.20
N HIS I 61 20.82 37.10 8.84
CA HIS I 61 20.55 38.48 8.43
C HIS I 61 21.80 39.37 8.47
N ALA I 62 22.58 39.26 9.54
CA ALA I 62 23.84 40.02 9.65
C ALA I 62 24.77 39.75 8.45
N TYR I 63 25.06 38.48 8.15
CA TYR I 63 25.94 38.14 7.00
C TYR I 63 25.34 38.48 5.63
N ALA I 64 24.03 38.25 5.49
CA ALA I 64 23.35 38.43 4.20
C ALA I 64 23.06 39.89 3.83
N ASN I 65 22.84 40.75 4.83
CA ASN I 65 22.28 42.08 4.57
C ASN I 65 22.96 43.27 5.27
N GLU I 66 23.67 43.03 6.37
CA GLU I 66 24.23 44.14 7.18
C GLU I 66 25.64 43.85 7.67
N TYR I 67 26.52 43.44 6.74
CA TYR I 67 27.85 42.97 7.11
C TYR I 67 28.97 43.92 6.67
N ALA I 68 29.90 44.14 7.61
CA ALA I 68 31.11 44.94 7.41
C ALA I 68 31.93 44.83 8.68
N ASN I 69 33.16 45.34 8.70
CA ASN I 69 33.91 45.46 9.97
C ASN I 69 33.38 46.63 10.80
N VAL I 70 33.77 46.68 12.07
CA VAL I 70 33.14 47.58 13.06
C VAL I 70 33.97 48.72 13.68
N HIS I 71 35.13 49.06 13.14
CA HIS I 71 35.83 50.25 13.70
C HIS I 71 35.03 51.51 13.51
N HIS I 75 31.38 54.63 6.14
CA HIS I 75 30.36 54.01 5.26
C HIS I 75 29.15 53.21 5.85
N PHE I 76 28.07 53.11 5.07
CA PHE I 76 26.78 52.61 5.58
C PHE I 76 26.88 51.28 6.32
N LEU I 77 27.42 50.24 5.65
CA LEU I 77 27.47 48.91 6.28
C LEU I 77 28.32 48.86 7.53
N SER I 78 29.45 49.56 7.54
CA SER I 78 30.32 49.57 8.73
C SER I 78 29.57 50.19 9.90
N ASN I 79 28.77 51.21 9.59
CA ASN I 79 27.89 51.84 10.54
C ASN I 79 26.79 50.89 11.04
N ALA I 80 26.11 50.20 10.11
CA ALA I 80 25.02 49.32 10.51
C ALA I 80 25.55 48.17 11.37
N ALA I 81 26.73 47.66 11.04
CA ALA I 81 27.32 46.53 11.77
C ALA I 81 27.84 46.97 13.14
N THR I 82 28.46 48.14 13.19
CA THR I 82 28.88 48.69 14.49
C THR I 82 27.68 48.88 15.42
N ASP I 83 26.56 49.37 14.89
CA ASP I 83 25.34 49.53 15.69
C ASP I 83 24.85 48.23 16.26
N ALA I 84 24.73 47.24 15.38
CA ALA I 84 24.26 45.92 15.78
C ALA I 84 25.21 45.32 16.82
N TYR I 85 26.50 45.54 16.64
CA TYR I 85 27.52 45.03 17.55
C TYR I 85 27.42 45.72 18.90
N GLU I 86 27.50 47.04 18.91
CA GLU I 86 27.29 47.79 20.16
C GLU I 86 25.98 47.50 20.83
N LYS I 87 24.94 47.23 20.06
CA LYS I 87 23.66 46.86 20.66
C LYS I 87 23.73 45.55 21.46
N SER I 88 24.45 44.56 20.92
CA SER I 88 24.71 43.32 21.67
C SER I 88 25.41 43.58 22.96
N ARG I 89 26.36 44.50 22.93
CA ARG I 89 27.14 44.77 24.11
C ARG I 89 26.19 45.27 25.18
N GLU I 90 25.23 46.09 24.77
CA GLU I 90 24.20 46.62 25.64
C GLU I 90 23.25 45.53 26.19
N THR I 91 22.87 44.58 25.34
CA THR I 91 22.06 43.44 25.77
C THR I 91 22.74 42.63 26.87
N VAL I 92 24.03 42.38 26.69
CA VAL I 92 24.82 41.66 27.67
C VAL I 92 24.86 42.42 28.99
N ARG I 93 25.16 43.70 28.90
CA ARG I 93 25.16 44.58 30.04
C ARG I 93 23.85 44.46 30.83
N ARG I 94 22.71 44.59 30.14
CA ARG I 94 21.38 44.47 30.76
C ARG I 94 21.16 43.08 31.35
N PHE I 95 21.57 42.06 30.59
CA PHE I 95 21.41 40.67 31.03
C PHE I 95 22.13 40.41 32.34
N LEU I 96 23.35 40.95 32.49
CA LEU I 96 24.12 40.79 33.72
C LEU I 96 23.82 41.81 34.75
N ASN I 97 23.12 42.87 34.33
CA ASN I 97 22.89 44.01 35.16
C ASN I 97 24.19 44.69 35.55
N ALA I 98 25.12 44.79 34.61
CA ALA I 98 26.35 45.52 34.85
C ALA I 98 26.07 47.04 34.86
N GLY I 99 26.89 47.79 35.58
CA GLY I 99 26.73 49.23 35.65
C GLY I 99 26.76 49.93 34.32
N SER I 100 27.67 49.50 33.45
CA SER I 100 28.02 50.21 32.22
C SER I 100 28.48 49.23 31.12
N VAL I 101 28.17 49.56 29.87
CA VAL I 101 28.62 48.82 28.74
C VAL I 101 30.16 48.69 28.62
N ASP I 102 30.87 49.68 29.18
CA ASP I 102 32.34 49.67 29.17
C ASP I 102 32.95 48.59 30.08
N GLU I 103 32.10 47.93 30.88
CA GLU I 103 32.54 46.83 31.75
C GLU I 103 32.35 45.44 31.09
N ILE I 104 31.87 45.44 29.86
CA ILE I 104 31.63 44.22 29.10
C ILE I 104 32.70 44.08 28.01
N VAL I 105 33.52 43.03 28.13
CA VAL I 105 34.54 42.68 27.13
C VAL I 105 34.12 41.40 26.40
N PHE I 106 34.10 41.47 25.07
CA PHE I 106 33.80 40.30 24.26
C PHE I 106 35.08 39.46 24.03
N THR I 107 34.93 38.16 24.18
CA THR I 107 36.02 37.18 23.91
C THR I 107 35.57 36.02 23.02
N LYS I 108 36.50 35.13 22.69
CA LYS I 108 36.22 33.91 21.93
C LYS I 108 35.28 32.98 22.71
N ASN I 109 35.53 32.87 24.00
CA ASN I 109 34.78 31.97 24.86
C ASN I 109 35.08 32.30 26.31
N ALA I 110 34.40 31.63 27.22
CA ALA I 110 34.65 31.88 28.64
C ALA I 110 36.09 31.58 29.01
N THR I 111 36.66 30.55 28.41
CA THR I 111 38.03 30.15 28.71
C THR I 111 38.98 31.31 28.47
N GLU I 112 38.87 31.94 27.31
CA GLU I 112 39.67 33.13 27.00
C GLU I 112 39.39 34.30 27.99
N ALA I 113 38.14 34.48 28.38
CA ALA I 113 37.79 35.50 29.38
C ALA I 113 38.61 35.32 30.65
N ILE I 114 38.69 34.07 31.11
CA ILE I 114 39.44 33.78 32.34
C ILE I 114 40.92 34.03 32.13
N ASN I 115 41.47 33.59 31.00
CA ASN I 115 42.87 33.87 30.67
C ASN I 115 43.20 35.37 30.62
N THR I 116 42.25 36.16 30.15
CA THR I 116 42.45 37.61 30.06
C THR I 116 42.76 38.17 31.45
N VAL I 117 41.97 37.76 32.43
CA VAL I 117 42.19 38.15 33.84
C VAL I 117 43.49 37.53 34.37
N ALA I 118 43.71 36.25 34.09
CA ALA I 118 44.91 35.57 34.58
C ALA I 118 46.19 36.24 34.07
N TYR I 119 46.22 36.59 32.79
CA TYR I 119 47.39 37.25 32.22
C TYR I 119 47.41 38.76 32.53
N GLY I 120 46.24 39.39 32.49
CA GLY I 120 46.11 40.85 32.66
C GLY I 120 46.25 41.36 34.09
N TYR I 121 45.63 40.65 35.05
CA TYR I 121 45.70 40.98 36.49
C TYR I 121 46.63 40.06 37.28
N GLY I 122 46.39 38.75 37.16
CA GLY I 122 47.06 37.77 38.01
C GLY I 122 48.58 37.80 37.90
N MET I 123 49.06 37.88 36.66
CA MET I 123 50.49 37.77 36.39
C MET I 123 51.27 38.95 36.97
N PRO I 124 50.84 40.20 36.70
CA PRO I 124 51.53 41.36 37.32
C PRO I 124 51.40 41.47 38.85
N PHE I 125 50.31 40.94 39.42
CA PHE I 125 49.99 41.15 40.84
C PHE I 125 50.09 39.92 41.76
N ILE I 126 50.40 38.73 41.22
CA ILE I 126 50.49 37.51 42.03
C ILE I 126 51.84 36.81 41.80
N GLY I 127 52.59 36.62 42.89
CA GLY I 127 53.98 36.13 42.82
C GLY I 127 54.30 34.98 43.78
N GLU I 128 55.59 34.79 44.03
CA GLU I 128 56.10 33.64 44.79
C GLU I 128 55.47 33.56 46.18
N GLY I 129 54.78 32.46 46.45
CA GLY I 129 54.17 32.24 47.76
C GLY I 129 52.75 32.73 47.89
N ASP I 130 52.34 33.67 47.04
CA ASP I 130 50.97 34.17 47.05
C ASP I 130 49.99 33.04 46.70
N GLU I 131 48.78 33.15 47.25
CA GLU I 131 47.75 32.08 47.11
C GLU I 131 46.62 32.52 46.17
N ILE I 132 46.19 31.59 45.31
CA ILE I 132 44.99 31.76 44.48
C ILE I 132 43.98 30.71 44.95
N LEU I 133 42.82 31.17 45.39
CA LEU I 133 41.86 30.32 46.09
C LEU I 133 40.73 29.95 45.13
N LEU I 134 40.61 28.64 44.89
CA LEU I 134 39.60 28.09 44.00
C LEU I 134 38.69 27.15 44.79
N SER I 135 37.76 26.53 44.09
CA SER I 135 37.01 25.40 44.63
C SER I 135 37.48 24.12 43.99
N ILE I 136 37.17 23.01 44.63
CA ILE I 136 37.44 21.71 44.06
C ILE I 136 36.56 21.43 42.83
N MET I 137 35.46 22.17 42.68
CA MET I 137 34.50 21.98 41.57
C MET I 137 34.91 22.64 40.25
N GLU I 138 36.01 23.40 40.24
CA GLU I 138 36.35 24.17 39.05
C GLU I 138 36.56 23.32 37.80
N HIS I 139 35.92 23.78 36.73
CA HIS I 139 36.22 23.40 35.36
C HIS I 139 37.69 23.77 35.07
N HIS I 140 38.34 22.99 34.19
CA HIS I 140 39.77 23.15 33.88
C HIS I 140 40.17 24.55 33.42
N SER I 141 39.32 25.16 32.62
CA SER I 141 39.45 26.57 32.25
C SER I 141 39.52 27.59 33.42
N ASN I 142 38.92 27.28 34.57
CA ASN I 142 39.11 28.08 35.79
C ASN I 142 40.13 27.45 36.73
N ILE I 143 41.10 26.72 36.15
CA ILE I 143 42.22 26.15 36.92
C ILE I 143 43.54 26.42 36.20
N VAL I 144 43.62 26.02 34.95
CA VAL I 144 44.89 26.04 34.19
C VAL I 144 45.50 27.44 34.09
N PRO I 145 44.69 28.47 33.78
CA PRO I 145 45.27 29.82 33.75
C PRO I 145 45.95 30.22 35.08
N TRP I 146 45.35 29.84 36.20
CA TRP I 146 45.93 30.11 37.51
C TRP I 146 47.17 29.23 37.71
N HIS I 147 47.11 27.99 37.26
CA HIS I 147 48.29 27.10 37.31
C HIS I 147 49.50 27.70 36.60
N PHE I 148 49.27 28.44 35.52
CA PHE I 148 50.36 29.14 34.85
C PHE I 148 51.14 30.05 35.79
N ILE I 149 50.43 30.72 36.69
CA ILE I 149 51.06 31.61 37.66
C ILE I 149 51.82 30.79 38.71
N ARG I 150 51.26 29.66 39.11
CA ARG I 150 51.97 28.69 39.94
C ARG I 150 53.26 28.24 39.28
N GLU I 151 53.13 27.76 38.06
CA GLU I 151 54.21 27.15 37.30
C GLU I 151 55.27 28.15 36.90
N ARG I 152 54.86 29.35 36.48
CA ARG I 152 55.80 30.35 35.98
C ARG I 152 56.30 31.35 37.03
N GLN I 153 55.53 31.60 38.09
CA GLN I 153 55.86 32.63 39.09
C GLN I 153 55.83 32.16 40.55
N GLY I 154 55.51 30.90 40.80
CA GLY I 154 55.59 30.32 42.13
C GLY I 154 54.42 30.62 43.06
N ALA I 155 53.26 30.94 42.49
CA ALA I 155 52.04 31.07 43.28
C ALA I 155 51.58 29.68 43.73
N LYS I 156 50.78 29.64 44.78
CA LYS I 156 50.18 28.38 45.24
C LYS I 156 48.69 28.42 44.93
N LEU I 157 48.16 27.29 44.46
CA LEU I 157 46.73 27.10 44.32
C LEU I 157 46.18 26.40 45.55
N VAL I 158 45.04 26.90 46.02
CA VAL I 158 44.36 26.35 47.19
C VAL I 158 42.95 25.99 46.76
N PHE I 159 42.43 24.87 47.26
CA PHE I 159 41.15 24.36 46.79
C PHE I 159 40.16 24.24 47.94
N THR I 160 39.09 25.02 47.87
CA THR I 160 37.99 24.92 48.84
C THR I 160 37.21 23.63 48.55
N PRO I 161 37.02 22.80 49.58
CA PRO I 161 36.34 21.52 49.35
C PRO I 161 34.83 21.66 49.35
N VAL I 162 34.18 20.53 49.11
CA VAL I 162 32.74 20.40 49.13
C VAL I 162 32.45 19.06 49.80
N ASP I 163 31.26 18.88 50.37
CA ASP I 163 30.95 17.64 51.07
C ASP I 163 30.42 16.55 50.12
N ASP I 164 30.26 15.33 50.64
CA ASP I 164 29.86 14.17 49.84
C ASP I 164 28.52 14.35 49.11
N ASN I 165 27.61 15.11 49.71
CA ASN I 165 26.35 15.44 49.07
C ASN I 165 26.49 16.53 48.00
N GLY I 166 27.69 17.10 47.86
CA GLY I 166 27.93 18.19 46.91
C GLY I 166 27.65 19.59 47.46
N VAL I 167 27.39 19.68 48.75
CA VAL I 167 27.05 20.97 49.39
C VAL I 167 28.31 21.77 49.73
N PHE I 168 28.31 23.04 49.33
CA PHE I 168 29.42 23.95 49.59
C PHE I 168 29.15 24.63 50.95
N HIS I 169 30.19 24.71 51.78
CA HIS I 169 30.09 25.26 53.12
C HIS I 169 30.97 26.50 53.23
N ILE I 170 30.33 27.66 53.44
CA ILE I 170 31.04 28.94 53.53
C ILE I 170 32.14 28.93 54.57
N GLU I 171 31.89 28.28 55.70
CA GLU I 171 32.91 28.21 56.77
C GLU I 171 34.21 27.57 56.26
N GLU I 172 34.09 26.70 55.29
CA GLU I 172 35.25 26.02 54.70
C GLU I 172 36.03 26.91 53.73
N PHE I 173 35.32 27.77 53.00
CA PHE I 173 35.96 28.83 52.20
C PHE I 173 36.69 29.82 53.11
N GLU I 174 36.03 30.26 54.18
CA GLU I 174 36.57 31.30 55.07
C GLU I 174 37.86 30.86 55.76
N LYS I 175 37.94 29.57 56.13
CA LYS I 175 39.14 28.99 56.77
C LYS I 175 40.38 29.04 55.86
N ARG I 176 40.17 29.01 54.54
CA ARG I 176 41.27 28.96 53.56
C ARG I 176 41.69 30.34 53.05
N LEU I 177 40.99 31.40 53.44
CA LEU I 177 41.43 32.77 53.20
C LEU I 177 42.57 33.11 54.15
N SER I 178 43.58 33.80 53.63
CA SER I 178 44.72 34.21 54.47
C SER I 178 45.34 35.51 53.97
N GLU I 179 46.30 36.02 54.72
CA GLU I 179 47.07 37.21 54.30
C GLU I 179 47.79 36.99 52.95
N ARG I 180 48.05 35.74 52.57
CA ARG I 180 48.72 35.45 51.30
C ARG I 180 47.78 35.31 50.10
N THR I 181 46.47 35.19 50.35
CA THR I 181 45.48 35.12 49.27
C THR I 181 45.42 36.43 48.48
N LYS I 182 45.70 36.36 47.19
CA LYS I 182 45.67 37.55 46.33
C LYS I 182 44.51 37.54 45.33
N LEU I 183 43.85 36.41 45.16
CA LEU I 183 42.72 36.31 44.24
C LEU I 183 41.90 35.07 44.56
N VAL I 184 40.60 35.22 44.39
CA VAL I 184 39.65 34.13 44.50
C VAL I 184 39.08 33.95 43.11
N ALA I 185 39.09 32.72 42.61
CA ALA I 185 38.49 32.37 41.32
C ALA I 185 37.62 31.17 41.59
N ILE I 186 36.32 31.30 41.38
CA ILE I 186 35.40 30.27 41.84
C ILE I 186 34.21 30.21 40.95
N THR I 187 33.64 29.02 40.83
CA THR I 187 32.48 28.81 39.97
C THR I 187 31.19 29.33 40.63
N HIS I 188 30.26 29.79 39.80
CA HIS I 188 28.92 30.13 40.21
C HIS I 188 28.09 28.86 40.36
N MET I 189 28.15 28.01 39.35
CA MET I 189 27.47 26.72 39.37
C MET I 189 28.40 25.65 38.84
N SER I 190 28.53 24.59 39.61
CA SER I 190 29.35 23.42 39.18
C SER I 190 28.76 22.75 37.93
N ASN I 191 29.61 22.54 36.94
CA ASN I 191 29.19 21.90 35.70
C ASN I 191 28.99 20.39 35.85
N THR I 192 29.22 19.85 37.04
CA THR I 192 29.10 18.40 37.32
C THR I 192 28.04 18.09 38.39
N LEU I 193 28.19 18.74 39.54
CA LEU I 193 27.28 18.56 40.65
C LEU I 193 26.02 19.37 40.48
N GLY I 194 26.13 20.45 39.71
CA GLY I 194 25.07 21.46 39.66
C GLY I 194 24.98 22.35 40.92
N THR I 195 25.90 22.16 41.85
CA THR I 195 25.94 22.94 43.08
C THR I 195 26.03 24.44 42.82
N VAL I 196 25.15 25.22 43.44
CA VAL I 196 25.21 26.67 43.36
C VAL I 196 26.10 27.18 44.49
N VAL I 197 27.07 28.01 44.15
CA VAL I 197 28.00 28.59 45.14
C VAL I 197 27.42 29.91 45.67
N PRO I 198 27.47 30.15 47.00
CA PRO I 198 26.92 31.41 47.54
C PRO I 198 27.86 32.59 47.30
N ILE I 199 27.80 33.12 46.10
CA ILE I 199 28.84 34.04 45.66
C ILE I 199 28.80 35.41 46.30
N LYS I 200 27.61 35.97 46.54
CA LYS I 200 27.51 37.24 47.25
C LYS I 200 28.26 37.16 48.58
N LYS I 201 27.99 36.12 49.35
CA LYS I 201 28.65 35.96 50.67
C LYS I 201 30.18 35.82 50.51
N ILE I 202 30.62 35.15 49.46
CA ILE I 202 32.06 34.95 49.19
C ILE I 202 32.76 36.27 48.88
N VAL I 203 32.13 37.07 48.04
CA VAL I 203 32.64 38.40 47.71
C VAL I 203 32.71 39.29 48.96
N GLU I 204 31.65 39.28 49.78
CA GLU I 204 31.67 40.07 51.03
C GLU I 204 32.90 39.74 51.87
N LEU I 205 33.14 38.45 52.08
CA LEU I 205 34.31 38.00 52.85
C LEU I 205 35.64 38.37 52.19
N ALA I 206 35.71 38.22 50.88
CA ALA I 206 36.95 38.51 50.16
C ALA I 206 37.25 40.01 50.18
N HIS I 207 36.27 40.80 49.77
CA HIS I 207 36.43 42.25 49.73
C HIS I 207 36.76 42.87 51.08
N ALA I 208 36.23 42.30 52.16
CA ALA I 208 36.60 42.75 53.51
C ALA I 208 38.10 42.64 53.76
N ARG I 209 38.80 41.77 53.01
CA ARG I 209 40.26 41.65 53.10
C ARG I 209 41.01 42.27 51.92
N GLY I 210 40.30 42.95 51.02
CA GLY I 210 40.91 43.57 49.85
C GLY I 210 41.23 42.61 48.71
N ILE I 211 40.64 41.41 48.73
CA ILE I 211 40.94 40.39 47.74
C ILE I 211 39.88 40.37 46.62
N PRO I 212 40.31 40.55 45.36
CA PRO I 212 39.35 40.44 44.25
C PRO I 212 38.86 39.02 43.92
N VAL I 213 37.66 38.95 43.36
CA VAL I 213 36.99 37.68 43.09
C VAL I 213 36.60 37.58 41.63
N LEU I 214 37.03 36.50 40.98
CA LEU I 214 36.53 36.16 39.65
C LEU I 214 35.48 35.06 39.78
N VAL I 215 34.39 35.18 39.03
CA VAL I 215 33.36 34.17 39.04
C VAL I 215 33.21 33.53 37.68
N ASP I 216 33.32 32.19 37.64
CA ASP I 216 33.08 31.41 36.43
C ASP I 216 31.60 31.11 36.33
N GLY I 217 30.93 31.83 35.45
CA GLY I 217 29.48 31.75 35.35
C GLY I 217 29.03 31.06 34.09
N SER I 218 29.92 30.26 33.50
CA SER I 218 29.64 29.59 32.26
C SER I 218 28.39 28.72 32.36
N GLN I 219 28.14 28.14 33.53
CA GLN I 219 26.85 27.45 33.79
C GLN I 219 25.85 28.34 34.53
N GLY I 220 26.33 29.12 35.50
CA GLY I 220 25.47 30.02 36.26
C GLY I 220 24.57 30.88 35.41
N ALA I 221 25.14 31.48 34.37
CA ALA I 221 24.41 32.37 33.48
C ALA I 221 23.32 31.67 32.70
N VAL I 222 23.44 30.37 32.50
CA VAL I 222 22.45 29.60 31.76
C VAL I 222 21.25 29.29 32.65
N HIS I 223 21.51 29.12 33.95
CA HIS I 223 20.57 28.48 34.86
C HIS I 223 20.12 29.32 36.06
N LEU I 224 20.72 30.50 36.24
CA LEU I 224 20.37 31.38 37.35
C LEU I 224 20.19 32.83 36.91
N PRO I 225 19.29 33.58 37.59
CA PRO I 225 19.30 35.03 37.46
C PRO I 225 20.64 35.56 37.95
N VAL I 226 21.25 36.44 37.16
CA VAL I 226 22.56 36.97 37.49
C VAL I 226 22.53 38.50 37.57
N ASP I 227 22.93 39.04 38.71
CA ASP I 227 23.03 40.49 38.92
C ASP I 227 24.41 40.79 39.48
N VAL I 228 25.35 41.16 38.60
CA VAL I 228 26.76 41.30 39.00
C VAL I 228 27.04 42.45 39.97
N GLN I 229 26.11 43.38 40.10
CA GLN I 229 26.24 44.46 41.09
C GLN I 229 25.73 44.06 42.47
N ASP I 230 24.66 43.28 42.52
CA ASP I 230 24.23 42.64 43.77
C ASP I 230 25.23 41.55 44.22
N LEU I 231 25.86 40.84 43.27
CA LEU I 231 26.96 39.93 43.61
C LEU I 231 28.21 40.67 44.05
N GLY I 232 28.50 41.80 43.40
CA GLY I 232 29.66 42.60 43.73
C GLY I 232 30.99 42.08 43.20
N CYS I 233 30.95 40.99 42.43
CA CYS I 233 32.18 40.31 42.03
C CYS I 233 33.01 41.19 41.12
N ASP I 234 34.34 41.06 41.20
CA ASP I 234 35.24 41.90 40.42
C ASP I 234 35.21 41.51 38.95
N TRP I 235 35.08 40.22 38.68
CA TRP I 235 34.88 39.74 37.32
C TRP I 235 33.85 38.61 37.28
N TYR I 236 33.13 38.52 36.17
CA TYR I 236 32.17 37.46 35.95
C TYR I 236 32.34 37.05 34.48
N VAL I 237 32.49 35.76 34.21
CA VAL I 237 32.65 35.27 32.83
C VAL I 237 31.51 34.32 32.48
N PHE I 238 31.11 34.33 31.21
CA PHE I 238 30.24 33.28 30.72
C PHE I 238 30.52 32.99 29.23
N THR I 239 29.87 31.98 28.68
CA THR I 239 30.15 31.59 27.33
C THR I 239 28.86 31.57 26.51
N GLY I 240 28.95 32.06 25.27
CA GLY I 240 27.79 32.21 24.40
C GLY I 240 27.06 30.94 23.99
N HIS I 241 27.83 29.91 23.65
CA HIS I 241 27.23 28.69 23.11
C HIS I 241 26.35 27.96 24.13
N1 LLP I 242 33.71 26.85 33.06
C2 LLP I 242 32.60 26.09 33.26
C2' LLP I 242 32.01 25.96 34.66
C3 LLP I 242 31.97 25.40 32.10
O3 LLP I 242 30.84 24.66 32.26
C4 LLP I 242 32.57 25.60 30.76
C4' LLP I 242 31.99 24.97 29.54
C5 LLP I 242 33.78 26.46 30.69
C6 LLP I 242 34.27 27.04 31.87
C5' LLP I 242 34.46 26.72 29.38
OP4 LLP I 242 33.58 27.39 28.46
P LLP I 242 34.10 27.44 26.96
OP1 LLP I 242 33.04 28.06 26.11
OP2 LLP I 242 35.39 28.19 27.10
OP3 LLP I 242 34.31 26.02 26.58
N LLP I 242 26.62 28.14 25.42
CA LLP I 242 25.81 27.54 26.48
CB LLP I 242 26.65 27.39 27.73
CG LLP I 242 27.77 26.43 27.47
CD LLP I 242 28.51 26.05 28.75
CE LLP I 242 29.74 25.21 28.42
NZ LLP I 242 30.53 24.90 29.58
C LLP I 242 24.55 28.33 26.77
O LLP I 242 23.57 27.75 27.25
N VAL I 243 24.54 29.63 26.48
CA VAL I 243 23.34 30.45 26.63
C VAL I 243 22.56 30.54 25.32
N TYR I 244 22.44 29.39 24.64
CA TYR I 244 21.59 29.25 23.44
C TYR I 244 22.08 30.10 22.29
N GLY I 245 23.35 30.49 22.35
CA GLY I 245 23.89 31.43 21.39
C GLY I 245 25.00 30.87 20.52
N PRO I 246 25.55 31.71 19.64
CA PRO I 246 26.59 31.29 18.71
C PRO I 246 27.82 30.72 19.40
N SER I 247 28.51 29.82 18.67
CA SER I 247 29.86 29.44 19.02
C SER I 247 30.73 30.65 18.69
N GLY I 248 31.92 30.70 19.28
CA GLY I 248 32.88 31.73 18.99
C GLY I 248 32.69 33.02 19.74
N ILE I 249 31.90 32.98 20.80
CA ILE I 249 31.68 34.22 21.58
C ILE I 249 31.64 33.99 23.07
N GLY I 250 32.48 34.73 23.77
CA GLY I 250 32.48 34.75 25.21
C GLY I 250 32.33 36.15 25.78
N VAL I 251 32.15 36.22 27.08
CA VAL I 251 32.00 37.50 27.76
C VAL I 251 32.82 37.56 29.04
N LEU I 252 33.60 38.63 29.16
CA LEU I 252 34.24 39.00 30.40
C LEU I 252 33.61 40.29 30.94
N TYR I 253 32.93 40.17 32.07
CA TYR I 253 32.49 41.34 32.82
C TYR I 253 33.54 41.66 33.87
N GLY I 254 33.96 42.92 33.95
CA GLY I 254 34.86 43.38 35.00
C GLY I 254 34.48 44.77 35.48
N ARG I 255 34.44 44.95 36.80
CA ARG I 255 34.28 46.27 37.44
C ARG I 255 35.33 47.22 36.83
N ALA I 256 34.89 48.40 36.42
CA ALA I 256 35.72 49.34 35.63
C ALA I 256 37.11 49.56 36.22
N GLN I 257 37.16 49.64 37.53
CA GLN I 257 38.39 49.95 38.26
C GLN I 257 39.34 48.78 38.16
N MET I 258 38.77 47.58 38.10
CA MET I 258 39.56 46.35 38.02
C MET I 258 40.05 46.08 36.60
N LEU I 259 39.20 46.36 35.61
CA LEU I 259 39.64 46.28 34.20
C LEU I 259 40.76 47.27 33.93
N GLU I 260 40.64 48.46 34.55
CA GLU I 260 41.59 49.55 34.35
C GLU I 260 42.96 49.22 34.90
N LYS I 261 43.00 48.58 36.05
CA LYS I 261 44.25 48.06 36.61
C LYS I 261 44.96 46.97 35.79
N MET I 262 44.25 46.29 34.88
CA MET I 262 44.85 45.18 34.13
C MET I 262 45.64 45.65 32.92
N ARG I 263 46.83 45.11 32.74
CA ARG I 263 47.60 45.34 31.52
C ARG I 263 46.99 44.54 30.35
N PRO I 264 47.40 44.86 29.12
CA PRO I 264 46.84 44.16 27.97
C PRO I 264 47.19 42.66 27.95
N PHE I 265 46.25 41.85 27.47
CA PHE I 265 46.45 40.42 27.26
C PHE I 265 46.91 40.22 25.82
N GLN I 266 45.97 40.18 24.87
CA GLN I 266 46.33 40.14 23.47
C GLN I 266 46.60 41.53 22.89
N GLY I 267 47.61 41.59 22.04
CA GLY I 267 48.04 42.84 21.44
C GLY I 267 47.72 42.95 19.95
N GLY I 268 47.35 44.16 19.51
CA GLY I 268 47.16 44.40 18.08
C GLY I 268 46.26 45.54 17.73
N GLY I 269 45.70 45.48 16.53
CA GLY I 269 44.72 46.47 16.08
C GLY I 269 43.59 46.66 17.07
N GLU I 270 43.10 47.90 17.18
CA GLU I 270 41.88 48.26 17.94
C GLU I 270 42.00 48.30 19.46
N MET I 271 43.17 47.97 20.01
CA MET I 271 43.40 48.05 21.44
C MET I 271 44.55 49.01 21.74
N ILE I 272 45.04 49.69 20.72
CA ILE I 272 46.06 50.71 20.88
C ILE I 272 45.49 52.11 20.83
N GLU I 273 46.26 53.07 21.33
CA GLU I 273 45.98 54.49 21.14
C GLU I 273 46.95 55.00 20.06
N GLU I 274 48.24 54.89 20.35
CA GLU I 274 49.30 55.22 19.39
C GLU I 274 50.27 54.04 19.21
N VAL I 275 50.64 53.77 17.95
CA VAL I 275 51.73 52.86 17.62
C VAL I 275 52.79 53.62 16.84
N THR I 276 53.99 53.68 17.40
CA THR I 276 55.17 54.18 16.69
C THR I 276 56.25 53.09 16.70
N GLU I 277 57.29 53.29 15.90
CA GLU I 277 58.42 52.36 15.88
C GLU I 277 59.03 52.19 17.28
N GLU I 278 59.01 53.26 18.06
CA GLU I 278 59.68 53.34 19.36
C GLU I 278 58.80 52.84 20.52
N ASN I 279 57.48 52.95 20.40
CA ASN I 279 56.61 52.58 21.53
C ASN I 279 55.16 52.32 21.10
N VAL I 280 54.41 51.72 22.01
CA VAL I 280 52.98 51.52 21.84
C VAL I 280 52.27 51.99 23.11
N THR I 281 51.16 52.70 22.93
CA THR I 281 50.30 53.06 24.06
C THR I 281 48.95 52.41 23.81
N TYR I 282 48.24 52.14 24.90
CA TYR I 282 47.05 51.33 24.87
C TYR I 282 45.76 52.07 25.16
N ASN I 283 44.72 51.63 24.48
CA ASN I 283 43.34 52.00 24.78
C ASN I 283 42.96 51.73 26.23
N HIS I 284 41.81 52.24 26.61
CA HIS I 284 41.22 51.88 27.89
C HIS I 284 40.22 50.77 27.68
N PRO I 285 39.82 50.07 28.76
CA PRO I 285 38.78 49.06 28.63
C PRO I 285 37.47 49.62 28.08
N PRO I 286 36.64 48.82 27.43
CA PRO I 286 36.84 47.39 27.18
C PRO I 286 37.77 47.09 25.98
N HIS I 287 38.02 48.11 25.16
CA HIS I 287 38.75 47.96 23.92
C HIS I 287 40.19 47.57 24.13
N ARG I 288 40.76 47.98 25.27
CA ARG I 288 42.10 47.54 25.62
C ARG I 288 42.28 46.01 25.48
N PHE I 289 41.20 45.27 25.70
CA PHE I 289 41.25 43.80 25.79
C PHE I 289 40.62 43.10 24.58
N GLU I 290 40.30 43.83 23.51
CA GLU I 290 39.68 43.25 22.32
C GLU I 290 40.60 43.57 21.17
N ALA I 291 41.60 42.71 20.99
CA ALA I 291 42.58 42.86 19.92
C ALA I 291 42.03 42.32 18.62
N GLY I 292 42.27 43.04 17.53
CA GLY I 292 41.78 42.66 16.22
C GLY I 292 40.28 42.61 16.06
N THR I 293 39.85 42.25 14.86
CA THR I 293 38.45 42.09 14.56
C THR I 293 37.82 41.12 15.54
N PRO I 294 36.75 41.55 16.25
CA PRO I 294 36.10 40.69 17.22
C PRO I 294 35.05 39.80 16.57
N PRO I 295 34.38 38.95 17.37
CA PRO I 295 33.46 37.98 16.74
C PRO I 295 32.15 38.66 16.51
N ILE I 296 32.12 39.45 15.44
CA ILE I 296 31.08 40.46 15.21
C ILE I 296 29.71 39.83 15.20
N VAL I 297 29.51 38.93 14.25
CA VAL I 297 28.20 38.34 14.00
C VAL I 297 27.83 37.38 15.14
N GLN I 298 28.84 36.82 15.80
CA GLN I 298 28.61 35.96 16.97
C GLN I 298 28.08 36.81 18.18
N ALA I 299 28.64 37.99 18.35
CA ALA I 299 28.14 38.92 19.36
C ALA I 299 26.68 39.26 19.08
N ILE I 300 26.40 39.64 17.84
CA ILE I 300 25.03 39.95 17.43
C ILE I 300 24.12 38.77 17.71
N GLY I 301 24.53 37.57 17.29
CA GLY I 301 23.74 36.39 17.57
C GLY I 301 23.53 36.13 19.06
N LEU I 302 24.55 36.41 19.88
CA LEU I 302 24.45 36.26 21.33
C LEU I 302 23.36 37.16 21.91
N GLY I 303 23.38 38.43 21.50
CA GLY I 303 22.31 39.37 21.79
C GLY I 303 20.91 38.80 21.58
N ALA I 304 20.67 38.23 20.39
CA ALA I 304 19.39 37.57 20.09
C ALA I 304 19.09 36.41 21.04
N ALA I 305 20.13 35.68 21.44
CA ALA I 305 19.96 34.55 22.34
C ALA I 305 19.58 34.99 23.75
N LEU I 306 20.26 36.01 24.28
CA LEU I 306 19.90 36.57 25.59
C LEU I 306 18.49 37.19 25.57
N GLU I 307 18.09 37.76 24.45
CA GLU I 307 16.73 38.32 24.34
C GLU I 307 15.72 37.20 24.39
N TYR I 308 16.06 36.08 23.76
CA TYR I 308 15.19 34.92 23.79
C TYR I 308 14.93 34.48 25.22
N MET I 309 15.99 34.40 26.03
CA MET I 309 15.88 34.04 27.43
C MET I 309 15.02 35.05 28.22
N GLU I 310 15.19 36.34 27.94
CA GLU I 310 14.34 37.37 28.55
C GLU I 310 12.86 37.22 28.13
N LYS I 311 12.60 36.91 26.86
CA LYS I 311 11.23 36.71 26.39
C LYS I 311 10.51 35.59 27.15
N ILE I 312 11.19 34.47 27.41
CA ILE I 312 10.58 33.37 28.20
C ILE I 312 10.45 33.75 29.68
N GLY I 313 11.45 34.44 30.20
CA GLY I 313 11.43 34.92 31.59
C GLY I 313 12.36 34.06 32.42
N ARG I 314 13.36 34.71 33.01
CA ARG I 314 14.45 33.99 33.67
C ARG I 314 14.02 33.21 34.91
N HIS I 315 13.00 33.73 35.58
CA HIS I 315 12.43 33.09 36.76
C HIS I 315 11.46 31.97 36.35
N ALA I 316 10.82 32.08 35.19
CA ALA I 316 9.99 30.99 34.66
C ALA I 316 10.91 29.80 34.28
N ILE I 317 12.05 30.10 33.67
CA ILE I 317 13.04 29.08 33.33
C ILE I 317 13.53 28.36 34.59
N LEU I 318 13.89 29.14 35.61
CA LEU I 318 14.38 28.59 36.88
C LEU I 318 13.36 27.64 37.51
N ALA I 319 12.09 28.03 37.47
CA ALA I 319 11.02 27.17 38.01
C ALA I 319 10.90 25.87 37.21
N HIS I 320 10.98 25.97 35.89
CA HIS I 320 10.84 24.83 35.00
C HIS I 320 12.02 23.84 35.12
N GLU I 321 13.23 24.37 35.16
CA GLU I 321 14.42 23.55 35.32
C GLU I 321 14.47 22.91 36.71
N ALA I 322 13.92 23.61 37.71
CA ALA I 322 13.84 23.04 39.05
C ALA I 322 12.91 21.83 39.06
N ASP I 323 11.78 21.92 38.37
CA ASP I 323 10.85 20.78 38.25
C ASP I 323 11.52 19.61 37.55
N LEU I 324 12.26 19.87 36.48
CA LEU I 324 13.01 18.82 35.78
C LEU I 324 14.08 18.17 36.66
N ARG I 325 14.80 18.98 37.42
CA ARG I 325 15.80 18.48 38.36
C ARG I 325 15.19 17.51 39.38
N ASP I 326 14.14 17.97 40.05
CA ASP I 326 13.47 17.19 41.11
C ASP I 326 12.87 15.89 40.56
N TYR I 327 12.22 16.00 39.40
CA TYR I 327 11.61 14.85 38.76
C TYR I 327 12.69 13.83 38.30
N ALA I 328 13.80 14.34 37.78
CA ALA I 328 14.94 13.47 37.40
C ALA I 328 15.54 12.73 38.61
N HIS I 329 15.71 13.44 39.72
CA HIS I 329 16.20 12.80 40.95
C HIS I 329 15.26 11.70 41.44
N GLU I 330 13.96 11.94 41.30
CA GLU I 330 12.95 10.95 41.71
C GLU I 330 13.05 9.72 40.83
N ARG I 331 12.98 9.93 39.52
CA ARG I 331 12.92 8.87 38.51
C ARG I 331 14.22 8.04 38.51
N LEU I 332 15.38 8.70 38.39
CA LEU I 332 16.69 8.00 38.46
C LEU I 332 16.96 7.38 39.84
N GLY I 333 16.46 8.02 40.90
CA GLY I 333 16.59 7.47 42.24
C GLY I 333 15.98 6.07 42.36
N ARG I 334 14.97 5.78 41.55
CA ARG I 334 14.29 4.49 41.55
C ARG I 334 15.09 3.40 40.80
N ILE I 335 16.20 3.76 40.17
CA ILE I 335 17.03 2.79 39.45
C ILE I 335 18.09 2.17 40.37
N ASN I 336 18.04 0.85 40.46
CA ASN I 336 18.77 0.07 41.49
C ASN I 336 20.19 0.54 41.80
N SER I 337 21.08 0.37 40.83
CA SER I 337 22.52 0.56 41.06
C SER I 337 23.03 2.00 40.85
N LEU I 338 22.12 2.96 40.68
CA LEU I 338 22.50 4.27 40.16
C LEU I 338 22.88 5.26 41.28
N ARG I 339 24.02 5.93 41.11
CA ARG I 339 24.51 6.93 42.06
C ARG I 339 24.51 8.29 41.39
N ILE I 340 23.95 9.30 42.07
CA ILE I 340 24.03 10.66 41.56
C ILE I 340 25.10 11.39 42.34
N PHE I 341 25.96 12.11 41.63
CA PHE I 341 27.04 12.85 42.21
C PHE I 341 26.63 14.33 42.32
N GLY I 342 26.29 14.74 43.54
CA GLY I 342 25.80 16.09 43.81
C GLY I 342 24.31 15.99 44.07
N ASP I 346 19.36 23.22 46.21
CA ASP I 346 19.27 24.40 45.33
C ASP I 346 20.03 24.25 43.99
N LYS I 347 20.44 23.02 43.69
CA LYS I 347 21.28 22.77 42.53
C LYS I 347 20.61 23.06 41.21
N GLY I 348 21.43 23.37 40.21
CA GLY I 348 20.98 23.45 38.83
C GLY I 348 20.68 22.06 38.27
N ALA I 349 20.02 22.05 37.12
CA ALA I 349 19.48 20.83 36.54
C ALA I 349 20.57 20.12 35.72
N ILE I 350 21.64 19.78 36.43
CA ILE I 350 22.77 19.09 35.89
C ILE I 350 22.89 17.85 36.76
N ILE I 351 22.80 16.68 36.13
CA ILE I 351 22.80 15.42 36.85
C ILE I 351 23.91 14.49 36.34
N SER I 352 24.95 14.36 37.15
CA SER I 352 26.05 13.47 36.93
C SER I 352 25.81 12.20 37.71
N PHE I 353 26.05 11.07 37.06
CA PHE I 353 25.70 9.77 37.63
C PHE I 353 26.55 8.64 37.09
N ALA I 354 26.49 7.52 37.79
CA ALA I 354 27.18 6.29 37.40
C ALA I 354 26.30 5.08 37.75
N LEU I 355 26.40 4.03 36.93
CA LEU I 355 25.77 2.75 37.23
C LEU I 355 26.86 1.80 37.71
N GLU I 356 26.62 1.17 38.86
CA GLU I 356 27.67 0.34 39.49
C GLU I 356 28.06 -0.76 38.51
N GLY I 357 29.36 -0.90 38.29
CA GLY I 357 29.94 -1.96 37.49
C GLY I 357 29.90 -1.75 35.99
N ILE I 358 29.50 -0.57 35.54
CA ILE I 358 29.41 -0.27 34.11
C ILE I 358 30.18 1.00 33.82
N HIS I 359 30.97 0.99 32.76
CA HIS I 359 31.72 2.16 32.33
C HIS I 359 30.79 3.22 31.73
N ALA I 360 31.09 4.49 31.99
CA ALA I 360 30.24 5.59 31.55
C ALA I 360 30.14 5.65 30.03
N HIS I 361 31.25 5.36 29.36
CA HIS I 361 31.29 5.35 27.89
C HIS I 361 30.34 4.30 27.33
N ASP I 362 30.24 3.17 28.03
CA ASP I 362 29.29 2.12 27.62
C ASP I 362 27.86 2.61 27.72
N VAL I 363 27.51 3.20 28.87
CA VAL I 363 26.16 3.70 29.11
C VAL I 363 25.77 4.76 28.09
N SER I 364 26.68 5.68 27.87
CA SER I 364 26.50 6.77 26.95
C SER I 364 26.35 6.34 25.48
N MET I 365 27.24 5.46 25.01
CA MET I 365 27.19 5.01 23.62
C MET I 365 25.84 4.35 23.37
N VAL I 366 25.40 3.61 24.36
CA VAL I 366 24.26 2.73 24.22
C VAL I 366 22.94 3.50 24.18
N ILE I 367 22.76 4.41 25.11
CA ILE I 367 21.54 5.20 25.13
C ILE I 367 21.49 6.21 23.97
N ASP I 368 22.65 6.57 23.41
CA ASP I 368 22.68 7.34 22.13
C ASP I 368 21.96 6.60 21.02
N ARG I 369 22.05 5.27 21.03
CA ARG I 369 21.36 4.44 20.05
C ARG I 369 19.84 4.45 20.22
N ALA I 370 19.40 4.73 21.45
CA ALA I 370 17.99 4.92 21.73
C ALA I 370 17.54 6.34 21.43
N GLY I 371 18.49 7.23 21.14
CA GLY I 371 18.18 8.63 20.81
C GLY I 371 18.56 9.62 21.91
N VAL I 372 19.01 9.11 23.06
CA VAL I 372 19.36 9.95 24.21
C VAL I 372 20.82 10.39 24.22
N ALA I 373 21.00 11.71 24.22
CA ALA I 373 22.31 12.34 24.20
C ALA I 373 22.71 12.79 25.60
N VAL I 374 23.67 12.07 26.19
CA VAL I 374 24.34 12.50 27.44
C VAL I 374 25.83 12.54 27.13
N ARG I 375 26.64 12.97 28.08
CA ARG I 375 28.10 12.93 27.90
C ARG I 375 28.78 12.14 29.00
N ALA I 376 29.80 11.37 28.62
CA ALA I 376 30.61 10.59 29.55
C ALA I 376 32.03 11.10 29.49
N GLY I 377 32.76 10.97 30.59
CA GLY I 377 34.15 11.40 30.62
C GLY I 377 34.47 12.25 31.84
N THR I 378 35.50 13.08 31.71
CA THR I 378 35.95 13.96 32.80
C THR I 378 35.12 15.23 33.01
N HIS I 379 34.39 15.67 31.98
CA HIS I 379 33.68 16.97 31.98
C HIS I 379 34.62 18.12 32.29
N CYS I 380 35.88 17.98 31.89
CA CYS I 380 36.89 18.98 32.14
C CYS I 380 36.96 19.34 33.64
N ALA I 381 36.79 18.34 34.52
CA ALA I 381 36.80 18.55 35.99
C ALA I 381 37.40 17.35 36.75
N GLN I 382 38.63 16.99 36.40
CA GLN I 382 39.30 15.78 36.92
C GLN I 382 39.55 15.81 38.42
N PRO I 383 40.04 16.92 38.95
CA PRO I 383 40.27 16.95 40.38
C PRO I 383 39.00 16.71 41.20
N LEU I 384 37.87 17.20 40.71
CA LEU I 384 36.60 16.95 41.33
C LEU I 384 36.26 15.46 41.32
N LEU I 385 36.39 14.83 40.17
CA LEU I 385 36.16 13.39 40.06
C LEU I 385 37.10 12.56 40.91
N LYS I 386 38.38 12.92 40.96
CA LYS I 386 39.36 12.21 41.81
C LYS I 386 38.93 12.29 43.27
N ARG I 387 38.51 13.48 43.67
CA ARG I 387 37.96 13.73 44.99
C ARG I 387 36.69 12.93 45.30
N PHE I 388 35.88 12.67 44.27
CA PHE I 388 34.70 11.81 44.44
C PHE I 388 34.98 10.31 44.17
N GLY I 389 36.23 9.94 43.86
CA GLY I 389 36.63 8.54 43.75
C GLY I 389 36.33 7.87 42.42
N VAL I 390 36.27 8.66 41.35
CA VAL I 390 36.01 8.11 40.01
C VAL I 390 36.89 8.77 38.96
N THR I 391 36.97 8.14 37.80
CA THR I 391 37.64 8.74 36.63
C THR I 391 36.66 9.33 35.62
N SER I 392 35.46 8.75 35.56
CA SER I 392 34.49 9.04 34.51
C SER I 392 33.08 9.08 35.12
N THR I 393 32.21 9.97 34.64
CA THR I 393 30.77 9.86 34.91
C THR I 393 29.95 10.19 33.70
N CYS I 394 28.68 9.82 33.74
CA CYS I 394 27.72 10.32 32.77
C CYS I 394 27.13 11.60 33.27
N ARG I 395 26.77 12.48 32.35
CA ARG I 395 26.13 13.71 32.70
C ARG I 395 24.95 13.98 31.80
N ALA I 396 23.76 14.08 32.41
CA ALA I 396 22.57 14.57 31.73
C ALA I 396 22.37 15.97 32.23
N SER I 397 22.41 16.93 31.32
CA SER I 397 22.24 18.35 31.71
C SER I 397 21.05 18.96 30.97
N PHE I 398 20.12 19.54 31.72
CA PHE I 398 18.81 19.97 31.19
C PHE I 398 18.78 21.44 30.83
N ALA I 399 17.91 21.79 29.90
CA ALA I 399 17.77 23.17 29.40
C ALA I 399 16.32 23.58 29.36
N LEU I 400 16.09 24.83 28.97
CA LEU I 400 14.73 25.41 29.02
C LEU I 400 13.74 24.72 28.08
N TYR I 401 14.26 24.04 27.06
CA TYR I 401 13.37 23.36 26.10
C TYR I 401 13.12 21.89 26.44
N ASN I 402 13.77 21.36 27.46
CA ASN I 402 13.59 19.94 27.82
C ASN I 402 12.31 19.71 28.58
N THR I 403 11.86 18.46 28.59
CA THR I 403 10.56 18.11 29.20
C THR I 403 10.65 16.94 30.17
N ARG I 404 9.57 16.75 30.93
CA ARG I 404 9.43 15.62 31.83
C ARG I 404 9.45 14.29 31.07
N ALA I 405 8.89 14.29 29.86
CA ALA I 405 8.86 13.09 29.04
C ALA I 405 10.30 12.67 28.64
N GLU I 406 11.17 13.66 28.47
CA GLU I 406 12.56 13.40 28.18
C GLU I 406 13.30 12.82 29.39
N VAL I 407 12.90 13.24 30.59
CA VAL I 407 13.44 12.64 31.81
C VAL I 407 13.06 11.15 31.87
N ASP I 408 11.81 10.87 31.51
CA ASP I 408 11.33 9.49 31.45
C ASP I 408 12.11 8.66 30.43
N ALA I 409 12.35 9.24 29.26
CA ALA I 409 13.09 8.59 28.22
C ALA I 409 14.52 8.29 28.71
N LEU I 410 15.11 9.26 29.42
CA LEU I 410 16.44 9.05 30.01
C LEU I 410 16.40 7.88 30.98
N ALA I 411 15.41 7.89 31.86
CA ALA I 411 15.28 6.87 32.90
C ALA I 411 15.00 5.48 32.34
N GLU I 412 14.11 5.40 31.35
CA GLU I 412 13.84 4.14 30.67
C GLU I 412 15.10 3.59 29.99
N ALA I 413 15.80 4.46 29.26
CA ALA I 413 17.03 4.08 28.58
C ALA I 413 18.13 3.62 29.53
N LEU I 414 18.24 4.26 30.67
CA LEU I 414 19.24 3.88 31.68
C LEU I 414 18.94 2.53 32.33
N GLU I 415 17.66 2.29 32.62
CA GLU I 415 17.23 1.00 33.15
C GLU I 415 17.58 -0.11 32.13
N LYS I 416 17.30 0.17 30.87
CA LYS I 416 17.56 -0.75 29.80
C LYS I 416 19.07 -1.04 29.65
N ALA I 417 19.87 0.01 29.78
CA ALA I 417 21.31 -0.08 29.73
C ALA I 417 21.87 -0.92 30.87
N ARG I 418 21.28 -0.77 32.04
CA ARG I 418 21.70 -1.56 33.20
C ARG I 418 21.46 -3.09 33.01
N LYS I 419 20.32 -3.43 32.43
CA LYS I 419 19.97 -4.80 32.15
C LYS I 419 20.90 -5.38 31.05
N PHE I 420 21.16 -4.57 30.03
CA PHE I 420 21.99 -4.96 28.93
C PHE I 420 23.42 -5.36 29.37
N PHE I 421 24.08 -4.53 30.16
CA PHE I 421 25.44 -4.81 30.62
C PHE I 421 25.53 -5.62 31.90
N GLY I 422 24.40 -5.91 32.53
CA GLY I 422 24.39 -6.63 33.79
C GLY I 422 24.33 -8.13 33.61
N TYR J 19 36.39 34.00 -16.98
CA TYR J 19 35.99 34.57 -15.65
C TYR J 19 34.61 35.23 -15.71
N ASP J 20 33.59 34.53 -15.23
CA ASP J 20 32.21 35.05 -15.27
C ASP J 20 31.87 35.81 -13.98
N VAL J 21 32.31 37.06 -13.90
CA VAL J 21 32.10 37.87 -12.68
C VAL J 21 30.62 38.12 -12.36
N GLU J 22 29.78 38.23 -13.39
CA GLU J 22 28.33 38.39 -13.14
C GLU J 22 27.73 37.18 -12.46
N ALA J 23 28.14 35.99 -12.89
CA ALA J 23 27.69 34.74 -12.27
C ALA J 23 28.21 34.61 -10.85
N ILE J 24 29.47 34.99 -10.64
CA ILE J 24 30.08 35.03 -9.30
C ILE J 24 29.30 35.96 -8.35
N ARG J 25 29.01 37.18 -8.80
CA ARG J 25 28.28 38.16 -8.01
C ARG J 25 26.91 37.65 -7.54
N ARG J 26 26.24 36.90 -8.41
CA ARG J 26 24.96 36.28 -8.04
C ARG J 26 25.06 35.30 -6.84
N ASP J 27 26.25 34.80 -6.52
CA ASP J 27 26.42 33.97 -5.30
C ASP J 27 26.43 34.75 -3.98
N PHE J 28 26.58 36.07 -4.07
CA PHE J 28 26.71 36.97 -2.90
C PHE J 28 25.48 37.85 -2.75
N PRO J 29 24.53 37.43 -1.91
CA PRO J 29 23.23 38.13 -1.83
C PRO J 29 23.34 39.61 -1.52
N ILE J 30 24.25 40.00 -0.65
CA ILE J 30 24.38 41.40 -0.23
C ILE J 30 24.69 42.37 -1.39
N LEU J 31 25.41 41.90 -2.40
CA LEU J 31 25.89 42.78 -3.48
C LEU J 31 24.79 43.43 -4.31
N SER J 32 23.60 42.86 -4.25
CA SER J 32 22.46 43.40 -4.98
C SER J 32 21.61 44.38 -4.15
N ARG J 33 21.91 44.55 -2.86
CA ARG J 33 21.14 45.49 -2.02
C ARG J 33 21.50 46.94 -2.33
N GLN J 34 20.58 47.83 -1.95
CA GLN J 34 20.80 49.27 -2.08
C GLN J 34 21.26 49.89 -0.78
N VAL J 35 21.92 51.03 -0.93
CA VAL J 35 22.52 51.76 0.18
C VAL J 35 22.26 53.26 -0.09
N HIS J 36 21.55 53.93 0.83
CA HIS J 36 21.03 55.31 0.61
C HIS J 36 20.26 55.42 -0.71
N GLY J 37 19.42 54.42 -0.99
CA GLY J 37 18.70 54.33 -2.26
C GLY J 37 19.58 54.16 -3.50
N LYS J 38 20.86 53.83 -3.28
CA LYS J 38 21.84 53.81 -4.36
C LYS J 38 22.47 52.42 -4.45
N THR J 39 23.04 52.11 -5.62
CA THR J 39 23.67 50.81 -5.86
C THR J 39 24.92 50.67 -4.99
N LEU J 40 25.02 49.54 -4.28
CA LEU J 40 26.18 49.26 -3.45
C LEU J 40 27.39 48.99 -4.32
N VAL J 41 28.52 49.58 -3.95
CA VAL J 41 29.81 49.38 -4.59
C VAL J 41 30.78 49.20 -3.43
N TYR J 42 30.94 47.95 -2.99
CA TYR J 42 31.70 47.63 -1.77
C TYR J 42 33.17 47.42 -2.07
N LEU J 43 33.99 48.40 -1.68
CA LEU J 43 35.41 48.37 -1.91
C LEU J 43 36.18 48.52 -0.60
N ASP J 44 35.63 47.95 0.48
CA ASP J 44 36.33 47.88 1.76
C ASP J 44 36.58 46.41 2.16
N ASN J 45 36.99 45.62 1.17
CA ASN J 45 37.23 44.16 1.36
C ASN J 45 38.45 43.85 2.22
N GLY J 46 39.46 44.71 2.17
CA GLY J 46 40.62 44.61 3.05
C GLY J 46 40.31 44.67 4.55
N ALA J 47 39.21 45.33 4.93
CA ALA J 47 38.74 45.35 6.31
C ALA J 47 37.91 44.12 6.59
N SER J 48 36.98 43.81 5.70
CA SER J 48 36.25 42.53 5.76
C SER J 48 35.52 42.27 4.46
N ALA J 49 35.43 41.01 4.07
CA ALA J 49 34.82 40.63 2.81
C ALA J 49 33.38 40.14 2.99
N GLN J 50 32.62 40.21 1.91
CA GLN J 50 31.28 39.64 1.89
C GLN J 50 31.31 38.11 1.68
N LYS J 51 30.16 37.49 1.96
CA LYS J 51 30.03 36.06 2.09
C LYS J 51 29.17 35.49 0.96
N PRO J 52 29.63 34.39 0.32
CA PRO J 52 28.81 33.70 -0.68
C PRO J 52 27.70 32.91 -0.01
N GLN J 53 26.63 32.65 -0.75
CA GLN J 53 25.48 31.95 -0.18
C GLN J 53 25.85 30.62 0.47
N SER J 54 26.81 29.91 -0.12
CA SER J 54 27.25 28.60 0.41
C SER J 54 27.82 28.67 1.82
N VAL J 55 28.58 29.72 2.10
CA VAL J 55 29.03 29.99 3.49
C VAL J 55 27.86 30.27 4.47
N ILE J 56 26.86 31.02 4.03
CA ILE J 56 25.71 31.34 4.86
C ILE J 56 24.87 30.10 5.09
N ASP J 57 24.64 29.36 4.01
CA ASP J 57 23.98 28.06 4.10
C ASP J 57 24.70 27.09 5.04
N ALA J 58 26.03 27.04 4.97
CA ALA J 58 26.78 26.10 5.82
C ALA J 58 26.61 26.47 7.31
N VAL J 59 26.69 27.76 7.60
CA VAL J 59 26.46 28.24 8.96
C VAL J 59 25.04 27.89 9.43
N THR J 60 24.05 28.20 8.61
CA THR J 60 22.66 27.91 8.93
C THR J 60 22.44 26.42 9.17
N HIS J 61 22.88 25.59 8.23
CA HIS J 61 22.70 24.14 8.34
C HIS J 61 23.35 23.56 9.61
N ALA J 62 24.56 24.00 9.93
CA ALA J 62 25.25 23.55 11.15
C ALA J 62 24.40 23.84 12.42
N TYR J 63 23.94 25.08 12.59
CA TYR J 63 23.12 25.41 13.75
C TYR J 63 21.76 24.73 13.73
N ALA J 64 21.14 24.64 12.56
CA ALA J 64 19.76 24.16 12.45
C ALA J 64 19.64 22.63 12.55
N ASN J 65 20.67 21.92 12.13
CA ASN J 65 20.54 20.49 11.92
C ASN J 65 21.64 19.58 12.49
N GLU J 66 22.83 20.13 12.70
CA GLU J 66 23.97 19.30 13.07
C GLU J 66 24.83 19.97 14.14
N TYR J 67 24.18 20.42 15.21
CA TYR J 67 24.88 21.20 16.23
C TYR J 67 25.06 20.47 17.56
N ALA J 68 26.27 20.58 18.09
CA ALA J 68 26.66 20.04 19.41
C ALA J 68 28.08 20.52 19.68
N ASN J 69 28.60 20.30 20.89
CA ASN J 69 30.03 20.54 21.12
C ASN J 69 30.88 19.41 20.52
N VAL J 70 32.18 19.64 20.41
CA VAL J 70 33.07 18.78 19.58
C VAL J 70 34.16 17.97 20.28
N HIS J 71 34.11 17.80 21.60
CA HIS J 71 35.10 16.87 22.21
C HIS J 71 34.87 15.44 21.74
N ARG J 72 34.79 15.23 20.42
CA ARG J 72 34.21 14.00 19.85
C ARG J 72 33.39 13.26 20.92
N GLY J 73 32.18 13.74 21.22
CA GLY J 73 31.29 13.06 22.17
C GLY J 73 30.83 11.75 21.57
N LEU J 74 30.35 10.83 22.39
CA LEU J 74 29.84 9.60 21.84
C LEU J 74 28.52 9.83 21.07
N HIS J 75 27.72 10.84 21.45
CA HIS J 75 26.36 10.92 20.92
C HIS J 75 26.31 11.50 19.49
N PHE J 76 25.22 11.22 18.78
CA PHE J 76 25.16 11.48 17.34
C PHE J 76 25.59 12.89 16.95
N LEU J 77 24.94 13.91 17.53
CA LEU J 77 25.23 15.27 17.12
C LEU J 77 26.66 15.69 17.43
N SER J 78 27.20 15.25 18.56
CA SER J 78 28.57 15.62 18.91
C SER J 78 29.52 15.05 17.87
N ASN J 79 29.17 13.86 17.41
CA ASN J 79 29.88 13.22 16.32
C ASN J 79 29.79 13.95 15.00
N ALA J 80 28.58 14.31 14.63
CA ALA J 80 28.39 14.97 13.35
C ALA J 80 29.13 16.31 13.34
N ALA J 81 29.09 17.00 14.47
CA ALA J 81 29.71 18.33 14.56
C ALA J 81 31.23 18.19 14.58
N THR J 82 31.75 17.19 15.29
CA THR J 82 33.18 16.98 15.31
C THR J 82 33.68 16.66 13.90
N ASP J 83 32.93 15.85 13.15
CA ASP J 83 33.30 15.55 11.76
C ASP J 83 33.36 16.82 10.90
N ALA J 84 32.30 17.61 10.96
CA ALA J 84 32.23 18.80 10.17
C ALA J 84 33.40 19.73 10.55
N TYR J 85 33.69 19.78 11.85
CA TYR J 85 34.75 20.63 12.36
C TYR J 85 36.11 20.12 11.86
N GLU J 86 36.42 18.85 12.13
CA GLU J 86 37.65 18.24 11.61
C GLU J 86 37.78 18.34 10.07
N LYS J 87 36.66 18.27 9.37
CA LYS J 87 36.71 18.45 7.92
C LYS J 87 37.19 19.85 7.50
N SER J 88 36.71 20.88 8.19
CA SER J 88 37.23 22.26 7.98
C SER J 88 38.70 22.36 8.19
N ARG J 89 39.18 21.69 9.23
CA ARG J 89 40.58 21.72 9.52
C ARG J 89 41.38 21.14 8.32
N GLU J 90 40.85 20.08 7.70
CA GLU J 90 41.41 19.51 6.49
C GLU J 90 41.36 20.46 5.29
N THR J 91 40.25 21.18 5.12
CA THR J 91 40.12 22.16 4.04
C THR J 91 41.17 23.26 4.13
N VAL J 92 41.38 23.76 5.35
CA VAL J 92 42.42 24.75 5.62
C VAL J 92 43.81 24.22 5.28
N ARG J 93 44.09 22.99 5.74
CA ARG J 93 45.34 22.28 5.44
C ARG J 93 45.61 22.21 3.94
N ARG J 94 44.63 21.74 3.17
CA ARG J 94 44.73 21.68 1.70
C ARG J 94 44.90 23.09 1.08
N PHE J 95 44.11 24.05 1.59
CA PHE J 95 44.16 25.42 1.07
C PHE J 95 45.56 26.05 1.23
N LEU J 96 46.19 25.84 2.38
CA LEU J 96 47.54 26.33 2.63
C LEU J 96 48.62 25.39 2.11
N ASN J 97 48.21 24.17 1.76
CA ASN J 97 49.14 23.13 1.40
C ASN J 97 50.09 22.78 2.54
N ALA J 98 49.55 22.70 3.75
CA ALA J 98 50.35 22.33 4.91
C ALA J 98 50.54 20.83 4.90
N GLY J 99 51.64 20.36 5.48
CA GLY J 99 51.98 18.92 5.48
C GLY J 99 50.91 18.04 6.11
N SER J 100 50.32 18.55 7.20
CA SER J 100 49.43 17.77 8.08
C SER J 100 48.36 18.66 8.76
N VAL J 101 47.17 18.11 9.01
CA VAL J 101 46.12 18.84 9.74
C VAL J 101 46.53 19.23 11.15
N ASP J 102 47.48 18.48 11.73
CA ASP J 102 47.97 18.77 13.07
C ASP J 102 48.82 20.06 13.14
N GLU J 103 49.12 20.66 11.98
CA GLU J 103 49.85 21.91 11.90
C GLU J 103 48.89 23.13 11.78
N ILE J 104 47.59 22.86 11.79
CA ILE J 104 46.55 23.90 11.70
C ILE J 104 45.89 24.11 13.05
N VAL J 105 46.03 25.32 13.60
CA VAL J 105 45.40 25.72 14.85
C VAL J 105 44.33 26.76 14.56
N PHE J 106 43.11 26.51 15.04
CA PHE J 106 42.02 27.46 14.92
C PHE J 106 42.03 28.50 16.05
N THR J 107 41.83 29.77 15.67
CA THR J 107 41.79 30.89 16.63
C THR J 107 40.59 31.81 16.38
N LYS J 108 40.43 32.81 17.22
CA LYS J 108 39.40 33.85 17.09
C LYS J 108 39.60 34.67 15.81
N ASN J 109 40.86 34.98 15.53
CA ASN J 109 41.21 35.82 14.38
C ASN J 109 42.70 35.75 14.16
N ALA J 110 43.17 36.41 13.11
CA ALA J 110 44.60 36.39 12.84
C ALA J 110 45.37 37.03 13.96
N THR J 111 44.83 38.08 14.55
CA THR J 111 45.49 38.75 15.64
C THR J 111 45.82 37.75 16.74
N GLU J 112 44.85 36.97 17.16
CA GLU J 112 45.08 35.96 18.19
C GLU J 112 46.13 34.90 17.76
N ALA J 113 46.12 34.53 16.49
CA ALA J 113 47.12 33.63 15.95
C ALA J 113 48.54 34.15 16.20
N ILE J 114 48.73 35.43 15.92
CA ILE J 114 50.04 36.03 16.11
C ILE J 114 50.40 36.04 17.60
N ASN J 115 49.46 36.44 18.45
CA ASN J 115 49.69 36.43 19.91
C ASN J 115 50.06 35.04 20.44
N THR J 116 49.48 34.00 19.85
CA THR J 116 49.77 32.62 20.28
C THR J 116 51.27 32.34 20.12
N VAL J 117 51.82 32.72 18.98
CA VAL J 117 53.26 32.61 18.73
C VAL J 117 54.05 33.55 19.64
N ALA J 118 53.61 34.80 19.75
CA ALA J 118 54.31 35.78 20.58
C ALA J 118 54.41 35.35 22.04
N TYR J 119 53.33 34.83 22.60
CA TYR J 119 53.35 34.32 23.97
C TYR J 119 53.95 32.90 24.08
N GLY J 120 53.67 32.04 23.11
CA GLY J 120 54.07 30.63 23.14
C GLY J 120 55.53 30.39 22.82
N TYR J 121 56.04 31.09 21.81
CA TYR J 121 57.46 30.98 21.38
C TYR J 121 58.30 32.19 21.81
N GLY J 122 57.85 33.38 21.44
CA GLY J 122 58.65 34.59 21.60
C GLY J 122 59.05 34.87 23.04
N MET J 123 58.10 34.72 23.95
CA MET J 123 58.31 35.08 25.36
C MET J 123 59.35 34.19 26.05
N PRO J 124 59.23 32.85 25.92
CA PRO J 124 60.28 31.97 26.48
C PRO J 124 61.66 32.06 25.81
N PHE J 125 61.71 32.41 24.52
CA PHE J 125 62.95 32.32 23.73
C PHE J 125 63.44 33.69 23.24
N ASP J 130 68.05 40.91 22.59
CA ASP J 130 67.56 40.19 21.38
C ASP J 130 66.67 41.01 20.46
N GLU J 131 66.75 40.70 19.17
CA GLU J 131 66.08 41.49 18.14
C GLU J 131 64.94 40.74 17.49
N ILE J 132 63.84 41.44 17.25
CA ILE J 132 62.74 40.92 16.45
C ILE J 132 62.63 41.78 15.19
N LEU J 133 62.70 41.14 14.02
CA LEU J 133 62.82 41.85 12.75
C LEU J 133 61.48 41.84 12.03
N LEU J 134 60.95 43.05 11.81
CA LEU J 134 59.65 43.28 11.18
C LEU J 134 59.85 44.11 9.92
N SER J 135 58.75 44.40 9.23
CA SER J 135 58.77 45.42 8.18
C SER J 135 58.05 46.69 8.68
N ILE J 136 58.31 47.81 8.00
CA ILE J 136 57.58 49.04 8.26
C ILE J 136 56.10 48.94 7.86
N MET J 137 55.76 47.97 7.01
CA MET J 137 54.37 47.79 6.52
C MET J 137 53.43 47.04 7.48
N GLU J 138 53.95 46.53 8.59
CA GLU J 138 53.16 45.68 9.46
C GLU J 138 51.89 46.36 10.01
N HIS J 139 50.78 45.63 9.88
CA HIS J 139 49.54 45.87 10.60
C HIS J 139 49.84 45.77 12.10
N HIS J 140 49.10 46.53 12.90
CA HIS J 140 49.34 46.63 14.35
C HIS J 140 49.36 45.29 15.07
N SER J 141 48.48 44.39 14.66
CA SER J 141 48.46 43.01 15.13
C SER J 141 49.76 42.20 14.91
N ASN J 142 50.55 42.55 13.90
CA ASN J 142 51.90 41.98 13.74
C ASN J 142 52.98 42.96 14.25
N ILE J 143 52.63 43.78 15.25
CA ILE J 143 53.58 44.65 15.91
C ILE J 143 53.44 44.55 17.43
N VAL J 144 52.22 44.79 17.91
CA VAL J 144 51.97 44.93 19.35
C VAL J 144 52.38 43.69 20.16
N PRO J 145 52.04 42.48 19.67
CA PRO J 145 52.49 41.30 20.42
C PRO J 145 54.02 41.27 20.62
N TRP J 146 54.77 41.66 19.58
CA TRP J 146 56.22 41.70 19.66
C TRP J 146 56.66 42.83 20.60
N HIS J 147 55.97 43.97 20.53
CA HIS J 147 56.21 45.05 21.47
C HIS J 147 56.11 44.61 22.95
N PHE J 148 55.19 43.69 23.23
CA PHE J 148 55.08 43.14 24.60
C PHE J 148 56.39 42.57 25.09
N ILE J 149 57.12 41.92 24.20
CA ILE J 149 58.40 41.34 24.54
C ILE J 149 59.45 42.44 24.75
N ARG J 150 59.40 43.49 23.91
CA ARG J 150 60.23 44.67 24.12
C ARG J 150 59.94 45.29 25.49
N GLU J 151 58.67 45.54 25.74
CA GLU J 151 58.22 46.24 26.96
C GLU J 151 58.43 45.41 28.22
N ARG J 152 58.14 44.11 28.15
CA ARG J 152 58.19 43.25 29.34
C ARG J 152 59.54 42.53 29.56
N GLN J 153 60.30 42.29 28.48
CA GLN J 153 61.56 41.51 28.57
C GLN J 153 62.80 42.16 27.93
N GLY J 154 62.65 43.35 27.36
CA GLY J 154 63.79 44.12 26.87
C GLY J 154 64.30 43.72 25.51
N ALA J 155 63.45 43.08 24.69
CA ALA J 155 63.79 42.85 23.29
C ALA J 155 63.75 44.16 22.52
N LYS J 156 64.45 44.19 21.39
CA LYS J 156 64.42 45.34 20.50
C LYS J 156 63.67 44.96 19.22
N LEU J 157 62.83 45.88 18.75
CA LEU J 157 62.21 45.75 17.46
C LEU J 157 63.00 46.47 16.38
N VAL J 158 63.14 45.83 15.23
CA VAL J 158 63.83 46.42 14.09
C VAL J 158 62.87 46.37 12.91
N PHE J 159 62.88 47.42 12.10
CA PHE J 159 61.90 47.58 11.04
C PHE J 159 62.57 47.67 9.69
N THR J 160 62.30 46.69 8.84
CA THR J 160 62.78 46.72 7.49
C THR J 160 62.01 47.76 6.69
N PRO J 161 62.73 48.65 6.00
CA PRO J 161 62.03 49.70 5.28
C PRO J 161 61.52 49.25 3.91
N VAL J 162 60.85 50.18 3.25
CA VAL J 162 60.36 50.00 1.90
C VAL J 162 60.61 51.34 1.20
N ASP J 163 60.69 51.35 -0.12
CA ASP J 163 60.98 52.60 -0.84
C ASP J 163 59.70 53.41 -1.13
N ASP J 164 59.88 54.63 -1.65
CA ASP J 164 58.77 55.58 -1.89
C ASP J 164 57.69 55.00 -2.81
N ASN J 165 58.09 54.16 -3.77
CA ASN J 165 57.14 53.48 -4.65
C ASN J 165 56.43 52.32 -3.97
N GLY J 166 56.82 52.00 -2.73
CA GLY J 166 56.26 50.85 -2.01
C GLY J 166 56.95 49.52 -2.26
N VAL J 167 58.08 49.55 -2.98
CA VAL J 167 58.79 48.34 -3.34
C VAL J 167 59.71 47.86 -2.19
N PHE J 168 59.62 46.58 -1.87
CA PHE J 168 60.42 45.96 -0.82
C PHE J 168 61.72 45.43 -1.46
N HIS J 169 62.83 45.67 -0.79
CA HIS J 169 64.14 45.32 -1.30
C HIS J 169 64.78 44.30 -0.36
N ILE J 170 64.99 43.09 -0.85
CA ILE J 170 65.58 42.01 -0.04
C ILE J 170 66.91 42.40 0.58
N GLU J 171 67.73 43.11 -0.17
CA GLU J 171 69.03 43.53 0.35
C GLU J 171 68.89 44.34 1.64
N GLU J 172 67.77 45.04 1.77
CA GLU J 172 67.50 45.86 2.96
C GLU J 172 67.08 45.02 4.17
N PHE J 173 66.34 43.93 3.92
CA PHE J 173 66.05 42.93 4.96
C PHE J 173 67.32 42.25 5.43
N GLU J 174 68.16 41.84 4.48
CA GLU J 174 69.37 41.08 4.78
C GLU J 174 70.35 41.86 5.65
N LYS J 175 70.46 43.17 5.40
CA LYS J 175 71.38 44.04 6.16
C LYS J 175 71.02 44.10 7.64
N ARG J 176 69.74 43.90 7.95
CA ARG J 176 69.22 44.05 9.31
C ARG J 176 69.16 42.75 10.10
N LEU J 177 69.47 41.64 9.45
CA LEU J 177 69.69 40.36 10.12
C LEU J 177 71.00 40.40 10.88
N SER J 178 71.02 39.89 12.09
CA SER J 178 72.25 39.85 12.89
C SER J 178 72.25 38.67 13.86
N GLU J 179 73.37 38.47 14.54
CA GLU J 179 73.48 37.44 15.57
C GLU J 179 72.44 37.60 16.69
N ARG J 180 71.93 38.81 16.88
CA ARG J 180 70.93 39.06 17.92
C ARG J 180 69.48 38.84 17.47
N THR J 181 69.24 38.71 16.18
CA THR J 181 67.91 38.43 15.65
C THR J 181 67.44 37.04 16.08
N LYS J 182 66.34 36.98 16.81
CA LYS J 182 65.76 35.72 17.27
C LYS J 182 64.44 35.34 16.59
N LEU J 183 63.82 36.27 15.88
CA LEU J 183 62.58 36.00 15.17
C LEU J 183 62.35 37.07 14.10
N VAL J 184 61.79 36.62 12.98
CA VAL J 184 61.33 37.50 11.92
C VAL J 184 59.82 37.35 11.89
N ALA J 185 59.13 38.48 11.90
CA ALA J 185 57.68 38.50 11.76
C ALA J 185 57.37 39.53 10.69
N ILE J 186 56.76 39.10 9.60
CA ILE J 186 56.65 39.97 8.45
C ILE J 186 55.41 39.67 7.67
N THR J 187 54.86 40.68 7.02
CA THR J 187 53.64 40.51 6.23
C THR J 187 53.91 39.86 4.89
N HIS J 188 52.92 39.12 4.42
CA HIS J 188 52.95 38.55 3.08
C HIS J 188 52.54 39.62 2.07
N MET J 189 51.45 40.30 2.37
CA MET J 189 50.97 41.39 1.56
C MET J 189 50.55 42.56 2.46
N SER J 190 51.07 43.75 2.15
CA SER J 190 50.72 44.96 2.88
C SER J 190 49.25 45.28 2.69
N ASN J 191 48.57 45.51 3.82
CA ASN J 191 47.17 45.89 3.79
C ASN J 191 46.91 47.34 3.31
N THR J 192 47.98 48.09 3.02
CA THR J 192 47.88 49.49 2.60
C THR J 192 48.45 49.72 1.19
N LEU J 193 49.70 49.30 1.02
CA LEU J 193 50.39 49.44 -0.26
C LEU J 193 50.03 48.33 -1.25
N GLY J 194 49.59 47.19 -0.71
CA GLY J 194 49.36 46.01 -1.52
C GLY J 194 50.65 45.31 -1.91
N THR J 195 51.79 45.82 -1.43
CA THR J 195 53.11 45.27 -1.76
C THR J 195 53.22 43.79 -1.35
N VAL J 196 53.64 42.94 -2.29
CA VAL J 196 53.86 41.53 -2.00
C VAL J 196 55.31 41.38 -1.55
N VAL J 197 55.50 40.73 -0.39
CA VAL J 197 56.84 40.53 0.17
C VAL J 197 57.40 39.20 -0.36
N PRO J 198 58.69 39.17 -0.76
CA PRO J 198 59.25 37.93 -1.27
C PRO J 198 59.59 36.97 -0.13
N ILE J 199 58.58 36.26 0.32
CA ILE J 199 58.71 35.48 1.55
C ILE J 199 59.62 34.26 1.44
N LYS J 200 59.55 33.50 0.34
CA LYS J 200 60.44 32.34 0.17
C LYS J 200 61.89 32.77 0.37
N LYS J 201 62.30 33.84 -0.32
CA LYS J 201 63.68 34.30 -0.21
C LYS J 201 64.02 34.73 1.22
N ILE J 202 63.05 35.34 1.92
CA ILE J 202 63.25 35.80 3.31
C ILE J 202 63.46 34.64 4.28
N VAL J 203 62.65 33.60 4.12
CA VAL J 203 62.82 32.37 4.91
C VAL J 203 64.17 31.71 4.62
N GLU J 204 64.57 31.62 3.36
CA GLU J 204 65.88 31.03 3.03
C GLU J 204 67.00 31.72 3.80
N LEU J 205 67.00 33.04 3.74
CA LEU J 205 68.00 33.83 4.47
C LEU J 205 67.93 33.66 5.98
N ALA J 206 66.71 33.63 6.52
CA ALA J 206 66.53 33.51 7.96
C ALA J 206 66.95 32.14 8.45
N HIS J 207 66.42 31.10 7.81
CA HIS J 207 66.74 29.74 8.19
C HIS J 207 68.23 29.41 8.08
N ALA J 208 68.93 30.01 7.12
CA ALA J 208 70.39 29.84 7.02
C ALA J 208 71.11 30.31 8.29
N ARG J 209 70.46 31.17 9.08
CA ARG J 209 71.02 31.63 10.36
C ARG J 209 70.33 30.99 11.58
N GLY J 210 69.41 30.05 11.35
CA GLY J 210 68.66 29.42 12.44
C GLY J 210 67.53 30.25 13.03
N ILE J 211 67.09 31.29 12.30
CA ILE J 211 66.06 32.22 12.80
C ILE J 211 64.67 31.87 12.23
N PRO J 212 63.68 31.60 13.10
CA PRO J 212 62.33 31.31 12.60
C PRO J 212 61.58 32.53 12.07
N VAL J 213 60.64 32.28 11.16
CA VAL J 213 59.88 33.32 10.48
C VAL J 213 58.39 33.12 10.65
N LEU J 214 57.71 34.17 11.13
CA LEU J 214 56.25 34.19 11.11
C LEU J 214 55.79 35.07 9.95
N VAL J 215 54.75 34.62 9.25
CA VAL J 215 54.21 35.39 8.14
C VAL J 215 52.78 35.77 8.41
N ASP J 216 52.50 37.08 8.34
CA ASP J 216 51.16 37.61 8.45
C ASP J 216 50.53 37.55 7.07
N GLY J 217 49.66 36.56 6.86
CA GLY J 217 49.02 36.37 5.58
C GLY J 217 47.56 36.78 5.55
N SER J 218 47.16 37.64 6.47
CA SER J 218 45.78 38.07 6.57
C SER J 218 45.27 38.65 5.25
N GLN J 219 46.14 39.33 4.50
CA GLN J 219 45.80 39.78 3.14
C GLN J 219 46.31 38.78 2.09
N GLY J 220 47.52 38.28 2.28
CA GLY J 220 48.14 37.32 1.33
C GLY J 220 47.27 36.14 0.95
N ALA J 221 46.63 35.54 1.95
CA ALA J 221 45.71 34.44 1.75
C ALA J 221 44.46 34.80 0.93
N VAL J 222 44.04 36.06 0.93
CA VAL J 222 42.87 36.49 0.19
C VAL J 222 43.21 36.70 -1.28
N HIS J 223 44.47 37.09 -1.54
CA HIS J 223 44.88 37.63 -2.85
C HIS J 223 45.99 36.90 -3.58
N LEU J 224 46.61 35.92 -2.93
CA LEU J 224 47.70 35.13 -3.53
C LEU J 224 47.51 33.61 -3.34
N PRO J 225 47.98 32.82 -4.31
CA PRO J 225 48.20 31.40 -4.03
C PRO J 225 49.20 31.23 -2.91
N VAL J 226 48.87 30.39 -1.94
CA VAL J 226 49.74 30.21 -0.77
C VAL J 226 50.10 28.73 -0.63
N ASP J 227 51.39 28.46 -0.57
CA ASP J 227 51.91 27.11 -0.35
C ASP J 227 52.96 27.20 0.75
N VAL J 228 52.54 26.91 1.97
CA VAL J 228 53.41 27.13 3.15
C VAL J 228 54.63 26.20 3.23
N GLN J 229 54.63 25.12 2.44
CA GLN J 229 55.81 24.25 2.38
C GLN J 229 56.81 24.77 1.37
N ASP J 230 56.33 25.32 0.25
CA ASP J 230 57.21 25.98 -0.73
C ASP J 230 57.73 27.29 -0.15
N LEU J 231 56.93 27.99 0.67
CA LEU J 231 57.43 29.14 1.42
C LEU J 231 58.44 28.72 2.49
N GLY J 232 58.17 27.61 3.16
CA GLY J 232 59.03 27.10 4.22
C GLY J 232 58.89 27.83 5.55
N CYS J 233 57.93 28.76 5.66
CA CYS J 233 57.85 29.61 6.83
C CYS J 233 57.50 28.79 8.05
N ASP J 234 57.99 29.19 9.20
CA ASP J 234 57.72 28.48 10.45
C ASP J 234 56.27 28.64 10.91
N TRP J 235 55.71 29.84 10.73
CA TRP J 235 54.30 30.05 10.96
C TRP J 235 53.68 30.92 9.89
N TYR J 236 52.40 30.71 9.65
CA TYR J 236 51.63 31.51 8.70
C TYR J 236 50.26 31.72 9.31
N VAL J 237 49.79 32.98 9.37
CA VAL J 237 48.47 33.27 9.95
C VAL J 237 47.56 33.92 8.92
N PHE J 238 46.26 33.68 9.04
CA PHE J 238 45.30 34.42 8.24
C PHE J 238 43.97 34.51 8.97
N THR J 239 43.04 35.29 8.44
CA THR J 239 41.81 35.58 9.19
C THR J 239 40.60 35.26 8.32
N GLY J 240 39.60 34.64 8.92
CA GLY J 240 38.47 34.06 8.18
C GLY J 240 37.59 35.08 7.48
N HIS J 241 37.30 36.17 8.16
CA HIS J 241 36.35 37.13 7.63
C HIS J 241 36.84 37.80 6.33
N1 LLP J 242 47.30 41.67 9.59
C2 LLP J 242 46.95 42.20 8.40
C2' LLP J 242 48.00 42.41 7.36
C3 LLP J 242 45.53 42.57 8.16
O3 LLP J 242 45.15 43.09 6.98
C4 LLP J 242 44.55 42.32 9.23
C4' LLP J 242 43.08 42.65 9.08
C5 LLP J 242 45.08 41.73 10.48
C6 LLP J 242 46.44 41.44 10.60
C5' LLP J 242 44.17 41.44 11.64
OP4 LLP J 242 43.16 40.49 11.30
P LLP J 242 41.95 40.33 12.34
OP1 LLP J 242 40.95 39.39 11.77
OP2 LLP J 242 42.69 39.91 13.58
OP3 LLP J 242 41.38 41.71 12.46
N LLP J 242 38.17 37.85 6.13
CA LLP J 242 38.74 38.44 4.90
CB LLP J 242 40.14 38.94 5.19
CG LLP J 242 40.06 40.08 6.21
CD LLP J 242 41.41 40.77 6.36
CE LLP J 242 41.34 41.80 7.49
NZ LLP J 242 42.62 42.43 7.73
C LLP J 242 38.76 37.46 3.76
O LLP J 242 38.75 37.87 2.60
N VAL J 243 38.74 36.17 4.06
CA VAL J 243 38.69 35.13 3.05
C VAL J 243 37.24 34.69 2.80
N TYR J 244 36.33 35.66 2.74
CA TYR J 244 34.93 35.44 2.39
C TYR J 244 34.20 34.55 3.38
N GLY J 245 34.77 34.44 4.57
CA GLY J 245 34.25 33.52 5.57
C GLY J 245 33.68 34.20 6.82
N PRO J 246 33.21 33.39 7.76
CA PRO J 246 32.63 33.87 9.01
C PRO J 246 33.56 34.79 9.79
N SER J 247 32.95 35.70 10.53
CA SER J 247 33.65 36.37 11.60
C SER J 247 33.90 35.35 12.71
N GLY J 248 34.80 35.69 13.63
CA GLY J 248 35.07 34.85 14.79
C GLY J 248 35.97 33.67 14.50
N ILE J 249 36.68 33.68 13.38
CA ILE J 249 37.57 32.57 13.10
C ILE J 249 38.89 33.03 12.50
N GLY J 250 39.97 32.55 13.11
CA GLY J 250 41.30 32.69 12.55
C GLY J 250 42.04 31.37 12.37
N VAL J 251 43.20 31.44 11.71
CA VAL J 251 44.05 30.29 11.55
C VAL J 251 45.51 30.60 11.87
N LEU J 252 46.12 29.74 12.68
CA LEU J 252 47.56 29.67 12.83
C LEU J 252 48.10 28.36 12.23
N TYR J 253 48.90 28.48 11.17
CA TYR J 253 49.69 27.34 10.69
C TYR J 253 51.07 27.44 11.33
N GLY J 254 51.54 26.31 11.86
CA GLY J 254 52.92 26.19 12.34
C GLY J 254 53.53 24.83 12.00
N ARG J 255 54.76 24.84 11.51
CA ARG J 255 55.55 23.62 11.29
C ARG J 255 55.53 22.85 12.61
N ALA J 256 55.23 21.55 12.52
CA ALA J 256 55.01 20.69 13.71
C ALA J 256 56.08 20.83 14.78
N GLN J 257 57.34 20.93 14.35
CA GLN J 257 58.48 21.00 15.26
C GLN J 257 58.47 22.33 16.00
N MET J 258 57.96 23.37 15.34
CA MET J 258 57.92 24.70 15.94
C MET J 258 56.73 24.85 16.87
N LEU J 259 55.59 24.26 16.51
CA LEU J 259 54.42 24.24 17.40
C LEU J 259 54.75 23.46 18.68
N GLU J 260 55.52 22.39 18.51
CA GLU J 260 55.90 21.50 19.59
C GLU J 260 56.79 22.19 20.61
N LYS J 261 57.74 22.98 20.12
CA LYS J 261 58.57 23.81 20.99
C LYS J 261 57.83 24.91 21.79
N MET J 262 56.62 25.30 21.38
CA MET J 262 55.90 26.39 22.05
C MET J 262 55.17 25.92 23.29
N ARG J 263 55.31 26.67 24.36
CA ARG J 263 54.50 26.44 25.57
C ARG J 263 53.04 26.91 25.33
N PRO J 264 52.12 26.51 26.21
CA PRO J 264 50.73 26.92 26.02
C PRO J 264 50.54 28.44 26.10
N PHE J 265 49.63 28.95 25.29
CA PHE J 265 49.19 30.33 25.37
C PHE J 265 47.99 30.37 26.30
N GLN J 266 46.80 30.07 25.80
CA GLN J 266 45.63 30.02 26.64
C GLN J 266 45.49 28.65 27.31
N GLY J 267 45.07 28.67 28.57
CA GLY J 267 44.93 27.47 29.37
C GLY J 267 43.48 27.11 29.65
N GLY J 268 43.20 25.81 29.64
CA GLY J 268 41.88 25.34 30.06
C GLY J 268 41.49 23.99 29.52
N GLY J 269 40.18 23.77 29.46
CA GLY J 269 39.64 22.55 28.86
C GLY J 269 40.20 22.28 27.48
N GLU J 270 40.38 20.99 27.17
CA GLU J 270 40.70 20.52 25.81
C GLU J 270 42.14 20.71 25.34
N MET J 271 42.99 21.33 26.17
CA MET J 271 44.41 21.49 25.83
C MET J 271 45.28 20.81 26.89
N ILE J 272 44.64 20.12 27.83
CA ILE J 272 45.36 19.38 28.86
C ILE J 272 45.40 17.90 28.55
N GLU J 273 46.30 17.19 29.22
CA GLU J 273 46.32 15.74 29.21
C GLU J 273 45.79 15.28 30.57
N GLU J 274 46.47 15.70 31.64
CA GLU J 274 46.02 15.45 33.02
C GLU J 274 45.97 16.75 33.83
N VAL J 275 44.89 16.90 34.60
CA VAL J 275 44.77 17.96 35.59
C VAL J 275 44.54 17.35 36.98
N THR J 276 45.47 17.62 37.88
CA THR J 276 45.31 17.30 39.30
C THR J 276 45.45 18.57 40.12
N GLU J 277 45.09 18.50 41.41
CA GLU J 277 45.26 19.64 42.33
C GLU J 277 46.71 20.12 42.33
N GLU J 278 47.65 19.17 42.19
CA GLU J 278 49.08 19.43 42.36
C GLU J 278 49.78 19.86 41.05
N ASN J 279 49.26 19.47 39.90
CA ASN J 279 49.94 19.78 38.63
C ASN J 279 49.02 19.66 37.41
N VAL J 280 49.48 20.19 36.29
CA VAL J 280 48.80 20.07 34.99
C VAL J 280 49.82 19.64 33.93
N THR J 281 49.41 18.73 33.06
CA THR J 281 50.21 18.37 31.89
C THR J 281 49.39 18.68 30.66
N TYR J 282 50.09 18.93 29.55
CA TYR J 282 49.47 19.46 28.36
C TYR J 282 49.43 18.53 27.17
N ASN J 283 48.36 18.69 26.39
CA ASN J 283 48.23 18.12 25.08
C ASN J 283 49.37 18.51 24.16
N HIS J 284 49.44 17.82 23.02
CA HIS J 284 50.34 18.21 21.96
C HIS J 284 49.57 19.06 20.96
N PRO J 285 50.29 19.79 20.08
CA PRO J 285 49.59 20.57 19.05
C PRO J 285 48.77 19.69 18.12
N PRO J 286 47.72 20.21 17.50
CA PRO J 286 47.26 21.61 17.60
C PRO J 286 46.40 21.92 18.83
N HIS J 287 45.94 20.88 19.51
CA HIS J 287 45.02 21.00 20.63
C HIS J 287 45.64 21.70 21.82
N ARG J 288 46.96 21.58 21.97
CA ARG J 288 47.65 22.32 23.01
C ARG J 288 47.27 23.81 23.01
N PHE J 289 46.94 24.34 21.83
CA PHE J 289 46.72 25.76 21.62
C PHE J 289 45.25 26.18 21.42
N GLU J 290 44.31 25.27 21.62
CA GLU J 290 42.88 25.54 21.43
C GLU J 290 42.18 25.26 22.75
N ALA J 291 42.23 26.26 23.62
CA ALA J 291 41.64 26.15 24.95
C ALA J 291 40.15 26.39 24.85
N GLY J 292 39.37 25.60 25.59
CA GLY J 292 37.92 25.70 25.60
C GLY J 292 37.22 25.47 24.28
N THR J 293 35.90 25.60 24.29
CA THR J 293 35.09 25.42 23.10
C THR J 293 35.58 26.36 22.01
N PRO J 294 35.93 25.83 20.83
CA PRO J 294 36.42 26.67 19.77
C PRO J 294 35.26 27.27 18.96
N PRO J 295 35.57 28.12 17.97
CA PRO J 295 34.50 28.66 17.12
C PRO J 295 34.02 27.65 16.07
N ILE J 296 33.19 26.72 16.55
CA ILE J 296 32.85 25.50 15.83
C ILE J 296 32.26 25.80 14.46
N VAL J 297 31.13 26.51 14.49
CA VAL J 297 30.35 26.76 13.29
C VAL J 297 31.04 27.77 12.39
N GLN J 298 31.87 28.62 12.98
CA GLN J 298 32.68 29.54 12.20
C GLN J 298 33.80 28.76 11.40
N ALA J 299 34.40 27.77 12.03
CA ALA J 299 35.37 26.89 11.36
C ALA J 299 34.72 26.15 10.16
N ILE J 300 33.57 25.55 10.41
CA ILE J 300 32.77 24.97 9.36
C ILE J 300 32.48 25.98 8.24
N GLY J 301 31.98 27.17 8.59
CA GLY J 301 31.72 28.18 7.58
C GLY J 301 32.95 28.61 6.80
N LEU J 302 34.09 28.69 7.48
CA LEU J 302 35.36 29.00 6.83
C LEU J 302 35.72 27.95 5.74
N GLY J 303 35.61 26.67 6.10
CA GLY J 303 35.73 25.57 5.16
C GLY J 303 34.96 25.81 3.87
N ALA J 304 33.68 26.17 4.01
CA ALA J 304 32.84 26.48 2.84
C ALA J 304 33.36 27.66 2.02
N ALA J 305 33.95 28.63 2.71
CA ALA J 305 34.48 29.82 2.07
C ALA J 305 35.71 29.52 1.28
N LEU J 306 36.62 28.76 1.86
CA LEU J 306 37.82 28.32 1.12
C LEU J 306 37.47 27.42 -0.06
N GLU J 307 36.42 26.61 0.06
CA GLU J 307 35.97 25.76 -1.09
C GLU J 307 35.43 26.63 -2.20
N TYR J 308 34.74 27.71 -1.80
CA TYR J 308 34.24 28.68 -2.76
C TYR J 308 35.41 29.23 -3.62
N MET J 309 36.48 29.64 -2.94
CA MET J 309 37.67 30.17 -3.63
C MET J 309 38.30 29.14 -4.55
N GLU J 310 38.38 27.88 -4.11
CA GLU J 310 38.87 26.79 -4.97
C GLU J 310 37.97 26.58 -6.20
N LYS J 311 36.65 26.66 -6.01
CA LYS J 311 35.70 26.50 -7.13
C LYS J 311 35.94 27.52 -8.23
N ILE J 312 36.16 28.79 -7.87
CA ILE J 312 36.45 29.81 -8.88
C ILE J 312 37.84 29.59 -9.49
N GLY J 313 38.80 29.20 -8.66
CA GLY J 313 40.16 28.98 -9.11
C GLY J 313 41.04 30.13 -8.68
N ARG J 314 42.05 29.82 -7.86
CA ARG J 314 42.88 30.84 -7.23
C ARG J 314 43.72 31.67 -8.20
N HIS J 315 44.11 31.06 -9.31
CA HIS J 315 44.88 31.72 -10.36
C HIS J 315 43.94 32.54 -11.27
N ALA J 316 42.69 32.12 -11.41
CA ALA J 316 41.70 32.93 -12.14
C ALA J 316 41.40 34.21 -11.33
N ILE J 317 41.29 34.06 -10.01
CA ILE J 317 41.09 35.21 -9.12
C ILE J 317 42.26 36.20 -9.24
N LEU J 318 43.49 35.67 -9.15
CA LEU J 318 44.70 36.50 -9.26
C LEU J 318 44.73 37.28 -10.57
N ALA J 319 44.37 36.65 -11.68
CA ALA J 319 44.31 37.32 -12.97
C ALA J 319 43.27 38.44 -12.98
N HIS J 320 42.10 38.15 -12.41
CA HIS J 320 40.98 39.12 -12.37
C HIS J 320 41.29 40.31 -11.49
N GLU J 321 41.83 40.06 -10.30
CA GLU J 321 42.22 41.15 -9.40
C GLU J 321 43.39 41.97 -9.94
N ALA J 322 44.26 41.33 -10.73
CA ALA J 322 45.36 42.04 -11.39
C ALA J 322 44.82 43.02 -12.46
N ASP J 323 43.82 42.58 -13.22
CA ASP J 323 43.14 43.48 -14.18
C ASP J 323 42.48 44.66 -13.46
N LEU J 324 41.80 44.40 -12.34
CA LEU J 324 41.18 45.48 -11.55
C LEU J 324 42.21 46.46 -11.01
N ARG J 325 43.33 45.93 -10.51
CA ARG J 325 44.42 46.75 -10.01
C ARG J 325 44.94 47.70 -11.08
N ASP J 326 45.30 47.13 -12.24
CA ASP J 326 45.88 47.90 -13.35
C ASP J 326 44.91 48.94 -13.89
N TYR J 327 43.65 48.54 -14.03
CA TYR J 327 42.61 49.44 -14.51
C TYR J 327 42.35 50.58 -13.50
N ALA J 328 42.36 50.26 -12.20
CA ALA J 328 42.22 51.28 -11.15
C ALA J 328 43.37 52.29 -11.15
N HIS J 329 44.60 51.80 -11.32
CA HIS J 329 45.77 52.67 -11.42
C HIS J 329 45.70 53.55 -12.67
N ASP J 346 53.91 43.98 -8.92
CA ASP J 346 53.24 42.75 -8.51
C ASP J 346 52.24 42.89 -7.33
N LYS J 347 51.83 44.12 -7.03
CA LYS J 347 50.99 44.36 -5.85
C LYS J 347 49.63 43.73 -5.95
N GLY J 348 49.05 43.47 -4.79
CA GLY J 348 47.64 43.12 -4.70
C GLY J 348 46.73 44.31 -4.98
N ALA J 349 45.44 44.02 -5.16
CA ALA J 349 44.47 45.01 -5.61
C ALA J 349 43.95 45.78 -4.40
N ILE J 350 44.89 46.43 -3.71
CA ILE J 350 44.61 47.27 -2.55
C ILE J 350 45.18 48.63 -2.94
N ILE J 351 44.34 49.64 -2.99
CA ILE J 351 44.77 50.96 -3.46
C ILE J 351 44.44 52.06 -2.43
N SER J 352 45.51 52.50 -1.77
CA SER J 352 45.47 53.58 -0.78
C SER J 352 45.83 54.86 -1.47
N PHE J 353 45.07 55.92 -1.19
CA PHE J 353 45.22 57.17 -1.91
C PHE J 353 44.77 58.39 -1.07
N HIS J 361 38.48 61.06 5.10
CA HIS J 361 37.27 61.19 5.94
C HIS J 361 36.13 61.94 5.26
N ASP J 362 36.44 63.16 4.84
CA ASP J 362 35.51 63.95 4.04
C ASP J 362 35.24 63.19 2.72
N VAL J 363 36.31 62.72 2.08
CA VAL J 363 36.21 61.97 0.82
C VAL J 363 35.36 60.72 0.99
N SER J 364 35.66 59.98 2.04
CA SER J 364 34.97 58.73 2.35
C SER J 364 33.48 58.90 2.70
N MET J 365 33.15 59.88 3.57
CA MET J 365 31.75 60.11 3.98
C MET J 365 30.92 60.46 2.76
N VAL J 366 31.53 61.23 1.86
CA VAL J 366 30.85 61.77 0.70
C VAL J 366 30.56 60.73 -0.37
N ILE J 367 31.56 59.95 -0.75
CA ILE J 367 31.36 58.90 -1.76
C ILE J 367 30.48 57.75 -1.24
N ASP J 368 30.41 57.58 0.09
CA ASP J 368 29.44 56.65 0.69
C ASP J 368 28.00 57.03 0.32
N ARG J 369 27.75 58.33 0.21
CA ARG J 369 26.45 58.88 -0.19
C ARG J 369 26.12 58.56 -1.65
N ALA J 370 27.15 58.36 -2.47
CA ALA J 370 27.00 57.92 -3.85
C ALA J 370 26.87 56.39 -3.95
N GLY J 371 27.12 55.68 -2.84
CA GLY J 371 27.00 54.22 -2.79
C GLY J 371 28.34 53.51 -2.66
N VAL J 372 29.43 54.27 -2.73
CA VAL J 372 30.78 53.72 -2.73
C VAL J 372 31.36 53.59 -1.31
N ALA J 373 31.71 52.35 -0.97
CA ALA J 373 32.27 52.00 0.33
C ALA J 373 33.79 51.86 0.27
N VAL J 374 34.49 52.85 0.83
CA VAL J 374 35.94 52.79 1.04
C VAL J 374 36.17 52.99 2.54
N ARG J 375 37.41 52.88 3.00
CA ARG J 375 37.75 53.19 4.41
C ARG J 375 38.81 54.28 4.49
N ALA J 376 38.61 55.21 5.43
CA ALA J 376 39.58 56.27 5.73
C ALA J 376 40.09 56.10 7.15
N GLY J 377 41.34 56.51 7.39
CA GLY J 377 41.94 56.37 8.72
C GLY J 377 43.34 55.79 8.69
N THR J 378 43.73 55.18 9.80
CA THR J 378 45.07 54.57 9.93
C THR J 378 45.26 53.20 9.27
N HIS J 379 44.16 52.47 9.04
CA HIS J 379 44.22 51.08 8.57
C HIS J 379 45.07 50.20 9.48
N CYS J 380 45.08 50.54 10.77
CA CYS J 380 45.87 49.80 11.74
C CYS J 380 47.35 49.69 11.30
N ALA J 381 47.87 50.75 10.67
CA ALA J 381 49.26 50.78 10.19
C ALA J 381 49.88 52.18 10.28
N GLN J 382 49.88 52.75 11.49
CA GLN J 382 50.34 54.12 11.73
C GLN J 382 51.81 54.36 11.40
N PRO J 383 52.70 53.41 11.79
CA PRO J 383 54.11 53.70 11.50
C PRO J 383 54.39 53.79 10.01
N LEU J 384 53.64 53.03 9.24
CA LEU J 384 53.74 53.08 7.78
C LEU J 384 53.29 54.43 7.26
N LEU J 385 52.13 54.88 7.71
CA LEU J 385 51.63 56.21 7.35
C LEU J 385 52.52 57.36 7.77
N LYS J 386 53.09 57.30 8.98
CA LYS J 386 54.02 58.31 9.44
C LYS J 386 55.24 58.37 8.52
N ARG J 387 55.75 57.19 8.16
CA ARG J 387 56.82 57.05 7.20
C ARG J 387 56.49 57.61 5.80
N PHE J 388 55.21 57.53 5.41
CA PHE J 388 54.76 58.14 4.14
C PHE J 388 54.31 59.59 4.27
N GLY J 389 54.37 60.15 5.47
CA GLY J 389 54.10 61.56 5.67
C GLY J 389 52.63 61.94 5.78
N VAL J 390 51.79 61.02 6.24
CA VAL J 390 50.37 61.31 6.44
C VAL J 390 49.86 60.69 7.73
N THR J 391 48.69 61.16 8.16
CA THR J 391 48.00 60.54 9.31
C THR J 391 46.90 59.61 8.88
N SER J 392 46.32 59.90 7.71
CA SER J 392 45.20 59.14 7.21
C SER J 392 45.31 58.94 5.70
N THR J 393 44.72 57.86 5.21
CA THR J 393 44.51 57.66 3.78
C THR J 393 43.14 57.05 3.52
N CYS J 394 42.65 57.17 2.29
CA CYS J 394 41.51 56.37 1.84
C CYS J 394 42.05 55.07 1.28
N ARG J 395 41.27 54.02 1.42
CA ARG J 395 41.67 52.74 0.89
C ARG J 395 40.49 52.09 0.18
N ALA J 396 40.68 51.82 -1.11
CA ALA J 396 39.77 51.02 -1.90
C ALA J 396 40.46 49.69 -2.08
N SER J 397 39.84 48.65 -1.57
CA SER J 397 40.43 47.32 -1.66
C SER J 397 39.46 46.41 -2.40
N PHE J 398 39.97 45.74 -3.42
CA PHE J 398 39.14 44.95 -4.34
C PHE J 398 39.11 43.46 -3.99
N ALA J 399 38.03 42.81 -4.42
CA ALA J 399 37.84 41.37 -4.18
C ALA J 399 37.43 40.64 -5.47
N LEU J 400 37.26 39.33 -5.36
CA LEU J 400 36.94 38.49 -6.53
C LEU J 400 35.60 38.82 -7.18
N TYR J 401 34.68 39.45 -6.45
CA TYR J 401 33.36 39.78 -7.00
C TYR J 401 33.26 41.19 -7.55
CL CL K . -47.12 13.92 -18.20
CL CL L . 2.83 -21.28 -1.65
CL CL M . 73.14 -13.03 -21.99
CL CL N . 19.84 -0.37 8.98
CL CL O . -25.45 55.47 30.27
CL CL P . -15.87 -40.28 7.69
CL CL Q . 35.23 4.55 31.04
#